data_6WAR
#
_entry.id   6WAR
#
_cell.length_a   150.047
_cell.length_b   283.378
_cell.length_c   173.760
_cell.angle_alpha   90.000
_cell.angle_beta   90.000
_cell.angle_gamma   90.000
#
_symmetry.space_group_name_H-M   'C 2 2 21'
#
loop_
_entity.id
_entity.type
_entity.pdbx_description
1 polymer 'Spike protein'
2 polymer 'nanobody MERS VHH-55'
3 non-polymer 2-acetamido-2-deoxy-beta-D-glucopyranose
#
loop_
_entity_poly.entity_id
_entity_poly.type
_entity_poly.pdbx_seq_one_letter_code
_entity_poly.pdbx_strand_id
1 'polypeptide(L)'
;EAKPSGSVVEQAEGVECDFSPLLSGTPPQVYNFKRLVFTNCNYNLTKLLSLFSVNDFTCSQISPAAIASNCYSSLILDYF
SYPLSMKSDLSVSSAGPISQFNYKQSFSNPTCLILATVPHNLTTITKPLKYSYINKCSRFLSDDRTEVPQLVNANQYSPC
VSIVPSTVWEDGDYYRKQLSPLEGGGWLVASGSTVAMTEQLQMGFGITVQYGTDTNSVCPKLEGSLEVLFQ
;
A,C,E,G,I,K,M,O
2 'polypeptide(L)'
;QVQLQESGGGSVQAGGSLRLSCVASGSIFSINAMDWYRQAPGKQRELVAGITSGGSTNYGDFVKGRFTISRDNAKNTVYL
QMDSLKPEDTAVYYCAAEVGGWGPPRPDYWGHGTQVTVSSGSLEVLFQ
;
B,D,F,H,J,L,N,P
#
# COMPACT_ATOMS: atom_id res chain seq x y z
N ALA A 12 5.77 14.47 -27.19
CA ALA A 12 5.38 13.58 -26.10
C ALA A 12 5.34 12.13 -26.59
N GLU A 13 6.47 11.44 -26.42
CA GLU A 13 6.57 10.04 -26.83
C GLU A 13 6.13 9.08 -25.74
N GLY A 14 5.47 8.02 -26.16
CA GLY A 14 4.93 7.00 -25.30
C GLY A 14 3.64 6.61 -25.96
N VAL A 15 3.29 5.33 -25.86
CA VAL A 15 2.07 4.87 -26.47
C VAL A 15 0.94 5.27 -25.54
N GLU A 16 -0.14 5.80 -26.10
CA GLU A 16 -1.26 6.22 -25.29
C GLU A 16 -2.08 5.02 -24.80
N CYS A 17 -2.63 5.15 -23.60
CA CYS A 17 -3.50 4.11 -23.08
C CYS A 17 -4.71 3.89 -23.98
N ASP A 18 -4.95 2.61 -24.28
CA ASP A 18 -5.96 2.19 -25.25
C ASP A 18 -7.24 1.80 -24.50
N PHE A 19 -8.11 2.77 -24.29
CA PHE A 19 -9.39 2.49 -23.64
C PHE A 19 -10.43 1.99 -24.62
N SER A 20 -10.05 1.76 -25.88
CA SER A 20 -11.04 1.43 -26.91
C SER A 20 -11.84 0.15 -26.66
N PRO A 21 -11.29 -0.94 -26.14
CA PRO A 21 -12.10 -2.17 -26.05
C PRO A 21 -13.41 -2.01 -25.31
N LEU A 22 -13.53 -1.03 -24.41
CA LEU A 22 -14.80 -0.82 -23.73
C LEU A 22 -15.78 -0.02 -24.58
N LEU A 23 -15.29 0.77 -25.55
CA LEU A 23 -16.19 1.53 -26.39
C LEU A 23 -16.89 0.67 -27.42
N SER A 24 -16.33 -0.50 -27.74
CA SER A 24 -16.85 -1.36 -28.78
C SER A 24 -17.33 -2.66 -28.14
N GLY A 25 -18.62 -2.93 -28.29
CA GLY A 25 -19.22 -4.18 -27.88
C GLY A 25 -20.22 -3.94 -26.75
N THR A 26 -20.63 -5.06 -26.14
CA THR A 26 -21.50 -5.00 -24.99
C THR A 26 -20.65 -5.18 -23.75
N PRO A 27 -20.62 -4.20 -22.85
CA PRO A 27 -19.95 -4.39 -21.56
C PRO A 27 -20.54 -5.57 -20.81
N PRO A 28 -19.70 -6.40 -20.22
CA PRO A 28 -20.19 -7.64 -19.62
C PRO A 28 -21.01 -7.35 -18.37
N GLN A 29 -21.59 -8.41 -17.80
CA GLN A 29 -22.25 -8.30 -16.53
C GLN A 29 -21.22 -8.17 -15.41
N VAL A 30 -21.70 -7.81 -14.20
CA VAL A 30 -20.79 -7.44 -13.11
C VAL A 30 -19.93 -8.61 -12.65
N TYR A 31 -20.47 -9.83 -12.68
CA TYR A 31 -19.65 -10.97 -12.24
C TYR A 31 -18.66 -11.45 -13.29
N ASN A 32 -18.73 -10.92 -14.52
CA ASN A 32 -17.78 -11.20 -15.59
C ASN A 32 -17.03 -9.93 -15.97
N PHE A 33 -16.77 -9.07 -15.00
CA PHE A 33 -16.20 -7.75 -15.27
C PHE A 33 -14.98 -7.85 -16.17
N LYS A 34 -14.94 -7.01 -17.19
CA LYS A 34 -13.80 -6.97 -18.08
C LYS A 34 -12.66 -6.21 -17.42
N ARG A 35 -11.45 -6.75 -17.55
CA ARG A 35 -10.27 -6.21 -16.87
C ARG A 35 -9.23 -5.78 -17.90
N LEU A 36 -8.88 -4.49 -17.86
CA LEU A 36 -7.84 -3.93 -18.72
C LEU A 36 -6.72 -3.42 -17.81
N VAL A 37 -5.50 -3.89 -18.05
CA VAL A 37 -4.36 -3.51 -17.22
C VAL A 37 -3.43 -2.66 -18.08
N PHE A 38 -2.91 -1.59 -17.49
CA PHE A 38 -2.01 -0.69 -18.17
C PHE A 38 -0.73 -0.58 -17.37
N THR A 39 0.41 -0.85 -18.02
CA THR A 39 1.71 -0.90 -17.37
C THR A 39 2.62 0.20 -17.84
N ASN A 40 2.47 0.64 -19.08
CA ASN A 40 3.30 1.72 -19.58
C ASN A 40 2.43 2.55 -20.54
N CYS A 41 2.06 3.73 -20.10
CA CYS A 41 1.00 4.48 -20.75
C CYS A 41 1.16 5.98 -20.60
N ASN A 42 0.57 6.68 -21.53
CA ASN A 42 0.09 8.04 -21.31
C ASN A 42 -1.42 7.90 -21.24
N TYR A 43 -2.05 8.46 -20.21
CA TYR A 43 -3.50 8.27 -20.05
C TYR A 43 -4.19 9.61 -19.82
N ASN A 44 -5.49 9.65 -20.12
CA ASN A 44 -6.33 10.82 -19.84
C ASN A 44 -7.68 10.32 -19.34
N LEU A 45 -7.88 10.31 -18.01
CA LEU A 45 -9.17 9.92 -17.44
C LEU A 45 -10.27 10.90 -17.76
N THR A 46 -9.94 12.19 -17.84
CA THR A 46 -10.94 13.17 -18.25
C THR A 46 -11.45 12.87 -19.65
N LYS A 47 -10.54 12.45 -20.55
CA LYS A 47 -10.92 12.09 -21.91
C LYS A 47 -11.90 10.93 -21.93
N LEU A 48 -11.65 9.93 -21.08
CA LEU A 48 -12.53 8.77 -21.06
C LEU A 48 -13.88 9.14 -20.49
N LEU A 49 -13.91 9.96 -19.43
CA LEU A 49 -15.15 10.28 -18.75
C LEU A 49 -15.99 11.32 -19.47
N SER A 50 -15.39 12.13 -20.35
CA SER A 50 -16.21 13.07 -21.09
C SER A 50 -17.19 12.36 -22.02
N LEU A 51 -16.95 11.08 -22.30
CA LEU A 51 -17.83 10.35 -23.21
C LEU A 51 -19.14 9.91 -22.53
N PHE A 52 -19.13 9.69 -21.22
CA PHE A 52 -20.27 9.20 -20.48
C PHE A 52 -20.83 10.31 -19.59
N SER A 53 -22.01 10.04 -19.04
CA SER A 53 -22.64 10.92 -18.05
C SER A 53 -22.42 10.30 -16.67
N VAL A 54 -21.35 10.75 -16.01
CA VAL A 54 -20.93 10.20 -14.73
C VAL A 54 -21.92 10.63 -13.65
N ASN A 55 -22.36 9.65 -12.85
CA ASN A 55 -23.36 9.89 -11.81
C ASN A 55 -22.71 9.98 -10.44
N ASP A 56 -21.86 9.00 -10.10
CA ASP A 56 -21.09 9.00 -8.88
C ASP A 56 -19.67 8.55 -9.20
N PHE A 57 -18.73 9.13 -8.47
CA PHE A 57 -17.30 8.86 -8.64
C PHE A 57 -16.71 8.90 -7.24
N THR A 58 -16.57 7.74 -6.63
CA THR A 58 -16.14 7.61 -5.25
C THR A 58 -14.87 6.78 -5.21
N CYS A 59 -13.93 7.19 -4.37
CA CYS A 59 -12.64 6.53 -4.31
C CYS A 59 -12.29 6.12 -2.87
N SER A 60 -11.30 5.24 -2.77
CA SER A 60 -10.79 4.74 -1.50
C SER A 60 -9.29 4.99 -1.43
N GLN A 61 -8.83 5.67 -0.39
CA GLN A 61 -7.41 5.94 -0.18
C GLN A 61 -6.80 6.73 -1.34
N ILE A 62 -7.64 7.45 -2.09
CA ILE A 62 -7.26 8.38 -3.13
C ILE A 62 -8.49 9.22 -3.43
N SER A 63 -8.37 10.29 -4.20
CA SER A 63 -9.50 11.13 -4.53
C SER A 63 -9.59 11.25 -6.04
N PRO A 64 -10.78 11.55 -6.58
CA PRO A 64 -10.89 11.69 -8.03
C PRO A 64 -9.87 12.63 -8.63
N ALA A 65 -9.56 13.75 -7.98
CA ALA A 65 -8.60 14.67 -8.58
C ALA A 65 -7.21 14.03 -8.65
N ALA A 66 -6.83 13.28 -7.62
CA ALA A 66 -5.50 12.68 -7.57
C ALA A 66 -5.38 11.45 -8.48
N ILE A 67 -6.47 10.71 -8.69
CA ILE A 67 -6.38 9.49 -9.49
C ILE A 67 -6.06 9.80 -10.95
N ALA A 68 -6.45 10.96 -11.46
CA ALA A 68 -6.19 11.32 -12.85
C ALA A 68 -4.93 12.16 -13.00
N SER A 69 -4.23 12.42 -11.90
CA SER A 69 -3.17 13.41 -11.85
C SER A 69 -1.81 12.82 -11.52
N ASN A 70 -1.68 11.50 -11.44
CA ASN A 70 -0.46 10.91 -10.89
C ASN A 70 0.08 9.80 -11.80
N CYS A 71 1.37 9.50 -11.60
CA CYS A 71 2.03 8.40 -12.29
C CYS A 71 1.98 7.13 -11.44
N TYR A 72 1.76 6.01 -12.10
CA TYR A 72 1.61 4.70 -11.47
C TYR A 72 2.54 3.71 -12.13
N SER A 73 2.79 2.61 -11.44
CA SER A 73 3.50 1.51 -12.09
C SER A 73 2.54 0.65 -12.89
N SER A 74 1.28 0.56 -12.47
CA SER A 74 0.25 -0.09 -13.26
C SER A 74 -1.12 0.51 -12.90
N LEU A 75 -1.99 0.50 -13.91
CA LEU A 75 -3.36 1.00 -13.80
C LEU A 75 -4.33 -0.02 -14.37
N ILE A 76 -5.31 -0.41 -13.56
CA ILE A 76 -6.23 -1.49 -13.88
C ILE A 76 -7.65 -0.93 -13.93
N LEU A 77 -8.32 -1.17 -15.06
CA LEU A 77 -9.67 -0.66 -15.30
C LEU A 77 -10.64 -1.82 -15.49
N ASP A 78 -11.58 -1.96 -14.58
CA ASP A 78 -12.68 -2.91 -14.71
C ASP A 78 -13.93 -2.16 -15.13
N TYR A 79 -14.68 -2.70 -16.10
CA TYR A 79 -15.93 -2.09 -16.56
C TYR A 79 -16.94 -3.19 -16.84
N PHE A 80 -18.22 -2.84 -16.71
CA PHE A 80 -19.27 -3.84 -16.79
C PHE A 80 -20.61 -3.16 -16.79
N SER A 81 -21.63 -3.86 -17.26
CA SER A 81 -22.96 -3.28 -17.21
C SER A 81 -23.45 -3.28 -15.77
N TYR A 82 -23.95 -2.14 -15.31
CA TYR A 82 -24.41 -2.02 -13.94
C TYR A 82 -25.46 -0.94 -13.84
N PRO A 83 -26.63 -1.25 -13.31
CA PRO A 83 -27.71 -0.26 -13.24
C PRO A 83 -27.56 0.66 -12.03
N LEU A 84 -27.99 1.90 -12.22
CA LEU A 84 -27.86 2.89 -11.15
C LEU A 84 -28.81 2.59 -10.00
N SER A 85 -29.86 1.80 -10.24
CA SER A 85 -30.78 1.42 -9.19
C SER A 85 -30.10 0.60 -8.09
N MET A 86 -28.96 -0.05 -8.39
CA MET A 86 -28.23 -0.81 -7.39
C MET A 86 -27.00 -0.09 -6.88
N LYS A 87 -26.99 1.23 -6.94
CA LYS A 87 -25.82 1.97 -6.47
C LYS A 87 -25.57 1.71 -5.01
N SER A 88 -26.62 1.36 -4.26
CA SER A 88 -26.48 1.20 -2.82
C SER A 88 -25.57 0.03 -2.48
N ASP A 89 -25.58 -1.01 -3.30
CA ASP A 89 -24.83 -2.24 -3.04
C ASP A 89 -23.43 -2.23 -3.64
N LEU A 90 -23.01 -1.15 -4.30
CA LEU A 90 -21.70 -1.10 -4.97
C LEU A 90 -20.76 -0.10 -4.29
N SER A 91 -20.16 -0.52 -3.18
CA SER A 91 -19.18 0.28 -2.45
C SER A 91 -18.07 -0.62 -1.95
N VAL A 92 -16.98 -0.01 -1.51
CA VAL A 92 -15.80 -0.80 -1.15
C VAL A 92 -16.02 -1.56 0.15
N SER A 93 -16.47 -0.86 1.20
CA SER A 93 -16.76 -1.50 2.48
C SER A 93 -18.10 -2.21 2.48
N SER A 94 -18.68 -2.40 1.29
CA SER A 94 -20.05 -2.82 1.15
C SER A 94 -20.27 -4.21 1.76
N ALA A 95 -21.54 -4.48 2.06
CA ALA A 95 -21.97 -5.83 2.38
C ALA A 95 -23.08 -6.29 1.44
N GLY A 96 -23.33 -5.56 0.35
CA GLY A 96 -24.32 -6.00 -0.59
C GLY A 96 -23.91 -7.27 -1.31
N PRO A 97 -24.84 -7.90 -2.04
CA PRO A 97 -24.50 -9.15 -2.74
C PRO A 97 -23.46 -8.96 -3.82
N ILE A 98 -23.31 -7.74 -4.33
CA ILE A 98 -22.33 -7.47 -5.39
C ILE A 98 -20.92 -7.66 -4.85
N SER A 99 -20.56 -6.88 -3.86
CA SER A 99 -19.22 -7.01 -3.29
C SER A 99 -19.11 -8.20 -2.35
N GLN A 100 -20.09 -9.12 -2.37
CA GLN A 100 -19.97 -10.40 -1.68
C GLN A 100 -19.66 -11.56 -2.62
N PHE A 101 -20.37 -11.65 -3.74
CA PHE A 101 -20.22 -12.76 -4.66
C PHE A 101 -19.95 -12.34 -6.09
N ASN A 102 -19.85 -11.03 -6.39
CA ASN A 102 -19.78 -10.61 -7.78
C ASN A 102 -18.49 -9.86 -8.10
N TYR A 103 -18.18 -8.76 -7.41
CA TYR A 103 -17.00 -7.98 -7.78
C TYR A 103 -16.46 -7.25 -6.56
N LYS A 104 -15.22 -7.56 -6.18
CA LYS A 104 -14.53 -6.91 -5.06
C LYS A 104 -13.14 -6.49 -5.51
N GLN A 105 -12.74 -5.29 -5.11
CA GLN A 105 -11.46 -4.72 -5.50
C GLN A 105 -10.56 -4.61 -4.26
N SER A 106 -9.28 -4.39 -4.51
CA SER A 106 -8.23 -4.60 -3.51
C SER A 106 -8.38 -3.70 -2.28
N PHE A 107 -8.00 -4.26 -1.13
CA PHE A 107 -7.88 -3.48 0.09
C PHE A 107 -6.61 -2.64 0.09
N SER A 108 -5.48 -3.27 -0.20
CA SER A 108 -4.17 -2.63 -0.05
C SER A 108 -3.88 -1.56 -1.10
N ASN A 109 -4.72 -1.44 -2.14
CA ASN A 109 -4.40 -0.51 -3.19
C ASN A 109 -5.40 0.63 -3.23
N PRO A 110 -4.97 1.80 -3.68
CA PRO A 110 -5.92 2.90 -3.94
C PRO A 110 -6.93 2.52 -5.01
N THR A 111 -8.16 2.98 -4.83
CA THR A 111 -9.32 2.33 -5.44
C THR A 111 -10.37 3.36 -5.79
N CYS A 112 -11.01 3.20 -6.93
CA CYS A 112 -12.13 4.06 -7.30
C CYS A 112 -13.26 3.20 -7.84
N LEU A 113 -14.43 3.81 -7.87
CA LEU A 113 -15.66 3.10 -8.22
C LEU A 113 -16.56 4.13 -8.87
N ILE A 114 -16.84 3.95 -10.16
CA ILE A 114 -17.51 4.97 -10.98
C ILE A 114 -18.81 4.41 -11.53
N LEU A 115 -19.86 5.18 -11.44
CA LEU A 115 -21.12 4.85 -12.09
C LEU A 115 -21.42 5.93 -13.12
N ALA A 116 -21.66 5.52 -14.36
CA ALA A 116 -21.90 6.50 -15.41
C ALA A 116 -22.87 5.92 -16.41
N THR A 117 -23.70 6.78 -16.97
CA THR A 117 -24.62 6.38 -18.03
C THR A 117 -24.02 6.75 -19.38
N VAL A 118 -24.19 5.87 -20.37
CA VAL A 118 -23.72 6.10 -21.72
C VAL A 118 -24.80 6.87 -22.49
N PRO A 119 -24.52 8.09 -22.96
CA PRO A 119 -25.55 8.95 -23.56
C PRO A 119 -25.82 8.59 -25.02
N HIS A 120 -26.74 9.34 -25.62
CA HIS A 120 -27.10 9.09 -27.01
C HIS A 120 -25.95 9.36 -27.97
N ASN A 121 -24.95 10.16 -27.57
CA ASN A 121 -23.81 10.44 -28.44
C ASN A 121 -22.95 9.20 -28.72
N LEU A 122 -23.23 8.07 -28.05
CA LEU A 122 -22.45 6.82 -28.14
C LEU A 122 -23.33 5.68 -28.62
N THR A 123 -23.20 5.31 -29.89
CA THR A 123 -23.99 4.24 -30.48
C THR A 123 -23.15 3.01 -30.81
N THR A 124 -21.92 2.92 -30.29
CA THR A 124 -21.08 1.75 -30.53
C THR A 124 -21.04 0.82 -29.34
N ILE A 125 -21.66 1.20 -28.22
CA ILE A 125 -21.78 0.34 -27.05
C ILE A 125 -23.18 -0.26 -27.09
N THR A 126 -23.26 -1.57 -27.32
CA THR A 126 -24.54 -2.25 -27.43
C THR A 126 -25.04 -2.70 -26.06
N LYS A 127 -26.37 -2.93 -25.98
CA LYS A 127 -27.00 -3.22 -24.71
C LYS A 127 -27.24 -4.71 -24.55
N PRO A 128 -27.12 -5.22 -23.34
CA PRO A 128 -27.57 -6.59 -23.06
C PRO A 128 -29.08 -6.61 -22.84
N LEU A 129 -29.60 -7.82 -22.70
CA LEU A 129 -31.05 -7.96 -22.55
C LEU A 129 -31.50 -7.48 -21.18
N LYS A 130 -30.63 -7.59 -20.18
CA LYS A 130 -31.01 -7.25 -18.82
C LYS A 130 -29.73 -7.19 -18.00
N TYR A 131 -29.86 -6.59 -16.82
CA TYR A 131 -28.78 -6.55 -15.86
C TYR A 131 -28.80 -7.83 -15.03
N SER A 132 -27.64 -8.47 -14.90
CA SER A 132 -27.55 -9.73 -14.18
C SER A 132 -26.46 -9.64 -13.11
N TYR A 133 -26.70 -10.34 -12.01
CA TYR A 133 -25.71 -10.43 -10.95
C TYR A 133 -26.03 -11.69 -10.16
N ILE A 134 -25.03 -12.17 -9.42
CA ILE A 134 -25.14 -13.40 -8.65
C ILE A 134 -25.51 -13.01 -7.23
N ASN A 135 -26.66 -13.50 -6.77
CA ASN A 135 -27.07 -13.16 -5.41
C ASN A 135 -26.58 -14.14 -4.37
N LYS A 136 -26.36 -15.41 -4.72
CA LYS A 136 -25.75 -16.36 -3.80
C LYS A 136 -24.85 -17.30 -4.58
N CYS A 137 -23.67 -17.58 -4.02
CA CYS A 137 -22.77 -18.62 -4.53
C CYS A 137 -22.15 -19.29 -3.31
N SER A 138 -22.32 -20.59 -3.20
CA SER A 138 -21.91 -21.30 -1.99
C SER A 138 -21.48 -22.71 -2.34
N ARG A 139 -20.79 -23.34 -1.39
CA ARG A 139 -20.22 -24.63 -1.69
C ARG A 139 -20.54 -25.59 -0.55
N PHE A 140 -21.02 -26.77 -0.94
CA PHE A 140 -21.35 -27.84 -0.03
C PHE A 140 -20.31 -28.92 -0.15
N LEU A 141 -19.94 -29.51 0.98
CA LEU A 141 -19.00 -30.61 0.98
C LEU A 141 -19.79 -31.93 0.92
N SER A 142 -19.12 -33.00 0.51
CA SER A 142 -19.83 -34.26 0.35
C SER A 142 -20.26 -34.85 1.69
N ASP A 143 -19.30 -35.14 2.58
CA ASP A 143 -19.61 -35.79 3.84
C ASP A 143 -20.33 -34.89 4.84
N ASP A 144 -20.18 -33.58 4.74
CA ASP A 144 -20.81 -32.65 5.67
C ASP A 144 -21.54 -31.62 4.83
N ARG A 145 -22.86 -31.54 4.98
CA ARG A 145 -23.60 -30.62 4.12
C ARG A 145 -23.61 -29.18 4.63
N THR A 146 -22.54 -28.78 5.28
CA THR A 146 -22.46 -27.43 5.81
C THR A 146 -22.12 -26.52 4.65
N GLU A 147 -22.90 -25.46 4.50
CA GLU A 147 -22.75 -24.57 3.39
C GLU A 147 -21.64 -23.56 3.65
N VAL A 148 -20.75 -23.40 2.69
CA VAL A 148 -19.66 -22.43 2.80
C VAL A 148 -19.81 -21.42 1.67
N PRO A 149 -20.44 -20.27 1.94
CA PRO A 149 -20.59 -19.24 0.91
C PRO A 149 -19.23 -18.78 0.39
N GLN A 150 -19.08 -18.84 -0.95
CA GLN A 150 -17.83 -18.50 -1.61
C GLN A 150 -17.76 -16.99 -1.79
N LEU A 151 -17.41 -16.30 -0.70
CA LEU A 151 -17.24 -14.86 -0.78
C LEU A 151 -16.09 -14.56 -1.72
N VAL A 152 -16.37 -13.78 -2.76
CA VAL A 152 -15.39 -13.58 -3.81
C VAL A 152 -14.20 -12.83 -3.24
N ASN A 153 -13.01 -13.24 -3.66
CA ASN A 153 -11.80 -12.56 -3.20
C ASN A 153 -11.54 -11.33 -4.05
N ALA A 154 -10.72 -10.43 -3.51
CA ALA A 154 -10.40 -9.20 -4.21
C ALA A 154 -9.66 -9.46 -5.51
N ASN A 155 -10.08 -8.77 -6.58
CA ASN A 155 -9.54 -8.84 -7.93
C ASN A 155 -9.71 -10.20 -8.59
N GLN A 156 -10.49 -11.11 -8.02
CA GLN A 156 -10.73 -12.42 -8.61
C GLN A 156 -12.20 -12.53 -8.98
N TYR A 157 -12.50 -13.59 -9.72
CA TYR A 157 -13.86 -13.86 -10.15
C TYR A 157 -14.56 -14.78 -9.16
N SER A 158 -15.88 -14.81 -9.20
CA SER A 158 -16.54 -15.79 -8.37
C SER A 158 -16.22 -17.19 -8.89
N PRO A 159 -16.00 -18.15 -8.02
CA PRO A 159 -15.92 -19.55 -8.47
C PRO A 159 -17.14 -19.97 -9.25
N CYS A 160 -18.27 -19.28 -9.05
CA CYS A 160 -19.49 -19.61 -9.75
C CYS A 160 -19.56 -19.05 -11.16
N VAL A 161 -18.51 -18.38 -11.63
CA VAL A 161 -18.53 -17.97 -13.04
C VAL A 161 -18.47 -19.18 -13.93
N SER A 162 -17.99 -20.31 -13.41
CA SER A 162 -17.88 -21.52 -14.21
C SER A 162 -19.23 -22.12 -14.57
N ILE A 163 -20.27 -21.78 -13.80
CA ILE A 163 -21.58 -22.39 -13.97
C ILE A 163 -22.68 -21.38 -14.29
N VAL A 164 -22.52 -20.12 -13.95
CA VAL A 164 -23.54 -19.10 -14.25
C VAL A 164 -23.25 -18.60 -15.66
N PRO A 165 -24.26 -18.42 -16.49
CA PRO A 165 -24.02 -17.95 -17.85
C PRO A 165 -23.76 -16.44 -17.87
N SER A 166 -23.44 -15.95 -19.07
CA SER A 166 -23.14 -14.55 -19.30
C SER A 166 -24.28 -13.64 -18.88
N THR A 167 -25.51 -14.12 -18.97
CA THR A 167 -26.64 -13.30 -18.58
C THR A 167 -27.71 -14.18 -17.95
N VAL A 168 -28.25 -13.73 -16.81
CA VAL A 168 -29.31 -14.45 -16.14
C VAL A 168 -30.54 -14.43 -17.03
N TRP A 169 -31.23 -15.57 -17.12
CA TRP A 169 -32.39 -15.62 -18.00
C TRP A 169 -33.66 -15.20 -17.28
N GLU A 170 -33.89 -15.72 -16.07
CA GLU A 170 -35.06 -15.34 -15.30
C GLU A 170 -34.61 -15.10 -13.88
N ASP A 171 -35.39 -14.33 -13.13
CA ASP A 171 -34.89 -13.78 -11.88
C ASP A 171 -34.49 -14.85 -10.87
N GLY A 172 -35.11 -16.01 -10.91
CA GLY A 172 -34.80 -16.96 -9.86
C GLY A 172 -33.93 -18.12 -10.26
N ASP A 173 -33.25 -18.04 -11.40
CA ASP A 173 -32.56 -19.22 -11.94
C ASP A 173 -31.53 -19.78 -10.97
N TYR A 174 -31.38 -21.10 -11.01
CA TYR A 174 -30.58 -21.84 -10.05
C TYR A 174 -29.60 -22.70 -10.83
N TYR A 175 -28.33 -22.63 -10.45
CA TYR A 175 -27.26 -23.27 -11.21
C TYR A 175 -26.50 -24.14 -10.24
N ARG A 176 -26.05 -25.30 -10.71
CA ARG A 176 -25.35 -26.18 -9.81
C ARG A 176 -24.33 -27.01 -10.58
N LYS A 177 -23.31 -27.42 -9.85
CA LYS A 177 -22.26 -28.24 -10.41
C LYS A 177 -21.76 -29.15 -9.31
N GLN A 178 -21.50 -30.40 -9.68
CA GLN A 178 -20.96 -31.37 -8.75
C GLN A 178 -19.44 -31.32 -8.83
N LEU A 179 -18.80 -31.42 -7.68
CA LEU A 179 -17.35 -31.27 -7.59
C LEU A 179 -16.66 -32.63 -7.60
N SER A 180 -15.41 -32.65 -8.07
CA SER A 180 -14.62 -33.87 -8.13
C SER A 180 -14.27 -34.37 -6.72
N PRO A 181 -14.07 -35.69 -6.56
CA PRO A 181 -13.63 -36.21 -5.25
C PRO A 181 -12.26 -35.72 -4.83
N LEU A 182 -11.55 -35.00 -5.68
CA LEU A 182 -10.30 -34.41 -5.25
C LEU A 182 -10.55 -33.26 -4.29
N GLU A 183 -11.44 -32.35 -4.68
CA GLU A 183 -11.79 -31.15 -3.94
C GLU A 183 -12.82 -31.37 -2.84
N GLY A 184 -13.19 -32.62 -2.57
CA GLY A 184 -14.18 -32.93 -1.56
C GLY A 184 -15.42 -33.60 -2.09
N GLY A 185 -15.66 -33.55 -3.41
CA GLY A 185 -16.83 -34.21 -3.94
C GLY A 185 -18.15 -33.57 -3.60
N GLY A 186 -18.16 -32.30 -3.21
CA GLY A 186 -19.39 -31.63 -2.85
C GLY A 186 -20.19 -31.13 -4.04
N TRP A 187 -20.97 -30.09 -3.80
CA TRP A 187 -21.73 -29.43 -4.85
C TRP A 187 -21.40 -27.94 -4.83
N LEU A 188 -21.26 -27.36 -6.02
CA LEU A 188 -21.06 -25.92 -6.18
C LEU A 188 -22.35 -25.31 -6.73
N VAL A 189 -22.90 -24.33 -6.01
CA VAL A 189 -24.24 -23.85 -6.32
C VAL A 189 -24.28 -22.33 -6.40
N ALA A 190 -25.05 -21.81 -7.36
CA ALA A 190 -25.22 -20.38 -7.54
C ALA A 190 -26.66 -20.07 -7.94
N SER A 191 -27.10 -18.87 -7.59
CA SER A 191 -28.42 -18.36 -7.93
C SER A 191 -28.30 -17.07 -8.74
N GLY A 192 -28.98 -17.03 -9.88
CA GLY A 192 -28.98 -15.82 -10.66
C GLY A 192 -30.03 -14.86 -10.16
N SER A 193 -29.82 -13.59 -10.49
CA SER A 193 -30.79 -12.56 -10.16
C SER A 193 -30.67 -11.51 -11.25
N THR A 194 -31.80 -10.89 -11.61
CA THR A 194 -31.84 -10.04 -12.79
C THR A 194 -32.48 -8.68 -12.50
N VAL A 195 -32.07 -7.70 -13.30
CA VAL A 195 -32.65 -6.36 -13.31
C VAL A 195 -32.99 -5.99 -14.75
N ALA A 196 -34.17 -5.39 -14.93
CA ALA A 196 -34.63 -5.05 -16.27
C ALA A 196 -33.71 -4.03 -16.91
N MET A 197 -33.41 -4.24 -18.20
CA MET A 197 -32.55 -3.31 -18.90
C MET A 197 -33.23 -1.94 -19.01
N THR A 198 -32.41 -0.89 -19.04
CA THR A 198 -32.92 0.47 -19.12
C THR A 198 -32.71 1.05 -20.51
N GLU A 199 -33.47 2.10 -20.82
CA GLU A 199 -33.41 2.70 -22.16
C GLU A 199 -32.00 3.14 -22.48
N GLN A 200 -31.35 3.80 -21.54
CA GLN A 200 -29.94 4.11 -21.68
C GLN A 200 -29.14 3.10 -20.86
N LEU A 201 -28.15 2.48 -21.50
CA LEU A 201 -27.33 1.52 -20.78
C LEU A 201 -26.61 2.27 -19.67
N GLN A 202 -26.54 1.63 -18.51
CA GLN A 202 -25.80 2.18 -17.38
C GLN A 202 -24.66 1.22 -17.10
N MET A 203 -23.52 1.76 -16.68
CA MET A 203 -22.31 0.97 -16.52
C MET A 203 -21.66 1.26 -15.18
N GLY A 204 -20.68 0.43 -14.87
CA GLY A 204 -19.83 0.65 -13.71
C GLY A 204 -18.38 0.47 -14.08
N PHE A 205 -17.52 1.32 -13.51
CA PHE A 205 -16.09 1.23 -13.72
C PHE A 205 -15.38 1.11 -12.38
N GLY A 206 -14.39 0.24 -12.33
CA GLY A 206 -13.48 0.15 -11.20
C GLY A 206 -12.07 0.52 -11.62
N ILE A 207 -11.40 1.29 -10.77
CA ILE A 207 -10.01 1.64 -11.01
C ILE A 207 -9.19 1.22 -9.80
N THR A 208 -8.12 0.50 -10.06
CA THR A 208 -7.15 0.12 -9.06
C THR A 208 -5.78 0.50 -9.59
N VAL A 209 -4.96 1.09 -8.75
CA VAL A 209 -3.65 1.59 -9.17
C VAL A 209 -2.56 1.04 -8.27
N GLN A 210 -1.37 0.86 -8.84
CA GLN A 210 -0.20 0.49 -8.05
C GLN A 210 0.86 1.53 -8.32
N TYR A 211 1.36 2.14 -7.26
CA TYR A 211 2.52 2.99 -7.34
C TYR A 211 3.76 2.10 -7.21
N GLY A 212 4.73 2.31 -8.06
CA GLY A 212 5.95 1.56 -7.94
C GLY A 212 6.89 2.19 -6.96
N THR A 213 7.78 1.37 -6.40
CA THR A 213 8.81 1.89 -5.50
C THR A 213 9.84 2.68 -6.27
N ASP A 214 10.08 2.30 -7.53
CA ASP A 214 11.11 2.93 -8.35
C ASP A 214 10.57 3.60 -9.59
N THR A 215 9.69 2.95 -10.34
CA THR A 215 9.21 3.50 -11.60
C THR A 215 7.70 3.59 -11.66
N ASN A 216 7.20 4.75 -12.04
CA ASN A 216 5.79 4.92 -12.33
C ASN A 216 5.69 5.36 -13.79
N SER A 217 5.27 4.47 -14.68
CA SER A 217 5.36 4.75 -16.10
C SER A 217 4.01 5.00 -16.73
N VAL A 218 2.93 4.73 -16.01
CA VAL A 218 1.59 5.07 -16.48
C VAL A 218 1.34 6.49 -15.98
N CYS A 219 1.50 7.45 -16.88
CA CYS A 219 1.54 8.84 -16.53
C CYS A 219 0.43 9.59 -17.27
N PRO A 220 0.01 10.73 -16.76
CA PRO A 220 -1.14 11.43 -17.36
C PRO A 220 -0.77 12.16 -18.65
N LYS A 221 -1.83 12.58 -19.34
CA LYS A 221 -1.77 13.36 -20.58
C LYS A 221 -0.70 14.45 -20.62
N LEU A 222 -0.75 15.39 -19.66
CA LEU A 222 -0.02 16.68 -19.70
C LEU A 222 -0.49 17.52 -20.88
N VAL B 2 -48.25 -32.56 -5.66
CA VAL B 2 -48.05 -32.40 -7.09
C VAL B 2 -47.56 -33.75 -7.64
N GLN B 3 -47.82 -34.06 -8.91
CA GLN B 3 -47.57 -35.40 -9.44
C GLN B 3 -46.45 -35.43 -10.47
N LEU B 4 -45.69 -36.53 -10.48
CA LEU B 4 -44.69 -36.85 -11.49
C LEU B 4 -45.04 -38.20 -12.11
N GLN B 5 -44.95 -38.29 -13.43
CA GLN B 5 -45.32 -39.52 -14.13
C GLN B 5 -44.19 -39.92 -15.06
N GLU B 6 -43.86 -41.21 -15.09
CA GLU B 6 -42.75 -41.63 -15.93
C GLU B 6 -43.23 -42.58 -17.01
N SER B 7 -42.51 -42.56 -18.13
CA SER B 7 -42.73 -43.41 -19.29
C SER B 7 -41.38 -43.86 -19.80
N GLY B 8 -41.40 -44.86 -20.70
CA GLY B 8 -40.22 -45.25 -21.43
C GLY B 8 -39.51 -46.46 -20.87
N GLY B 9 -39.87 -46.88 -19.65
CA GLY B 9 -39.21 -48.01 -19.04
C GLY B 9 -39.55 -49.34 -19.70
N GLY B 10 -38.57 -50.22 -19.70
CA GLY B 10 -38.75 -51.54 -20.28
C GLY B 10 -37.43 -52.28 -20.21
N SER B 11 -37.45 -53.48 -20.78
CA SER B 11 -36.22 -54.26 -20.86
C SER B 11 -35.50 -53.96 -22.17
N VAL B 12 -34.18 -53.91 -22.11
CA VAL B 12 -33.37 -53.63 -23.28
C VAL B 12 -32.11 -54.47 -23.12
N GLN B 13 -31.62 -55.05 -24.21
CA GLN B 13 -30.42 -55.85 -24.11
C GLN B 13 -29.21 -54.92 -23.94
N ALA B 14 -28.06 -55.49 -23.51
CA ALA B 14 -26.88 -54.68 -23.16
C ALA B 14 -26.27 -53.93 -24.34
N GLY B 15 -25.94 -52.66 -24.16
CA GLY B 15 -25.41 -51.84 -25.24
C GLY B 15 -26.44 -51.10 -26.05
N GLY B 16 -27.72 -51.38 -25.86
CA GLY B 16 -28.77 -50.69 -26.58
C GLY B 16 -29.03 -49.32 -25.99
N SER B 17 -30.06 -48.67 -26.52
CA SER B 17 -30.43 -47.33 -26.10
C SER B 17 -31.85 -47.33 -25.59
N LEU B 18 -32.17 -46.33 -24.79
CA LEU B 18 -33.53 -46.18 -24.25
C LEU B 18 -33.71 -44.75 -23.76
N ARG B 19 -34.97 -44.29 -23.80
CA ARG B 19 -35.34 -42.96 -23.37
C ARG B 19 -36.50 -43.06 -22.38
N LEU B 20 -36.35 -42.41 -21.23
CA LEU B 20 -37.42 -42.25 -20.25
C LEU B 20 -37.97 -40.84 -20.34
N SER B 21 -39.21 -40.68 -19.91
CA SER B 21 -39.80 -39.37 -19.92
C SER B 21 -40.62 -39.17 -18.65
N CYS B 22 -40.56 -37.96 -18.12
CA CYS B 22 -41.21 -37.64 -16.85
C CYS B 22 -41.97 -36.33 -17.02
N VAL B 23 -43.27 -36.42 -17.20
CA VAL B 23 -44.11 -35.24 -17.33
C VAL B 23 -44.57 -34.85 -15.94
N ALA B 24 -44.41 -33.58 -15.60
CA ALA B 24 -44.74 -33.09 -14.25
C ALA B 24 -46.08 -32.37 -14.30
N SER B 25 -47.14 -33.11 -14.01
CA SER B 25 -48.46 -32.47 -13.88
C SER B 25 -48.62 -31.98 -12.46
N GLY B 26 -47.67 -31.14 -12.08
CA GLY B 26 -47.56 -30.66 -10.74
C GLY B 26 -48.40 -29.41 -10.56
N SER B 27 -48.86 -29.20 -9.34
CA SER B 27 -49.57 -27.97 -9.05
C SER B 27 -48.69 -26.75 -9.27
N ILE B 28 -47.41 -26.86 -8.95
CA ILE B 28 -46.54 -25.71 -8.95
C ILE B 28 -45.51 -25.77 -10.06
N PHE B 29 -45.09 -24.59 -10.50
CA PHE B 29 -43.92 -24.42 -11.34
C PHE B 29 -42.72 -23.98 -10.51
N SER B 30 -42.82 -24.07 -9.18
CA SER B 30 -41.77 -23.62 -8.29
C SER B 30 -40.68 -24.66 -8.11
N ILE B 31 -40.69 -25.68 -8.96
CA ILE B 31 -39.60 -26.62 -9.04
C ILE B 31 -38.39 -25.87 -9.58
N ASN B 32 -37.25 -25.97 -8.91
CA ASN B 32 -36.09 -25.30 -9.44
C ASN B 32 -35.07 -26.28 -9.96
N ALA B 33 -35.31 -27.57 -9.81
CA ALA B 33 -34.51 -28.57 -10.51
C ALA B 33 -35.29 -29.87 -10.50
N MET B 34 -35.06 -30.70 -11.51
CA MET B 34 -35.66 -32.01 -11.57
C MET B 34 -34.60 -33.03 -11.92
N ASP B 35 -34.63 -34.15 -11.21
CA ASP B 35 -33.51 -35.06 -11.21
C ASP B 35 -33.99 -36.49 -11.48
N TRP B 36 -33.10 -37.30 -12.03
CA TRP B 36 -33.33 -38.73 -12.23
C TRP B 36 -32.48 -39.55 -11.28
N TYR B 37 -33.13 -40.46 -10.58
CA TYR B 37 -32.46 -41.36 -9.66
C TYR B 37 -32.76 -42.79 -10.09
N ARG B 38 -31.95 -43.70 -9.60
CA ARG B 38 -32.16 -45.11 -9.87
C ARG B 38 -31.85 -45.88 -8.60
N GLN B 39 -32.52 -47.02 -8.43
CA GLN B 39 -32.25 -47.89 -7.29
C GLN B 39 -32.05 -49.31 -7.79
N ALA B 40 -30.80 -49.76 -7.77
CA ALA B 40 -30.46 -51.11 -8.18
C ALA B 40 -30.75 -52.09 -7.05
N PRO B 41 -31.10 -53.35 -7.40
CA PRO B 41 -31.40 -54.38 -6.38
C PRO B 41 -30.47 -54.35 -5.17
N GLY B 42 -30.91 -53.65 -4.13
CA GLY B 42 -30.20 -53.65 -2.88
C GLY B 42 -29.06 -52.67 -2.74
N LYS B 43 -28.89 -51.74 -3.67
CA LYS B 43 -27.97 -50.63 -3.50
C LYS B 43 -28.76 -49.38 -3.08
N GLN B 44 -28.04 -48.40 -2.56
CA GLN B 44 -28.66 -47.13 -2.21
C GLN B 44 -29.27 -46.50 -3.46
N ARG B 45 -30.38 -45.81 -3.27
CA ARG B 45 -30.87 -44.94 -4.34
C ARG B 45 -29.82 -43.89 -4.67
N GLU B 46 -29.46 -43.80 -5.94
CA GLU B 46 -28.35 -42.96 -6.37
C GLU B 46 -28.79 -42.04 -7.50
N LEU B 47 -28.13 -40.89 -7.58
CA LEU B 47 -28.50 -39.87 -8.56
C LEU B 47 -27.85 -40.17 -9.90
N VAL B 48 -28.66 -40.17 -10.95
CA VAL B 48 -28.21 -40.44 -12.32
C VAL B 48 -28.01 -39.14 -13.10
N ALA B 49 -29.02 -38.27 -13.13
CA ALA B 49 -28.91 -37.04 -13.90
C ALA B 49 -29.79 -35.98 -13.26
N GLY B 50 -29.50 -34.72 -13.59
CA GLY B 50 -30.28 -33.62 -13.07
C GLY B 50 -30.14 -32.40 -13.94
N ILE B 51 -31.21 -31.63 -13.99
CA ILE B 51 -31.26 -30.39 -14.74
C ILE B 51 -31.92 -29.34 -13.86
N THR B 52 -31.53 -28.10 -14.06
CA THR B 52 -31.95 -27.08 -13.14
C THR B 52 -32.74 -25.97 -13.82
N SER B 53 -33.19 -25.06 -12.96
CA SER B 53 -33.85 -23.84 -13.37
C SER B 53 -32.99 -23.11 -14.39
N GLY B 54 -31.72 -22.94 -14.08
CA GLY B 54 -30.74 -22.28 -14.93
C GLY B 54 -30.20 -23.10 -16.07
N GLY B 55 -30.71 -24.31 -16.25
CA GLY B 55 -30.29 -25.12 -17.38
C GLY B 55 -28.95 -25.77 -17.22
N SER B 56 -28.31 -25.67 -16.05
CA SER B 56 -27.04 -26.35 -15.84
C SER B 56 -27.30 -27.85 -15.68
N THR B 57 -26.70 -28.64 -16.56
CA THR B 57 -26.89 -30.07 -16.55
C THR B 57 -25.79 -30.71 -15.72
N ASN B 58 -26.16 -31.74 -14.98
CA ASN B 58 -25.24 -32.46 -14.12
C ASN B 58 -25.65 -33.92 -14.06
N TYR B 59 -24.65 -34.81 -14.02
CA TYR B 59 -24.87 -36.24 -14.16
C TYR B 59 -24.20 -37.03 -13.04
N GLY B 60 -24.67 -38.27 -12.87
CA GLY B 60 -24.07 -39.17 -11.91
C GLY B 60 -22.69 -39.60 -12.34
N ASP B 61 -21.90 -40.08 -11.39
CA ASP B 61 -20.50 -40.36 -11.66
C ASP B 61 -20.27 -41.64 -12.44
N PHE B 62 -21.30 -42.38 -12.80
CA PHE B 62 -21.10 -43.64 -13.50
C PHE B 62 -21.46 -43.60 -14.98
N VAL B 63 -22.11 -42.57 -15.44
CA VAL B 63 -22.45 -42.46 -16.84
C VAL B 63 -21.31 -41.72 -17.54
N LYS B 64 -20.71 -42.36 -18.54
CA LYS B 64 -19.58 -41.75 -19.25
C LYS B 64 -20.10 -41.12 -20.53
N GLY B 65 -20.82 -40.02 -20.34
CA GLY B 65 -21.43 -39.32 -21.44
C GLY B 65 -22.54 -40.09 -22.11
N ARG B 66 -22.90 -41.26 -21.60
CA ARG B 66 -23.89 -42.09 -22.26
C ARG B 66 -25.28 -41.50 -22.09
N PHE B 67 -25.58 -40.94 -20.92
CA PHE B 67 -26.92 -40.45 -20.68
C PHE B 67 -26.95 -38.95 -20.98
N THR B 68 -28.09 -38.48 -21.44
CA THR B 68 -28.26 -37.07 -21.74
C THR B 68 -29.67 -36.68 -21.32
N ILE B 69 -29.75 -35.64 -20.51
CA ILE B 69 -31.01 -35.14 -19.96
C ILE B 69 -31.45 -33.88 -20.71
N SER B 70 -32.74 -33.73 -20.91
CA SER B 70 -33.23 -32.51 -21.52
C SER B 70 -34.62 -32.19 -20.98
N ARG B 71 -34.98 -30.93 -21.11
CA ARG B 71 -36.27 -30.43 -20.63
C ARG B 71 -36.77 -29.44 -21.67
N ASP B 72 -38.03 -29.56 -22.04
CA ASP B 72 -38.70 -28.47 -22.75
C ASP B 72 -39.78 -27.95 -21.82
N ASN B 73 -39.61 -26.72 -21.33
CA ASN B 73 -40.56 -26.17 -20.37
C ASN B 73 -41.94 -25.96 -21.00
N ALA B 74 -42.02 -26.01 -22.33
CA ALA B 74 -43.29 -25.86 -23.03
C ALA B 74 -44.22 -27.04 -22.79
N LYS B 75 -43.67 -28.24 -22.59
CA LYS B 75 -44.50 -29.41 -22.38
C LYS B 75 -44.37 -29.98 -20.97
N ASN B 76 -43.76 -29.23 -20.04
CA ASN B 76 -43.67 -29.63 -18.63
C ASN B 76 -43.13 -31.05 -18.51
N THR B 77 -42.06 -31.32 -19.25
CA THR B 77 -41.57 -32.68 -19.31
C THR B 77 -40.05 -32.67 -19.41
N VAL B 78 -39.44 -33.72 -18.85
CA VAL B 78 -37.99 -33.91 -18.86
C VAL B 78 -37.69 -35.28 -19.44
N TYR B 79 -36.76 -35.32 -20.39
CA TYR B 79 -36.34 -36.56 -21.02
C TYR B 79 -34.94 -36.95 -20.55
N LEU B 80 -34.71 -38.26 -20.45
CA LEU B 80 -33.40 -38.82 -20.17
C LEU B 80 -33.12 -39.89 -21.21
N GLN B 81 -32.31 -39.57 -22.20
CA GLN B 81 -31.97 -40.52 -23.24
C GLN B 81 -30.68 -41.22 -22.84
N MET B 82 -30.72 -42.55 -22.84
CA MET B 82 -29.65 -43.40 -22.33
C MET B 82 -29.14 -44.24 -23.48
N ASP B 83 -27.83 -44.16 -23.73
CA ASP B 83 -27.19 -44.88 -24.82
C ASP B 83 -26.14 -45.81 -24.24
N SER B 84 -25.80 -46.84 -25.01
CA SER B 84 -24.74 -47.78 -24.64
C SER B 84 -24.99 -48.31 -23.23
N LEU B 85 -26.23 -48.73 -22.99
CA LEU B 85 -26.56 -49.27 -21.69
C LEU B 85 -25.78 -50.54 -21.44
N LYS B 86 -25.52 -50.82 -20.18
CA LYS B 86 -24.82 -52.04 -19.80
C LYS B 86 -25.57 -52.66 -18.62
N PRO B 87 -25.38 -53.96 -18.37
CA PRO B 87 -26.21 -54.64 -17.34
C PRO B 87 -26.18 -53.98 -15.99
N GLU B 88 -25.10 -53.24 -15.69
CA GLU B 88 -24.94 -52.52 -14.44
C GLU B 88 -25.95 -51.38 -14.31
N ASP B 89 -26.55 -50.94 -15.42
CA ASP B 89 -27.57 -49.89 -15.41
C ASP B 89 -28.96 -50.44 -15.13
N THR B 90 -29.10 -51.73 -14.85
CA THR B 90 -30.38 -52.31 -14.47
C THR B 90 -30.77 -51.83 -13.09
N ALA B 91 -31.89 -51.12 -12.99
CA ALA B 91 -32.38 -50.57 -11.74
C ALA B 91 -33.81 -50.11 -11.96
N VAL B 92 -34.45 -49.62 -10.90
CA VAL B 92 -35.72 -48.92 -11.02
C VAL B 92 -35.40 -47.44 -10.98
N TYR B 93 -35.74 -46.72 -12.05
CA TYR B 93 -35.41 -45.33 -12.20
C TYR B 93 -36.60 -44.49 -11.81
N TYR B 94 -36.36 -43.43 -11.04
CA TYR B 94 -37.37 -42.48 -10.63
C TYR B 94 -36.99 -41.10 -11.17
N CYS B 95 -37.99 -40.24 -11.33
CA CYS B 95 -37.72 -38.83 -11.56
C CYS B 95 -38.24 -38.08 -10.35
N ALA B 96 -37.58 -36.97 -10.01
CA ALA B 96 -37.90 -36.27 -8.78
C ALA B 96 -37.82 -34.79 -9.02
N ALA B 97 -38.52 -34.02 -8.19
CA ALA B 97 -38.56 -32.58 -8.34
C ALA B 97 -38.13 -31.95 -7.03
N GLU B 98 -37.38 -30.86 -7.15
CA GLU B 98 -36.88 -30.10 -6.01
C GLU B 98 -37.62 -28.78 -5.94
N VAL B 99 -38.29 -28.54 -4.81
CA VAL B 99 -38.97 -27.28 -4.56
C VAL B 99 -38.06 -26.43 -3.69
N GLY B 100 -37.68 -25.28 -4.20
CA GLY B 100 -36.70 -24.45 -3.51
C GLY B 100 -35.41 -25.17 -3.18
N GLY B 101 -34.97 -26.06 -4.07
CA GLY B 101 -33.75 -26.82 -3.81
C GLY B 101 -32.51 -25.92 -3.81
N TRP B 102 -31.62 -26.21 -2.88
CA TRP B 102 -30.38 -25.44 -2.76
C TRP B 102 -29.30 -26.40 -2.26
N GLY B 103 -28.23 -26.54 -3.03
CA GLY B 103 -27.20 -27.47 -2.63
C GLY B 103 -27.54 -28.91 -3.00
N PRO B 104 -27.12 -29.85 -2.15
CA PRO B 104 -27.28 -31.29 -2.45
C PRO B 104 -28.74 -31.64 -2.66
N PRO B 105 -29.04 -32.47 -3.65
CA PRO B 105 -30.44 -32.75 -3.99
C PRO B 105 -31.16 -33.46 -2.86
N ARG B 106 -32.23 -32.84 -2.36
CA ARG B 106 -33.09 -33.38 -1.32
C ARG B 106 -34.50 -33.28 -1.86
N PRO B 107 -34.91 -34.21 -2.72
CA PRO B 107 -36.13 -34.00 -3.49
C PRO B 107 -37.33 -33.97 -2.58
N ASP B 108 -38.29 -33.14 -2.94
CA ASP B 108 -39.52 -32.95 -2.20
C ASP B 108 -40.70 -33.70 -2.82
N TYR B 109 -40.63 -34.04 -4.11
CA TYR B 109 -41.64 -34.90 -4.75
C TYR B 109 -40.94 -35.95 -5.60
N TRP B 110 -41.48 -37.17 -5.58
CA TRP B 110 -40.93 -38.35 -6.25
C TRP B 110 -42.01 -38.95 -7.14
N GLY B 111 -41.60 -39.70 -8.16
CA GLY B 111 -42.50 -40.44 -9.00
C GLY B 111 -42.64 -41.89 -8.55
N HIS B 112 -43.56 -42.62 -9.21
CA HIS B 112 -43.78 -44.02 -8.87
C HIS B 112 -42.70 -44.95 -9.42
N GLY B 113 -41.76 -44.41 -10.19
CA GLY B 113 -40.67 -45.19 -10.75
C GLY B 113 -41.00 -46.21 -11.82
N THR B 114 -40.26 -46.11 -12.92
CA THR B 114 -40.31 -47.08 -13.99
C THR B 114 -39.05 -47.92 -13.92
N GLN B 115 -39.13 -49.16 -14.40
CA GLN B 115 -38.01 -50.08 -14.29
C GLN B 115 -37.39 -50.34 -15.66
N VAL B 116 -36.06 -50.31 -15.68
CA VAL B 116 -35.25 -50.65 -16.84
C VAL B 116 -34.42 -51.88 -16.49
N THR B 117 -34.42 -52.86 -17.38
CA THR B 117 -33.59 -54.06 -17.20
C THR B 117 -32.69 -54.21 -18.41
N VAL B 118 -31.47 -54.70 -18.18
CA VAL B 118 -30.48 -54.88 -19.25
C VAL B 118 -29.92 -56.30 -19.19
N SER B 119 -30.05 -57.05 -20.28
CA SER B 119 -29.56 -58.42 -20.41
C SER B 119 -28.42 -58.48 -21.42
N SER B 120 -27.34 -59.19 -21.09
CA SER B 120 -26.22 -59.37 -22.00
C SER B 120 -26.15 -60.79 -22.53
N GLY B 121 -25.60 -60.93 -23.74
CA GLY B 121 -25.38 -62.23 -24.38
C GLY B 121 -26.63 -63.10 -24.52
N SER B 122 -26.60 -64.26 -23.88
CA SER B 122 -27.74 -65.17 -23.90
C SER B 122 -27.87 -65.90 -22.56
N ALA C 12 -1.17 34.74 -1.41
CA ALA C 12 -2.20 33.74 -1.67
C ALA C 12 -3.20 33.71 -0.53
N GLU C 13 -4.45 33.39 -0.86
CA GLU C 13 -5.51 33.26 0.14
C GLU C 13 -5.42 31.83 0.69
N GLY C 14 -4.83 31.72 1.89
CA GLY C 14 -4.54 30.44 2.51
C GLY C 14 -3.24 30.50 3.31
N VAL C 15 -3.25 29.74 4.39
CA VAL C 15 -2.17 29.67 5.37
C VAL C 15 -1.11 28.65 4.95
N GLU C 16 0.16 29.02 5.13
CA GLU C 16 1.25 28.09 4.88
C GLU C 16 1.40 27.13 6.05
N CYS C 17 1.64 25.86 5.75
CA CYS C 17 1.95 24.88 6.79
C CYS C 17 3.26 25.21 7.48
N ASP C 18 3.24 25.16 8.81
CA ASP C 18 4.40 25.58 9.59
C ASP C 18 5.23 24.37 10.00
N PHE C 19 6.26 24.06 9.20
CA PHE C 19 7.20 22.98 9.52
C PHE C 19 8.32 23.44 10.43
N SER C 20 8.29 24.67 10.92
CA SER C 20 9.38 25.18 11.73
C SER C 20 9.58 24.41 13.04
N PRO C 21 8.52 23.94 13.77
CA PRO C 21 8.77 23.29 15.06
C PRO C 21 9.81 22.18 15.01
N LEU C 22 10.05 21.60 13.84
CA LEU C 22 11.11 20.60 13.72
C LEU C 22 12.49 21.24 13.53
N LEU C 23 12.54 22.50 13.10
CA LEU C 23 13.79 23.22 12.93
C LEU C 23 14.40 23.69 14.25
N SER C 24 13.63 23.77 15.33
CA SER C 24 14.13 24.28 16.60
C SER C 24 14.05 23.18 17.67
N GLY C 25 15.21 22.83 18.23
CA GLY C 25 15.32 21.95 19.38
C GLY C 25 16.09 20.68 19.07
N THR C 26 15.98 19.73 19.99
CA THR C 26 16.57 18.41 19.82
C THR C 26 15.48 17.45 19.36
N PRO C 27 15.60 16.87 18.17
CA PRO C 27 14.65 15.84 17.75
C PRO C 27 14.67 14.66 18.70
N PRO C 28 13.50 14.17 19.09
CA PRO C 28 13.45 13.06 20.06
C PRO C 28 13.90 11.75 19.43
N GLN C 29 13.99 10.73 20.29
CA GLN C 29 14.31 9.39 19.80
C GLN C 29 13.10 8.77 19.10
N VAL C 30 13.34 7.66 18.40
CA VAL C 30 12.33 7.13 17.51
C VAL C 30 11.07 6.71 18.28
N TYR C 31 11.22 6.19 19.49
CA TYR C 31 10.05 5.82 20.30
C TYR C 31 9.35 7.03 20.89
N ASN C 32 9.94 8.22 20.75
CA ASN C 32 9.35 9.48 21.19
C ASN C 32 9.00 10.36 19.99
N PHE C 33 8.63 9.74 18.86
CA PHE C 33 8.44 10.48 17.62
C PHE C 33 7.46 11.64 17.81
N LYS C 34 7.89 12.82 17.39
CA LYS C 34 7.04 14.01 17.42
C LYS C 34 6.10 14.01 16.22
N ARG C 35 4.85 14.34 16.48
CA ARG C 35 3.77 14.22 15.51
C ARG C 35 3.19 15.60 15.25
N LEU C 36 3.14 15.99 13.97
CA LEU C 36 2.54 17.25 13.55
C LEU C 36 1.38 16.94 12.61
N VAL C 37 0.21 17.48 12.91
CA VAL C 37 -0.98 17.23 12.09
C VAL C 37 -1.36 18.52 11.41
N PHE C 38 -1.70 18.45 10.13
CA PHE C 38 -2.02 19.61 9.32
C PHE C 38 -3.41 19.46 8.74
N THR C 39 -4.22 20.52 8.83
CA THR C 39 -5.63 20.43 8.52
C THR C 39 -6.09 21.24 7.31
N ASN C 40 -5.72 22.51 7.17
CA ASN C 40 -6.15 23.26 5.97
C ASN C 40 -5.00 24.19 5.63
N CYS C 41 -4.16 23.70 4.74
CA CYS C 41 -2.82 24.22 4.54
C CYS C 41 -2.48 24.39 3.07
N ASN C 42 -1.56 25.30 2.87
CA ASN C 42 -0.70 25.30 1.71
C ASN C 42 0.66 24.83 2.20
N TYR C 43 1.25 23.87 1.49
CA TYR C 43 2.52 23.29 1.89
C TYR C 43 3.47 23.28 0.71
N ASN C 44 4.76 23.23 1.00
CA ASN C 44 5.79 23.14 -0.05
C ASN C 44 6.76 22.07 0.48
N LEU C 45 6.56 20.83 0.03
CA LEU C 45 7.41 19.73 0.47
C LEU C 45 8.83 19.87 -0.03
N THR C 46 8.98 20.40 -1.23
CA THR C 46 10.32 20.64 -1.73
C THR C 46 11.06 21.61 -0.82
N LYS C 47 10.34 22.62 -0.29
CA LYS C 47 10.94 23.60 0.61
C LYS C 47 11.50 22.95 1.86
N LEU C 48 10.76 22.00 2.42
CA LEU C 48 11.22 21.33 3.63
C LEU C 48 12.39 20.41 3.33
N LEU C 49 12.31 19.66 2.23
CA LEU C 49 13.37 18.69 1.95
C LEU C 49 14.63 19.37 1.47
N SER C 50 14.54 20.60 0.98
CA SER C 50 15.74 21.30 0.55
C SER C 50 16.67 21.62 1.71
N LEU C 51 16.16 21.62 2.94
CA LEU C 51 17.01 21.92 4.09
C LEU C 51 17.86 20.74 4.51
N PHE C 52 17.44 19.53 4.21
CA PHE C 52 18.14 18.33 4.64
C PHE C 52 18.85 17.65 3.48
N SER C 53 19.71 16.72 3.85
CA SER C 53 20.43 15.89 2.91
C SER C 53 19.69 14.55 2.87
N VAL C 54 18.78 14.42 1.91
CA VAL C 54 17.99 13.20 1.83
C VAL C 54 18.82 12.04 1.30
N ASN C 55 18.74 10.90 1.99
CA ASN C 55 19.39 9.62 1.68
C ASN C 55 18.44 8.57 1.13
N ASP C 56 17.27 8.39 1.74
CA ASP C 56 16.25 7.48 1.23
C ASP C 56 14.87 8.11 1.35
N PHE C 57 14.02 7.73 0.41
CA PHE C 57 12.65 8.21 0.34
C PHE C 57 11.80 7.08 -0.25
N THR C 58 11.16 6.31 0.63
CA THR C 58 10.37 5.17 0.21
C THR C 58 8.94 5.30 0.74
N CYS C 59 7.97 4.95 -0.10
CA CYS C 59 6.57 5.13 0.21
C CYS C 59 5.80 3.82 0.02
N SER C 60 4.58 3.78 0.57
CA SER C 60 3.66 2.66 0.41
C SER C 60 2.33 3.21 -0.07
N GLN C 61 1.82 2.67 -1.19
CA GLN C 61 0.53 3.05 -1.76
C GLN C 61 0.50 4.52 -2.18
N ILE C 62 1.68 5.10 -2.44
CA ILE C 62 1.81 6.45 -2.99
C ILE C 62 3.25 6.58 -3.43
N SER C 63 3.60 7.63 -4.16
CA SER C 63 4.97 7.79 -4.63
C SER C 63 5.48 9.15 -4.21
N PRO C 64 6.80 9.32 -4.10
CA PRO C 64 7.35 10.64 -3.72
C PRO C 64 6.85 11.78 -4.61
N ALA C 65 6.73 11.56 -5.92
CA ALA C 65 6.22 12.64 -6.76
C ALA C 65 4.75 12.92 -6.44
N ALA C 66 3.97 11.88 -6.19
CA ALA C 66 2.54 12.08 -5.97
C ALA C 66 2.26 12.69 -4.61
N ILE C 67 3.10 12.38 -3.62
CA ILE C 67 2.87 12.85 -2.25
C ILE C 67 3.05 14.35 -2.15
N ALA C 68 3.86 14.95 -3.03
CA ALA C 68 4.02 16.39 -3.03
C ALA C 68 3.10 17.06 -4.04
N SER C 69 2.23 16.28 -4.68
CA SER C 69 1.48 16.72 -5.84
C SER C 69 -0.03 16.68 -5.64
N ASN C 70 -0.51 16.41 -4.43
CA ASN C 70 -1.93 16.19 -4.21
C ASN C 70 -2.47 17.00 -3.05
N CYS C 71 -3.79 17.15 -3.01
CA CYS C 71 -4.51 17.73 -1.89
C CYS C 71 -5.06 16.65 -0.96
N TYR C 72 -4.96 16.89 0.36
CA TYR C 72 -5.38 15.92 1.36
C TYR C 72 -6.32 16.58 2.37
N SER C 73 -7.07 15.73 3.08
CA SER C 73 -7.89 16.24 4.18
C SER C 73 -7.07 16.40 5.44
N SER C 74 -6.01 15.63 5.60
CA SER C 74 -5.06 15.91 6.67
C SER C 74 -3.71 15.35 6.27
N LEU C 75 -2.65 15.97 6.79
CA LEU C 75 -1.29 15.51 6.55
C LEU C 75 -0.53 15.45 7.86
N ILE C 76 0.02 14.28 8.15
CA ILE C 76 0.63 14.02 9.45
C ILE C 76 2.12 13.76 9.24
N LEU C 77 2.94 14.51 9.96
CA LEU C 77 4.38 14.45 9.82
C LEU C 77 4.99 14.00 11.14
N ASP C 78 5.60 12.81 11.13
CA ASP C 78 6.34 12.31 12.27
C ASP C 78 7.84 12.49 12.04
N TYR C 79 8.54 12.96 13.06
CA TYR C 79 9.98 13.11 12.96
C TYR C 79 10.65 12.68 14.25
N PHE C 80 11.90 12.25 14.12
CA PHE C 80 12.68 11.70 15.22
C PHE C 80 14.12 11.51 14.76
N SER C 81 15.02 11.42 15.72
CA SER C 81 16.43 11.15 15.44
C SER C 81 16.59 9.68 15.06
N TYR C 82 17.34 9.39 13.99
CA TYR C 82 17.50 8.02 13.50
C TYR C 82 18.77 7.80 12.71
N PRO C 83 19.55 6.78 13.04
CA PRO C 83 20.81 6.54 12.32
C PRO C 83 20.62 5.76 11.04
N LEU C 84 21.46 6.07 10.05
CA LEU C 84 21.33 5.38 8.78
C LEU C 84 21.76 3.93 8.89
N SER C 85 22.55 3.59 9.91
CA SER C 85 22.93 2.19 10.05
C SER C 85 21.72 1.31 10.27
N MET C 86 20.62 1.88 10.74
CA MET C 86 19.39 1.16 10.97
C MET C 86 18.37 1.40 9.85
N LYS C 87 18.86 1.68 8.64
CA LYS C 87 17.94 1.86 7.53
C LYS C 87 17.16 0.58 7.25
N SER C 88 17.73 -0.59 7.55
CA SER C 88 17.07 -1.86 7.26
C SER C 88 15.82 -2.08 8.10
N ASP C 89 15.81 -1.57 9.33
CA ASP C 89 14.71 -1.82 10.25
C ASP C 89 13.61 -0.77 10.18
N LEU C 90 13.74 0.24 9.31
CA LEU C 90 12.75 1.31 9.21
C LEU C 90 12.03 1.21 7.86
N SER C 91 11.09 0.29 7.77
CA SER C 91 10.29 0.13 6.56
C SER C 91 8.85 -0.18 6.96
N VAL C 92 7.95 -0.06 5.99
CA VAL C 92 6.54 -0.27 6.31
C VAL C 92 6.30 -1.75 6.57
N SER C 93 6.86 -2.62 5.74
CA SER C 93 6.73 -4.04 5.91
C SER C 93 7.62 -4.59 7.00
N SER C 94 8.23 -3.71 7.80
CA SER C 94 9.31 -4.14 8.68
C SER C 94 8.83 -5.15 9.72
N ALA C 95 9.77 -5.99 10.15
CA ALA C 95 9.63 -6.83 11.32
C ALA C 95 10.77 -6.60 12.29
N GLY C 96 11.57 -5.55 12.07
CA GLY C 96 12.60 -5.17 13.00
C GLY C 96 12.04 -4.58 14.27
N PRO C 97 12.90 -4.38 15.28
CA PRO C 97 12.43 -3.84 16.56
C PRO C 97 11.81 -2.46 16.45
N ILE C 98 12.08 -1.72 15.38
CA ILE C 98 11.49 -0.40 15.23
C ILE C 98 9.99 -0.52 15.01
N SER C 99 9.60 -1.20 13.93
CA SER C 99 8.19 -1.33 13.64
C SER C 99 7.49 -2.34 14.54
N GLN C 100 8.20 -2.90 15.51
CA GLN C 100 7.57 -3.81 16.45
C GLN C 100 7.25 -3.13 17.77
N PHE C 101 8.20 -2.37 18.32
CA PHE C 101 8.04 -1.75 19.62
C PHE C 101 8.32 -0.26 19.63
N ASN C 102 8.61 0.36 18.49
CA ASN C 102 9.04 1.74 18.52
C ASN C 102 8.10 2.65 17.75
N TYR C 103 7.89 2.43 16.46
CA TYR C 103 7.13 3.36 15.64
C TYR C 103 6.50 2.59 14.48
N LYS C 104 5.17 2.59 14.42
CA LYS C 104 4.45 1.95 13.33
C LYS C 104 3.43 2.92 12.78
N GLN C 105 3.33 2.97 11.46
CA GLN C 105 2.43 3.91 10.80
C GLN C 105 1.30 3.14 10.15
N SER C 106 0.26 3.89 9.76
CA SER C 106 -1.01 3.27 9.44
C SER C 106 -0.87 2.34 8.25
N PHE C 107 -1.57 1.21 8.30
CA PHE C 107 -1.58 0.31 7.15
C PHE C 107 -2.50 0.83 6.06
N SER C 108 -3.72 1.19 6.42
CA SER C 108 -4.77 1.55 5.47
C SER C 108 -4.55 2.89 4.80
N ASN C 109 -3.57 3.69 5.25
CA ASN C 109 -3.42 5.00 4.64
C ASN C 109 -2.12 5.10 3.86
N PRO C 110 -2.08 5.97 2.85
CA PRO C 110 -0.81 6.20 2.14
C PRO C 110 0.23 6.75 3.11
N THR C 111 1.46 6.29 2.93
CA THR C 111 2.48 6.30 3.94
C THR C 111 3.81 6.61 3.28
N CYS C 112 4.63 7.43 3.92
CA CYS C 112 5.98 7.65 3.40
C CYS C 112 6.97 7.64 4.55
N LEU C 113 8.23 7.52 4.16
CA LEU C 113 9.33 7.31 5.10
C LEU C 113 10.58 7.93 4.49
N ILE C 114 11.12 8.95 5.14
CA ILE C 114 12.24 9.72 4.63
C ILE C 114 13.38 9.65 5.61
N LEU C 115 14.58 9.38 5.09
CA LEU C 115 15.80 9.42 5.88
C LEU C 115 16.69 10.53 5.34
N ALA C 116 17.22 11.35 6.24
CA ALA C 116 17.99 12.50 5.83
C ALA C 116 19.03 12.80 6.89
N THR C 117 20.14 13.40 6.46
CA THR C 117 21.11 14.02 7.35
C THR C 117 20.86 15.52 7.36
N VAL C 118 20.95 16.15 8.53
CA VAL C 118 20.79 17.59 8.65
C VAL C 118 22.16 18.24 8.41
N PRO C 119 22.31 19.06 7.39
CA PRO C 119 23.62 19.54 6.98
C PRO C 119 24.10 20.68 7.86
N HIS C 120 25.31 21.15 7.55
CA HIS C 120 25.88 22.29 8.25
C HIS C 120 25.12 23.57 7.94
N ASN C 121 24.38 23.61 6.83
CA ASN C 121 23.55 24.77 6.50
C ASN C 121 22.43 24.99 7.49
N LEU C 122 22.22 24.04 8.41
CA LEU C 122 21.18 24.10 9.44
C LEU C 122 21.88 24.00 10.77
N THR C 123 22.02 25.13 11.47
CA THR C 123 22.72 25.16 12.74
C THR C 123 21.79 25.40 13.91
N THR C 124 20.48 25.31 13.69
CA THR C 124 19.49 25.50 14.74
C THR C 124 18.89 24.21 15.26
N ILE C 125 19.26 23.05 14.71
CA ILE C 125 18.81 21.75 15.20
C ILE C 125 19.91 21.15 16.06
N THR C 126 19.63 21.00 17.37
CA THR C 126 20.58 20.46 18.33
C THR C 126 20.52 18.94 18.35
N LYS C 127 21.64 18.31 18.78
CA LYS C 127 21.80 16.87 18.72
C LYS C 127 21.63 16.24 20.10
N PRO C 128 21.07 15.04 20.15
CA PRO C 128 21.10 14.26 21.39
C PRO C 128 22.46 13.57 21.52
N LEU C 129 22.66 12.91 22.65
CA LEU C 129 23.96 12.30 22.91
C LEU C 129 24.22 11.02 22.11
N LYS C 130 23.16 10.30 21.72
CA LYS C 130 23.31 9.04 21.01
C LYS C 130 21.92 8.64 20.51
N TYR C 131 21.89 7.64 19.64
CA TYR C 131 20.63 7.12 19.12
C TYR C 131 20.07 6.04 20.04
N SER C 132 18.79 6.15 20.39
CA SER C 132 18.14 5.23 21.31
C SER C 132 16.91 4.65 20.65
N TYR C 133 16.63 3.38 20.93
CA TYR C 133 15.42 2.73 20.48
C TYR C 133 15.17 1.53 21.37
N ILE C 134 13.93 1.06 21.37
CA ILE C 134 13.50 -0.03 22.25
C ILE C 134 13.57 -1.32 21.45
N ASN C 135 14.36 -2.29 21.93
CA ASN C 135 14.44 -3.54 21.21
C ASN C 135 13.46 -4.58 21.74
N LYS C 136 13.10 -4.51 23.01
CA LYS C 136 11.99 -5.30 23.52
C LYS C 136 11.20 -4.49 24.52
N CYS C 137 9.88 -4.59 24.39
CA CYS C 137 8.96 -4.00 25.34
C CYS C 137 7.87 -5.02 25.49
N SER C 138 7.64 -5.48 26.72
CA SER C 138 6.67 -6.54 26.91
C SER C 138 6.14 -6.49 28.34
N ARG C 139 5.06 -7.25 28.56
CA ARG C 139 4.33 -7.25 29.81
C ARG C 139 4.13 -8.69 30.29
N PHE C 140 4.36 -8.92 31.58
CA PHE C 140 4.16 -10.22 32.20
C PHE C 140 2.89 -10.19 33.05
N LEU C 141 2.12 -11.28 33.00
CA LEU C 141 0.83 -11.24 33.66
C LEU C 141 0.91 -11.57 35.15
N SER C 142 -0.28 -11.55 35.75
CA SER C 142 -0.40 -11.71 37.18
C SER C 142 0.18 -13.04 37.63
N ASP C 143 0.06 -14.06 36.78
CA ASP C 143 0.60 -15.37 37.12
C ASP C 143 2.12 -15.39 37.20
N ASP C 144 2.79 -14.31 36.77
CA ASP C 144 4.24 -14.16 36.88
C ASP C 144 4.96 -15.12 35.96
N ARG C 145 4.28 -15.58 34.91
CA ARG C 145 4.93 -16.51 34.01
C ARG C 145 4.78 -16.12 32.54
N THR C 146 3.57 -15.73 32.12
CA THR C 146 3.32 -15.50 30.71
C THR C 146 3.71 -14.08 30.30
N GLU C 147 4.52 -13.99 29.27
CA GLU C 147 5.00 -12.73 28.73
C GLU C 147 4.12 -12.35 27.55
N VAL C 148 3.77 -11.08 27.47
CA VAL C 148 2.97 -10.52 26.39
C VAL C 148 3.77 -9.42 25.73
N PRO C 149 4.38 -9.70 24.58
CA PRO C 149 5.13 -8.64 23.88
C PRO C 149 4.18 -7.51 23.53
N GLN C 150 4.49 -6.32 24.04
CA GLN C 150 3.64 -5.16 23.81
C GLN C 150 3.98 -4.58 22.45
N LEU C 151 3.49 -5.25 21.42
CA LEU C 151 3.65 -4.79 20.05
C LEU C 151 2.91 -3.49 19.85
N VAL C 152 3.65 -2.47 19.41
CA VAL C 152 3.10 -1.14 19.28
C VAL C 152 2.04 -1.13 18.17
N ASN C 153 0.98 -0.37 18.39
CA ASN C 153 -0.04 -0.17 17.38
C ASN C 153 0.33 0.97 16.45
N ALA C 154 -0.24 0.94 15.25
CA ALA C 154 0.04 1.98 14.27
C ALA C 154 -0.48 3.31 14.80
N ASN C 155 0.32 4.35 14.63
CA ASN C 155 0.01 5.71 15.01
C ASN C 155 -0.14 5.89 16.53
N GLN C 156 0.22 4.88 17.32
CA GLN C 156 0.28 4.99 18.78
C GLN C 156 1.73 4.83 19.24
N TYR C 157 1.97 5.14 20.52
CA TYR C 157 3.29 4.99 21.14
C TYR C 157 3.37 3.65 21.87
N SER C 158 4.60 3.17 22.05
CA SER C 158 4.79 1.95 22.82
C SER C 158 4.45 2.18 24.29
N PRO C 159 3.83 1.19 24.97
CA PRO C 159 3.54 1.33 26.41
C PRO C 159 4.76 1.66 27.24
N CYS C 160 5.95 1.32 26.74
CA CYS C 160 7.18 1.49 27.51
C CYS C 160 7.71 2.91 27.50
N VAL C 161 7.02 3.85 26.85
CA VAL C 161 7.41 5.24 26.95
C VAL C 161 7.22 5.74 28.37
N SER C 162 6.44 5.03 29.19
CA SER C 162 6.31 5.49 30.57
C SER C 162 7.54 5.17 31.39
N ILE C 163 8.34 4.18 30.98
CA ILE C 163 9.48 3.76 31.79
C ILE C 163 10.82 3.95 31.08
N VAL C 164 10.85 4.04 29.77
CA VAL C 164 12.10 4.27 29.07
C VAL C 164 12.35 5.77 29.06
N PRO C 165 13.54 6.24 29.36
CA PRO C 165 13.75 7.69 29.38
C PRO C 165 13.79 8.24 27.98
N SER C 166 13.93 9.55 27.86
CA SER C 166 14.03 10.16 26.55
C SER C 166 15.23 9.63 25.78
N THR C 167 16.31 9.27 26.48
CA THR C 167 17.50 8.71 25.86
C THR C 167 18.10 7.63 26.76
N VAL C 168 18.45 6.49 26.14
CA VAL C 168 19.08 5.36 26.82
C VAL C 168 20.47 5.72 27.33
N TRP C 169 20.83 5.19 28.51
CA TRP C 169 22.13 5.47 29.11
C TRP C 169 23.23 4.51 28.68
N GLU C 170 22.95 3.19 28.66
CA GLU C 170 23.91 2.16 28.26
C GLU C 170 23.24 1.18 27.32
N ASP C 171 24.06 0.52 26.49
CA ASP C 171 23.49 -0.20 25.34
C ASP C 171 22.54 -1.30 25.77
N GLY C 172 22.73 -1.88 26.96
CA GLY C 172 21.87 -2.96 27.37
C GLY C 172 20.89 -2.60 28.45
N ASP C 173 20.69 -1.31 28.73
CA ASP C 173 19.93 -0.90 29.91
C ASP C 173 18.55 -1.55 29.92
N TYR C 174 18.09 -1.85 31.12
CA TYR C 174 16.89 -2.65 31.33
C TYR C 174 15.98 -1.90 32.28
N TYR C 175 14.71 -1.85 31.93
CA TYR C 175 13.74 -1.04 32.64
C TYR C 175 12.52 -1.87 33.00
N ARG C 176 11.95 -1.57 34.16
CA ARG C 176 10.78 -2.29 34.58
C ARG C 176 9.96 -1.40 35.49
N LYS C 177 8.66 -1.68 35.53
CA LYS C 177 7.79 -1.01 36.49
C LYS C 177 6.64 -1.95 36.80
N GLN C 178 6.20 -1.91 38.05
CA GLN C 178 5.11 -2.74 38.49
C GLN C 178 3.82 -2.01 38.19
N LEU C 179 2.82 -2.76 37.75
CA LEU C 179 1.56 -2.20 37.29
C LEU C 179 0.51 -2.24 38.40
N SER C 180 -0.48 -1.36 38.28
CA SER C 180 -1.59 -1.35 39.21
C SER C 180 -2.45 -2.61 39.05
N PRO C 181 -3.17 -3.01 40.09
CA PRO C 181 -4.09 -4.16 39.99
C PRO C 181 -5.22 -3.94 38.99
N LEU C 182 -5.30 -2.74 38.42
CA LEU C 182 -6.26 -2.49 37.35
C LEU C 182 -5.86 -3.20 36.07
N GLU C 183 -4.59 -3.09 35.69
CA GLU C 183 -4.11 -3.72 34.47
C GLU C 183 -3.73 -5.18 34.68
N GLY C 184 -3.99 -5.76 35.85
CA GLY C 184 -3.66 -7.13 36.14
C GLY C 184 -2.63 -7.29 37.23
N GLY C 185 -1.94 -6.22 37.58
CA GLY C 185 -0.90 -6.29 38.59
C GLY C 185 0.38 -6.96 38.15
N GLY C 186 0.61 -7.09 36.85
CA GLY C 186 1.80 -7.72 36.35
C GLY C 186 2.98 -6.78 36.39
N TRP C 187 3.95 -7.02 35.51
CA TRP C 187 5.13 -6.19 35.36
C TRP C 187 5.28 -5.76 33.92
N LEU C 188 5.70 -4.53 33.70
CA LEU C 188 6.07 -4.03 32.39
C LEU C 188 7.58 -3.87 32.31
N VAL C 189 8.20 -4.48 31.28
CA VAL C 189 9.66 -4.50 31.15
C VAL C 189 10.05 -4.03 29.76
N ALA C 190 11.17 -3.31 29.70
CA ALA C 190 11.68 -2.79 28.45
C ALA C 190 13.20 -2.90 28.44
N SER C 191 13.77 -3.06 27.25
CA SER C 191 15.22 -3.10 27.12
C SER C 191 15.65 -2.01 26.16
N GLY C 192 16.60 -1.19 26.59
CA GLY C 192 17.14 -0.14 25.76
C GLY C 192 18.25 -0.65 24.85
N SER C 193 18.53 0.12 23.80
CA SER C 193 19.64 -0.16 22.91
C SER C 193 20.12 1.14 22.31
N THR C 194 21.43 1.24 22.06
CA THR C 194 22.00 2.51 21.63
C THR C 194 22.92 2.32 20.43
N VAL C 195 23.03 3.38 19.65
CA VAL C 195 23.94 3.48 18.51
C VAL C 195 24.75 4.75 18.65
N ALA C 196 26.04 4.67 18.35
CA ALA C 196 26.95 5.80 18.58
C ALA C 196 26.52 7.00 17.75
N MET C 197 26.50 8.17 18.40
CA MET C 197 26.07 9.41 17.76
C MET C 197 27.02 9.80 16.64
N THR C 198 26.46 10.43 15.61
CA THR C 198 27.27 10.87 14.49
C THR C 198 27.40 12.38 14.48
N GLU C 199 28.46 12.83 13.77
CA GLU C 199 28.79 14.24 13.70
C GLU C 199 27.66 15.04 13.10
N GLN C 200 27.09 14.54 12.03
CA GLN C 200 25.95 15.12 11.38
C GLN C 200 24.74 14.33 11.85
N LEU C 201 23.78 15.01 12.45
CA LEU C 201 22.60 14.32 12.95
C LEU C 201 21.82 13.73 11.78
N GLN C 202 21.36 12.50 11.94
CA GLN C 202 20.59 11.83 10.91
C GLN C 202 19.18 11.63 11.46
N MET C 203 18.20 11.76 10.59
CA MET C 203 16.83 11.75 11.04
C MET C 203 16.00 10.81 10.16
N GLY C 204 14.80 10.56 10.62
CA GLY C 204 13.80 9.85 9.84
C GLY C 204 12.50 10.63 9.93
N PHE C 205 11.78 10.68 8.82
CA PHE C 205 10.50 11.34 8.78
C PHE C 205 9.43 10.35 8.31
N GLY C 206 8.28 10.39 8.97
CA GLY C 206 7.11 9.65 8.56
C GLY C 206 6.05 10.61 8.08
N ILE C 207 5.43 10.26 6.96
CA ILE C 207 4.32 11.02 6.43
C ILE C 207 3.16 10.08 6.23
N THR C 208 2.02 10.47 6.77
CA THR C 208 0.79 9.74 6.56
C THR C 208 -0.25 10.75 6.12
N VAL C 209 -1.00 10.39 5.09
CA VAL C 209 -1.99 11.28 4.52
C VAL C 209 -3.32 10.55 4.45
N GLN C 210 -4.40 11.32 4.59
CA GLN C 210 -5.75 10.83 4.47
C GLN C 210 -6.43 11.71 3.44
N TYR C 211 -7.05 11.11 2.45
CA TYR C 211 -7.88 11.85 1.52
C TYR C 211 -9.29 11.98 2.07
N GLY C 212 -9.86 13.16 1.95
CA GLY C 212 -11.21 13.40 2.39
C GLY C 212 -12.23 13.01 1.35
N THR C 213 -13.44 12.68 1.82
CA THR C 213 -14.49 12.30 0.90
C THR C 213 -14.95 13.49 0.08
N ASP C 214 -15.00 14.67 0.70
CA ASP C 214 -15.40 15.89 -0.02
C ASP C 214 -14.37 17.00 0.06
N THR C 215 -13.77 17.26 1.23
CA THR C 215 -12.88 18.40 1.37
C THR C 215 -11.47 17.88 1.56
N ASN C 216 -10.55 18.32 0.71
CA ASN C 216 -9.13 18.09 0.88
C ASN C 216 -8.54 19.49 0.89
N SER C 217 -8.20 19.98 2.07
CA SER C 217 -7.82 21.36 2.27
C SER C 217 -6.33 21.51 2.57
N VAL C 218 -5.60 20.41 2.68
CA VAL C 218 -4.15 20.46 2.75
C VAL C 218 -3.66 20.38 1.32
N CYS C 219 -3.26 21.51 0.77
CA CYS C 219 -2.97 21.59 -0.65
C CYS C 219 -1.56 22.09 -0.93
N PRO C 220 -1.01 21.83 -2.10
CA PRO C 220 0.35 22.27 -2.41
C PRO C 220 0.39 23.76 -2.71
N LYS C 221 1.60 24.30 -2.74
CA LYS C 221 1.79 25.71 -3.07
C LYS C 221 2.04 25.79 -4.58
N LEU C 222 1.11 26.42 -5.30
CA LEU C 222 1.13 26.53 -6.76
C LEU C 222 2.42 27.16 -7.31
N VAL D 2 28.54 -16.19 42.74
CA VAL D 2 29.00 -14.84 43.03
C VAL D 2 28.42 -14.43 44.38
N GLN D 3 29.06 -13.52 45.10
CA GLN D 3 28.65 -13.22 46.48
C GLN D 3 28.08 -11.81 46.61
N LEU D 4 27.12 -11.67 47.53
CA LEU D 4 26.55 -10.40 47.94
C LEU D 4 26.70 -10.25 49.45
N GLN D 5 27.23 -9.13 49.92
CA GLN D 5 27.48 -8.95 51.35
C GLN D 5 26.86 -7.64 51.80
N GLU D 6 26.22 -7.67 52.97
CA GLU D 6 25.33 -6.60 53.42
C GLU D 6 25.75 -5.96 54.73
N SER D 7 25.26 -4.72 54.91
CA SER D 7 25.42 -3.92 56.11
C SER D 7 24.13 -3.17 56.44
N GLY D 8 24.16 -2.53 57.60
CA GLY D 8 23.19 -1.52 57.99
C GLY D 8 22.14 -1.98 58.97
N GLY D 9 21.97 -3.29 59.15
CA GLY D 9 20.96 -3.77 60.06
C GLY D 9 21.31 -3.47 61.50
N GLY D 10 20.29 -3.26 62.31
CA GLY D 10 20.51 -3.00 63.73
C GLY D 10 19.19 -2.77 64.41
N SER D 11 19.28 -2.50 65.70
CA SER D 11 18.09 -2.20 66.49
C SER D 11 17.85 -0.70 66.43
N VAL D 12 16.59 -0.34 66.24
CA VAL D 12 16.21 1.06 66.10
C VAL D 12 14.83 1.23 66.70
N GLN D 13 14.63 2.33 67.40
CA GLN D 13 13.31 2.60 67.93
C GLN D 13 12.38 3.07 66.81
N ALA D 14 11.08 3.01 67.10
CA ALA D 14 10.09 3.31 66.07
C ALA D 14 10.23 4.74 65.59
N GLY D 15 10.07 4.92 64.28
CA GLY D 15 10.21 6.23 63.68
C GLY D 15 11.63 6.58 63.30
N GLY D 16 12.61 5.78 63.70
CA GLY D 16 13.99 6.08 63.38
C GLY D 16 14.35 5.76 61.94
N SER D 17 15.62 5.97 61.63
CA SER D 17 16.14 5.82 60.28
C SER D 17 17.24 4.77 60.28
N LEU D 18 17.47 4.21 59.09
CA LEU D 18 18.47 3.17 58.95
C LEU D 18 18.83 3.06 57.48
N ARG D 19 20.08 2.67 57.22
CA ARG D 19 20.56 2.51 55.85
C ARG D 19 21.27 1.15 55.72
N LEU D 20 20.89 0.40 54.70
CA LEU D 20 21.51 -0.87 54.37
C LEU D 20 22.45 -0.66 53.20
N SER D 21 23.38 -1.60 53.04
CA SER D 21 24.26 -1.61 51.87
C SER D 21 24.49 -3.04 51.43
N CYS D 22 24.63 -3.22 50.12
CA CYS D 22 24.78 -4.54 49.51
C CYS D 22 25.90 -4.47 48.47
N VAL D 23 27.03 -5.01 48.82
CA VAL D 23 28.17 -5.04 47.90
C VAL D 23 28.14 -6.32 47.09
N ALA D 24 28.38 -6.17 45.78
CA ALA D 24 28.41 -7.29 44.84
C ALA D 24 29.86 -7.62 44.49
N SER D 25 30.47 -8.56 45.21
CA SER D 25 31.79 -9.06 44.87
C SER D 25 31.67 -10.23 43.89
N GLY D 26 31.07 -9.95 42.75
CA GLY D 26 30.64 -11.01 41.88
C GLY D 26 31.75 -11.50 40.98
N SER D 27 31.66 -12.80 40.65
CA SER D 27 32.55 -13.36 39.65
C SER D 27 32.28 -12.72 38.28
N ILE D 28 31.02 -12.49 37.96
CA ILE D 28 30.59 -11.91 36.69
C ILE D 28 29.97 -10.55 36.97
N PHE D 29 30.00 -9.68 35.96
CA PHE D 29 29.43 -8.34 36.01
C PHE D 29 28.04 -8.24 35.38
N SER D 30 27.40 -9.35 35.06
CA SER D 30 26.22 -9.29 34.19
C SER D 30 24.92 -8.98 34.90
N ILE D 31 24.96 -8.50 36.15
CA ILE D 31 23.72 -8.14 36.82
C ILE D 31 23.09 -6.93 36.16
N ASN D 32 21.80 -7.03 35.84
CA ASN D 32 21.06 -5.93 35.25
C ASN D 32 20.01 -5.37 36.18
N ALA D 33 19.74 -6.01 37.30
CA ALA D 33 18.88 -5.40 38.30
C ALA D 33 19.12 -6.06 39.65
N MET D 34 18.96 -5.27 40.72
CA MET D 34 19.18 -5.74 42.08
C MET D 34 18.04 -5.35 43.00
N ASP D 35 17.69 -6.27 43.90
CA ASP D 35 16.46 -6.21 44.68
C ASP D 35 16.76 -6.35 46.15
N TRP D 36 15.92 -5.75 46.99
CA TRP D 36 15.96 -5.96 48.42
C TRP D 36 14.71 -6.70 48.86
N TYR D 37 14.91 -7.80 49.59
CA TYR D 37 13.83 -8.58 50.14
C TYR D 37 13.98 -8.59 51.65
N ARG D 38 12.89 -8.90 52.35
CA ARG D 38 12.89 -8.99 53.80
C ARG D 38 11.98 -10.15 54.20
N GLN D 39 12.28 -10.79 55.32
CA GLN D 39 11.45 -11.89 55.78
C GLN D 39 11.17 -11.72 57.25
N ALA D 40 9.89 -11.67 57.61
CA ALA D 40 9.76 -11.77 59.05
C ALA D 40 9.78 -13.24 59.45
N PRO D 41 10.51 -13.59 60.53
CA PRO D 41 10.58 -15.00 60.94
C PRO D 41 9.20 -15.62 61.10
N GLY D 42 8.89 -16.61 60.26
CA GLY D 42 7.57 -17.22 60.26
C GLY D 42 6.63 -16.79 59.15
N LYS D 43 7.02 -15.85 58.29
CA LYS D 43 6.19 -15.37 57.19
C LYS D 43 7.00 -15.38 55.90
N GLN D 44 6.32 -15.17 54.77
CA GLN D 44 6.96 -15.38 53.48
C GLN D 44 7.84 -14.18 53.08
N ARG D 45 8.97 -14.50 52.44
CA ARG D 45 9.91 -13.49 51.96
C ARG D 45 9.26 -12.58 50.91
N GLU D 46 9.32 -11.25 51.13
CA GLU D 46 8.59 -10.30 50.29
C GLU D 46 9.49 -9.17 49.78
N LEU D 47 9.10 -8.63 48.62
CA LEU D 47 9.91 -7.63 47.92
C LEU D 47 9.72 -6.25 48.52
N VAL D 48 10.83 -5.60 48.85
CA VAL D 48 10.83 -4.26 49.41
C VAL D 48 11.15 -3.23 48.35
N ALA D 49 12.28 -3.41 47.65
CA ALA D 49 12.68 -2.45 46.63
C ALA D 49 13.55 -3.15 45.61
N GLY D 50 13.70 -2.51 44.45
CA GLY D 50 14.55 -3.02 43.39
C GLY D 50 14.96 -1.91 42.45
N ILE D 51 16.16 -2.04 41.89
CA ILE D 51 16.66 -1.07 40.94
C ILE D 51 17.29 -1.82 39.77
N THR D 52 17.25 -1.20 38.60
CA THR D 52 17.60 -1.86 37.36
C THR D 52 18.78 -1.17 36.68
N SER D 53 19.21 -1.78 35.58
CA SER D 53 20.27 -1.24 34.75
C SER D 53 19.98 0.20 34.36
N GLY D 54 18.76 0.44 33.86
CA GLY D 54 18.26 1.73 33.45
C GLY D 54 17.82 2.64 34.57
N GLY D 55 17.99 2.21 35.81
CA GLY D 55 17.64 3.09 36.89
C GLY D 55 16.17 3.16 37.20
N SER D 56 15.35 2.32 36.57
CA SER D 56 13.94 2.27 36.93
C SER D 56 13.80 1.57 38.29
N THR D 57 13.24 2.31 39.25
CA THR D 57 13.06 1.94 40.65
C THR D 57 11.67 1.40 40.92
N ASN D 58 11.57 0.48 41.89
CA ASN D 58 10.26 0.01 42.30
C ASN D 58 10.28 -0.38 43.77
N TYR D 59 9.16 -0.15 44.46
CA TYR D 59 9.06 -0.36 45.90
C TYR D 59 7.84 -1.22 46.21
N GLY D 60 7.87 -1.87 47.38
CA GLY D 60 6.82 -2.79 47.77
C GLY D 60 5.50 -2.11 48.09
N ASP D 61 4.43 -2.92 48.09
CA ASP D 61 3.06 -2.44 48.32
C ASP D 61 2.82 -2.09 49.78
N PHE D 62 3.78 -1.45 50.44
CA PHE D 62 3.65 -1.13 51.86
C PHE D 62 4.66 -0.06 52.25
N VAL D 63 5.59 0.27 51.34
CA VAL D 63 6.51 1.36 51.58
C VAL D 63 5.84 2.60 51.00
N LYS D 64 5.45 3.53 51.85
CA LYS D 64 4.74 4.71 51.40
C LYS D 64 5.73 5.87 51.36
N GLY D 65 6.64 5.76 50.39
CA GLY D 65 7.71 6.74 50.22
C GLY D 65 8.70 6.75 51.35
N ARG D 66 8.57 5.80 52.28
CA ARG D 66 9.42 5.78 53.47
C ARG D 66 10.84 5.36 53.12
N PHE D 67 11.00 4.40 52.21
CA PHE D 67 12.31 3.90 51.83
C PHE D 67 12.72 4.47 50.47
N THR D 68 14.04 4.56 50.25
CA THR D 68 14.60 5.06 48.99
C THR D 68 15.83 4.25 48.62
N ILE D 69 15.84 3.75 47.40
CA ILE D 69 16.95 2.94 46.90
C ILE D 69 17.85 3.80 46.02
N SER D 70 19.15 3.53 46.08
CA SER D 70 20.12 4.22 45.25
C SER D 70 21.22 3.25 44.91
N ARG D 71 22.00 3.57 43.89
CA ARG D 71 23.07 2.67 43.49
C ARG D 71 24.29 3.49 43.14
N ASP D 72 25.46 3.00 43.54
CA ASP D 72 26.73 3.52 43.05
C ASP D 72 27.36 2.48 42.12
N ASN D 73 27.17 2.68 40.82
CA ASN D 73 27.67 1.72 39.82
C ASN D 73 29.18 1.77 39.70
N ALA D 74 29.83 2.77 40.30
CA ALA D 74 31.28 2.88 40.17
C ALA D 74 31.99 1.70 40.82
N LYS D 75 31.45 1.17 41.91
CA LYS D 75 32.09 0.02 42.56
C LYS D 75 31.07 -0.94 43.19
N ASN D 76 30.11 -1.39 42.38
CA ASN D 76 29.31 -2.58 42.63
C ASN D 76 28.60 -2.59 43.99
N THR D 77 27.89 -1.51 44.32
CA THR D 77 27.22 -1.47 45.62
C THR D 77 25.87 -0.77 45.51
N VAL D 78 24.90 -1.22 46.32
CA VAL D 78 23.53 -0.68 46.35
C VAL D 78 23.14 -0.30 47.77
N TYR D 79 22.57 0.89 47.93
CA TYR D 79 22.08 1.39 49.21
C TYR D 79 20.56 1.37 49.29
N LEU D 80 20.05 1.15 50.50
CA LEU D 80 18.62 1.22 50.80
C LEU D 80 18.44 2.07 52.05
N GLN D 81 17.90 3.28 51.87
CA GLN D 81 17.68 4.20 52.98
C GLN D 81 16.29 3.96 53.54
N MET D 82 16.19 3.78 54.86
CA MET D 82 14.93 3.43 55.47
C MET D 82 14.59 4.48 56.52
N ASP D 83 13.43 5.12 56.37
CA ASP D 83 12.97 6.17 57.28
C ASP D 83 11.61 5.82 57.84
N SER D 84 11.29 6.46 58.97
CA SER D 84 9.97 6.33 59.58
C SER D 84 9.61 4.86 59.78
N LEU D 85 10.57 4.14 60.35
CA LEU D 85 10.41 2.71 60.58
C LEU D 85 9.29 2.45 61.58
N LYS D 86 8.68 1.29 61.46
CA LYS D 86 7.61 0.87 62.35
C LYS D 86 7.91 -0.55 62.80
N PRO D 87 7.38 -0.98 63.95
CA PRO D 87 7.63 -2.36 64.40
C PRO D 87 7.20 -3.37 63.37
N GLU D 88 6.27 -3.00 62.50
CA GLU D 88 5.84 -3.88 61.43
C GLU D 88 6.96 -4.13 60.42
N ASP D 89 8.01 -3.31 60.41
CA ASP D 89 9.14 -3.52 59.50
C ASP D 89 10.23 -4.45 60.03
N THR D 90 10.07 -5.04 61.23
CA THR D 90 11.11 -5.91 61.77
C THR D 90 11.22 -7.21 61.01
N ALA D 91 12.40 -7.43 60.43
CA ALA D 91 12.68 -8.63 59.65
C ALA D 91 14.18 -8.70 59.39
N VAL D 92 14.58 -9.77 58.71
CA VAL D 92 15.92 -9.89 58.17
C VAL D 92 15.85 -9.50 56.71
N TYR D 93 16.60 -8.47 56.35
CA TYR D 93 16.55 -7.95 54.99
C TYR D 93 17.69 -8.57 54.21
N TYR D 94 17.40 -9.07 53.00
CA TYR D 94 18.41 -9.64 52.12
C TYR D 94 18.46 -8.80 50.87
N CYS D 95 19.60 -8.80 50.21
CA CYS D 95 19.68 -8.20 48.89
C CYS D 95 19.92 -9.33 47.89
N ALA D 96 19.45 -9.12 46.67
CA ALA D 96 19.42 -10.17 45.69
C ALA D 96 19.85 -9.58 44.36
N ALA D 97 20.29 -10.46 43.49
CA ALA D 97 20.81 -10.08 42.19
C ALA D 97 20.07 -10.86 41.13
N GLU D 98 19.82 -10.20 40.00
CA GLU D 98 19.27 -10.82 38.81
C GLU D 98 20.35 -10.77 37.76
N VAL D 99 20.75 -11.94 37.27
CA VAL D 99 21.68 -12.01 36.14
C VAL D 99 20.85 -12.26 34.90
N GLY D 100 20.97 -11.36 33.92
CA GLY D 100 20.07 -11.43 32.79
C GLY D 100 18.62 -11.35 33.18
N GLY D 101 18.29 -10.48 34.13
CA GLY D 101 16.91 -10.39 34.57
C GLY D 101 16.03 -9.81 33.48
N TRP D 102 14.87 -10.43 33.29
CA TRP D 102 13.86 -9.98 32.33
C TRP D 102 12.49 -10.35 32.86
N GLY D 103 11.65 -9.35 33.06
CA GLY D 103 10.35 -9.55 33.64
C GLY D 103 10.32 -9.50 35.16
N PRO D 104 9.38 -10.24 35.76
CA PRO D 104 9.20 -10.15 37.20
C PRO D 104 10.44 -10.62 37.92
N PRO D 105 10.78 -10.01 39.05
CA PRO D 105 12.04 -10.37 39.72
C PRO D 105 12.02 -11.81 40.19
N ARG D 106 12.93 -12.60 39.63
CA ARG D 106 13.18 -13.99 39.98
C ARG D 106 14.68 -14.08 40.23
N PRO D 107 15.13 -13.73 41.44
CA PRO D 107 16.57 -13.54 41.69
C PRO D 107 17.37 -14.82 41.60
N ASP D 108 18.64 -14.64 41.22
CA ASP D 108 19.61 -15.72 41.05
C ASP D 108 20.62 -15.83 42.19
N TYR D 109 20.98 -14.74 42.84
CA TYR D 109 21.97 -14.77 43.90
C TYR D 109 21.47 -13.96 45.08
N TRP D 110 21.75 -14.44 46.30
CA TRP D 110 21.27 -13.83 47.53
C TRP D 110 22.45 -13.58 48.46
N GLY D 111 22.22 -12.65 49.39
CA GLY D 111 23.14 -12.40 50.48
C GLY D 111 22.71 -13.13 51.75
N HIS D 112 23.55 -13.00 52.78
CA HIS D 112 23.22 -13.57 54.08
C HIS D 112 22.18 -12.78 54.82
N GLY D 113 21.80 -11.62 54.32
CA GLY D 113 20.76 -10.86 54.98
C GLY D 113 21.19 -10.13 56.23
N THR D 114 20.76 -8.89 56.36
CA THR D 114 20.96 -8.22 57.63
C THR D 114 19.63 -8.08 58.35
N GLN D 115 19.69 -7.97 59.66
CA GLN D 115 18.50 -7.97 60.52
C GLN D 115 18.19 -6.55 60.98
N VAL D 116 16.92 -6.16 60.86
CA VAL D 116 16.42 -4.90 61.40
C VAL D 116 15.36 -5.19 62.47
N THR D 117 15.51 -4.56 63.64
CA THR D 117 14.52 -4.70 64.71
C THR D 117 14.04 -3.30 65.10
N VAL D 118 12.75 -3.19 65.40
CA VAL D 118 12.13 -1.90 65.69
C VAL D 118 11.37 -2.00 67.00
N SER D 119 11.61 -1.04 67.89
CA SER D 119 10.96 -0.97 69.19
C SER D 119 9.78 -0.02 69.06
N SER D 120 8.65 -0.45 69.62
CA SER D 120 7.39 0.26 69.45
C SER D 120 7.41 1.75 69.76
N GLY D 121 8.38 2.27 70.48
CA GLY D 121 8.37 3.67 70.88
C GLY D 121 9.62 4.46 70.55
N SER D 122 9.42 5.72 70.18
CA SER D 122 10.51 6.66 69.93
C SER D 122 11.03 7.30 71.22
N LEU D 123 10.13 7.96 71.96
CA LEU D 123 10.38 8.40 73.33
C LEU D 123 9.62 7.46 74.26
N GLU D 124 10.34 6.45 74.75
CA GLU D 124 9.74 5.39 75.57
C GLU D 124 9.25 5.94 76.91
N VAL D 125 10.11 6.72 77.58
CA VAL D 125 9.90 7.10 78.97
C VAL D 125 11.11 7.87 79.49
N ALA E 12 0.59 -50.11 -20.53
CA ALA E 12 1.23 -49.06 -19.74
C ALA E 12 2.33 -49.64 -18.85
N GLU E 13 3.55 -49.64 -19.37
CA GLU E 13 4.71 -50.11 -18.62
C GLU E 13 5.35 -48.99 -17.82
N GLY E 14 5.65 -49.27 -16.57
CA GLY E 14 6.22 -48.30 -15.65
C GLY E 14 5.51 -48.63 -14.37
N VAL E 15 6.21 -48.46 -13.25
CA VAL E 15 5.63 -48.80 -11.96
C VAL E 15 4.72 -47.66 -11.54
N GLU E 16 3.54 -48.01 -11.06
CA GLU E 16 2.60 -47.05 -10.53
C GLU E 16 3.01 -46.64 -9.12
N CYS E 17 2.78 -45.38 -8.77
CA CYS E 17 3.15 -44.90 -7.44
C CYS E 17 2.40 -45.66 -6.36
N ASP E 18 3.16 -46.16 -5.39
CA ASP E 18 2.63 -47.04 -4.34
C ASP E 18 2.42 -46.27 -3.04
N PHE E 19 1.16 -45.90 -2.76
CA PHE E 19 0.78 -45.28 -1.49
C PHE E 19 0.55 -46.31 -0.37
N SER E 20 0.91 -47.57 -0.59
CA SER E 20 0.60 -48.61 0.40
C SER E 20 1.16 -48.32 1.79
N PRO E 21 2.38 -47.79 1.96
CA PRO E 21 2.85 -47.56 3.33
C PRO E 21 1.90 -46.71 4.14
N LEU E 22 1.10 -45.88 3.46
CA LEU E 22 0.16 -44.99 4.12
C LEU E 22 -1.14 -45.68 4.52
N LEU E 23 -1.54 -46.74 3.83
CA LEU E 23 -2.79 -47.40 4.18
C LEU E 23 -2.67 -48.29 5.42
N SER E 24 -1.49 -48.74 5.78
CA SER E 24 -1.32 -49.69 6.87
C SER E 24 -0.53 -49.03 7.99
N GLY E 25 -1.13 -48.99 9.18
CA GLY E 25 -0.48 -48.54 10.39
C GLY E 25 -1.18 -47.35 11.01
N THR E 26 -0.49 -46.72 11.96
CA THR E 26 -1.01 -45.55 12.66
C THR E 26 -0.39 -44.28 12.10
N PRO E 27 -1.19 -43.33 11.63
CA PRO E 27 -0.63 -42.06 11.16
C PRO E 27 0.12 -41.35 12.28
N PRO E 28 1.32 -40.85 12.00
CA PRO E 28 2.09 -40.18 13.05
C PRO E 28 1.48 -38.83 13.34
N GLN E 29 1.99 -38.18 14.38
CA GLN E 29 1.55 -36.83 14.69
C GLN E 29 2.15 -35.83 13.71
N VAL E 30 1.68 -34.58 13.78
CA VAL E 30 2.04 -33.59 12.77
C VAL E 30 3.55 -33.35 12.75
N TYR E 31 4.18 -33.31 13.92
CA TYR E 31 5.62 -33.10 13.97
C TYR E 31 6.42 -34.34 13.61
N ASN E 32 5.78 -35.51 13.50
CA ASN E 32 6.45 -36.73 13.07
C ASN E 32 5.94 -37.17 11.69
N PHE E 33 5.54 -36.20 10.87
CA PHE E 33 4.93 -36.47 9.58
C PHE E 33 5.78 -37.42 8.76
N LYS E 34 5.14 -38.44 8.20
CA LYS E 34 5.81 -39.40 7.34
C LYS E 34 5.95 -38.85 5.93
N ARG E 35 7.11 -39.06 5.31
CA ARG E 35 7.43 -38.46 4.02
C ARG E 35 7.64 -39.56 2.98
N LEU E 36 6.89 -39.49 1.88
CA LEU E 36 7.00 -40.42 0.76
C LEU E 36 7.47 -39.63 -0.44
N VAL E 37 8.58 -40.03 -1.04
CA VAL E 37 9.14 -39.34 -2.19
C VAL E 37 9.08 -40.29 -3.38
N PHE E 38 8.63 -39.78 -4.51
CA PHE E 38 8.49 -40.59 -5.72
C PHE E 38 9.24 -39.90 -6.85
N THR E 39 10.12 -40.64 -7.52
CA THR E 39 11.03 -40.05 -8.49
C THR E 39 10.71 -40.50 -9.91
N ASN E 40 10.17 -41.70 -10.05
CA ASN E 40 9.76 -42.27 -11.32
C ASN E 40 8.50 -43.05 -11.00
N CYS E 41 7.43 -42.76 -11.73
CA CYS E 41 6.11 -43.15 -11.30
C CYS E 41 5.02 -42.87 -12.31
N ASN E 42 3.98 -43.68 -12.30
CA ASN E 42 2.65 -43.28 -12.73
C ASN E 42 1.80 -43.20 -11.47
N TYR E 43 1.03 -42.14 -11.31
CA TYR E 43 0.25 -42.00 -10.08
C TYR E 43 -1.21 -41.72 -10.42
N ASN E 44 -2.09 -42.00 -9.45
CA ASN E 44 -3.51 -41.66 -9.61
C ASN E 44 -3.93 -41.06 -8.28
N LEU E 45 -3.96 -39.73 -8.19
CA LEU E 45 -4.38 -39.10 -6.94
C LEU E 45 -5.84 -39.38 -6.63
N THR E 46 -6.69 -39.43 -7.66
CA THR E 46 -8.08 -39.79 -7.42
C THR E 46 -8.17 -41.18 -6.81
N LYS E 47 -7.28 -42.09 -7.22
CA LYS E 47 -7.24 -43.43 -6.63
C LYS E 47 -6.97 -43.35 -5.14
N LEU E 48 -6.03 -42.49 -4.73
CA LEU E 48 -5.73 -42.33 -3.32
C LEU E 48 -6.81 -41.56 -2.59
N LEU E 49 -7.29 -40.47 -3.19
CA LEU E 49 -8.26 -39.60 -2.51
C LEU E 49 -9.66 -40.19 -2.48
N SER E 50 -9.96 -41.17 -3.34
CA SER E 50 -11.24 -41.83 -3.26
C SER E 50 -11.40 -42.65 -1.97
N LEU E 51 -10.29 -42.97 -1.29
CA LEU E 51 -10.38 -43.74 -0.04
C LEU E 51 -10.73 -42.88 1.16
N PHE E 52 -10.49 -41.58 1.12
CA PHE E 52 -10.75 -40.71 2.26
C PHE E 52 -11.92 -39.77 1.99
N SER E 53 -12.38 -39.13 3.06
CA SER E 53 -13.43 -38.12 3.01
C SER E 53 -12.71 -36.78 3.04
N VAL E 54 -12.47 -36.21 1.86
CA VAL E 54 -11.70 -34.96 1.80
C VAL E 54 -12.55 -33.81 2.31
N ASN E 55 -11.99 -33.02 3.24
CA ASN E 55 -12.67 -31.86 3.79
C ASN E 55 -12.14 -30.55 3.23
N ASP E 56 -10.82 -30.41 3.13
CA ASP E 56 -10.20 -29.21 2.61
C ASP E 56 -9.13 -29.61 1.61
N PHE E 57 -8.98 -28.79 0.59
CA PHE E 57 -7.94 -29.04 -0.41
C PHE E 57 -7.49 -27.67 -0.92
N THR E 58 -6.46 -27.14 -0.28
CA THR E 58 -5.98 -25.79 -0.57
C THR E 58 -4.52 -25.85 -0.98
N CYS E 59 -4.18 -25.11 -2.04
CA CYS E 59 -2.86 -25.21 -2.63
C CYS E 59 -2.20 -23.85 -2.73
N SER E 60 -0.89 -23.89 -2.95
CA SER E 60 -0.04 -22.73 -3.09
C SER E 60 0.71 -22.85 -4.42
N GLN E 61 0.58 -21.83 -5.28
CA GLN E 61 1.26 -21.77 -6.57
C GLN E 61 0.88 -22.94 -7.49
N ILE E 62 -0.24 -23.57 -7.21
CA ILE E 62 -0.80 -24.62 -8.05
C ILE E 62 -2.28 -24.79 -7.68
N SER E 63 -3.02 -25.59 -8.44
CA SER E 63 -4.44 -25.77 -8.24
C SER E 63 -4.80 -27.23 -8.04
N PRO E 64 -5.95 -27.52 -7.42
CA PRO E 64 -6.37 -28.93 -7.27
C PRO E 64 -6.47 -29.66 -8.60
N ALA E 65 -6.96 -28.98 -9.64
CA ALA E 65 -7.01 -29.64 -10.94
C ALA E 65 -5.62 -29.87 -11.47
N ALA E 66 -4.71 -28.92 -11.24
CA ALA E 66 -3.37 -29.03 -11.80
C ALA E 66 -2.50 -30.05 -11.08
N ILE E 67 -2.74 -30.27 -9.77
CA ILE E 67 -1.88 -31.16 -8.99
C ILE E 67 -2.02 -32.60 -9.46
N ALA E 68 -3.16 -32.97 -10.02
CA ALA E 68 -3.38 -34.32 -10.52
C ALA E 68 -3.18 -34.43 -12.03
N SER E 69 -2.78 -33.35 -12.69
CA SER E 69 -2.78 -33.28 -14.14
C SER E 69 -1.40 -33.06 -14.75
N ASN E 70 -0.33 -33.03 -13.96
CA ASN E 70 0.96 -32.60 -14.46
C ASN E 70 2.06 -33.61 -14.15
N CYS E 71 3.13 -33.54 -14.92
CA CYS E 71 4.31 -34.38 -14.73
C CYS E 71 5.42 -33.65 -13.97
N TYR E 72 6.05 -34.36 -13.04
CA TYR E 72 7.01 -33.76 -12.13
C TYR E 72 8.27 -34.58 -12.12
N SER E 73 9.35 -33.94 -11.65
CA SER E 73 10.61 -34.64 -11.42
C SER E 73 10.57 -35.38 -10.09
N SER E 74 9.81 -34.88 -9.13
CA SER E 74 9.56 -35.57 -7.87
C SER E 74 8.20 -35.13 -7.32
N LEU E 75 7.58 -36.05 -6.60
CA LEU E 75 6.33 -35.79 -5.91
C LEU E 75 6.53 -36.25 -4.47
N ILE E 76 6.29 -35.35 -3.54
CA ILE E 76 6.56 -35.59 -2.14
C ILE E 76 5.23 -35.51 -1.42
N LEU E 77 4.89 -36.57 -0.70
CA LEU E 77 3.63 -36.67 0.01
C LEU E 77 3.93 -36.87 1.48
N ASP E 78 3.53 -35.90 2.28
CA ASP E 78 3.57 -35.99 3.73
C ASP E 78 2.18 -36.29 4.24
N TYR E 79 2.09 -37.21 5.20
CA TYR E 79 0.84 -37.57 5.84
C TYR E 79 1.08 -37.69 7.33
N PHE E 80 0.03 -37.45 8.10
CA PHE E 80 0.06 -37.38 9.55
C PHE E 80 -1.36 -37.29 10.09
N SER E 81 -1.53 -37.59 11.38
CA SER E 81 -2.80 -37.42 12.06
C SER E 81 -3.04 -35.94 12.35
N TYR E 82 -4.24 -35.46 12.02
CA TYR E 82 -4.52 -34.06 12.22
C TYR E 82 -6.01 -33.81 12.41
N PRO E 83 -6.42 -33.15 13.50
CA PRO E 83 -7.84 -32.94 13.76
C PRO E 83 -8.37 -31.71 13.04
N LEU E 84 -9.64 -31.80 12.64
CA LEU E 84 -10.24 -30.71 11.89
C LEU E 84 -10.45 -29.46 12.72
N SER E 85 -10.54 -29.57 14.05
CA SER E 85 -10.73 -28.36 14.84
C SER E 85 -9.54 -27.42 14.70
N MET E 86 -8.38 -27.96 14.32
CA MET E 86 -7.17 -27.18 14.06
C MET E 86 -6.94 -26.98 12.56
N LYS E 87 -7.98 -27.08 11.74
CA LYS E 87 -7.86 -26.79 10.32
C LYS E 87 -7.43 -25.34 10.08
N SER E 88 -7.79 -24.45 11.01
CA SER E 88 -7.44 -23.04 10.91
C SER E 88 -5.95 -22.81 11.02
N ASP E 89 -5.25 -23.66 11.77
CA ASP E 89 -3.82 -23.52 11.98
C ASP E 89 -2.99 -24.28 10.95
N LEU E 90 -3.66 -24.93 9.98
CA LEU E 90 -3.01 -25.72 8.93
C LEU E 90 -3.17 -24.99 7.59
N SER E 91 -2.30 -24.01 7.36
CA SER E 91 -2.24 -23.30 6.10
C SER E 91 -0.78 -23.04 5.75
N VAL E 92 -0.55 -22.72 4.47
CA VAL E 92 0.82 -22.56 3.98
C VAL E 92 1.44 -21.28 4.51
N SER E 93 0.70 -20.19 4.44
CA SER E 93 1.18 -18.91 4.91
C SER E 93 1.08 -18.76 6.42
N SER E 94 0.76 -19.83 7.14
CA SER E 94 0.33 -19.70 8.51
C SER E 94 1.44 -19.12 9.40
N ALA E 95 0.99 -18.58 10.54
CA ALA E 95 1.87 -18.28 11.67
C ALA E 95 1.34 -18.93 12.95
N GLY E 96 0.42 -19.87 12.86
CA GLY E 96 0.01 -20.65 14.00
C GLY E 96 1.09 -21.61 14.47
N PRO E 97 0.90 -22.23 15.63
CA PRO E 97 1.94 -23.10 16.19
C PRO E 97 2.23 -24.32 15.34
N ILE E 98 1.29 -24.75 14.49
CA ILE E 98 1.55 -25.92 13.66
C ILE E 98 2.66 -25.61 12.67
N SER E 99 2.41 -24.66 11.78
CA SER E 99 3.41 -24.31 10.79
C SER E 99 4.54 -23.44 11.38
N GLN E 100 4.53 -23.20 12.69
CA GLN E 100 5.63 -22.50 13.35
C GLN E 100 6.65 -23.45 13.94
N PHE E 101 6.17 -24.52 14.61
CA PHE E 101 7.03 -25.48 15.31
C PHE E 101 6.86 -26.93 14.92
N ASN E 102 5.98 -27.27 13.99
CA ASN E 102 5.66 -28.67 13.74
C ASN E 102 6.00 -29.13 12.33
N TYR E 103 5.47 -28.48 11.29
CA TYR E 103 5.57 -28.97 9.92
C TYR E 103 5.48 -27.81 8.95
N LYS E 104 6.51 -27.61 8.15
CA LYS E 104 6.49 -26.53 7.16
C LYS E 104 6.89 -27.07 5.81
N GLN E 105 6.18 -26.64 4.78
CA GLN E 105 6.46 -27.14 3.45
C GLN E 105 7.08 -26.02 2.63
N SER E 106 7.73 -26.42 1.54
CA SER E 106 8.65 -25.51 0.87
C SER E 106 7.90 -24.29 0.35
N PHE E 107 8.55 -23.13 0.44
CA PHE E 107 7.97 -21.93 -0.15
C PHE E 107 8.12 -21.95 -1.66
N SER E 108 9.32 -22.25 -2.14
CA SER E 108 9.61 -22.13 -3.56
C SER E 108 8.89 -23.16 -4.41
N ASN E 109 8.27 -24.17 -3.81
CA ASN E 109 7.69 -25.15 -4.71
C ASN E 109 6.17 -25.13 -4.61
N PRO E 110 5.48 -25.56 -5.67
CA PRO E 110 4.04 -25.75 -5.58
C PRO E 110 3.71 -26.75 -4.48
N THR E 111 2.62 -26.46 -3.77
CA THR E 111 2.33 -26.99 -2.45
C THR E 111 0.84 -27.24 -2.32
N CYS E 112 0.46 -28.33 -1.67
CA CYS E 112 -0.95 -28.57 -1.40
C CYS E 112 -1.12 -29.07 0.01
N LEU E 113 -2.35 -29.01 0.47
CA LEU E 113 -2.63 -29.29 1.86
C LEU E 113 -4.05 -29.84 1.93
N ILE E 114 -4.18 -31.09 2.35
CA ILE E 114 -5.45 -31.78 2.35
C ILE E 114 -5.82 -32.14 3.77
N LEU E 115 -7.09 -31.92 4.13
CA LEU E 115 -7.64 -32.41 5.38
C LEU E 115 -8.73 -33.42 5.04
N ALA E 116 -8.64 -34.59 5.63
CA ALA E 116 -9.58 -35.65 5.28
C ALA E 116 -9.88 -36.50 6.50
N THR E 117 -11.10 -37.01 6.53
CA THR E 117 -11.49 -38.01 7.51
C THR E 117 -11.40 -39.38 6.86
N VAL E 118 -10.85 -40.35 7.58
CA VAL E 118 -10.74 -41.72 7.09
C VAL E 118 -12.00 -42.46 7.50
N PRO E 119 -12.78 -43.01 6.57
CA PRO E 119 -14.08 -43.55 6.96
C PRO E 119 -13.90 -44.91 7.62
N HIS E 120 -14.90 -45.31 8.38
CA HIS E 120 -14.83 -46.57 9.10
C HIS E 120 -14.77 -47.77 8.16
N ASN E 121 -15.25 -47.64 6.93
CA ASN E 121 -15.12 -48.76 6.02
C ASN E 121 -13.67 -49.05 5.63
N LEU E 122 -12.73 -48.27 6.17
CA LEU E 122 -11.28 -48.40 5.95
C LEU E 122 -10.70 -48.71 7.33
N THR E 123 -10.37 -49.96 7.60
CA THR E 123 -10.00 -50.40 8.95
C THR E 123 -8.53 -50.81 9.10
N THR E 124 -7.67 -50.50 8.15
CA THR E 124 -6.29 -50.90 8.29
C THR E 124 -5.41 -49.75 8.81
N ILE E 125 -6.01 -48.57 9.01
CA ILE E 125 -5.35 -47.41 9.61
C ILE E 125 -5.77 -47.35 11.07
N THR E 126 -4.83 -47.59 11.98
CA THR E 126 -5.17 -47.60 13.39
C THR E 126 -5.12 -46.19 13.99
N LYS E 127 -5.89 -46.00 15.06
CA LYS E 127 -5.99 -44.65 15.63
C LYS E 127 -5.07 -44.55 16.84
N PRO E 128 -4.46 -43.38 17.04
CA PRO E 128 -3.69 -43.14 18.27
C PRO E 128 -4.61 -42.77 19.41
N LEU E 129 -4.01 -42.63 20.59
CA LEU E 129 -4.80 -42.31 21.78
C LEU E 129 -5.29 -40.86 21.73
N LYS E 130 -4.56 -39.97 21.07
CA LYS E 130 -4.97 -38.57 21.00
C LYS E 130 -4.14 -37.88 19.93
N TYR E 131 -4.59 -36.70 19.54
CA TYR E 131 -3.90 -35.85 18.59
C TYR E 131 -2.88 -35.00 19.34
N SER E 132 -1.64 -34.98 18.86
CA SER E 132 -0.58 -34.28 19.57
C SER E 132 0.13 -33.27 18.66
N TYR E 133 0.55 -32.16 19.27
CA TYR E 133 1.34 -31.17 18.53
C TYR E 133 2.13 -30.32 19.52
N ILE E 134 3.16 -29.65 18.98
CA ILE E 134 4.06 -28.82 19.76
C ILE E 134 3.57 -27.39 19.66
N ASN E 135 3.23 -26.78 20.78
CA ASN E 135 2.78 -25.41 20.75
C ASN E 135 3.91 -24.41 20.94
N LYS E 136 4.98 -24.81 21.62
CA LYS E 136 6.21 -24.03 21.66
C LYS E 136 7.42 -24.95 21.65
N CYS E 137 8.43 -24.57 20.90
CA CYS E 137 9.74 -25.21 20.94
C CYS E 137 10.78 -24.13 20.75
N SER E 138 11.66 -23.96 21.72
CA SER E 138 12.59 -22.83 21.65
C SER E 138 13.87 -23.21 22.38
N ARG E 139 14.90 -22.41 22.15
CA ARG E 139 16.24 -22.73 22.63
C ARG E 139 16.88 -21.54 23.33
N PHE E 140 17.53 -21.82 24.46
CA PHE E 140 18.21 -20.80 25.24
C PHE E 140 19.72 -20.92 25.09
N LEU E 141 20.41 -19.78 25.02
CA LEU E 141 21.85 -19.82 24.78
C LEU E 141 22.62 -20.03 26.08
N SER E 142 23.96 -20.04 25.93
CA SER E 142 24.86 -20.35 27.04
C SER E 142 24.68 -19.37 28.18
N ASP E 143 24.32 -18.12 27.87
CA ASP E 143 24.04 -17.15 28.91
C ASP E 143 22.80 -17.53 29.72
N ASP E 144 22.05 -18.53 29.27
CA ASP E 144 20.86 -19.06 29.96
C ASP E 144 19.83 -17.96 30.17
N ARG E 145 19.73 -17.03 29.23
CA ARG E 145 18.75 -15.98 29.37
C ARG E 145 17.95 -15.77 28.10
N THR E 146 18.63 -15.73 26.95
CA THR E 146 17.97 -15.36 25.71
C THR E 146 17.28 -16.55 25.04
N GLU E 147 15.99 -16.38 24.74
CA GLU E 147 15.19 -17.42 24.12
C GLU E 147 15.16 -17.25 22.61
N VAL E 148 15.38 -18.34 21.89
CA VAL E 148 15.33 -18.35 20.44
C VAL E 148 14.31 -19.39 20.00
N PRO E 149 13.10 -18.95 19.64
CA PRO E 149 12.06 -19.89 19.22
C PRO E 149 12.50 -20.71 18.02
N GLN E 150 12.40 -22.02 18.13
CA GLN E 150 12.84 -22.94 17.08
C GLN E 150 11.75 -23.06 16.02
N LEU E 151 11.70 -22.07 15.14
CA LEU E 151 10.79 -22.10 14.01
C LEU E 151 11.19 -23.21 13.05
N VAL E 152 10.24 -24.08 12.73
CA VAL E 152 10.54 -25.26 11.92
C VAL E 152 10.92 -24.85 10.50
N ASN E 153 11.96 -25.48 9.96
CA ASN E 153 12.33 -25.22 8.58
C ASN E 153 11.60 -26.17 7.62
N ALA E 154 11.52 -25.71 6.37
CA ALA E 154 10.77 -26.44 5.36
C ALA E 154 11.39 -27.80 5.09
N ASN E 155 10.52 -28.78 4.97
CA ASN E 155 10.85 -30.16 4.67
C ASN E 155 11.70 -30.79 5.75
N GLN E 156 11.91 -30.13 6.87
CA GLN E 156 12.59 -30.76 7.99
C GLN E 156 11.64 -30.86 9.16
N TYR E 157 12.09 -31.57 10.19
CA TYR E 157 11.37 -31.82 11.42
C TYR E 157 11.76 -30.80 12.47
N SER E 158 10.94 -30.69 13.50
CA SER E 158 11.26 -29.78 14.57
C SER E 158 12.54 -30.20 15.31
N PRO E 159 13.34 -29.24 15.75
CA PRO E 159 14.48 -29.58 16.63
C PRO E 159 14.06 -30.32 17.86
N CYS E 160 12.82 -30.12 18.30
CA CYS E 160 12.30 -30.71 19.54
C CYS E 160 11.76 -32.11 19.37
N VAL E 161 11.79 -32.68 18.16
CA VAL E 161 11.33 -34.04 18.03
C VAL E 161 12.20 -34.98 18.84
N SER E 162 13.41 -34.55 19.20
CA SER E 162 14.29 -35.39 20.02
C SER E 162 13.80 -35.49 21.46
N ILE E 163 12.98 -34.54 21.90
CA ILE E 163 12.56 -34.49 23.30
C ILE E 163 11.06 -34.68 23.46
N VAL E 164 10.26 -34.43 22.43
CA VAL E 164 8.83 -34.65 22.49
C VAL E 164 8.62 -36.11 22.09
N PRO E 165 7.76 -36.86 22.77
CA PRO E 165 7.55 -38.27 22.43
C PRO E 165 6.66 -38.45 21.21
N SER E 166 6.46 -39.72 20.85
CA SER E 166 5.61 -40.06 19.72
C SER E 166 4.22 -39.49 19.89
N THR E 167 3.76 -39.41 21.13
CA THR E 167 2.47 -38.83 21.47
C THR E 167 2.63 -38.17 22.82
N VAL E 168 2.18 -36.93 22.95
CA VAL E 168 2.26 -36.23 24.23
C VAL E 168 1.38 -36.95 25.25
N TRP E 169 1.83 -36.97 26.50
CA TRP E 169 1.08 -37.70 27.51
C TRP E 169 -0.01 -36.87 28.21
N GLU E 170 0.25 -35.62 28.58
CA GLU E 170 -0.73 -34.79 29.25
C GLU E 170 -0.75 -33.42 28.56
N ASP E 171 -1.89 -32.73 28.64
CA ASP E 171 -2.09 -31.59 27.74
C ASP E 171 -1.07 -30.48 27.96
N GLY E 172 -0.52 -30.34 29.16
CA GLY E 172 0.44 -29.28 29.39
C GLY E 172 1.87 -29.73 29.50
N ASP E 173 2.17 -30.98 29.14
CA ASP E 173 3.47 -31.58 29.42
C ASP E 173 4.61 -30.77 28.84
N TYR E 174 5.74 -30.82 29.52
CA TYR E 174 6.86 -29.93 29.28
C TYR E 174 8.12 -30.75 29.10
N TYR E 175 8.91 -30.41 28.09
CA TYR E 175 10.04 -31.23 27.71
C TYR E 175 11.28 -30.36 27.71
N ARG E 176 12.39 -30.97 28.05
CA ARG E 176 13.59 -30.21 28.19
C ARG E 176 14.78 -31.11 27.93
N LYS E 177 15.85 -30.53 27.40
CA LYS E 177 17.08 -31.26 27.22
C LYS E 177 18.23 -30.28 27.24
N GLN E 178 19.30 -30.65 27.93
CA GLN E 178 20.46 -29.80 27.94
C GLN E 178 21.32 -30.21 26.75
N LEU E 179 21.90 -29.23 26.09
CA LEU E 179 22.63 -29.51 24.86
C LEU E 179 24.10 -29.77 25.16
N SER E 180 24.74 -30.48 24.25
CA SER E 180 26.14 -30.80 24.39
C SER E 180 26.97 -29.51 24.39
N PRO E 181 28.17 -29.53 25.00
CA PRO E 181 29.04 -28.34 24.94
C PRO E 181 29.45 -27.99 23.52
N LEU E 182 29.03 -28.83 22.57
CA LEU E 182 29.22 -28.49 21.15
C LEU E 182 28.27 -27.38 20.73
N GLU E 183 26.97 -27.57 20.96
CA GLU E 183 25.95 -26.61 20.54
C GLU E 183 25.76 -25.48 21.54
N GLY E 184 26.63 -25.35 22.53
CA GLY E 184 26.55 -24.28 23.50
C GLY E 184 26.32 -24.76 24.91
N GLY E 185 25.89 -26.01 25.08
CA GLY E 185 25.58 -26.46 26.41
C GLY E 185 24.33 -25.80 26.94
N GLY E 186 23.53 -25.21 26.04
CA GLY E 186 22.34 -24.50 26.44
C GLY E 186 21.22 -25.47 26.71
N TRP E 187 20.01 -24.94 26.64
CA TRP E 187 18.84 -25.74 26.94
C TRP E 187 17.88 -25.68 25.78
N LEU E 188 17.39 -26.85 25.36
CA LEU E 188 16.38 -26.95 24.32
C LEU E 188 15.09 -27.34 25.00
N VAL E 189 14.04 -26.54 24.79
CA VAL E 189 12.81 -26.69 25.55
C VAL E 189 11.61 -26.69 24.62
N ALA E 190 10.62 -27.52 24.94
CA ALA E 190 9.40 -27.63 24.17
C ALA E 190 8.19 -27.88 25.06
N SER E 191 7.04 -27.48 24.58
CA SER E 191 5.78 -27.75 25.28
C SER E 191 4.84 -28.52 24.37
N GLY E 192 4.32 -29.62 24.88
CA GLY E 192 3.36 -30.41 24.13
C GLY E 192 1.94 -29.92 24.28
N SER E 193 1.09 -30.35 23.36
CA SER E 193 -0.32 -30.04 23.48
C SER E 193 -1.15 -31.13 22.81
N THR E 194 -2.37 -31.33 23.29
CA THR E 194 -3.19 -32.40 22.74
C THR E 194 -4.62 -31.97 22.43
N VAL E 195 -5.19 -32.67 21.45
CA VAL E 195 -6.59 -32.53 21.08
C VAL E 195 -7.21 -33.91 21.16
N ALA E 196 -8.40 -33.98 21.74
CA ALA E 196 -9.07 -35.24 22.03
C ALA E 196 -9.41 -35.99 20.75
N MET E 197 -9.19 -37.29 20.78
CA MET E 197 -9.42 -38.14 19.62
C MET E 197 -10.92 -38.22 19.33
N THR E 198 -11.25 -38.38 18.06
CA THR E 198 -12.63 -38.48 17.61
C THR E 198 -12.94 -39.91 17.16
N GLU E 199 -14.24 -40.22 17.06
CA GLU E 199 -14.64 -41.56 16.65
C GLU E 199 -14.04 -41.91 15.29
N GLN E 200 -14.09 -40.98 14.36
CA GLN E 200 -13.42 -41.14 13.07
C GLN E 200 -12.11 -40.39 13.11
N LEU E 201 -11.02 -41.08 12.77
CA LEU E 201 -9.71 -40.44 12.74
C LEU E 201 -9.64 -39.39 11.65
N GLN E 202 -9.03 -38.25 11.96
CA GLN E 202 -8.88 -37.18 11.00
C GLN E 202 -7.40 -36.99 10.69
N MET E 203 -7.09 -36.73 9.42
CA MET E 203 -5.71 -36.72 8.95
C MET E 203 -5.41 -35.48 8.12
N GLY E 204 -4.13 -35.27 7.90
CA GLY E 204 -3.65 -34.22 7.01
C GLY E 204 -2.58 -34.77 6.09
N PHE E 205 -2.63 -34.34 4.83
CA PHE E 205 -1.68 -34.76 3.80
C PHE E 205 -1.04 -33.53 3.20
N GLY E 206 0.28 -33.54 3.05
CA GLY E 206 0.99 -32.48 2.38
C GLY E 206 1.56 -32.99 1.06
N ILE E 207 1.44 -32.19 0.01
CA ILE E 207 2.00 -32.55 -1.27
C ILE E 207 2.93 -31.45 -1.74
N THR E 208 4.15 -31.82 -2.12
CA THR E 208 5.10 -30.88 -2.69
C THR E 208 5.60 -31.47 -3.99
N VAL E 209 5.67 -30.63 -5.02
CA VAL E 209 6.12 -31.09 -6.32
C VAL E 209 7.23 -30.18 -6.85
N GLN E 210 8.14 -30.79 -7.60
CA GLN E 210 9.19 -30.06 -8.30
C GLN E 210 9.06 -30.41 -9.77
N TYR E 211 8.93 -29.41 -10.61
CA TYR E 211 8.98 -29.66 -12.04
C TYR E 211 10.44 -29.72 -12.45
N GLY E 212 10.78 -30.70 -13.27
CA GLY E 212 12.17 -30.87 -13.61
C GLY E 212 12.65 -29.86 -14.62
N THR E 213 13.94 -29.55 -14.52
CA THR E 213 14.55 -28.60 -15.42
C THR E 213 14.65 -29.17 -16.81
N ASP E 214 14.93 -30.47 -16.90
CA ASP E 214 15.10 -31.12 -18.18
C ASP E 214 14.18 -32.31 -18.38
N THR E 215 14.02 -33.17 -17.38
CA THR E 215 13.21 -34.36 -17.50
C THR E 215 12.17 -34.42 -16.40
N ASN E 216 10.93 -34.72 -16.75
CA ASN E 216 9.86 -34.95 -15.78
C ASN E 216 9.33 -36.37 -15.93
N SER E 217 9.54 -37.18 -14.90
CA SER E 217 9.29 -38.61 -14.93
C SER E 217 8.13 -39.09 -14.05
N VAL E 218 7.55 -38.25 -13.21
CA VAL E 218 6.40 -38.62 -12.40
C VAL E 218 5.12 -38.19 -13.10
N CYS E 219 4.38 -39.13 -13.68
CA CYS E 219 3.25 -38.76 -14.53
C CYS E 219 1.94 -39.41 -14.09
N PRO E 220 0.80 -38.81 -14.46
CA PRO E 220 -0.48 -39.34 -13.99
C PRO E 220 -0.93 -40.58 -14.76
N LYS E 221 -1.90 -41.27 -14.16
CA LYS E 221 -2.43 -42.49 -14.75
C LYS E 221 -3.27 -42.13 -15.97
N LEU E 222 -3.04 -42.83 -17.07
CA LEU E 222 -3.72 -42.54 -18.32
C LEU E 222 -4.68 -43.66 -18.74
N VAL F 2 5.14 -23.47 49.54
CA VAL F 2 5.47 -24.90 49.58
C VAL F 2 6.89 -25.16 50.06
N GLN F 3 7.09 -26.28 50.75
CA GLN F 3 8.39 -26.67 51.25
C GLN F 3 8.83 -27.95 50.56
N LEU F 4 10.15 -28.08 50.43
CA LEU F 4 10.76 -29.32 49.98
C LEU F 4 11.66 -29.82 51.09
N GLN F 5 11.50 -31.10 51.41
CA GLN F 5 12.28 -31.76 52.44
C GLN F 5 12.81 -33.05 51.83
N GLU F 6 14.04 -33.39 52.21
CA GLU F 6 14.77 -34.46 51.57
C GLU F 6 15.01 -35.62 52.53
N SER F 7 15.26 -36.78 51.94
CA SER F 7 15.55 -37.99 52.67
C SER F 7 16.76 -38.64 52.01
N GLY F 8 17.37 -39.59 52.72
CA GLY F 8 18.35 -40.45 52.10
C GLY F 8 19.79 -40.00 52.26
N GLY F 9 20.03 -38.76 52.66
CA GLY F 9 21.40 -38.31 52.78
C GLY F 9 22.11 -39.02 53.92
N GLY F 10 23.40 -39.29 53.73
CA GLY F 10 24.14 -39.99 54.75
C GLY F 10 25.58 -40.24 54.35
N SER F 11 26.29 -40.92 55.24
CA SER F 11 27.68 -41.28 55.00
C SER F 11 27.74 -42.65 54.35
N VAL F 12 28.58 -42.78 53.33
CA VAL F 12 28.71 -44.02 52.57
C VAL F 12 30.13 -44.13 52.07
N GLN F 13 30.66 -45.35 52.07
CA GLN F 13 32.00 -45.60 51.59
C GLN F 13 32.02 -45.53 50.07
N ALA F 14 33.21 -45.38 49.49
CA ALA F 14 33.32 -45.20 48.05
C ALA F 14 32.83 -46.44 47.29
N GLY F 15 32.08 -46.20 46.22
CA GLY F 15 31.52 -47.27 45.41
C GLY F 15 30.17 -47.81 45.86
N GLY F 16 29.69 -47.42 47.03
CA GLY F 16 28.41 -47.90 47.51
C GLY F 16 27.23 -47.21 46.84
N SER F 17 26.03 -47.60 47.29
CA SER F 17 24.80 -47.10 46.71
C SER F 17 23.97 -46.38 47.77
N LEU F 18 23.07 -45.54 47.27
CA LEU F 18 22.23 -44.71 48.12
C LEU F 18 21.04 -44.21 47.31
N ARG F 19 19.95 -43.90 48.00
CA ARG F 19 18.78 -43.35 47.33
C ARG F 19 18.34 -42.11 48.07
N LEU F 20 18.14 -41.01 47.34
CA LEU F 20 17.57 -39.79 47.86
C LEU F 20 16.12 -39.69 47.40
N SER F 21 15.32 -38.94 48.16
CA SER F 21 13.96 -38.62 47.77
C SER F 21 13.64 -37.18 48.16
N CYS F 22 12.84 -36.50 47.33
CA CYS F 22 12.50 -35.09 47.51
C CYS F 22 10.98 -35.00 47.38
N VAL F 23 10.30 -34.82 48.49
CA VAL F 23 8.84 -34.77 48.51
C VAL F 23 8.37 -33.34 48.35
N ALA F 24 7.34 -33.18 47.53
CA ALA F 24 6.76 -31.88 47.22
C ALA F 24 5.51 -31.74 48.08
N SER F 25 5.64 -30.96 49.15
CA SER F 25 4.50 -30.60 49.99
C SER F 25 3.82 -29.36 49.42
N GLY F 26 3.34 -29.46 48.18
CA GLY F 26 2.91 -28.27 47.48
C GLY F 26 1.50 -27.86 47.83
N SER F 27 1.30 -26.55 47.97
CA SER F 27 -0.03 -26.01 48.08
C SER F 27 -0.77 -26.19 46.75
N ILE F 28 -0.06 -25.99 45.66
CA ILE F 28 -0.56 -26.09 44.30
C ILE F 28 0.17 -27.26 43.62
N PHE F 29 -0.42 -27.71 42.51
CA PHE F 29 0.16 -28.71 41.63
C PHE F 29 0.82 -28.05 40.41
N SER F 30 1.10 -26.76 40.47
CA SER F 30 1.59 -26.02 39.30
C SER F 30 3.08 -26.20 39.02
N ILE F 31 3.75 -27.15 39.69
CA ILE F 31 5.13 -27.47 39.39
C ILE F 31 5.21 -28.24 38.09
N ASN F 32 6.11 -27.83 37.18
CA ASN F 32 6.37 -28.59 35.97
C ASN F 32 7.78 -29.15 35.89
N ALA F 33 8.67 -28.84 36.84
CA ALA F 33 9.98 -29.48 36.85
C ALA F 33 10.56 -29.46 38.26
N MET F 34 11.35 -30.49 38.56
CA MET F 34 12.03 -30.63 39.84
C MET F 34 13.48 -31.05 39.64
N ASP F 35 14.38 -30.41 40.38
CA ASP F 35 15.81 -30.50 40.14
C ASP F 35 16.55 -30.84 41.43
N TRP F 36 17.72 -31.45 41.26
CA TRP F 36 18.62 -31.72 42.36
C TRP F 36 19.90 -30.90 42.19
N TYR F 37 20.32 -30.21 43.25
CA TYR F 37 21.53 -29.39 43.23
C TYR F 37 22.51 -29.79 44.33
N ARG F 38 23.77 -29.34 44.16
CA ARG F 38 24.86 -29.59 45.10
C ARG F 38 25.79 -28.38 45.23
N GLN F 39 26.40 -28.26 46.41
CA GLN F 39 27.46 -27.28 46.64
C GLN F 39 28.59 -27.96 47.40
N ALA F 40 29.79 -27.98 46.80
CA ALA F 40 30.87 -28.39 47.69
C ALA F 40 31.38 -27.18 48.46
N PRO F 41 31.61 -27.31 49.76
CA PRO F 41 32.11 -26.17 50.54
C PRO F 41 33.36 -25.54 49.92
N GLY F 42 33.16 -24.46 49.16
CA GLY F 42 34.29 -23.74 48.58
C GLY F 42 34.27 -23.72 47.07
N LYS F 43 33.16 -24.15 46.46
CA LYS F 43 32.98 -24.09 45.02
C LYS F 43 31.56 -23.61 44.75
N GLN F 44 31.27 -23.30 43.47
CA GLN F 44 29.94 -22.82 43.13
C GLN F 44 28.91 -23.95 43.17
N ARG F 45 27.66 -23.59 43.42
CA ARG F 45 26.56 -24.54 43.47
C ARG F 45 26.17 -24.98 42.06
N GLU F 46 26.08 -26.29 41.83
CA GLU F 46 25.89 -26.80 40.48
C GLU F 46 24.78 -27.87 40.38
N LEU F 47 24.26 -28.01 39.15
CA LEU F 47 23.11 -28.85 38.82
C LEU F 47 23.44 -30.32 38.65
N VAL F 48 22.69 -31.18 39.37
CA VAL F 48 22.89 -32.64 39.32
C VAL F 48 21.88 -33.39 38.46
N ALA F 49 20.60 -33.29 38.79
CA ALA F 49 19.61 -34.04 38.04
C ALA F 49 18.29 -33.30 38.07
N GLY F 50 17.45 -33.62 37.10
CA GLY F 50 16.16 -32.98 37.00
C GLY F 50 15.20 -33.79 36.17
N ILE F 51 13.92 -33.63 36.48
CA ILE F 51 12.84 -34.27 35.75
C ILE F 51 11.72 -33.28 35.52
N THR F 52 10.99 -33.47 34.43
CA THR F 52 9.96 -32.53 34.01
C THR F 52 8.62 -33.25 33.94
N SER F 53 7.59 -32.45 33.61
CA SER F 53 6.24 -32.98 33.45
C SER F 53 6.19 -34.11 32.44
N GLY F 54 6.79 -33.92 31.28
CA GLY F 54 6.79 -34.89 30.20
C GLY F 54 7.75 -36.04 30.35
N GLY F 55 8.45 -36.11 31.48
CA GLY F 55 9.36 -37.20 31.74
C GLY F 55 10.71 -37.06 31.09
N SER F 56 11.03 -35.93 30.49
CA SER F 56 12.35 -35.79 29.93
C SER F 56 13.35 -35.65 31.07
N THR F 57 14.28 -36.59 31.14
CA THR F 57 15.28 -36.65 32.19
C THR F 57 16.56 -35.97 31.72
N ASN F 58 17.25 -35.29 32.65
CA ASN F 58 18.50 -34.63 32.31
C ASN F 58 19.41 -34.63 33.53
N TYR F 59 20.72 -34.78 33.28
CA TYR F 59 21.72 -34.94 34.34
C TYR F 59 22.89 -33.99 34.14
N GLY F 60 23.64 -33.80 35.24
CA GLY F 60 24.79 -32.92 35.26
C GLY F 60 25.96 -33.42 34.42
N ASP F 61 26.94 -32.53 34.25
CA ASP F 61 28.07 -32.78 33.37
C ASP F 61 28.99 -33.87 33.91
N PHE F 62 28.90 -34.16 35.20
CA PHE F 62 29.82 -35.05 35.88
C PHE F 62 29.24 -36.43 36.19
N VAL F 63 27.94 -36.61 36.08
CA VAL F 63 27.34 -37.91 36.36
C VAL F 63 27.30 -38.70 35.06
N LYS F 64 28.00 -39.82 35.05
CA LYS F 64 28.14 -40.65 33.86
C LYS F 64 27.22 -41.86 33.99
N GLY F 65 25.92 -41.62 33.87
CA GLY F 65 25.00 -42.73 33.97
C GLY F 65 24.92 -43.37 35.34
N ARG F 66 25.56 -42.77 36.35
CA ARG F 66 25.57 -43.39 37.66
C ARG F 66 24.20 -43.32 38.31
N PHE F 67 23.52 -42.20 38.16
CA PHE F 67 22.25 -41.94 38.79
C PHE F 67 21.08 -42.22 37.85
N THR F 68 19.93 -42.47 38.47
CA THR F 68 18.67 -42.67 37.78
C THR F 68 17.63 -41.88 38.57
N ILE F 69 16.96 -40.98 37.89
CA ILE F 69 15.96 -40.12 38.51
C ILE F 69 14.60 -40.67 38.14
N SER F 70 13.64 -40.58 39.06
CA SER F 70 12.32 -41.15 38.84
C SER F 70 11.26 -40.29 39.50
N ARG F 71 10.02 -40.54 39.14
CA ARG F 71 8.87 -39.81 39.70
C ARG F 71 7.82 -40.84 40.08
N ASP F 72 7.69 -41.10 41.38
CA ASP F 72 6.52 -41.83 41.85
C ASP F 72 5.56 -40.66 42.09
N ASN F 73 4.74 -40.39 41.07
CA ASN F 73 3.93 -39.19 41.08
C ASN F 73 2.76 -39.30 42.04
N ALA F 74 2.34 -40.52 42.37
CA ALA F 74 1.27 -40.71 43.33
C ALA F 74 1.72 -40.34 44.73
N LYS F 75 3.02 -40.47 45.02
CA LYS F 75 3.55 -40.14 46.32
C LYS F 75 4.30 -38.81 46.28
N ASN F 76 4.09 -38.03 45.22
CA ASN F 76 4.54 -36.64 45.13
C ASN F 76 6.01 -36.51 45.51
N THR F 77 6.83 -37.38 44.90
CA THR F 77 8.24 -37.43 45.22
C THR F 77 9.06 -37.78 43.99
N VAL F 78 10.29 -37.28 43.98
CA VAL F 78 11.26 -37.54 42.92
C VAL F 78 12.47 -38.18 43.58
N TYR F 79 12.87 -39.33 43.06
CA TYR F 79 13.99 -40.07 43.63
C TYR F 79 15.23 -39.82 42.81
N LEU F 80 16.38 -39.88 43.48
CA LEU F 80 17.67 -39.86 42.80
C LEU F 80 18.46 -41.03 43.35
N GLN F 81 18.52 -42.11 42.58
CA GLN F 81 19.18 -43.33 43.03
C GLN F 81 20.65 -43.28 42.64
N MET F 82 21.51 -43.61 43.60
CA MET F 82 22.92 -43.27 43.59
C MET F 82 23.77 -44.52 43.48
N ASP F 83 24.60 -44.56 42.45
CA ASP F 83 25.52 -45.68 42.24
C ASP F 83 26.93 -45.16 42.04
N SER F 84 27.91 -46.03 42.31
CA SER F 84 29.34 -45.78 42.00
C SER F 84 29.85 -44.45 42.57
N LEU F 85 29.59 -44.23 43.86
CA LEU F 85 30.01 -42.99 44.48
C LEU F 85 31.53 -42.83 44.50
N LYS F 86 31.97 -41.57 44.49
CA LYS F 86 33.36 -41.21 44.66
C LYS F 86 33.43 -39.94 45.51
N PRO F 87 34.57 -39.67 46.15
CA PRO F 87 34.67 -38.48 47.02
C PRO F 87 34.41 -37.16 46.30
N GLU F 88 34.61 -37.08 44.99
CA GLU F 88 34.25 -35.84 44.31
C GLU F 88 32.76 -35.56 44.43
N ASP F 89 31.97 -36.57 44.78
CA ASP F 89 30.53 -36.42 44.96
C ASP F 89 30.19 -35.94 46.36
N THR F 90 31.18 -35.73 47.22
CA THR F 90 30.93 -35.22 48.56
C THR F 90 30.59 -33.75 48.50
N ALA F 91 29.38 -33.42 48.93
CA ALA F 91 28.88 -32.06 48.93
C ALA F 91 27.58 -32.06 49.74
N VAL F 92 27.01 -30.87 49.89
CA VAL F 92 25.69 -30.74 50.48
C VAL F 92 24.69 -30.63 49.34
N TYR F 93 23.79 -31.62 49.26
CA TYR F 93 22.80 -31.73 48.21
C TYR F 93 21.49 -31.09 48.65
N TYR F 94 20.90 -30.27 47.77
CA TYR F 94 19.59 -29.67 47.95
C TYR F 94 18.71 -30.14 46.80
N CYS F 95 17.40 -30.17 47.02
CA CYS F 95 16.46 -30.40 45.93
C CYS F 95 15.57 -29.17 45.77
N ALA F 96 15.07 -28.99 44.55
CA ALA F 96 14.38 -27.77 44.19
C ALA F 96 13.20 -28.06 43.28
N ALA F 97 12.28 -27.10 43.23
CA ALA F 97 11.08 -27.21 42.42
C ALA F 97 10.96 -25.99 41.51
N GLU F 98 10.50 -26.21 40.29
CA GLU F 98 10.25 -25.17 39.31
C GLU F 98 8.76 -25.01 39.08
N VAL F 99 8.25 -23.79 39.30
CA VAL F 99 6.86 -23.46 39.03
C VAL F 99 6.79 -22.75 37.68
N GLY F 100 6.07 -23.36 36.74
CA GLY F 100 5.99 -22.80 35.40
C GLY F 100 7.35 -22.53 34.80
N GLY F 101 8.31 -23.40 35.04
CA GLY F 101 9.63 -23.18 34.51
C GLY F 101 9.66 -23.30 33.00
N TRP F 102 10.49 -22.47 32.37
CA TRP F 102 10.67 -22.50 30.93
C TRP F 102 12.13 -22.16 30.66
N GLY F 103 12.81 -23.07 29.97
CA GLY F 103 14.22 -22.92 29.71
C GLY F 103 15.09 -23.46 30.82
N PRO F 104 16.30 -22.89 30.96
CA PRO F 104 17.24 -23.42 31.93
C PRO F 104 16.65 -23.35 33.34
N PRO F 105 17.03 -24.27 34.22
CA PRO F 105 16.40 -24.34 35.55
C PRO F 105 16.60 -23.06 36.34
N ARG F 106 15.49 -22.45 36.73
CA ARG F 106 15.47 -21.25 37.56
C ARG F 106 14.55 -21.60 38.72
N PRO F 107 15.06 -22.36 39.70
CA PRO F 107 14.18 -22.97 40.70
C PRO F 107 13.49 -21.95 41.58
N ASP F 108 12.28 -22.29 41.99
CA ASP F 108 11.48 -21.39 42.81
C ASP F 108 11.51 -21.74 44.29
N TYR F 109 11.75 -23.00 44.63
CA TYR F 109 11.81 -23.42 46.02
C TYR F 109 13.01 -24.33 46.25
N TRP F 110 13.61 -24.21 47.42
CA TRP F 110 14.77 -24.98 47.80
C TRP F 110 14.46 -25.64 49.13
N GLY F 111 15.15 -26.74 49.41
CA GLY F 111 15.05 -27.42 50.68
C GLY F 111 16.14 -26.97 51.64
N HIS F 112 16.14 -27.55 52.84
CA HIS F 112 17.20 -27.23 53.77
C HIS F 112 18.52 -27.83 53.30
N GLY F 113 18.46 -28.89 52.51
CA GLY F 113 19.67 -29.52 52.01
C GLY F 113 20.24 -30.54 52.96
N THR F 114 20.50 -31.73 52.43
CA THR F 114 21.16 -32.79 53.18
C THR F 114 22.58 -32.94 52.67
N GLN F 115 23.44 -33.46 53.55
CA GLN F 115 24.83 -33.64 53.18
C GLN F 115 25.07 -35.13 52.97
N VAL F 116 25.66 -35.45 51.83
CA VAL F 116 26.08 -36.80 51.51
C VAL F 116 27.58 -36.80 51.41
N THR F 117 28.20 -37.73 52.14
CA THR F 117 29.65 -37.86 52.20
C THR F 117 30.06 -39.24 51.77
N VAL F 118 31.16 -39.30 51.02
CA VAL F 118 31.69 -40.54 50.46
C VAL F 118 33.16 -40.60 50.78
N SER F 119 33.61 -41.69 51.40
CA SER F 119 35.01 -41.87 51.71
C SER F 119 35.61 -42.94 50.83
N SER F 120 36.74 -42.64 50.20
CA SER F 120 37.49 -43.60 49.39
C SER F 120 38.79 -44.04 50.03
N GLY F 121 39.51 -43.12 50.68
CA GLY F 121 40.77 -43.42 51.31
C GLY F 121 40.75 -43.03 52.76
N ALA G 12 10.22 14.74 36.81
CA ALA G 12 9.12 14.76 35.85
C ALA G 12 9.62 14.96 34.43
N GLU G 13 9.90 13.86 33.75
CA GLU G 13 10.36 13.89 32.36
C GLU G 13 9.19 13.90 31.40
N GLY G 14 9.30 14.71 30.35
CA GLY G 14 8.27 14.85 29.34
C GLY G 14 8.23 16.29 28.89
N VAL G 15 7.96 16.48 27.63
CA VAL G 15 7.92 17.82 27.04
C VAL G 15 6.55 18.43 27.30
N GLU G 16 6.53 19.71 27.70
CA GLU G 16 5.28 20.39 27.94
C GLU G 16 4.57 20.75 26.64
N CYS G 17 3.25 20.66 26.66
CA CYS G 17 2.44 21.00 25.51
C CYS G 17 2.66 22.44 25.13
N ASP G 18 2.88 22.68 23.84
CA ASP G 18 3.22 24.00 23.34
C ASP G 18 1.94 24.64 22.82
N PHE G 19 1.27 25.39 23.70
CA PHE G 19 0.10 26.13 23.25
C PHE G 19 0.47 27.46 22.66
N SER G 20 1.77 27.73 22.53
CA SER G 20 2.23 29.06 22.13
C SER G 20 1.76 29.49 20.74
N PRO G 21 1.72 28.63 19.71
CA PRO G 21 1.26 29.13 18.39
C PRO G 21 -0.11 29.80 18.45
N LEU G 22 -0.91 29.50 19.47
CA LEU G 22 -2.23 30.08 19.64
C LEU G 22 -2.18 31.47 20.27
N LEU G 23 -1.15 31.78 21.04
CA LEU G 23 -1.13 33.10 21.65
C LEU G 23 -0.75 34.18 20.67
N SER G 24 -0.06 33.85 19.60
CA SER G 24 0.48 34.82 18.66
C SER G 24 -0.16 34.64 17.28
N GLY G 25 -0.71 35.73 16.73
CA GLY G 25 -1.23 35.70 15.36
C GLY G 25 -2.68 36.10 15.19
N THR G 26 -3.26 35.79 14.03
CA THR G 26 -4.66 36.14 13.78
C THR G 26 -5.54 34.93 14.02
N PRO G 27 -6.43 34.93 15.01
CA PRO G 27 -7.36 33.80 15.12
C PRO G 27 -8.21 33.73 13.88
N PRO G 28 -8.31 32.56 13.24
CA PRO G 28 -9.09 32.46 12.00
C PRO G 28 -10.57 32.46 12.28
N GLN G 29 -11.34 32.53 11.21
CA GLN G 29 -12.77 32.46 11.35
C GLN G 29 -13.20 31.03 11.67
N VAL G 30 -14.47 30.88 12.03
CA VAL G 30 -14.94 29.60 12.53
C VAL G 30 -14.83 28.51 11.47
N TYR G 31 -15.04 28.86 10.20
CA TYR G 31 -14.98 27.85 9.16
C TYR G 31 -13.56 27.44 8.81
N ASN G 32 -12.56 28.20 9.28
CA ASN G 32 -11.14 27.86 9.11
C ASN G 32 -10.47 27.60 10.46
N PHE G 33 -11.20 26.99 11.40
CA PHE G 33 -10.72 26.80 12.76
C PHE G 33 -9.30 26.24 12.76
N LYS G 34 -8.42 26.88 13.51
CA LYS G 34 -7.06 26.39 13.61
C LYS G 34 -7.04 25.19 14.53
N ARG G 35 -6.37 24.13 14.10
CA ARG G 35 -6.42 22.84 14.79
C ARG G 35 -5.02 22.46 15.26
N LEU G 36 -4.91 22.20 16.55
CA LEU G 36 -3.66 21.75 17.16
C LEU G 36 -3.88 20.35 17.73
N VAL G 37 -3.01 19.43 17.36
CA VAL G 37 -3.06 18.07 17.87
C VAL G 37 -1.79 17.79 18.66
N PHE G 38 -1.97 17.23 19.85
CA PHE G 38 -0.87 16.97 20.78
C PHE G 38 -0.82 15.49 21.12
N THR G 39 0.32 14.88 20.88
CA THR G 39 0.57 13.49 21.19
C THR G 39 1.80 13.44 22.07
N ASN G 40 1.84 12.50 23.03
CA ASN G 40 3.00 12.27 23.89
C ASN G 40 3.48 13.58 24.51
N CYS G 41 2.55 14.24 25.20
CA CYS G 41 2.70 15.64 25.58
C CYS G 41 2.15 15.84 26.98
N ASN G 42 3.02 16.22 27.92
CA ASN G 42 2.55 16.74 29.20
C ASN G 42 1.98 18.14 29.03
N TYR G 43 0.79 18.37 29.58
CA TYR G 43 0.07 19.61 29.35
C TYR G 43 -0.38 20.24 30.65
N ASN G 44 -0.64 21.55 30.57
CA ASN G 44 -1.16 22.34 31.69
C ASN G 44 -2.27 23.18 31.08
N LEU G 45 -3.50 22.66 31.21
CA LEU G 45 -4.67 23.35 30.70
C LEU G 45 -4.97 24.62 31.51
N THR G 46 -4.69 24.58 32.82
CA THR G 46 -4.95 25.71 33.72
C THR G 46 -4.20 26.97 33.32
N LYS G 47 -2.93 26.84 32.92
CA LYS G 47 -2.14 28.00 32.53
C LYS G 47 -2.71 28.69 31.29
N LEU G 48 -3.20 27.92 30.32
CA LEU G 48 -3.68 28.53 29.09
C LEU G 48 -4.95 29.35 29.31
N LEU G 49 -5.90 28.83 30.11
CA LEU G 49 -7.20 29.50 30.22
C LEU G 49 -7.20 30.72 31.12
N SER G 50 -6.28 30.81 32.08
CA SER G 50 -6.21 31.98 32.95
C SER G 50 -5.83 33.26 32.22
N LEU G 51 -5.31 33.15 30.99
CA LEU G 51 -4.94 34.33 30.24
C LEU G 51 -6.13 35.04 29.65
N PHE G 52 -7.25 34.35 29.43
CA PHE G 52 -8.42 34.95 28.81
C PHE G 52 -9.53 35.16 29.83
N SER G 53 -10.54 35.94 29.42
CA SER G 53 -11.74 36.16 30.24
C SER G 53 -12.80 35.21 29.71
N VAL G 54 -12.86 34.02 30.30
CA VAL G 54 -13.74 32.97 29.82
C VAL G 54 -15.18 33.29 30.18
N ASN G 55 -16.10 33.08 29.23
CA ASN G 55 -17.53 33.30 29.44
C ASN G 55 -18.32 32.01 29.62
N ASP G 56 -18.09 30.99 28.78
CA ASP G 56 -18.80 29.72 28.87
C ASP G 56 -17.84 28.55 28.75
N PHE G 57 -18.20 27.44 29.41
CA PHE G 57 -17.39 26.21 29.41
C PHE G 57 -18.38 25.04 29.48
N THR G 58 -18.76 24.52 28.33
CA THR G 58 -19.79 23.48 28.24
C THR G 58 -19.24 22.26 27.52
N CYS G 59 -19.50 21.07 28.07
CA CYS G 59 -18.91 19.84 27.55
C CYS G 59 -19.95 18.75 27.30
N SER G 60 -19.53 17.72 26.57
CA SER G 60 -20.32 16.55 26.24
C SER G 60 -19.55 15.29 26.63
N GLN G 61 -20.21 14.42 27.41
CA GLN G 61 -19.64 13.14 27.88
C GLN G 61 -18.41 13.31 28.76
N ILE G 62 -18.31 14.45 29.46
CA ILE G 62 -17.27 14.66 30.46
C ILE G 62 -17.70 15.89 31.24
N SER G 63 -16.97 16.24 32.28
CA SER G 63 -17.29 17.44 33.05
C SER G 63 -16.08 18.35 33.02
N PRO G 64 -16.28 19.66 33.23
CA PRO G 64 -15.14 20.59 33.24
C PRO G 64 -14.01 20.18 34.17
N ALA G 65 -14.32 19.64 35.35
CA ALA G 65 -13.26 19.17 36.23
C ALA G 65 -12.55 17.94 35.64
N ALA G 66 -13.29 17.06 34.97
CA ALA G 66 -12.72 15.80 34.53
C ALA G 66 -11.79 15.94 33.32
N ILE G 67 -12.00 16.94 32.46
CA ILE G 67 -11.21 17.04 31.24
C ILE G 67 -9.73 17.32 31.54
N ALA G 68 -9.44 17.98 32.66
CA ALA G 68 -8.07 18.34 33.03
C ALA G 68 -7.41 17.30 33.93
N SER G 69 -8.07 16.16 34.16
CA SER G 69 -7.65 15.19 35.17
C SER G 69 -7.30 13.83 34.59
N ASN G 70 -7.25 13.67 33.28
CA ASN G 70 -7.12 12.35 32.69
C ASN G 70 -5.94 12.33 31.71
N CYS G 71 -5.44 11.13 31.44
CA CYS G 71 -4.44 10.91 30.42
C CYS G 71 -5.15 10.46 29.14
N TYR G 72 -4.68 10.99 28.02
CA TYR G 72 -5.27 10.70 26.74
C TYR G 72 -4.19 10.25 25.78
N SER G 73 -4.63 9.56 24.73
CA SER G 73 -3.77 9.21 23.62
C SER G 73 -3.63 10.35 22.62
N SER G 74 -4.61 11.24 22.54
CA SER G 74 -4.47 12.46 21.75
C SER G 74 -5.37 13.54 22.33
N LEU G 75 -4.95 14.79 22.17
CA LEU G 75 -5.72 15.93 22.63
C LEU G 75 -5.76 16.95 21.52
N ILE G 76 -6.97 17.36 21.14
CA ILE G 76 -7.21 18.19 19.95
C ILE G 76 -7.82 19.53 20.38
N LEU G 77 -7.17 20.62 20.00
CA LEU G 77 -7.59 21.96 20.39
C LEU G 77 -7.87 22.76 19.13
N ASP G 78 -9.13 23.16 18.94
CA ASP G 78 -9.52 24.05 17.87
C ASP G 78 -9.74 25.46 18.42
N TYR G 79 -9.20 26.46 17.74
CA TYR G 79 -9.43 27.83 18.16
C TYR G 79 -9.68 28.66 16.92
N PHE G 80 -10.44 29.73 17.11
CA PHE G 80 -10.89 30.57 16.00
C PHE G 80 -11.54 31.82 16.55
N SER G 81 -11.68 32.82 15.69
CA SER G 81 -12.38 34.04 16.06
C SER G 81 -13.89 33.79 16.08
N TYR G 82 -14.55 34.22 17.17
CA TYR G 82 -15.99 34.01 17.33
C TYR G 82 -16.63 35.02 18.27
N PRO G 83 -17.71 35.68 17.85
CA PRO G 83 -18.36 36.66 18.72
C PRO G 83 -19.28 35.99 19.73
N LEU G 84 -19.37 36.60 20.91
CA LEU G 84 -20.22 36.04 21.97
C LEU G 84 -21.70 36.14 21.69
N SER G 85 -22.14 37.08 20.86
CA SER G 85 -23.57 37.21 20.59
C SER G 85 -24.15 35.96 19.95
N MET G 86 -23.31 35.13 19.34
CA MET G 86 -23.75 33.96 18.60
C MET G 86 -23.58 32.68 19.39
N LYS G 87 -23.61 32.77 20.72
CA LYS G 87 -23.46 31.59 21.58
C LYS G 87 -24.54 30.54 21.35
N SER G 88 -25.73 30.93 20.86
CA SER G 88 -26.81 29.97 20.70
C SER G 88 -26.50 28.91 19.65
N ASP G 89 -25.78 29.28 18.61
CA ASP G 89 -25.55 28.39 17.48
C ASP G 89 -24.32 27.51 17.64
N LEU G 90 -23.61 27.65 18.75
CA LEU G 90 -22.37 26.91 19.00
C LEU G 90 -22.62 25.90 20.11
N SER G 91 -23.24 24.77 19.75
CA SER G 91 -23.45 23.69 20.69
C SER G 91 -23.27 22.37 19.97
N VAL G 92 -23.12 21.30 20.74
CA VAL G 92 -22.86 20.00 20.15
C VAL G 92 -24.12 19.49 19.45
N SER G 93 -25.27 19.59 20.11
CA SER G 93 -26.54 19.20 19.52
C SER G 93 -27.08 20.23 18.55
N SER G 94 -26.27 21.23 18.19
CA SER G 94 -26.81 22.36 17.45
C SER G 94 -27.30 21.93 16.07
N ALA G 95 -28.25 22.71 15.55
CA ALA G 95 -28.64 22.66 14.16
C ALA G 95 -28.55 24.04 13.53
N GLY G 96 -27.91 24.99 14.21
CA GLY G 96 -27.65 26.30 13.66
C GLY G 96 -26.61 26.25 12.56
N PRO G 97 -26.44 27.36 11.83
CA PRO G 97 -25.51 27.34 10.69
C PRO G 97 -24.08 27.03 11.08
N ILE G 98 -23.70 27.23 12.34
CA ILE G 98 -22.33 26.91 12.75
C ILE G 98 -22.09 25.42 12.67
N SER G 99 -22.88 24.63 13.41
CA SER G 99 -22.71 23.19 13.42
C SER G 99 -23.24 22.53 12.16
N GLN G 100 -23.76 23.30 11.20
CA GLN G 100 -24.24 22.75 9.95
C GLN G 100 -23.23 22.87 8.83
N PHE G 101 -22.59 24.02 8.68
CA PHE G 101 -21.66 24.20 7.58
C PHE G 101 -20.28 24.67 8.00
N ASN G 102 -20.00 24.89 9.28
CA ASN G 102 -18.76 25.56 9.65
C ASN G 102 -17.84 24.71 10.52
N TYR G 103 -18.29 24.28 11.69
CA TYR G 103 -17.44 23.56 12.62
C TYR G 103 -18.35 22.69 13.48
N LYS G 104 -18.18 21.37 13.37
CA LYS G 104 -18.89 20.44 14.23
C LYS G 104 -17.89 19.44 14.80
N GLN G 105 -18.01 19.11 16.09
CA GLN G 105 -17.07 18.23 16.75
C GLN G 105 -17.73 16.90 17.09
N SER G 106 -16.89 15.89 17.34
CA SER G 106 -17.29 14.49 17.33
C SER G 106 -18.32 14.17 18.42
N PHE G 107 -19.28 13.29 18.07
CA PHE G 107 -20.23 12.78 19.05
C PHE G 107 -19.62 11.63 19.88
N SER G 108 -18.97 10.67 19.22
CA SER G 108 -18.52 9.42 19.83
C SER G 108 -17.38 9.62 20.81
N ASN G 109 -16.83 10.82 20.90
CA ASN G 109 -15.71 11.15 21.74
C ASN G 109 -16.14 12.20 22.75
N PRO G 110 -15.47 12.27 23.90
CA PRO G 110 -15.72 13.38 24.83
C PRO G 110 -15.38 14.72 24.20
N THR G 111 -16.17 15.73 24.55
CA THR G 111 -16.32 16.95 23.76
C THR G 111 -16.41 18.15 24.68
N CYS G 112 -15.72 19.24 24.35
CA CYS G 112 -15.83 20.48 25.12
C CYS G 112 -15.88 21.69 24.20
N LEU G 113 -16.36 22.81 24.75
CA LEU G 113 -16.61 23.99 23.92
C LEU G 113 -16.51 25.24 24.79
N ILE G 114 -15.52 26.09 24.51
CA ILE G 114 -15.19 27.23 25.36
C ILE G 114 -15.29 28.54 24.58
N LEU G 115 -15.93 29.54 25.20
CA LEU G 115 -16.05 30.89 24.68
C LEU G 115 -15.33 31.86 25.60
N ALA G 116 -14.46 32.70 25.05
CA ALA G 116 -13.63 33.58 25.86
C ALA G 116 -13.36 34.88 25.11
N THR G 117 -13.20 35.95 25.88
CA THR G 117 -12.72 37.22 25.38
C THR G 117 -11.24 37.36 25.74
N VAL G 118 -10.44 37.90 24.82
CA VAL G 118 -9.01 38.11 25.07
C VAL G 118 -8.83 39.48 25.74
N PRO G 119 -8.31 39.53 26.96
CA PRO G 119 -8.31 40.77 27.75
C PRO G 119 -7.18 41.70 27.33
N HIS G 120 -7.10 42.84 28.03
CA HIS G 120 -6.06 43.83 27.76
C HIS G 120 -4.66 43.30 28.07
N ASN G 121 -4.54 42.36 29.03
CA ASN G 121 -3.23 41.81 29.38
C ASN G 121 -2.59 41.00 28.27
N LEU G 122 -3.32 40.74 27.19
CA LEU G 122 -2.83 39.94 26.06
C LEU G 122 -2.86 40.81 24.81
N THR G 123 -1.68 41.29 24.41
CA THR G 123 -1.56 42.19 23.27
C THR G 123 -0.86 41.55 22.08
N THR G 124 -0.70 40.23 22.08
CA THR G 124 -0.07 39.52 20.98
C THR G 124 -1.07 38.82 20.07
N ILE G 125 -2.36 38.91 20.37
CA ILE G 125 -3.41 38.35 19.54
C ILE G 125 -3.95 39.49 18.68
N THR G 126 -3.76 39.36 17.37
CA THR G 126 -4.15 40.38 16.41
C THR G 126 -5.60 40.20 15.98
N LYS G 127 -6.23 41.30 15.59
CA LYS G 127 -7.65 41.13 15.37
C LYS G 127 -7.99 41.09 13.89
N PRO G 128 -9.00 40.32 13.50
CA PRO G 128 -9.53 40.44 12.15
C PRO G 128 -10.48 41.62 12.06
N LEU G 129 -10.92 41.91 10.84
CA LEU G 129 -11.73 43.11 10.60
C LEU G 129 -13.16 42.93 11.09
N LYS G 130 -13.66 41.70 11.11
CA LYS G 130 -15.04 41.42 11.48
C LYS G 130 -15.11 39.91 11.67
N TYR G 131 -16.20 39.45 12.28
CA TYR G 131 -16.46 38.03 12.46
C TYR G 131 -17.18 37.46 11.25
N SER G 132 -16.69 36.33 10.72
CA SER G 132 -17.19 35.75 9.48
C SER G 132 -17.67 34.31 9.68
N TYR G 133 -18.70 33.93 8.93
CA TYR G 133 -19.15 32.54 8.92
C TYR G 133 -19.99 32.27 7.68
N ILE G 134 -20.15 30.98 7.37
CA ILE G 134 -20.89 30.51 6.20
C ILE G 134 -22.32 30.20 6.63
N ASN G 135 -23.30 30.87 6.03
CA ASN G 135 -24.67 30.56 6.43
C ASN G 135 -25.30 29.49 5.54
N LYS G 136 -24.87 29.33 4.28
CA LYS G 136 -25.24 28.14 3.54
C LYS G 136 -24.13 27.73 2.57
N CYS G 137 -23.93 26.43 2.44
CA CYS G 137 -22.98 25.87 1.49
C CYS G 137 -23.62 24.66 0.83
N SER G 138 -23.72 24.67 -0.49
CA SER G 138 -24.43 23.62 -1.19
C SER G 138 -23.76 23.30 -2.52
N ARG G 139 -24.09 22.14 -3.03
CA ARG G 139 -23.51 21.63 -4.26
C ARG G 139 -24.68 21.19 -5.11
N PHE G 140 -24.68 21.60 -6.36
CA PHE G 140 -25.76 21.24 -7.25
C PHE G 140 -25.30 20.10 -8.11
N LEU G 141 -26.21 19.20 -8.42
CA LEU G 141 -25.80 18.03 -9.16
C LEU G 141 -25.80 18.36 -10.65
N SER G 142 -25.43 17.38 -11.47
CA SER G 142 -25.21 17.62 -12.90
C SER G 142 -26.45 18.18 -13.60
N ASP G 143 -27.65 17.79 -13.14
CA ASP G 143 -28.89 18.25 -13.74
C ASP G 143 -29.14 19.73 -13.54
N ASP G 144 -28.42 20.41 -12.64
CA ASP G 144 -28.59 21.86 -12.43
C ASP G 144 -29.97 22.16 -11.89
N ARG G 145 -30.47 21.23 -11.07
CA ARG G 145 -31.74 21.34 -10.38
C ARG G 145 -31.60 20.98 -8.90
N THR G 146 -31.04 19.80 -8.65
CA THR G 146 -31.02 19.24 -7.31
C THR G 146 -29.85 19.80 -6.50
N GLU G 147 -30.20 20.43 -5.40
CA GLU G 147 -29.27 21.05 -4.49
C GLU G 147 -29.01 20.08 -3.34
N VAL G 148 -27.75 19.94 -2.96
CA VAL G 148 -27.38 19.11 -1.83
C VAL G 148 -26.61 19.96 -0.83
N PRO G 149 -27.26 20.38 0.25
CA PRO G 149 -26.57 21.20 1.26
C PRO G 149 -25.41 20.43 1.87
N GLN G 150 -24.21 21.01 1.77
CA GLN G 150 -23.01 20.34 2.24
C GLN G 150 -22.89 20.51 3.75
N LEU G 151 -23.64 19.66 4.46
CA LEU G 151 -23.53 19.60 5.91
C LEU G 151 -22.17 19.05 6.34
N VAL G 152 -21.50 19.81 7.21
CA VAL G 152 -20.17 19.43 7.66
C VAL G 152 -20.25 18.21 8.58
N ASN G 153 -19.30 17.29 8.41
CA ASN G 153 -19.11 16.15 9.29
C ASN G 153 -18.18 16.51 10.44
N ALA G 154 -18.17 15.69 11.48
CA ALA G 154 -17.29 15.96 12.60
C ALA G 154 -15.82 15.93 12.17
N ASN G 155 -15.05 16.90 12.67
CA ASN G 155 -13.62 17.09 12.42
C ASN G 155 -13.29 17.40 10.95
N GLN G 156 -14.27 17.70 10.11
CA GLN G 156 -13.95 18.12 8.75
C GLN G 156 -14.36 19.57 8.54
N TYR G 157 -13.90 20.12 7.43
CA TYR G 157 -14.23 21.46 6.99
C TYR G 157 -15.36 21.43 5.97
N SER G 158 -15.99 22.57 5.77
CA SER G 158 -16.95 22.63 4.70
C SER G 158 -16.20 22.57 3.37
N PRO G 159 -16.74 21.89 2.36
CA PRO G 159 -16.15 21.89 1.01
C PRO G 159 -15.97 23.29 0.48
N CYS G 160 -16.71 24.20 1.09
CA CYS G 160 -16.73 25.59 0.66
C CYS G 160 -15.55 26.42 1.19
N VAL G 161 -14.60 25.85 1.93
CA VAL G 161 -13.42 26.65 2.31
C VAL G 161 -12.54 26.98 1.13
N SER G 162 -12.64 26.19 0.05
CA SER G 162 -11.86 26.45 -1.13
C SER G 162 -12.34 27.69 -1.86
N ILE G 163 -13.56 28.14 -1.57
CA ILE G 163 -14.18 29.26 -2.27
C ILE G 163 -14.50 30.45 -1.35
N VAL G 164 -14.58 30.28 -0.03
CA VAL G 164 -14.80 31.39 0.89
C VAL G 164 -13.45 32.00 1.26
N PRO G 165 -13.33 33.32 1.30
CA PRO G 165 -12.04 33.95 1.66
C PRO G 165 -11.83 33.88 3.16
N SER G 166 -10.68 34.43 3.58
CA SER G 166 -10.34 34.47 5.00
C SER G 166 -11.39 35.23 5.81
N THR G 167 -11.98 36.26 5.21
CA THR G 167 -12.97 37.08 5.89
C THR G 167 -14.03 37.50 4.89
N VAL G 168 -15.30 37.32 5.27
CA VAL G 168 -16.37 37.77 4.39
C VAL G 168 -16.32 39.29 4.32
N TRP G 169 -16.53 39.83 3.11
CA TRP G 169 -16.44 41.27 2.91
C TRP G 169 -17.77 41.99 3.08
N GLU G 170 -18.86 41.42 2.56
CA GLU G 170 -20.16 42.04 2.68
C GLU G 170 -21.16 41.01 3.14
N ASP G 171 -22.22 41.47 3.80
CA ASP G 171 -23.10 40.55 4.53
C ASP G 171 -23.77 39.54 3.62
N GLY G 172 -23.98 39.89 2.35
CA GLY G 172 -24.69 39.01 1.45
C GLY G 172 -23.83 38.35 0.39
N ASP G 173 -22.51 38.36 0.58
CA ASP G 173 -21.61 37.90 -0.48
C ASP G 173 -21.95 36.48 -0.92
N TYR G 174 -21.72 36.22 -2.19
CA TYR G 174 -22.12 34.97 -2.83
C TYR G 174 -20.91 34.43 -3.57
N TYR G 175 -20.64 33.13 -3.42
CA TYR G 175 -19.45 32.48 -3.91
C TYR G 175 -19.81 31.22 -4.68
N ARG G 176 -19.05 30.92 -5.72
CA ARG G 176 -19.30 29.72 -6.50
C ARG G 176 -18.03 29.22 -7.14
N LYS G 177 -18.02 27.93 -7.45
CA LYS G 177 -16.96 27.27 -8.20
C LYS G 177 -17.56 26.11 -8.96
N GLN G 178 -17.14 25.95 -10.22
CA GLN G 178 -17.62 24.86 -11.05
C GLN G 178 -16.70 23.66 -10.91
N LEU G 179 -17.31 22.47 -10.81
CA LEU G 179 -16.59 21.23 -10.55
C LEU G 179 -16.25 20.51 -11.84
N SER G 180 -15.19 19.71 -11.78
CA SER G 180 -14.76 18.96 -12.94
C SER G 180 -15.81 17.90 -13.30
N PRO G 181 -15.83 17.46 -14.55
CA PRO G 181 -16.69 16.32 -14.93
C PRO G 181 -16.29 15.01 -14.26
N LEU G 182 -15.23 15.04 -13.47
CA LEU G 182 -14.88 13.87 -12.66
C LEU G 182 -15.85 13.70 -11.50
N GLU G 183 -16.05 14.75 -10.72
CA GLU G 183 -16.89 14.69 -9.53
C GLU G 183 -18.38 14.85 -9.84
N GLY G 184 -18.75 14.85 -11.12
CA GLY G 184 -20.12 15.03 -11.56
C GLY G 184 -20.33 16.29 -12.36
N GLY G 185 -19.41 17.25 -12.27
CA GLY G 185 -19.50 18.49 -13.01
C GLY G 185 -20.52 19.50 -12.54
N GLY G 186 -21.00 19.40 -11.30
CA GLY G 186 -22.02 20.32 -10.84
C GLY G 186 -21.44 21.65 -10.40
N TRP G 187 -22.19 22.36 -9.58
CA TRP G 187 -21.76 23.65 -9.06
C TRP G 187 -21.81 23.64 -7.56
N LEU G 188 -20.76 24.19 -6.95
CA LEU G 188 -20.62 24.38 -5.51
C LEU G 188 -20.70 25.85 -5.17
N VAL G 189 -21.66 26.21 -4.33
CA VAL G 189 -21.96 27.61 -4.03
C VAL G 189 -22.02 27.79 -2.51
N ALA G 190 -21.58 28.94 -2.05
CA ALA G 190 -21.64 29.26 -0.63
C ALA G 190 -22.06 30.70 -0.45
N SER G 191 -22.68 30.98 0.69
CA SER G 191 -23.07 32.34 1.03
C SER G 191 -22.35 32.73 2.32
N GLY G 192 -21.57 33.83 2.25
CA GLY G 192 -20.89 34.33 3.43
C GLY G 192 -21.76 35.29 4.23
N SER G 193 -21.43 35.44 5.51
CA SER G 193 -22.11 36.37 6.40
C SER G 193 -21.12 36.86 7.46
N THR G 194 -21.35 38.08 7.93
CA THR G 194 -20.42 38.76 8.84
C THR G 194 -21.15 39.35 10.04
N VAL G 195 -20.39 39.50 11.14
CA VAL G 195 -20.82 40.19 12.36
C VAL G 195 -19.76 41.23 12.70
N ALA G 196 -20.21 42.41 13.15
CA ALA G 196 -19.32 43.53 13.39
C ALA G 196 -18.33 43.23 14.50
N MET G 197 -17.06 43.62 14.28
CA MET G 197 -16.01 43.37 15.26
C MET G 197 -16.28 44.17 16.54
N THR G 198 -15.83 43.62 17.67
CA THR G 198 -16.03 44.21 18.97
C THR G 198 -14.74 44.80 19.51
N GLU G 199 -14.88 45.66 20.52
CA GLU G 199 -13.73 46.37 21.07
C GLU G 199 -12.68 45.39 21.58
N GLN G 200 -13.13 44.38 22.32
CA GLN G 200 -12.29 43.30 22.83
C GLN G 200 -12.50 42.08 21.95
N LEU G 201 -11.41 41.52 21.42
CA LEU G 201 -11.55 40.36 20.55
C LEU G 201 -12.10 39.16 21.30
N GLN G 202 -13.04 38.46 20.68
CA GLN G 202 -13.65 37.29 21.29
C GLN G 202 -13.34 36.06 20.44
N MET G 203 -13.09 34.95 21.11
CA MET G 203 -12.61 33.72 20.49
C MET G 203 -13.48 32.55 20.94
N GLY G 204 -13.30 31.41 20.27
CA GLY G 204 -13.93 30.16 20.63
C GLY G 204 -12.97 28.98 20.61
N PHE G 205 -13.14 28.05 21.56
CA PHE G 205 -12.30 26.86 21.62
C PHE G 205 -13.13 25.59 21.60
N GLY G 206 -12.68 24.62 20.81
CA GLY G 206 -13.20 23.26 20.85
C GLY G 206 -12.12 22.31 21.32
N ILE G 207 -12.50 21.37 22.19
CA ILE G 207 -11.56 20.36 22.67
C ILE G 207 -12.12 18.97 22.37
N THR G 208 -11.30 18.14 21.74
CA THR G 208 -11.66 16.77 21.44
C THR G 208 -10.57 15.86 22.00
N VAL G 209 -10.97 14.83 22.74
CA VAL G 209 -10.02 13.91 23.36
C VAL G 209 -10.46 12.49 23.06
N GLN G 210 -9.46 11.62 22.87
CA GLN G 210 -9.64 10.21 22.59
C GLN G 210 -8.83 9.41 23.59
N TYR G 211 -9.46 8.40 24.19
CA TYR G 211 -8.72 7.49 25.03
C TYR G 211 -8.08 6.41 24.15
N GLY G 212 -6.78 6.12 24.41
CA GLY G 212 -6.03 5.13 23.66
C GLY G 212 -6.22 3.72 24.18
N THR G 213 -5.99 2.75 23.28
CA THR G 213 -6.22 1.36 23.62
C THR G 213 -5.18 0.81 24.59
N ASP G 214 -3.91 1.15 24.38
CA ASP G 214 -2.81 0.68 25.21
C ASP G 214 -2.01 1.79 25.84
N THR G 215 -1.73 2.86 25.11
CA THR G 215 -0.92 3.95 25.61
C THR G 215 -1.72 5.24 25.57
N ASN G 216 -1.75 5.95 26.70
CA ASN G 216 -2.30 7.30 26.78
C ASN G 216 -1.16 8.14 27.34
N SER G 217 -0.51 8.94 26.50
CA SER G 217 0.72 9.63 26.88
C SER G 217 0.56 11.13 27.01
N VAL G 218 -0.60 11.69 26.68
CA VAL G 218 -0.89 13.09 26.93
C VAL G 218 -1.49 13.18 28.33
N CYS G 219 -0.69 13.61 29.29
CA CYS G 219 -1.01 13.60 30.70
C CYS G 219 -0.85 14.99 31.30
N PRO G 220 -1.48 15.27 32.45
CA PRO G 220 -1.38 16.61 33.03
C PRO G 220 0.03 16.88 33.56
N LYS G 221 0.31 18.17 33.77
CA LYS G 221 1.65 18.62 34.13
C LYS G 221 1.99 18.42 35.59
N LEU G 222 1.02 18.15 36.46
CA LEU G 222 1.34 17.92 37.86
C LEU G 222 1.97 16.54 38.07
N VAL H 2 -34.25 45.86 -15.45
CA VAL H 2 -32.86 46.34 -15.51
C VAL H 2 -32.29 46.19 -16.94
N GLN H 3 -31.37 47.07 -17.34
CA GLN H 3 -30.83 47.05 -18.70
C GLN H 3 -29.33 46.79 -18.67
N LEU H 4 -28.86 46.11 -19.71
CA LEU H 4 -27.44 45.83 -19.89
C LEU H 4 -26.96 46.38 -21.22
N GLN H 5 -25.81 47.05 -21.22
CA GLN H 5 -25.20 47.61 -22.43
C GLN H 5 -23.77 47.11 -22.53
N GLU H 6 -23.39 46.68 -23.72
CA GLU H 6 -22.11 46.03 -23.97
C GLU H 6 -21.27 46.80 -24.96
N SER H 7 -19.95 46.75 -24.77
CA SER H 7 -19.02 47.41 -25.66
C SER H 7 -17.77 46.54 -25.80
N GLY H 8 -16.92 46.90 -26.77
CA GLY H 8 -15.60 46.32 -26.89
C GLY H 8 -15.44 45.27 -27.97
N GLY H 9 -16.55 44.77 -28.53
CA GLY H 9 -16.46 43.78 -29.58
C GLY H 9 -15.94 44.36 -30.89
N GLY H 10 -15.28 43.52 -31.68
CA GLY H 10 -14.76 44.00 -32.94
C GLY H 10 -14.04 42.90 -33.69
N SER H 11 -13.42 43.30 -34.81
CA SER H 11 -12.62 42.39 -35.60
C SER H 11 -11.19 42.46 -35.08
N VAL H 12 -10.57 41.30 -34.92
CA VAL H 12 -9.22 41.24 -34.37
C VAL H 12 -8.53 40.05 -35.00
N GLN H 13 -7.23 40.21 -35.28
CA GLN H 13 -6.46 39.11 -35.83
C GLN H 13 -6.12 38.07 -34.77
N ALA H 14 -5.80 36.86 -35.24
CA ALA H 14 -5.57 35.75 -34.34
C ALA H 14 -4.35 36.01 -33.46
N GLY H 15 -4.48 35.68 -32.18
CA GLY H 15 -3.43 35.93 -31.21
C GLY H 15 -3.48 37.32 -30.60
N GLY H 16 -4.30 38.22 -31.13
CA GLY H 16 -4.42 39.55 -30.60
C GLY H 16 -5.28 39.60 -29.35
N SER H 17 -5.49 40.83 -28.87
CA SER H 17 -6.21 41.09 -27.64
C SER H 17 -7.45 41.91 -27.91
N LEU H 18 -8.35 41.88 -26.94
CA LEU H 18 -9.61 42.58 -26.99
C LEU H 18 -10.15 42.66 -25.57
N ARG H 19 -10.91 43.70 -25.28
CA ARG H 19 -11.55 43.78 -23.97
C ARG H 19 -13.01 44.13 -24.17
N LEU H 20 -13.90 43.36 -23.54
CA LEU H 20 -15.34 43.62 -23.53
C LEU H 20 -15.72 44.25 -22.21
N SER H 21 -16.80 45.02 -22.23
CA SER H 21 -17.33 45.56 -21.00
C SER H 21 -18.85 45.55 -21.08
N CYS H 22 -19.47 45.31 -19.94
CA CYS H 22 -20.91 45.22 -19.83
C CYS H 22 -21.30 46.13 -18.68
N VAL H 23 -21.86 47.28 -19.00
CA VAL H 23 -22.33 48.23 -18.01
C VAL H 23 -23.75 47.84 -17.69
N ALA H 24 -24.09 47.79 -16.41
CA ALA H 24 -25.45 47.44 -16.00
C ALA H 24 -26.14 48.73 -15.58
N SER H 25 -26.86 49.33 -16.52
CA SER H 25 -27.67 50.52 -16.23
C SER H 25 -29.03 50.06 -15.75
N GLY H 26 -28.97 49.28 -14.71
CA GLY H 26 -30.10 48.57 -14.23
C GLY H 26 -30.93 49.34 -13.24
N SER H 27 -32.20 48.95 -13.19
CA SER H 27 -33.08 49.47 -12.16
C SER H 27 -32.67 48.99 -10.76
N ILE H 28 -32.25 47.73 -10.63
CA ILE H 28 -32.03 47.08 -9.33
C ILE H 28 -30.58 46.72 -9.08
N PHE H 29 -30.23 46.70 -7.78
CA PHE H 29 -28.93 46.24 -7.28
C PHE H 29 -28.98 44.84 -6.68
N SER H 30 -30.03 44.08 -6.91
CA SER H 30 -30.14 42.78 -6.27
C SER H 30 -29.35 41.68 -7.00
N ILE H 31 -28.48 42.06 -7.92
CA ILE H 31 -27.61 41.14 -8.65
C ILE H 31 -26.49 40.63 -7.75
N ASN H 32 -26.31 39.31 -7.73
CA ASN H 32 -25.22 38.68 -7.00
C ASN H 32 -24.17 38.03 -7.89
N ALA H 33 -24.38 37.97 -9.20
CA ALA H 33 -23.33 37.53 -10.10
C ALA H 33 -23.66 37.96 -11.51
N MET H 34 -22.61 38.18 -12.30
CA MET H 34 -22.74 38.50 -13.73
C MET H 34 -21.76 37.69 -14.57
N ASP H 35 -22.24 37.26 -15.73
CA ASP H 35 -21.58 36.27 -16.54
C ASP H 35 -21.49 36.74 -17.99
N TRP H 36 -20.53 36.17 -18.71
CA TRP H 36 -20.42 36.35 -20.15
C TRP H 36 -20.75 35.05 -20.86
N TYR H 37 -21.63 35.12 -21.84
CA TYR H 37 -21.99 33.95 -22.61
C TYR H 37 -21.60 34.21 -24.05
N ARG H 38 -21.45 33.15 -24.82
CA ARG H 38 -21.15 33.33 -26.22
C ARG H 38 -21.94 32.31 -27.00
N GLN H 39 -22.32 32.72 -28.20
CA GLN H 39 -23.07 31.87 -29.11
C GLN H 39 -22.46 31.99 -30.50
N ALA H 40 -21.93 30.93 -30.99
CA ALA H 40 -21.43 30.92 -32.34
C ALA H 40 -22.56 30.50 -33.28
N PRO H 41 -22.39 30.70 -34.59
CA PRO H 41 -23.49 30.35 -35.51
C PRO H 41 -23.90 28.89 -35.39
N GLY H 42 -25.21 28.69 -35.21
CA GLY H 42 -25.78 27.36 -35.25
C GLY H 42 -25.53 26.50 -34.05
N LYS H 43 -24.74 26.95 -33.08
CA LYS H 43 -24.44 26.14 -31.92
C LYS H 43 -25.25 26.60 -30.72
N GLN H 44 -25.09 25.89 -29.62
CA GLN H 44 -25.77 26.26 -28.39
C GLN H 44 -24.97 27.33 -27.64
N ARG H 45 -25.72 28.18 -26.94
CA ARG H 45 -25.17 29.17 -26.03
C ARG H 45 -24.27 28.53 -24.97
N GLU H 46 -23.10 29.11 -24.75
CA GLU H 46 -22.17 28.54 -23.78
C GLU H 46 -21.66 29.62 -22.83
N LEU H 47 -21.25 29.18 -21.63
CA LEU H 47 -20.75 30.06 -20.58
C LEU H 47 -19.28 30.41 -20.79
N VAL H 48 -18.97 31.70 -20.77
CA VAL H 48 -17.60 32.16 -20.98
C VAL H 48 -16.91 32.49 -19.67
N ALA H 49 -17.49 33.38 -18.90
CA ALA H 49 -16.87 33.76 -17.65
C ALA H 49 -17.95 34.22 -16.69
N GLY H 50 -17.61 34.29 -15.42
CA GLY H 50 -18.56 34.75 -14.44
C GLY H 50 -17.84 35.30 -13.24
N ILE H 51 -18.49 36.25 -12.58
CA ILE H 51 -17.98 36.83 -11.35
C ILE H 51 -19.16 36.97 -10.39
N THR H 52 -18.89 36.79 -9.10
CA THR H 52 -19.97 36.74 -8.13
C THR H 52 -19.83 37.85 -7.10
N SER H 53 -20.85 37.94 -6.25
CA SER H 53 -20.86 38.93 -5.18
C SER H 53 -19.56 38.87 -4.40
N GLY H 54 -19.21 37.68 -3.94
CA GLY H 54 -18.01 37.52 -3.17
C GLY H 54 -16.74 37.58 -3.96
N GLY H 55 -16.85 37.87 -5.26
CA GLY H 55 -15.68 37.99 -6.06
C GLY H 55 -15.06 36.69 -6.53
N SER H 56 -15.72 35.56 -6.31
CA SER H 56 -15.18 34.33 -6.86
C SER H 56 -15.46 34.32 -8.36
N THR H 57 -14.38 34.17 -9.13
CA THR H 57 -14.34 34.15 -10.58
C THR H 57 -14.32 32.71 -11.12
N ASN H 58 -14.95 32.50 -12.27
CA ASN H 58 -14.92 31.17 -12.90
C ASN H 58 -15.02 31.28 -14.42
N TYR H 59 -14.33 30.37 -15.14
CA TYR H 59 -14.22 30.46 -16.58
C TYR H 59 -14.63 29.16 -17.28
N GLY H 60 -15.01 29.31 -18.54
CA GLY H 60 -15.49 28.21 -19.36
C GLY H 60 -14.39 27.24 -19.70
N ASP H 61 -14.81 26.08 -20.19
CA ASP H 61 -13.88 24.98 -20.43
C ASP H 61 -13.01 25.18 -21.66
N PHE H 62 -13.19 26.27 -22.42
CA PHE H 62 -12.45 26.47 -23.67
C PHE H 62 -11.34 27.51 -23.57
N VAL H 63 -11.32 28.28 -22.49
CA VAL H 63 -10.25 29.24 -22.22
C VAL H 63 -9.25 28.58 -21.30
N LYS H 64 -7.98 28.58 -21.70
CA LYS H 64 -6.92 28.11 -20.82
C LYS H 64 -6.27 29.33 -20.20
N GLY H 65 -7.04 29.97 -19.32
CA GLY H 65 -6.56 31.16 -18.65
C GLY H 65 -6.40 32.35 -19.54
N ARG H 66 -6.86 32.29 -20.79
CA ARG H 66 -6.61 33.39 -21.70
C ARG H 66 -7.45 34.61 -21.33
N PHE H 67 -8.66 34.41 -20.86
CA PHE H 67 -9.54 35.52 -20.55
C PHE H 67 -9.45 35.81 -19.06
N THR H 68 -9.75 37.06 -18.68
CA THR H 68 -9.77 37.47 -17.28
C THR H 68 -10.95 38.39 -17.08
N ILE H 69 -11.80 38.05 -16.12
CA ILE H 69 -13.00 38.83 -15.84
C ILE H 69 -12.76 39.67 -14.59
N SER H 70 -13.30 40.88 -14.61
CA SER H 70 -13.19 41.82 -13.50
C SER H 70 -14.44 42.70 -13.46
N ARG H 71 -14.65 43.37 -12.32
CA ARG H 71 -15.83 44.23 -12.12
C ARG H 71 -15.42 45.50 -11.40
N ASP H 72 -16.00 46.61 -11.80
CA ASP H 72 -15.85 47.90 -11.10
C ASP H 72 -17.19 48.24 -10.45
N ASN H 73 -17.30 48.06 -9.12
CA ASN H 73 -18.56 48.31 -8.43
C ASN H 73 -18.90 49.79 -8.34
N ALA H 74 -17.93 50.68 -8.55
CA ALA H 74 -18.27 52.10 -8.56
C ALA H 74 -19.06 52.48 -9.81
N LYS H 75 -18.74 51.86 -10.94
CA LYS H 75 -19.39 52.18 -12.21
C LYS H 75 -20.29 51.05 -12.69
N ASN H 76 -20.64 50.12 -11.81
CA ASN H 76 -21.66 49.10 -12.06
C ASN H 76 -21.40 48.38 -13.38
N THR H 77 -20.18 47.92 -13.57
CA THR H 77 -19.75 47.35 -14.82
C THR H 77 -18.83 46.16 -14.63
N VAL H 78 -18.86 45.25 -15.62
CA VAL H 78 -18.02 44.07 -15.65
C VAL H 78 -17.23 44.08 -16.95
N TYR H 79 -15.94 43.78 -16.85
CA TYR H 79 -15.05 43.66 -18.00
C TYR H 79 -14.66 42.21 -18.28
N LEU H 80 -14.41 41.90 -19.55
CA LEU H 80 -13.82 40.61 -19.93
C LEU H 80 -12.66 40.84 -20.91
N GLN H 81 -11.42 40.74 -20.42
CA GLN H 81 -10.26 40.93 -21.30
C GLN H 81 -9.84 39.61 -21.90
N MET H 82 -9.69 39.60 -23.20
CA MET H 82 -9.42 38.39 -23.95
C MET H 82 -8.09 38.57 -24.67
N ASP H 83 -7.15 37.68 -24.39
CA ASP H 83 -5.83 37.68 -24.99
C ASP H 83 -5.62 36.33 -25.64
N SER H 84 -4.64 36.26 -26.55
CA SER H 84 -4.36 35.02 -27.26
C SER H 84 -5.63 34.53 -27.94
N LEU H 85 -6.33 35.46 -28.60
CA LEU H 85 -7.56 35.09 -29.27
C LEU H 85 -7.26 34.15 -30.42
N LYS H 86 -8.19 33.25 -30.70
CA LYS H 86 -8.08 32.29 -31.78
C LYS H 86 -9.38 32.23 -32.56
N PRO H 87 -9.35 31.74 -33.80
CA PRO H 87 -10.58 31.72 -34.62
C PRO H 87 -11.73 30.98 -33.97
N GLU H 88 -11.45 30.01 -33.11
CA GLU H 88 -12.51 29.28 -32.44
C GLU H 88 -13.32 30.20 -31.54
N ASP H 89 -12.76 31.35 -31.18
CA ASP H 89 -13.41 32.34 -30.33
C ASP H 89 -14.33 33.27 -31.11
N THR H 90 -14.48 33.09 -32.42
CA THR H 90 -15.40 33.94 -33.18
C THR H 90 -16.85 33.59 -32.87
N ALA H 91 -17.56 34.52 -32.25
CA ALA H 91 -18.97 34.37 -31.91
C ALA H 91 -19.44 35.72 -31.38
N VAL H 92 -20.73 35.79 -31.09
CA VAL H 92 -21.32 36.96 -30.46
C VAL H 92 -21.40 36.71 -28.96
N TYR H 93 -20.73 37.56 -28.20
CA TYR H 93 -20.61 37.40 -26.75
C TYR H 93 -21.70 38.23 -26.07
N TYR H 94 -22.36 37.64 -25.08
CA TYR H 94 -23.41 38.30 -24.34
C TYR H 94 -22.99 38.41 -22.89
N CYS H 95 -23.52 39.43 -22.22
CA CYS H 95 -23.37 39.51 -20.79
C CYS H 95 -24.74 39.35 -20.18
N ALA H 96 -24.77 38.79 -18.98
CA ALA H 96 -26.01 38.42 -18.36
C ALA H 96 -25.91 38.67 -16.87
N ALA H 97 -27.07 38.83 -16.25
CA ALA H 97 -27.14 39.12 -14.83
C ALA H 97 -27.96 38.03 -14.16
N GLU H 98 -27.53 37.66 -12.98
CA GLU H 98 -28.26 36.74 -12.14
C GLU H 98 -28.76 37.58 -10.99
N VAL H 99 -30.07 37.69 -10.87
CA VAL H 99 -30.66 38.39 -9.74
C VAL H 99 -31.09 37.31 -8.76
N GLY H 100 -30.59 37.40 -7.53
CA GLY H 100 -30.81 36.33 -6.58
C GLY H 100 -30.33 34.98 -7.06
N GLY H 101 -29.18 34.95 -7.73
CA GLY H 101 -28.66 33.69 -8.23
C GLY H 101 -28.18 32.80 -7.11
N TRP H 102 -28.46 31.51 -7.24
CA TRP H 102 -28.00 30.52 -6.28
C TRP H 102 -27.75 29.24 -7.08
N GLY H 103 -26.52 28.76 -7.07
CA GLY H 103 -26.12 27.63 -7.87
C GLY H 103 -25.73 27.98 -9.31
N PRO H 104 -25.97 27.04 -10.22
CA PRO H 104 -25.47 27.19 -11.57
C PRO H 104 -26.06 28.42 -12.22
N PRO H 105 -25.31 29.06 -13.14
CA PRO H 105 -25.78 30.31 -13.73
C PRO H 105 -27.05 30.09 -14.53
N ARG H 106 -28.12 30.77 -14.11
CA ARG H 106 -29.41 30.76 -14.80
C ARG H 106 -29.85 32.21 -14.87
N PRO H 107 -29.29 32.99 -15.81
CA PRO H 107 -29.45 34.43 -15.76
C PRO H 107 -30.88 34.88 -16.00
N ASP H 108 -31.21 36.04 -15.43
CA ASP H 108 -32.51 36.69 -15.53
C ASP H 108 -32.54 37.82 -16.56
N TYR H 109 -31.41 38.46 -16.83
CA TYR H 109 -31.36 39.52 -17.82
C TYR H 109 -30.15 39.38 -18.74
N TRP H 110 -30.36 39.69 -20.03
CA TRP H 110 -29.34 39.58 -21.06
C TRP H 110 -29.20 40.90 -21.82
N GLY H 111 -28.06 41.08 -22.47
CA GLY H 111 -27.86 42.21 -23.34
C GLY H 111 -28.19 41.85 -24.78
N HIS H 112 -28.10 42.86 -25.66
CA HIS H 112 -28.35 42.59 -27.07
C HIS H 112 -27.22 41.80 -27.71
N GLY H 113 -26.07 41.72 -27.07
CA GLY H 113 -24.95 40.97 -27.60
C GLY H 113 -23.98 41.82 -28.40
N THR H 114 -22.69 41.68 -28.12
CA THR H 114 -21.65 42.29 -28.94
C THR H 114 -20.94 41.19 -29.72
N GLN H 115 -20.37 41.54 -30.89
CA GLN H 115 -19.81 40.56 -31.82
C GLN H 115 -18.29 40.63 -31.82
N VAL H 116 -17.65 39.47 -31.74
CA VAL H 116 -16.20 39.33 -31.87
C VAL H 116 -15.89 38.40 -33.02
N THR H 117 -15.01 38.82 -33.92
CA THR H 117 -14.55 37.98 -35.02
C THR H 117 -13.03 37.90 -34.99
N VAL H 118 -12.50 36.73 -35.34
CA VAL H 118 -11.07 36.49 -35.32
C VAL H 118 -10.66 35.88 -36.66
N SER H 119 -9.74 36.53 -37.36
CA SER H 119 -9.20 36.04 -38.62
C SER H 119 -7.76 35.61 -38.45
N SER H 120 -7.43 34.45 -39.02
CA SER H 120 -6.07 33.91 -39.04
C SER H 120 -5.43 34.01 -40.42
N GLY H 121 -5.96 34.88 -41.29
CA GLY H 121 -5.50 35.07 -42.67
C GLY H 121 -4.08 34.67 -43.05
N ALA I 12 -17.95 8.67 54.10
CA ALA I 12 -18.48 8.37 52.78
C ALA I 12 -19.77 7.57 52.88
N GLU I 13 -20.89 8.29 52.88
CA GLU I 13 -22.21 7.67 52.91
C GLU I 13 -22.68 7.37 51.49
N GLY I 14 -23.25 6.19 51.31
CA GLY I 14 -23.69 5.72 50.01
C GLY I 14 -23.45 4.22 49.93
N VAL I 15 -24.34 3.53 49.23
CA VAL I 15 -24.24 2.08 49.17
C VAL I 15 -23.14 1.75 48.18
N GLU I 16 -22.22 0.89 48.61
CA GLU I 16 -21.13 0.47 47.75
C GLU I 16 -21.60 -0.61 46.81
N CYS I 17 -21.00 -0.65 45.63
CA CYS I 17 -21.39 -1.63 44.63
C CYS I 17 -21.23 -3.04 45.12
N ASP I 18 -22.28 -3.85 44.92
CA ASP I 18 -22.31 -5.21 45.44
C ASP I 18 -21.82 -6.13 44.34
N PHE I 19 -20.52 -6.36 44.30
CA PHE I 19 -19.99 -7.31 43.35
C PHE I 19 -20.03 -8.73 43.89
N SER I 20 -20.55 -8.92 45.10
CA SER I 20 -20.54 -10.25 45.69
C SER I 20 -21.29 -11.28 44.84
N PRO I 21 -22.46 -10.95 44.19
CA PRO I 21 -23.22 -11.98 43.46
C PRO I 21 -22.47 -12.78 42.40
N LEU I 22 -21.39 -12.23 41.86
CA LEU I 22 -20.58 -13.01 40.92
C LEU I 22 -19.59 -13.93 41.63
N LEU I 23 -19.29 -13.64 42.90
CA LEU I 23 -18.35 -14.45 43.68
C LEU I 23 -18.94 -15.78 44.15
N SER I 24 -20.27 -15.91 44.23
CA SER I 24 -20.92 -17.12 44.72
C SER I 24 -21.79 -17.71 43.61
N GLY I 25 -21.49 -18.94 43.22
CA GLY I 25 -22.29 -19.70 42.28
C GLY I 25 -21.52 -20.09 41.04
N THR I 26 -22.26 -20.54 40.01
CA THR I 26 -21.66 -20.94 38.74
C THR I 26 -21.81 -19.81 37.73
N PRO I 27 -20.72 -19.24 37.23
CA PRO I 27 -20.82 -18.25 36.14
C PRO I 27 -21.39 -18.89 34.89
N PRO I 28 -22.41 -18.30 34.28
CA PRO I 28 -23.06 -18.94 33.13
C PRO I 28 -22.18 -18.87 31.88
N GLN I 29 -22.62 -19.51 30.80
CA GLN I 29 -21.94 -19.40 29.53
C GLN I 29 -22.13 -18.00 28.95
N VAL I 30 -21.40 -17.71 27.86
CA VAL I 30 -21.37 -16.33 27.36
C VAL I 30 -22.74 -15.91 26.87
N TYR I 31 -23.49 -16.83 26.26
CA TYR I 31 -24.79 -16.46 25.73
C TYR I 31 -25.83 -16.30 26.83
N ASN I 32 -25.48 -16.63 28.05
CA ASN I 32 -26.37 -16.41 29.18
C ASN I 32 -25.74 -15.44 30.16
N PHE I 33 -24.96 -14.50 29.63
CA PHE I 33 -24.16 -13.60 30.45
C PHE I 33 -25.01 -12.98 31.55
N LYS I 34 -24.48 -12.99 32.76
CA LYS I 34 -25.18 -12.38 33.86
C LYS I 34 -24.99 -10.87 33.83
N ARG I 35 -26.06 -10.14 34.09
CA ARG I 35 -26.04 -8.70 33.94
C ARG I 35 -26.31 -8.04 35.28
N LEU I 36 -25.41 -7.15 35.67
CA LEU I 36 -25.53 -6.34 36.88
C LEU I 36 -25.56 -4.88 36.49
N VAL I 37 -26.54 -4.14 36.97
CA VAL I 37 -26.62 -2.71 36.71
C VAL I 37 -26.43 -1.99 38.04
N PHE I 38 -25.64 -0.92 38.02
CA PHE I 38 -25.36 -0.14 39.23
C PHE I 38 -25.76 1.29 38.95
N THR I 39 -26.62 1.84 39.79
CA THR I 39 -27.20 3.14 39.51
C THR I 39 -26.83 4.22 40.52
N ASN I 40 -26.79 3.89 41.81
CA ASN I 40 -26.48 4.87 42.84
C ASN I 40 -25.19 4.53 43.58
N CYS I 41 -24.35 3.70 42.97
CA CYS I 41 -23.20 3.06 43.58
C CYS I 41 -22.01 4.00 43.78
N ASN I 42 -21.24 3.67 44.80
CA ASN I 42 -19.83 3.99 44.89
C ASN I 42 -19.12 2.67 44.65
N TYR I 43 -18.10 2.65 43.82
CA TYR I 43 -17.52 1.38 43.45
C TYR I 43 -16.02 1.36 43.74
N ASN I 44 -15.48 0.14 43.82
CA ASN I 44 -14.05 -0.08 44.02
C ASN I 44 -13.72 -1.16 43.01
N LEU I 45 -13.28 -0.70 41.83
CA LEU I 45 -12.86 -1.61 40.76
C LEU I 45 -11.58 -2.34 41.13
N THR I 46 -10.68 -1.63 41.80
CA THR I 46 -9.40 -2.21 42.19
C THR I 46 -9.59 -3.40 43.11
N LYS I 47 -10.51 -3.27 44.08
CA LYS I 47 -10.76 -4.40 44.95
C LYS I 47 -11.35 -5.58 44.17
N LEU I 48 -12.13 -5.28 43.13
CA LEU I 48 -12.72 -6.37 42.36
C LEU I 48 -11.68 -7.11 41.56
N LEU I 49 -10.77 -6.40 40.91
CA LEU I 49 -9.84 -7.05 39.98
C LEU I 49 -8.69 -7.75 40.68
N SER I 50 -8.34 -7.33 41.90
CA SER I 50 -7.29 -8.00 42.64
C SER I 50 -7.69 -9.42 43.03
N LEU I 51 -8.98 -9.76 42.95
CA LEU I 51 -9.42 -11.11 43.28
C LEU I 51 -9.15 -12.12 42.17
N PHE I 52 -9.07 -11.67 40.92
CA PHE I 52 -8.80 -12.55 39.81
C PHE I 52 -7.39 -12.31 39.27
N SER I 53 -6.92 -13.23 38.43
CA SER I 53 -5.65 -13.06 37.72
C SER I 53 -5.97 -12.60 36.31
N VAL I 54 -5.94 -11.28 36.12
CA VAL I 54 -6.38 -10.66 34.89
C VAL I 54 -5.39 -10.94 33.77
N ASN I 55 -5.90 -11.30 32.60
CA ASN I 55 -5.10 -11.63 31.43
C ASN I 55 -5.09 -10.52 30.39
N ASP I 56 -6.27 -10.02 30.01
CA ASP I 56 -6.38 -8.93 29.05
C ASP I 56 -7.41 -7.92 29.54
N PHE I 57 -7.16 -6.66 29.23
CA PHE I 57 -8.02 -5.55 29.61
C PHE I 57 -7.97 -4.53 28.48
N THR I 58 -8.87 -4.69 27.51
CA THR I 58 -8.85 -3.92 26.27
C THR I 58 -10.16 -3.15 26.17
N CYS I 59 -10.07 -1.87 25.88
CA CYS I 59 -11.24 -1.02 25.95
C CYS I 59 -11.46 -0.25 24.65
N SER I 60 -12.66 0.27 24.53
CA SER I 60 -13.11 1.07 23.40
C SER I 60 -13.65 2.39 23.94
N GLN I 61 -13.09 3.51 23.46
CA GLN I 61 -13.51 4.87 23.81
C GLN I 61 -13.35 5.19 25.31
N ILE I 62 -12.50 4.45 26.03
CA ILE I 62 -12.21 4.75 27.44
C ILE I 62 -10.96 3.97 27.86
N SER I 63 -10.39 4.30 29.01
CA SER I 63 -9.21 3.55 29.45
C SER I 63 -9.45 2.99 30.83
N PRO I 64 -8.81 1.87 31.16
CA PRO I 64 -8.95 1.35 32.52
C PRO I 64 -8.65 2.40 33.58
N ALA I 65 -7.63 3.22 33.34
CA ALA I 65 -7.32 4.26 34.33
C ALA I 65 -8.44 5.28 34.42
N ALA I 66 -9.10 5.60 33.30
CA ALA I 66 -10.12 6.64 33.32
C ALA I 66 -11.41 6.14 33.95
N ILE I 67 -11.76 4.87 33.72
CA ILE I 67 -12.98 4.33 34.26
C ILE I 67 -12.92 4.27 35.78
N ALA I 68 -11.71 4.21 36.35
CA ALA I 68 -11.50 4.22 37.78
C ALA I 68 -11.23 5.62 38.30
N SER I 69 -11.30 6.62 37.44
CA SER I 69 -10.96 7.98 37.80
C SER I 69 -12.14 8.92 37.58
N ASN I 70 -13.24 8.42 37.02
CA ASN I 70 -14.31 9.28 36.56
C ASN I 70 -15.66 8.78 37.09
N CYS I 71 -16.63 9.70 37.10
CA CYS I 71 -17.99 9.41 37.53
C CYS I 71 -18.92 9.19 36.34
N TYR I 72 -19.81 8.21 36.46
CA TYR I 72 -20.72 7.79 35.42
C TYR I 72 -22.15 7.73 35.92
N SER I 73 -23.10 7.81 34.99
CA SER I 73 -24.52 7.76 35.36
C SER I 73 -25.03 6.36 35.60
N SER I 74 -24.45 5.36 34.95
CA SER I 74 -24.75 3.98 35.29
C SER I 74 -23.57 3.11 34.89
N LEU I 75 -23.40 2.01 35.61
CA LEU I 75 -22.33 1.07 35.31
C LEU I 75 -22.89 -0.35 35.22
N ILE I 76 -22.60 -1.01 34.10
CA ILE I 76 -23.17 -2.31 33.77
C ILE I 76 -22.03 -3.29 33.67
N LEU I 77 -22.13 -4.38 34.42
CA LEU I 77 -21.09 -5.39 34.50
C LEU I 77 -21.66 -6.70 34.02
N ASP I 78 -21.11 -7.22 32.93
CA ASP I 78 -21.45 -8.55 32.46
C ASP I 78 -20.33 -9.53 32.80
N TYR I 79 -20.71 -10.73 33.25
CA TYR I 79 -19.72 -11.76 33.53
C TYR I 79 -20.26 -13.09 33.09
N PHE I 80 -19.35 -13.99 32.73
CA PHE I 80 -19.66 -15.29 32.14
C PHE I 80 -18.37 -16.09 32.08
N SER I 81 -18.53 -17.40 31.88
CA SER I 81 -17.42 -18.31 31.69
C SER I 81 -16.86 -18.18 30.27
N TYR I 82 -15.54 -18.03 30.15
CA TYR I 82 -14.94 -17.86 28.82
C TYR I 82 -13.47 -18.27 28.78
N PRO I 83 -13.07 -19.14 27.84
CA PRO I 83 -11.68 -19.63 27.79
C PRO I 83 -10.72 -18.68 27.11
N LEU I 84 -9.46 -18.73 27.60
CA LEU I 84 -8.43 -17.84 27.09
C LEU I 84 -7.98 -18.19 25.67
N SER I 85 -8.19 -19.44 25.23
CA SER I 85 -7.84 -19.78 23.86
C SER I 85 -8.69 -19.01 22.86
N MET I 86 -9.85 -18.52 23.28
CA MET I 86 -10.78 -17.75 22.44
C MET I 86 -10.72 -16.25 22.71
N LYS I 87 -9.59 -15.72 23.17
CA LYS I 87 -9.50 -14.27 23.37
C LYS I 87 -9.69 -13.52 22.06
N SER I 88 -9.37 -14.17 20.93
CA SER I 88 -9.43 -13.53 19.62
C SER I 88 -10.86 -13.16 19.24
N ASP I 89 -11.82 -13.97 19.65
CA ASP I 89 -13.20 -13.81 19.21
C ASP I 89 -13.99 -12.88 20.11
N LEU I 90 -13.36 -12.37 21.17
CA LEU I 90 -14.01 -11.51 22.14
C LEU I 90 -13.40 -10.12 22.01
N SER I 91 -13.84 -9.40 20.98
CA SER I 91 -13.37 -8.03 20.79
C SER I 91 -14.54 -7.20 20.27
N VAL I 92 -14.37 -5.88 20.35
CA VAL I 92 -15.46 -4.98 19.98
C VAL I 92 -15.66 -4.97 18.47
N SER I 93 -14.55 -4.90 17.72
CA SER I 93 -14.60 -4.93 16.28
C SER I 93 -14.84 -6.34 15.73
N SER I 94 -15.16 -7.28 16.60
CA SER I 94 -15.19 -8.69 16.23
C SER I 94 -16.30 -8.96 15.21
N ALA I 95 -16.10 -10.01 14.42
CA ALA I 95 -17.17 -10.60 13.65
C ALA I 95 -17.26 -12.10 13.87
N GLY I 96 -16.55 -12.63 14.88
CA GLY I 96 -16.65 -14.02 15.23
C GLY I 96 -17.99 -14.35 15.84
N PRO I 97 -18.28 -15.64 15.98
CA PRO I 97 -19.62 -16.03 16.45
C PRO I 97 -19.96 -15.52 17.84
N ILE I 98 -18.97 -15.13 18.65
CA ILE I 98 -19.26 -14.64 20.00
C ILE I 98 -20.08 -13.37 19.91
N SER I 99 -19.51 -12.33 19.29
CA SER I 99 -20.20 -11.07 19.14
C SER I 99 -21.26 -11.10 18.05
N GLN I 100 -21.46 -12.25 17.41
CA GLN I 100 -22.51 -12.41 16.41
C GLN I 100 -23.75 -13.09 16.96
N PHE I 101 -23.60 -14.16 17.74
CA PHE I 101 -24.74 -14.91 18.22
C PHE I 101 -24.83 -15.07 19.73
N ASN I 102 -23.86 -14.54 20.48
CA ASN I 102 -23.84 -14.83 21.90
C ASN I 102 -23.93 -13.56 22.74
N TYR I 103 -23.00 -12.62 22.58
CA TYR I 103 -22.94 -11.42 23.44
C TYR I 103 -22.33 -10.27 22.65
N LYS I 104 -23.08 -9.18 22.51
CA LYS I 104 -22.56 -7.99 21.88
C LYS I 104 -22.89 -6.81 22.78
N GLN I 105 -21.95 -5.87 22.89
CA GLN I 105 -22.06 -4.72 23.79
C GLN I 105 -22.23 -3.41 23.02
N SER I 106 -22.63 -2.37 23.74
CA SER I 106 -23.13 -1.14 23.09
C SER I 106 -22.08 -0.47 22.22
N PHE I 107 -22.53 0.10 21.10
CA PHE I 107 -21.66 0.93 20.27
C PHE I 107 -21.51 2.34 20.83
N SER I 108 -22.63 2.99 21.15
CA SER I 108 -22.64 4.41 21.51
C SER I 108 -21.99 4.69 22.85
N ASN I 109 -21.66 3.66 23.63
CA ASN I 109 -21.13 3.89 24.97
C ASN I 109 -19.72 3.34 25.13
N PRO I 110 -18.95 3.93 26.04
CA PRO I 110 -17.62 3.38 26.38
C PRO I 110 -17.71 1.99 26.97
N THR I 111 -16.71 1.19 26.69
CA THR I 111 -16.82 -0.25 26.84
C THR I 111 -15.49 -0.83 27.26
N CYS I 112 -15.52 -1.82 28.14
CA CYS I 112 -14.31 -2.56 28.47
C CYS I 112 -14.59 -4.05 28.46
N LEU I 113 -13.48 -4.78 28.45
CA LEU I 113 -13.54 -6.21 28.22
C LEU I 113 -12.35 -6.84 28.93
N ILE I 114 -12.61 -7.69 29.91
CA ILE I 114 -11.57 -8.29 30.73
C ILE I 114 -11.65 -9.81 30.61
N LEU I 115 -10.50 -10.44 30.47
CA LEU I 115 -10.41 -11.89 30.60
C LEU I 115 -9.53 -12.20 31.79
N ALA I 116 -10.06 -13.01 32.71
CA ALA I 116 -9.36 -13.28 33.94
C ALA I 116 -9.70 -14.69 34.38
N THR I 117 -8.74 -15.32 35.03
CA THR I 117 -8.93 -16.62 35.66
C THR I 117 -9.22 -16.42 37.15
N VAL I 118 -10.12 -17.24 37.67
CA VAL I 118 -10.45 -17.22 39.10
C VAL I 118 -9.48 -18.16 39.83
N PRO I 119 -8.67 -17.66 40.76
CA PRO I 119 -7.55 -18.42 41.31
C PRO I 119 -7.97 -19.39 42.40
N HIS I 120 -6.97 -20.10 42.96
CA HIS I 120 -7.23 -20.99 44.08
C HIS I 120 -7.65 -20.21 45.33
N ASN I 121 -7.22 -18.95 45.45
CA ASN I 121 -7.61 -18.16 46.62
C ASN I 121 -9.11 -17.93 46.70
N LEU I 122 -9.84 -18.31 45.64
CA LEU I 122 -11.28 -18.14 45.51
C LEU I 122 -11.89 -19.52 45.32
N THR I 123 -12.51 -20.05 46.38
CA THR I 123 -13.11 -21.37 46.32
C THR I 123 -14.63 -21.28 46.41
N THR I 124 -15.21 -20.10 46.24
CA THR I 124 -16.65 -19.94 46.32
C THR I 124 -17.32 -19.84 44.95
N ILE I 125 -16.55 -19.83 43.86
CA ILE I 125 -17.08 -19.87 42.50
C ILE I 125 -17.04 -21.30 41.99
N THR I 126 -18.20 -21.90 41.71
CA THR I 126 -18.22 -23.24 41.18
C THR I 126 -18.11 -23.22 39.65
N LYS I 127 -17.66 -24.34 39.09
CA LYS I 127 -17.32 -24.53 37.68
C LYS I 127 -18.40 -25.30 36.93
N PRO I 128 -18.63 -24.94 35.66
CA PRO I 128 -19.48 -25.74 34.77
C PRO I 128 -18.68 -26.90 34.17
N LEU I 129 -19.39 -27.74 33.41
CA LEU I 129 -18.76 -28.93 32.85
C LEU I 129 -17.84 -28.59 31.68
N LYS I 130 -18.12 -27.51 30.95
CA LYS I 130 -17.37 -27.17 29.75
C LYS I 130 -17.76 -25.76 29.32
N TYR I 131 -16.99 -25.20 28.39
CA TYR I 131 -17.29 -23.90 27.81
C TYR I 131 -18.24 -24.06 26.63
N SER I 132 -19.30 -23.26 26.59
CA SER I 132 -20.32 -23.41 25.56
C SER I 132 -20.50 -22.10 24.84
N TYR I 133 -20.78 -22.16 23.53
CA TYR I 133 -21.12 -20.97 22.78
C TYR I 133 -21.88 -21.37 21.51
N ILE I 134 -22.57 -20.39 20.92
CA ILE I 134 -23.38 -20.62 19.72
C ILE I 134 -22.59 -20.17 18.49
N ASN I 135 -22.29 -21.11 17.58
CA ASN I 135 -21.52 -20.79 16.38
C ASN I 135 -22.38 -20.45 15.17
N LYS I 136 -23.64 -20.92 15.13
CA LYS I 136 -24.62 -20.47 14.14
C LYS I 136 -25.96 -20.41 14.84
N CYS I 137 -26.71 -19.33 14.66
CA CYS I 137 -28.08 -19.26 15.15
C CYS I 137 -28.91 -18.50 14.13
N SER I 138 -29.89 -19.18 13.56
CA SER I 138 -30.57 -18.61 12.41
C SER I 138 -32.00 -19.12 12.37
N ARG I 139 -32.80 -18.46 11.55
CA ARG I 139 -34.22 -18.73 11.55
C ARG I 139 -34.69 -18.91 10.13
N PHE I 140 -35.51 -19.93 9.91
CA PHE I 140 -36.13 -20.16 8.61
C PHE I 140 -37.58 -19.69 8.66
N LEU I 141 -38.03 -19.08 7.56
CA LEU I 141 -39.36 -18.50 7.54
C LEU I 141 -40.40 -19.55 7.15
N SER I 142 -41.66 -19.11 7.10
CA SER I 142 -42.78 -20.01 6.93
C SER I 142 -42.66 -20.81 5.64
N ASP I 143 -42.04 -20.26 4.60
CA ASP I 143 -41.88 -21.02 3.37
C ASP I 143 -40.93 -22.21 3.53
N ASP I 144 -40.14 -22.25 4.60
CA ASP I 144 -39.22 -23.35 4.93
C ASP I 144 -38.04 -23.40 3.96
N ARG I 145 -37.63 -22.25 3.44
CA ARG I 145 -36.49 -22.20 2.55
C ARG I 145 -35.53 -21.05 2.86
N THR I 146 -36.07 -19.90 3.22
CA THR I 146 -35.26 -18.69 3.43
C THR I 146 -34.75 -18.60 4.87
N GLU I 147 -33.43 -18.51 5.00
CA GLU I 147 -32.73 -18.47 6.27
C GLU I 147 -32.39 -17.04 6.67
N VAL I 148 -32.61 -16.70 7.93
CA VAL I 148 -32.27 -15.39 8.47
C VAL I 148 -31.38 -15.57 9.69
N PRO I 149 -30.07 -15.35 9.55
CA PRO I 149 -29.17 -15.46 10.71
C PRO I 149 -29.56 -14.45 11.76
N GLN I 150 -29.87 -14.93 12.96
CA GLN I 150 -30.30 -14.06 14.06
C GLN I 150 -29.08 -13.47 14.77
N LEU I 151 -28.51 -12.46 14.13
CA LEU I 151 -27.38 -11.76 14.72
C LEU I 151 -27.81 -11.00 15.96
N VAL I 152 -27.10 -11.23 17.07
CA VAL I 152 -27.48 -10.67 18.35
C VAL I 152 -27.31 -9.15 18.32
N ASN I 153 -28.25 -8.45 18.95
CA ASN I 153 -28.15 -7.00 19.15
C ASN I 153 -27.37 -6.72 20.42
N ALA I 154 -26.86 -5.51 20.54
CA ALA I 154 -26.17 -5.14 21.77
C ALA I 154 -27.17 -5.16 22.93
N ASN I 155 -26.70 -5.63 24.09
CA ASN I 155 -27.45 -5.70 25.35
C ASN I 155 -28.65 -6.66 25.30
N GLN I 156 -28.76 -7.50 24.29
CA GLN I 156 -29.82 -8.50 24.26
C GLN I 156 -29.22 -9.90 24.27
N TYR I 157 -30.09 -10.88 24.45
CA TYR I 157 -29.70 -12.29 24.35
C TYR I 157 -30.00 -12.81 22.96
N SER I 158 -29.41 -13.92 22.62
CA SER I 158 -29.78 -14.58 21.39
C SER I 158 -31.20 -15.09 21.51
N PRO I 159 -31.99 -15.02 20.44
CA PRO I 159 -33.29 -15.72 20.45
C PRO I 159 -33.15 -17.20 20.72
N CYS I 160 -31.96 -17.76 20.47
CA CYS I 160 -31.68 -19.19 20.58
C CYS I 160 -31.40 -19.65 22.00
N VAL I 161 -31.48 -18.79 23.01
CA VAL I 161 -31.31 -19.26 24.39
C VAL I 161 -32.45 -20.14 24.86
N SER I 162 -33.61 -20.12 24.18
CA SER I 162 -34.74 -20.96 24.57
C SER I 162 -34.56 -22.42 24.17
N ILE I 163 -33.67 -22.70 23.21
CA ILE I 163 -33.49 -24.06 22.71
C ILE I 163 -32.09 -24.61 22.95
N VAL I 164 -31.11 -23.76 23.24
CA VAL I 164 -29.75 -24.19 23.60
C VAL I 164 -29.81 -24.45 25.10
N PRO I 165 -29.21 -25.52 25.58
CA PRO I 165 -29.30 -25.80 27.02
C PRO I 165 -28.40 -24.88 27.80
N SER I 166 -28.41 -25.03 29.13
CA SER I 166 -27.56 -24.20 29.98
C SER I 166 -26.09 -24.34 29.60
N THR I 167 -25.69 -25.54 29.16
CA THR I 167 -24.33 -25.87 28.74
C THR I 167 -24.41 -26.87 27.60
N VAL I 168 -23.65 -26.65 26.53
CA VAL I 168 -23.66 -27.57 25.39
C VAL I 168 -23.11 -28.92 25.86
N TRP I 169 -23.72 -30.00 25.37
CA TRP I 169 -23.36 -31.36 25.77
C TRP I 169 -22.30 -31.98 24.87
N GLU I 170 -22.37 -31.77 23.55
CA GLU I 170 -21.44 -32.36 22.60
C GLU I 170 -20.94 -31.28 21.67
N ASP I 171 -19.76 -31.50 21.09
CA ASP I 171 -19.09 -30.41 20.35
C ASP I 171 -19.86 -29.95 19.12
N GLY I 172 -20.66 -30.82 18.51
CA GLY I 172 -21.40 -30.48 17.30
C GLY I 172 -22.89 -30.33 17.45
N ASP I 173 -23.40 -30.22 18.66
CA ASP I 173 -24.83 -30.32 18.91
C ASP I 173 -25.65 -29.31 18.09
N TYR I 174 -26.87 -29.72 17.72
CA TYR I 174 -27.77 -29.03 16.81
C TYR I 174 -29.14 -28.95 17.46
N TYR I 175 -29.76 -27.78 17.38
CA TYR I 175 -31.02 -27.52 18.07
C TYR I 175 -32.02 -26.93 17.09
N ARG I 176 -33.29 -27.23 17.31
CA ARG I 176 -34.34 -26.70 16.47
C ARG I 176 -35.62 -26.59 17.26
N LYS I 177 -36.50 -25.69 16.80
CA LYS I 177 -37.83 -25.59 17.37
C LYS I 177 -38.80 -25.10 16.28
N GLN I 178 -39.99 -25.68 16.26
CA GLN I 178 -41.01 -25.27 15.32
C GLN I 178 -41.89 -24.22 15.99
N LEU I 179 -42.12 -23.11 15.30
CA LEU I 179 -42.88 -22.00 15.87
C LEU I 179 -44.31 -22.02 15.32
N SER I 180 -45.27 -21.60 16.16
CA SER I 180 -46.64 -21.52 15.70
C SER I 180 -46.76 -20.36 14.71
N PRO I 181 -47.83 -20.32 13.91
CA PRO I 181 -47.99 -19.19 12.98
C PRO I 181 -48.07 -17.83 13.66
N LEU I 182 -48.15 -17.75 14.99
CA LEU I 182 -48.09 -16.47 15.70
C LEU I 182 -46.68 -15.92 15.78
N GLU I 183 -45.70 -16.74 16.10
CA GLU I 183 -44.32 -16.28 16.22
C GLU I 183 -43.63 -16.15 14.87
N GLY I 184 -44.36 -16.32 13.77
CA GLY I 184 -43.81 -16.26 12.43
C GLY I 184 -43.95 -17.57 11.67
N GLY I 185 -44.21 -18.66 12.37
CA GLY I 185 -44.44 -19.97 11.79
C GLY I 185 -43.23 -20.61 11.13
N GLY I 186 -42.04 -20.08 11.33
CA GLY I 186 -40.85 -20.65 10.75
C GLY I 186 -40.30 -21.78 11.58
N TRP I 187 -38.99 -21.98 11.45
CA TRP I 187 -38.22 -22.89 12.28
C TRP I 187 -37.07 -22.08 12.84
N LEU I 188 -36.79 -22.26 14.14
CA LEU I 188 -35.68 -21.58 14.78
C LEU I 188 -34.57 -22.57 15.08
N VAL I 189 -33.35 -22.26 14.64
CA VAL I 189 -32.23 -23.21 14.66
C VAL I 189 -30.97 -22.61 15.28
N ALA I 190 -30.23 -23.45 16.01
CA ALA I 190 -28.94 -23.07 16.56
C ALA I 190 -27.99 -24.26 16.53
N SER I 191 -26.70 -23.98 16.45
CA SER I 191 -25.69 -25.01 16.54
C SER I 191 -24.76 -24.67 17.70
N GLY I 192 -24.56 -25.65 18.59
CA GLY I 192 -23.70 -25.48 19.72
C GLY I 192 -22.26 -25.74 19.37
N SER I 193 -21.37 -25.22 20.22
CA SER I 193 -19.94 -25.40 20.09
C SER I 193 -19.36 -25.38 21.50
N THR I 194 -18.32 -26.17 21.73
CA THR I 194 -17.78 -26.34 23.07
C THR I 194 -16.26 -26.21 23.09
N VAL I 195 -15.73 -25.81 24.25
CA VAL I 195 -14.31 -25.83 24.56
C VAL I 195 -14.12 -26.50 25.92
N ALA I 196 -13.15 -27.43 26.00
CA ALA I 196 -12.99 -28.27 27.18
C ALA I 196 -12.60 -27.46 28.42
N MET I 197 -13.23 -27.80 29.55
CA MET I 197 -13.01 -27.07 30.80
C MET I 197 -11.60 -27.29 31.31
N THR I 198 -11.05 -26.26 31.94
CA THR I 198 -9.71 -26.26 32.49
C THR I 198 -9.72 -26.29 34.01
N GLU I 199 -8.54 -26.60 34.57
CA GLU I 199 -8.39 -26.77 36.01
C GLU I 199 -8.81 -25.53 36.80
N GLN I 200 -8.33 -24.35 36.39
CA GLN I 200 -8.76 -23.10 37.00
C GLN I 200 -9.80 -22.44 36.09
N LEU I 201 -10.96 -22.09 36.65
CA LEU I 201 -12.01 -21.49 35.83
C LEU I 201 -11.57 -20.13 35.29
N GLN I 202 -11.87 -19.90 34.02
CA GLN I 202 -11.51 -18.68 33.33
C GLN I 202 -12.79 -17.93 32.98
N MET I 203 -12.74 -16.61 33.11
CA MET I 203 -13.93 -15.81 32.95
C MET I 203 -13.67 -14.63 32.03
N GLY I 204 -14.76 -14.02 31.61
CA GLY I 204 -14.71 -12.78 30.87
C GLY I 204 -15.73 -11.82 31.45
N PHE I 205 -15.34 -10.54 31.51
CA PHE I 205 -16.19 -9.48 32.00
C PHE I 205 -16.37 -8.41 30.94
N GLY I 206 -17.59 -7.93 30.83
CA GLY I 206 -17.90 -6.77 30.02
C GLY I 206 -18.29 -5.63 30.95
N ILE I 207 -17.78 -4.45 30.65
CA ILE I 207 -18.12 -3.26 31.41
C ILE I 207 -18.62 -2.20 30.43
N THR I 208 -19.78 -1.64 30.69
CA THR I 208 -20.32 -0.58 29.86
C THR I 208 -20.73 0.59 30.73
N VAL I 209 -20.39 1.81 30.32
CA VAL I 209 -20.67 3.01 31.10
C VAL I 209 -21.35 4.04 30.22
N GLN I 210 -22.13 4.90 30.86
CA GLN I 210 -22.78 6.02 30.20
C GLN I 210 -22.41 7.32 30.92
N TYR I 211 -21.99 8.33 30.16
CA TYR I 211 -21.83 9.64 30.77
C TYR I 211 -23.21 10.27 30.84
N GLY I 212 -23.57 10.79 32.00
CA GLY I 212 -24.87 11.38 32.17
C GLY I 212 -24.90 12.82 31.71
N THR I 213 -26.09 13.27 31.31
CA THR I 213 -26.20 14.65 30.85
C THR I 213 -26.11 15.64 32.01
N ASP I 214 -26.75 15.33 33.14
CA ASP I 214 -26.78 16.20 34.31
C ASP I 214 -26.24 15.53 35.57
N THR I 215 -26.56 14.27 35.79
CA THR I 215 -26.19 13.59 37.01
C THR I 215 -25.33 12.38 36.69
N ASN I 216 -24.20 12.28 37.39
CA ASN I 216 -23.32 11.11 37.32
C ASN I 216 -23.31 10.54 38.73
N SER I 217 -23.97 9.43 38.92
CA SER I 217 -24.28 8.96 40.25
C SER I 217 -23.45 7.76 40.67
N VAL I 218 -22.70 7.16 39.76
CA VAL I 218 -21.77 6.07 40.05
C VAL I 218 -20.34 6.60 40.16
N CYS I 219 -19.76 6.64 41.38
CA CYS I 219 -18.40 7.19 41.48
C CYS I 219 -17.42 6.21 42.10
N PRO I 220 -16.13 6.34 41.79
CA PRO I 220 -15.13 5.39 42.27
C PRO I 220 -14.59 5.68 43.67
N LYS I 221 -13.81 4.71 44.16
CA LYS I 221 -12.80 4.85 45.23
C LYS I 221 -13.42 5.43 46.49
N LEU I 222 -12.75 6.38 47.14
CA LEU I 222 -13.12 6.97 48.42
C LEU I 222 -14.38 7.79 48.26
N VAL J 2 -25.21 -46.22 3.83
CA VAL J 2 -26.00 -45.55 4.87
C VAL J 2 -27.43 -46.06 4.84
N GLN J 3 -27.68 -47.09 5.64
CA GLN J 3 -28.94 -47.80 5.65
C GLN J 3 -29.71 -47.45 6.90
N LEU J 4 -31.03 -47.47 6.78
CA LEU J 4 -31.90 -47.27 7.92
C LEU J 4 -32.76 -48.52 8.06
N GLN J 5 -32.88 -49.01 9.29
CA GLN J 5 -33.63 -50.22 9.59
C GLN J 5 -34.69 -49.90 10.61
N GLU J 6 -35.89 -50.39 10.38
CA GLU J 6 -37.04 -50.02 11.18
C GLU J 6 -37.64 -51.25 11.83
N SER J 7 -38.23 -51.06 13.00
CA SER J 7 -38.85 -52.15 13.75
C SER J 7 -40.15 -51.69 14.38
N GLY J 8 -40.92 -52.67 14.85
CA GLY J 8 -42.08 -52.44 15.67
C GLY J 8 -43.40 -52.51 14.92
N GLY J 9 -43.37 -52.49 13.59
CA GLY J 9 -44.61 -52.46 12.83
C GLY J 9 -45.40 -53.74 12.98
N GLY J 10 -46.72 -53.58 13.03
CA GLY J 10 -47.59 -54.71 13.21
C GLY J 10 -49.02 -54.23 13.35
N SER J 11 -49.91 -55.18 13.62
CA SER J 11 -51.31 -54.86 13.86
C SER J 11 -51.51 -54.57 15.34
N VAL J 12 -52.31 -53.55 15.62
CA VAL J 12 -52.55 -53.12 16.99
C VAL J 12 -53.98 -52.62 17.08
N GLN J 13 -54.63 -52.91 18.20
CA GLN J 13 -56.00 -52.46 18.41
C GLN J 13 -56.02 -50.97 18.75
N ALA J 14 -57.19 -50.37 18.55
CA ALA J 14 -57.36 -48.95 18.83
C ALA J 14 -57.22 -48.69 20.33
N GLY J 15 -56.52 -47.62 20.69
CA GLY J 15 -56.23 -47.29 22.06
C GLY J 15 -54.97 -47.92 22.62
N GLY J 16 -54.35 -48.84 21.87
CA GLY J 16 -53.11 -49.46 22.30
C GLY J 16 -51.86 -48.63 22.02
N SER J 17 -50.72 -49.24 22.35
CA SER J 17 -49.40 -48.65 22.18
C SER J 17 -48.52 -49.56 21.33
N LEU J 18 -47.44 -48.96 20.81
CA LEU J 18 -46.48 -49.67 19.98
C LEU J 18 -45.19 -48.87 20.01
N ARG J 19 -44.07 -49.56 19.80
CA ARG J 19 -42.77 -48.89 19.81
C ARG J 19 -42.01 -49.21 18.53
N LEU J 20 -41.51 -48.16 17.90
CA LEU J 20 -40.65 -48.23 16.72
C LEU J 20 -39.21 -47.95 17.12
N SER J 21 -38.28 -48.48 16.33
CA SER J 21 -36.87 -48.16 16.45
C SER J 21 -36.26 -48.13 15.07
N CYS J 22 -35.25 -47.27 14.89
CA CYS J 22 -34.60 -47.07 13.59
C CYS J 22 -33.09 -47.11 13.82
N VAL J 23 -32.45 -48.20 13.42
CA VAL J 23 -31.00 -48.34 13.56
C VAL J 23 -30.32 -47.75 12.34
N ALA J 24 -29.31 -46.91 12.58
CA ALA J 24 -28.58 -46.20 11.53
C ALA J 24 -27.23 -46.88 11.30
N SER J 25 -27.15 -47.76 10.32
CA SER J 25 -25.89 -48.36 9.88
C SER J 25 -25.26 -47.49 8.79
N GLY J 26 -24.95 -46.24 9.17
CA GLY J 26 -24.61 -45.24 8.18
C GLY J 26 -23.14 -45.29 7.76
N SER J 27 -22.92 -44.84 6.51
CA SER J 27 -21.56 -44.66 6.03
C SER J 27 -20.86 -43.60 6.86
N ILE J 28 -21.58 -42.53 7.20
CA ILE J 28 -21.04 -41.40 7.95
C ILE J 28 -21.79 -41.30 9.28
N PHE J 29 -21.12 -40.75 10.29
CA PHE J 29 -21.77 -40.41 11.54
C PHE J 29 -22.11 -38.93 11.62
N SER J 30 -22.00 -38.21 10.51
CA SER J 30 -22.18 -36.77 10.52
C SER J 30 -23.63 -36.35 10.53
N ILE J 31 -24.52 -37.30 10.85
CA ILE J 31 -25.94 -36.99 10.98
C ILE J 31 -26.16 -36.09 12.18
N ASN J 32 -26.92 -35.02 11.97
CA ASN J 32 -27.24 -34.11 13.07
C ASN J 32 -28.71 -34.10 13.45
N ALA J 33 -29.58 -34.80 12.72
CA ALA J 33 -30.95 -34.97 13.16
C ALA J 33 -31.58 -36.16 12.46
N MET J 34 -32.50 -36.82 13.18
CA MET J 34 -33.25 -37.95 12.63
C MET J 34 -34.72 -37.83 12.98
N ASP J 35 -35.58 -38.14 12.01
CA ASP J 35 -37.00 -37.84 12.10
C ASP J 35 -37.82 -39.08 11.76
N TRP J 36 -39.07 -39.08 12.22
CA TRP J 36 -40.07 -40.07 11.83
C TRP J 36 -41.19 -39.45 11.01
N TYR J 37 -41.51 -40.06 9.87
CA TYR J 37 -42.57 -39.61 9.00
C TYR J 37 -43.56 -40.75 8.78
N ARG J 38 -44.78 -40.41 8.34
CA ARG J 38 -45.78 -41.43 8.02
C ARG J 38 -46.57 -41.03 6.78
N GLN J 39 -47.01 -42.02 6.02
CA GLN J 39 -47.79 -41.79 4.81
C GLN J 39 -48.95 -42.77 4.80
N ALA J 40 -50.17 -42.26 4.64
CA ALA J 40 -51.36 -43.09 4.69
C ALA J 40 -51.93 -43.29 3.28
N PRO J 41 -52.81 -44.29 3.08
CA PRO J 41 -53.39 -44.51 1.74
C PRO J 41 -54.35 -43.42 1.25
N GLY J 42 -54.52 -42.32 1.97
CA GLY J 42 -55.41 -41.25 1.52
C GLY J 42 -54.85 -39.86 1.77
N LYS J 43 -53.63 -39.82 2.32
CA LYS J 43 -52.98 -38.57 2.69
C LYS J 43 -51.53 -38.59 2.25
N GLN J 44 -50.92 -37.41 2.22
CA GLN J 44 -49.53 -37.32 1.85
C GLN J 44 -48.63 -37.55 3.06
N ARG J 45 -47.34 -37.68 2.79
CA ARG J 45 -46.37 -37.89 3.84
C ARG J 45 -46.32 -36.69 4.80
N GLU J 46 -46.41 -36.98 6.08
CA GLU J 46 -46.47 -35.95 7.12
C GLU J 46 -45.48 -36.29 8.22
N LEU J 47 -45.06 -35.25 8.95
CA LEU J 47 -44.04 -35.41 9.99
C LEU J 47 -44.69 -35.95 11.28
N VAL J 48 -44.06 -36.96 11.86
CA VAL J 48 -44.54 -37.57 13.10
C VAL J 48 -43.75 -37.05 14.28
N ALA J 49 -42.43 -37.22 14.24
CA ALA J 49 -41.57 -36.80 15.34
C ALA J 49 -40.17 -36.56 14.81
N GLY J 50 -39.37 -35.87 15.60
CA GLY J 50 -37.98 -35.66 15.23
C GLY J 50 -37.12 -35.35 16.44
N ILE J 51 -35.86 -35.79 16.37
CA ILE J 51 -34.89 -35.51 17.41
C ILE J 51 -33.56 -35.16 16.76
N THR J 52 -32.78 -34.31 17.42
CA THR J 52 -31.57 -33.74 16.86
C THR J 52 -30.34 -34.12 17.69
N SER J 53 -29.18 -33.66 17.23
CA SER J 53 -27.93 -33.88 17.93
C SER J 53 -28.04 -33.43 19.39
N GLY J 54 -28.51 -32.21 19.61
CA GLY J 54 -28.67 -31.64 20.93
C GLY J 54 -29.86 -32.13 21.71
N GLY J 55 -30.62 -33.07 21.18
CA GLY J 55 -31.75 -33.56 21.93
C GLY J 55 -32.97 -32.67 21.87
N SER J 56 -32.99 -31.65 21.02
CA SER J 56 -34.20 -30.86 20.90
C SER J 56 -35.25 -31.69 20.17
N THR J 57 -36.34 -31.97 20.86
CA THR J 57 -37.42 -32.84 20.38
C THR J 57 -38.53 -32.01 19.78
N ASN J 58 -39.18 -32.53 18.74
CA ASN J 58 -40.31 -31.84 18.13
C ASN J 58 -41.30 -32.84 17.55
N TYR J 59 -42.58 -32.48 17.61
CA TYR J 59 -43.67 -33.39 17.22
C TYR J 59 -44.61 -32.72 16.23
N GLY J 60 -45.33 -33.58 15.49
CA GLY J 60 -46.31 -33.10 14.55
C GLY J 60 -47.52 -32.52 15.25
N ASP J 61 -48.30 -31.74 14.49
CA ASP J 61 -49.43 -31.06 15.12
C ASP J 61 -50.63 -31.96 15.34
N PHE J 62 -50.57 -33.24 14.98
CA PHE J 62 -51.73 -34.09 15.14
C PHE J 62 -51.59 -35.05 16.32
N VAL J 63 -50.39 -35.17 16.88
CA VAL J 63 -50.15 -35.94 18.08
C VAL J 63 -50.20 -34.98 19.26
N LYS J 64 -51.14 -35.23 20.17
CA LYS J 64 -51.32 -34.37 21.33
C LYS J 64 -50.64 -35.03 22.54
N GLY J 65 -49.30 -35.02 22.49
CA GLY J 65 -48.51 -35.62 23.54
C GLY J 65 -48.55 -37.13 23.61
N ARG J 66 -49.13 -37.80 22.62
CA ARG J 66 -49.25 -39.25 22.71
C ARG J 66 -47.91 -39.95 22.51
N PHE J 67 -47.09 -39.45 21.58
CA PHE J 67 -45.83 -40.08 21.19
C PHE J 67 -44.66 -39.43 21.93
N THR J 68 -43.60 -40.21 22.12
CA THR J 68 -42.39 -39.70 22.76
C THR J 68 -41.19 -40.30 22.05
N ILE J 69 -40.28 -39.44 21.60
CA ILE J 69 -39.09 -39.85 20.88
C ILE J 69 -37.88 -39.79 21.81
N SER J 70 -36.97 -40.75 21.67
CA SER J 70 -35.74 -40.79 22.46
C SER J 70 -34.64 -41.45 21.63
N ARG J 71 -33.39 -41.26 22.09
CA ARG J 71 -32.22 -41.72 21.36
C ARG J 71 -31.20 -42.36 22.30
N ASP J 72 -30.61 -43.48 21.86
CA ASP J 72 -29.43 -44.09 22.49
C ASP J 72 -28.25 -43.85 21.55
N ASN J 73 -27.44 -42.82 21.84
CA ASN J 73 -26.38 -42.44 20.92
C ASN J 73 -25.22 -43.43 20.88
N ALA J 74 -25.03 -44.23 21.94
CA ALA J 74 -23.96 -45.22 21.94
C ALA J 74 -24.23 -46.34 20.95
N LYS J 75 -25.51 -46.65 20.72
CA LYS J 75 -25.90 -47.73 19.83
C LYS J 75 -26.51 -47.20 18.54
N ASN J 76 -26.34 -45.92 18.25
CA ASN J 76 -26.66 -45.30 16.97
C ASN J 76 -28.06 -45.71 16.51
N THR J 77 -29.03 -45.58 17.42
CA THR J 77 -30.40 -46.00 17.18
C THR J 77 -31.36 -44.99 17.80
N VAL J 78 -32.53 -44.83 17.16
CA VAL J 78 -33.56 -43.89 17.58
C VAL J 78 -34.89 -44.61 17.78
N TYR J 79 -35.56 -44.35 18.90
CA TYR J 79 -36.84 -44.96 19.19
C TYR J 79 -37.98 -43.97 19.05
N LEU J 80 -39.14 -44.48 18.66
CA LEU J 80 -40.39 -43.71 18.61
C LEU J 80 -41.48 -44.51 19.33
N GLN J 81 -41.81 -44.09 20.55
CA GLN J 81 -42.82 -44.73 21.36
C GLN J 81 -44.18 -44.08 21.15
N MET J 82 -45.20 -44.89 20.86
CA MET J 82 -46.52 -44.41 20.48
C MET J 82 -47.55 -44.92 21.46
N ASP J 83 -48.32 -43.99 22.03
CA ASP J 83 -49.37 -44.29 22.99
C ASP J 83 -50.70 -43.76 22.48
N SER J 84 -51.78 -44.33 23.02
CA SER J 84 -53.14 -43.89 22.74
C SER J 84 -53.42 -43.83 21.24
N LEU J 85 -53.06 -44.90 20.55
CA LEU J 85 -53.26 -44.97 19.11
C LEU J 85 -54.74 -44.99 18.76
N LYS J 86 -55.06 -44.42 17.60
CA LYS J 86 -56.39 -44.43 17.02
C LYS J 86 -56.26 -44.70 15.53
N PRO J 87 -57.33 -45.16 14.88
CA PRO J 87 -57.26 -45.47 13.45
C PRO J 87 -56.73 -44.34 12.56
N GLU J 88 -56.83 -43.09 13.01
CA GLU J 88 -56.28 -42.00 12.21
C GLU J 88 -54.77 -42.11 12.04
N ASP J 89 -54.08 -42.83 12.93
CA ASP J 89 -52.63 -43.00 12.87
C ASP J 89 -52.16 -44.20 12.02
N THR J 90 -53.07 -44.95 11.39
CA THR J 90 -52.65 -46.08 10.55
C THR J 90 -51.98 -45.57 9.28
N ALA J 91 -50.72 -45.98 9.09
CA ALA J 91 -49.95 -45.57 7.91
C ALA J 91 -48.69 -46.41 7.85
N VAL J 92 -47.91 -46.19 6.80
CA VAL J 92 -46.58 -46.77 6.66
C VAL J 92 -45.58 -45.70 7.10
N TYR J 93 -44.83 -46.02 8.16
CA TYR J 93 -43.94 -45.08 8.82
C TYR J 93 -42.52 -45.20 8.30
N TYR J 94 -41.87 -44.06 8.08
CA TYR J 94 -40.49 -44.02 7.65
C TYR J 94 -39.67 -43.30 8.71
N CYS J 95 -38.40 -43.66 8.80
CA CYS J 95 -37.46 -42.89 9.59
C CYS J 95 -36.45 -42.29 8.62
N ALA J 96 -35.95 -41.11 8.98
CA ALA J 96 -35.16 -40.34 8.06
C ALA J 96 -34.03 -39.69 8.82
N ALA J 97 -32.97 -39.36 8.09
CA ALA J 97 -31.80 -38.76 8.69
C ALA J 97 -31.45 -37.50 7.94
N GLU J 98 -31.08 -36.46 8.68
CA GLU J 98 -30.59 -35.23 8.09
C GLU J 98 -29.09 -35.26 8.31
N VAL J 99 -28.35 -35.29 7.22
CA VAL J 99 -26.90 -35.25 7.27
C VAL J 99 -26.52 -33.80 6.98
N GLY J 100 -25.89 -33.15 7.96
CA GLY J 100 -25.65 -31.72 7.90
C GLY J 100 -26.96 -30.97 7.69
N GLY J 101 -28.04 -31.50 8.26
CA GLY J 101 -29.34 -30.86 8.11
C GLY J 101 -29.35 -29.54 8.86
N TRP J 102 -30.05 -28.56 8.27
CA TRP J 102 -30.13 -27.23 8.88
C TRP J 102 -31.50 -26.64 8.56
N GLY J 103 -32.22 -26.26 9.61
CA GLY J 103 -33.56 -25.77 9.47
C GLY J 103 -34.62 -26.85 9.46
N PRO J 104 -35.71 -26.59 8.72
CA PRO J 104 -36.84 -27.49 8.75
C PRO J 104 -36.43 -28.87 8.25
N PRO J 105 -37.04 -29.92 8.80
CA PRO J 105 -36.58 -31.27 8.44
C PRO J 105 -36.78 -31.51 6.96
N ARG J 106 -35.64 -31.67 6.30
CA ARG J 106 -35.53 -31.91 4.87
C ARG J 106 -34.52 -33.04 4.72
N PRO J 107 -34.95 -34.29 4.93
CA PRO J 107 -34.00 -35.39 5.07
C PRO J 107 -33.24 -35.71 3.80
N ASP J 108 -32.05 -36.29 4.00
CA ASP J 108 -31.15 -36.74 2.95
C ASP J 108 -31.26 -38.23 2.67
N TYR J 109 -31.62 -39.05 3.68
CA TYR J 109 -31.73 -40.49 3.51
C TYR J 109 -33.02 -41.01 4.14
N TRP J 110 -33.64 -41.99 3.48
CA TRP J 110 -34.91 -42.55 3.90
C TRP J 110 -34.80 -44.08 4.02
N GLY J 111 -35.68 -44.64 4.84
CA GLY J 111 -35.78 -46.09 5.00
C GLY J 111 -36.86 -46.70 4.13
N HIS J 112 -36.93 -48.04 4.20
CA HIS J 112 -37.89 -48.83 3.43
C HIS J 112 -39.31 -48.83 4.00
N GLY J 113 -39.58 -48.05 5.05
CA GLY J 113 -40.90 -48.00 5.67
C GLY J 113 -41.42 -49.28 6.31
N THR J 114 -41.86 -49.18 7.57
CA THR J 114 -42.57 -50.24 8.28
C THR J 114 -44.02 -49.79 8.47
N GLN J 115 -44.94 -50.74 8.61
CA GLN J 115 -46.35 -50.41 8.65
C GLN J 115 -46.97 -50.56 10.03
N VAL J 116 -47.79 -49.59 10.41
CA VAL J 116 -48.65 -49.65 11.59
C VAL J 116 -50.11 -49.61 11.15
N THR J 117 -50.90 -50.56 11.63
CA THR J 117 -52.33 -50.61 11.36
C THR J 117 -53.09 -50.61 12.67
N VAL J 118 -54.23 -49.93 12.71
CA VAL J 118 -55.02 -49.78 13.92
C VAL J 118 -56.49 -50.13 13.63
N SER J 119 -57.05 -51.06 14.40
CA SER J 119 -58.43 -51.49 14.29
C SER J 119 -59.24 -51.03 15.50
N SER J 120 -60.42 -50.44 15.23
CA SER J 120 -61.35 -50.02 16.28
C SER J 120 -62.66 -50.82 16.17
N GLY J 121 -62.61 -52.09 16.54
CA GLY J 121 -63.79 -52.95 16.42
C GLY J 121 -64.88 -52.62 17.41
N ALA K 12 -17.99 -23.67 -28.23
CA ALA K 12 -17.07 -23.10 -27.24
C ALA K 12 -17.29 -21.61 -27.10
N GLU K 13 -18.16 -21.23 -26.16
CA GLU K 13 -18.44 -19.82 -25.87
C GLU K 13 -17.48 -19.27 -24.82
N GLY K 14 -17.00 -18.06 -25.06
CA GLY K 14 -16.04 -17.41 -24.19
C GLY K 14 -15.10 -16.63 -25.08
N VAL K 15 -14.63 -15.50 -24.55
CA VAL K 15 -13.77 -14.64 -25.35
C VAL K 15 -12.37 -15.23 -25.36
N GLU K 16 -11.81 -15.36 -26.55
CA GLU K 16 -10.47 -15.90 -26.70
C GLU K 16 -9.45 -14.82 -26.38
N CYS K 17 -8.33 -15.25 -25.81
CA CYS K 17 -7.24 -14.33 -25.49
C CYS K 17 -6.72 -13.62 -26.72
N ASP K 18 -6.59 -12.31 -26.60
CA ASP K 18 -6.26 -11.46 -27.74
C ASP K 18 -4.75 -11.29 -27.74
N PHE K 19 -4.07 -12.18 -28.44
CA PHE K 19 -2.61 -12.10 -28.60
C PHE K 19 -2.20 -11.23 -29.76
N SER K 20 -3.14 -10.53 -30.39
CA SER K 20 -2.81 -9.80 -31.61
C SER K 20 -1.75 -8.71 -31.41
N PRO K 21 -1.74 -7.90 -30.32
CA PRO K 21 -0.78 -6.79 -30.25
C PRO K 21 0.67 -7.22 -30.46
N LEU K 22 0.93 -8.50 -30.25
CA LEU K 22 2.29 -8.99 -30.41
C LEU K 22 2.67 -9.20 -31.87
N LEU K 23 1.69 -9.45 -32.74
CA LEU K 23 1.97 -9.72 -34.15
C LEU K 23 2.20 -8.46 -35.00
N SER K 24 1.68 -7.30 -34.58
CA SER K 24 1.74 -6.09 -35.39
C SER K 24 2.55 -5.02 -34.68
N GLY K 25 3.62 -4.55 -35.33
CA GLY K 25 4.40 -3.44 -34.82
C GLY K 25 5.84 -3.85 -34.53
N THR K 26 6.53 -2.99 -33.78
CA THR K 26 7.93 -3.23 -33.40
C THR K 26 7.99 -3.77 -31.98
N PRO K 27 8.47 -4.99 -31.74
CA PRO K 27 8.69 -5.44 -30.36
C PRO K 27 9.71 -4.54 -29.68
N PRO K 28 9.41 -4.05 -28.46
CA PRO K 28 10.31 -3.09 -27.82
C PRO K 28 11.60 -3.78 -27.36
N GLN K 29 12.54 -2.99 -26.85
CA GLN K 29 13.71 -3.62 -26.26
C GLN K 29 13.32 -4.27 -24.93
N VAL K 30 14.23 -5.09 -24.41
CA VAL K 30 13.89 -5.90 -23.25
C VAL K 30 13.60 -5.03 -22.03
N TYR K 31 14.28 -3.90 -21.90
CA TYR K 31 14.02 -3.08 -20.73
C TYR K 31 12.71 -2.31 -20.84
N ASN K 32 12.07 -2.30 -21.99
CA ASN K 32 10.75 -1.70 -22.19
C ASN K 32 9.70 -2.75 -22.51
N PHE K 33 9.86 -3.95 -21.96
CA PHE K 33 9.07 -5.11 -22.37
C PHE K 33 7.59 -4.77 -22.40
N LYS K 34 6.91 -5.20 -23.46
CA LYS K 34 5.47 -5.04 -23.54
C LYS K 34 4.78 -6.12 -22.72
N ARG K 35 3.77 -5.72 -21.94
CA ARG K 35 3.09 -6.58 -20.99
C ARG K 35 1.62 -6.70 -21.35
N LEU K 36 1.15 -7.93 -21.55
CA LEU K 36 -0.25 -8.23 -21.83
C LEU K 36 -0.79 -9.07 -20.68
N VAL K 37 -1.92 -8.65 -20.11
CA VAL K 37 -2.53 -9.31 -18.96
C VAL K 37 -3.83 -9.97 -19.41
N PHE K 38 -4.05 -11.20 -18.98
CA PHE K 38 -5.19 -12.01 -19.38
C PHE K 38 -5.95 -12.50 -18.14
N THR K 39 -7.27 -12.33 -18.15
CA THR K 39 -8.07 -12.58 -16.95
C THR K 39 -9.06 -13.74 -17.09
N ASN K 40 -10.05 -13.65 -17.96
CA ASN K 40 -11.02 -14.72 -18.14
C ASN K 40 -11.05 -15.00 -19.65
N CYS K 41 -10.24 -15.98 -20.02
CA CYS K 41 -9.77 -16.22 -21.36
C CYS K 41 -9.86 -17.68 -21.73
N ASN K 42 -9.95 -17.91 -23.02
CA ASN K 42 -9.64 -19.19 -23.64
C ASN K 42 -8.36 -19.03 -24.45
N TYR K 43 -7.39 -19.90 -24.24
CA TYR K 43 -6.13 -19.73 -24.96
C TYR K 43 -5.62 -21.05 -25.52
N ASN K 44 -4.76 -20.95 -26.54
CA ASN K 44 -4.08 -22.09 -27.17
C ASN K 44 -2.64 -21.64 -27.39
N LEU K 45 -1.72 -22.03 -26.48
CA LEU K 45 -0.32 -21.64 -26.66
C LEU K 45 0.34 -22.31 -27.84
N THR K 46 0.03 -23.58 -28.09
CA THR K 46 0.61 -24.24 -29.25
C THR K 46 0.21 -23.51 -30.52
N LYS K 47 -1.03 -23.02 -30.56
CA LYS K 47 -1.49 -22.21 -31.70
C LYS K 47 -0.69 -20.91 -31.79
N LEU K 48 -0.36 -20.30 -30.65
CA LEU K 48 0.41 -19.07 -30.70
C LEU K 48 1.83 -19.35 -31.14
N LEU K 49 2.43 -20.43 -30.62
CA LEU K 49 3.83 -20.74 -30.89
C LEU K 49 4.07 -21.38 -32.25
N SER K 50 3.05 -21.97 -32.89
CA SER K 50 3.30 -22.51 -34.22
C SER K 50 3.61 -21.42 -35.24
N LEU K 51 3.33 -20.15 -34.90
CA LEU K 51 3.66 -19.06 -35.78
C LEU K 51 5.15 -18.75 -35.77
N PHE K 52 5.84 -19.07 -34.69
CA PHE K 52 7.25 -18.79 -34.58
C PHE K 52 8.05 -20.09 -34.66
N SER K 53 9.34 -19.95 -34.87
CA SER K 53 10.28 -21.07 -34.82
C SER K 53 11.04 -20.94 -33.51
N VAL K 54 10.56 -21.66 -32.50
CA VAL K 54 11.06 -21.54 -31.14
C VAL K 54 12.48 -22.11 -31.01
N ASN K 55 13.33 -21.42 -30.25
CA ASN K 55 14.68 -21.90 -30.01
C ASN K 55 14.85 -22.49 -28.62
N ASP K 56 14.41 -21.79 -27.57
CA ASP K 56 14.53 -22.30 -26.19
C ASP K 56 13.27 -22.00 -25.41
N PHE K 57 12.95 -22.88 -24.45
CA PHE K 57 11.73 -22.78 -23.64
C PHE K 57 12.04 -23.30 -22.23
N THR K 58 12.38 -22.38 -21.32
CA THR K 58 12.87 -22.71 -19.99
C THR K 58 11.90 -22.17 -18.94
N CYS K 59 11.58 -23.01 -17.95
CA CYS K 59 10.56 -22.64 -16.97
C CYS K 59 11.08 -22.77 -15.55
N SER K 60 10.35 -22.10 -14.65
CA SER K 60 10.64 -22.13 -13.21
C SER K 60 9.34 -22.53 -12.52
N GLN K 61 9.38 -23.59 -11.73
CA GLN K 61 8.25 -24.05 -10.93
C GLN K 61 7.04 -24.44 -11.78
N ILE K 62 7.27 -24.78 -13.04
CA ILE K 62 6.25 -25.34 -13.92
C ILE K 62 6.98 -25.92 -15.12
N SER K 63 6.26 -26.63 -15.98
CA SER K 63 6.94 -27.18 -17.13
C SER K 63 6.24 -26.71 -18.39
N PRO K 64 6.95 -26.67 -19.53
CA PRO K 64 6.31 -26.29 -20.79
C PRO K 64 5.05 -27.08 -21.12
N ALA K 65 5.02 -28.37 -20.80
CA ALA K 65 3.80 -29.16 -21.02
C ALA K 65 2.68 -28.64 -20.13
N ALA K 66 3.04 -28.20 -18.92
CA ALA K 66 2.06 -27.73 -17.97
C ALA K 66 1.57 -26.32 -18.29
N ILE K 67 2.43 -25.46 -18.85
CA ILE K 67 2.04 -24.05 -19.08
C ILE K 67 0.97 -23.94 -20.16
N ALA K 68 0.94 -24.88 -21.09
CA ALA K 68 -0.04 -24.83 -22.16
C ALA K 68 -1.28 -25.66 -21.86
N SER K 69 -1.34 -26.27 -20.68
CA SER K 69 -2.35 -27.27 -20.36
C SER K 69 -3.19 -26.96 -19.13
N ASN K 70 -3.03 -25.79 -18.50
CA ASN K 70 -3.62 -25.57 -17.18
C ASN K 70 -4.48 -24.33 -17.12
N CYS K 71 -5.35 -24.30 -16.10
CA CYS K 71 -6.23 -23.17 -15.82
C CYS K 71 -5.63 -22.23 -14.79
N TYR K 72 -5.73 -20.92 -15.08
CA TYR K 72 -5.14 -19.93 -14.23
C TYR K 72 -6.14 -18.85 -13.90
N SER K 73 -5.88 -18.16 -12.79
CA SER K 73 -6.66 -16.98 -12.47
C SER K 73 -6.17 -15.76 -13.25
N SER K 74 -4.87 -15.71 -13.58
CA SER K 74 -4.34 -14.72 -14.49
C SER K 74 -3.07 -15.24 -15.17
N LEU K 75 -2.87 -14.81 -16.41
CA LEU K 75 -1.68 -15.10 -17.22
C LEU K 75 -1.13 -13.82 -17.84
N ILE K 76 0.16 -13.59 -17.63
CA ILE K 76 0.83 -12.33 -17.94
C ILE K 76 1.88 -12.61 -18.99
N LEU K 77 1.79 -11.92 -20.12
CA LEU K 77 2.66 -12.19 -21.26
C LEU K 77 3.49 -10.95 -21.59
N ASP K 78 4.80 -11.07 -21.39
CA ASP K 78 5.79 -10.08 -21.76
C ASP K 78 6.48 -10.51 -23.03
N TYR K 79 6.73 -9.56 -23.91
CA TYR K 79 7.49 -9.85 -25.10
C TYR K 79 8.39 -8.65 -25.42
N PHE K 80 9.49 -8.92 -26.12
CA PHE K 80 10.49 -7.93 -26.45
C PHE K 80 11.49 -8.55 -27.43
N SER K 81 12.18 -7.68 -28.16
CA SER K 81 13.19 -8.12 -29.11
C SER K 81 14.47 -8.51 -28.36
N TYR K 82 15.03 -9.69 -28.67
CA TYR K 82 16.18 -10.24 -27.91
C TYR K 82 17.07 -11.16 -28.73
N PRO K 83 18.40 -10.96 -28.72
CA PRO K 83 19.28 -11.81 -29.53
C PRO K 83 19.63 -13.12 -28.86
N LEU K 84 19.70 -14.18 -29.66
CA LEU K 84 19.98 -15.49 -29.10
C LEU K 84 21.40 -15.60 -28.61
N SER K 85 22.30 -14.75 -29.09
CA SER K 85 23.66 -14.79 -28.59
C SER K 85 23.70 -14.47 -27.10
N MET K 86 22.69 -13.77 -26.59
CA MET K 86 22.60 -13.45 -25.16
C MET K 86 21.63 -14.35 -24.42
N LYS K 87 21.42 -15.58 -24.90
CA LYS K 87 20.55 -16.51 -24.20
C LYS K 87 21.07 -16.75 -22.79
N SER K 88 22.39 -16.58 -22.60
CA SER K 88 23.01 -16.88 -21.32
C SER K 88 22.45 -16.00 -20.22
N ASP K 89 22.12 -14.75 -20.54
CA ASP K 89 21.70 -13.75 -19.58
C ASP K 89 20.21 -13.75 -19.34
N LEU K 90 19.45 -14.64 -19.97
CA LEU K 90 18.01 -14.69 -19.77
C LEU K 90 17.60 -15.96 -19.03
N SER K 91 17.84 -15.97 -17.72
CA SER K 91 17.41 -17.05 -16.84
C SER K 91 16.97 -16.41 -15.54
N VAL K 92 16.18 -17.15 -14.76
CA VAL K 92 15.57 -16.54 -13.58
C VAL K 92 16.61 -16.27 -12.52
N SER K 93 17.47 -17.24 -12.24
CA SER K 93 18.50 -17.08 -11.22
C SER K 93 19.68 -16.25 -11.69
N SER K 94 19.57 -15.61 -12.85
CA SER K 94 20.73 -14.99 -13.45
C SER K 94 21.25 -13.85 -12.57
N ALA K 95 22.52 -13.53 -12.76
CA ALA K 95 23.11 -12.32 -12.22
C ALA K 95 23.71 -11.48 -13.34
N GLY K 96 23.36 -11.79 -14.60
CA GLY K 96 23.78 -10.99 -15.72
C GLY K 96 23.08 -9.65 -15.73
N PRO K 97 23.54 -8.73 -16.59
CA PRO K 97 22.96 -7.39 -16.62
C PRO K 97 21.50 -7.35 -17.03
N ILE K 98 20.99 -8.40 -17.67
CA ILE K 98 19.59 -8.42 -18.09
C ILE K 98 18.63 -8.49 -16.90
N SER K 99 18.64 -9.60 -16.17
CA SER K 99 17.70 -9.71 -15.05
C SER K 99 18.17 -8.91 -13.83
N GLN K 100 19.20 -8.08 -13.99
CA GLN K 100 19.66 -7.15 -12.96
C GLN K 100 19.17 -5.72 -13.14
N PHE K 101 19.20 -5.17 -14.37
CA PHE K 101 18.79 -3.79 -14.62
C PHE K 101 17.72 -3.63 -15.69
N ASN K 102 17.26 -4.71 -16.31
CA ASN K 102 16.37 -4.61 -17.46
C ASN K 102 15.02 -5.27 -17.24
N TYR K 103 14.99 -6.57 -16.92
CA TYR K 103 13.74 -7.32 -16.84
C TYR K 103 13.91 -8.48 -15.86
N LYS K 104 13.12 -8.47 -14.78
CA LYS K 104 13.11 -9.54 -13.78
C LYS K 104 11.67 -9.93 -13.45
N GLN K 105 11.41 -11.24 -13.36
CA GLN K 105 10.06 -11.75 -13.15
C GLN K 105 9.94 -12.45 -11.81
N SER K 106 8.68 -12.66 -11.43
CA SER K 106 8.34 -13.01 -10.06
C SER K 106 9.05 -14.29 -9.63
N PHE K 107 9.47 -14.32 -8.36
CA PHE K 107 9.99 -15.56 -7.79
C PHE K 107 8.87 -16.51 -7.39
N SER K 108 7.86 -15.96 -6.72
CA SER K 108 6.76 -16.71 -6.09
C SER K 108 5.78 -17.33 -7.09
N ASN K 109 5.86 -17.00 -8.35
CA ASN K 109 4.90 -17.53 -9.31
C ASN K 109 5.61 -18.41 -10.32
N PRO K 110 4.93 -19.41 -10.88
CA PRO K 110 5.52 -20.14 -11.99
C PRO K 110 5.77 -19.21 -13.18
N THR K 111 6.91 -19.44 -13.84
CA THR K 111 7.58 -18.50 -14.71
C THR K 111 8.23 -19.25 -15.86
N CYS K 112 8.10 -18.72 -17.08
CA CYS K 112 8.73 -19.33 -18.25
C CYS K 112 9.36 -18.27 -19.13
N LEU K 113 10.23 -18.72 -20.05
CA LEU K 113 11.04 -17.87 -20.93
C LEU K 113 11.21 -18.59 -22.26
N ILE K 114 10.70 -17.98 -23.33
CA ILE K 114 10.71 -18.55 -24.67
C ILE K 114 11.53 -17.63 -25.53
N LEU K 115 12.48 -18.20 -26.25
CA LEU K 115 13.24 -17.47 -27.24
C LEU K 115 12.94 -18.08 -28.58
N ALA K 116 12.56 -17.25 -29.54
CA ALA K 116 12.09 -17.76 -30.80
C ALA K 116 12.47 -16.77 -31.88
N THR K 117 12.68 -17.32 -33.06
CA THR K 117 12.87 -16.52 -34.25
C THR K 117 11.52 -16.36 -34.93
N VAL K 118 11.25 -15.16 -35.42
CA VAL K 118 10.04 -14.90 -36.20
C VAL K 118 10.34 -15.32 -37.64
N PRO K 119 9.65 -16.29 -38.20
CA PRO K 119 10.07 -16.88 -39.48
C PRO K 119 9.62 -16.03 -40.66
N HIS K 120 9.92 -16.54 -41.84
CA HIS K 120 9.46 -15.85 -43.03
C HIS K 120 7.93 -15.88 -43.10
N ASN K 121 7.30 -16.88 -42.46
CA ASN K 121 5.85 -17.01 -42.48
C ASN K 121 5.16 -15.85 -41.76
N LEU K 122 5.90 -15.01 -41.06
CA LEU K 122 5.36 -13.86 -40.32
C LEU K 122 6.07 -12.61 -40.83
N THR K 123 5.38 -11.84 -41.66
CA THR K 123 5.94 -10.65 -42.27
C THR K 123 5.30 -9.37 -41.74
N THR K 124 4.52 -9.46 -40.66
CA THR K 124 3.85 -8.30 -40.08
C THR K 124 4.56 -7.76 -38.83
N ILE K 125 5.64 -8.39 -38.41
CA ILE K 125 6.47 -7.92 -37.29
C ILE K 125 7.68 -7.19 -37.85
N THR K 126 7.79 -5.90 -37.53
CA THR K 126 8.88 -5.04 -37.97
C THR K 126 10.09 -5.17 -37.05
N LYS K 127 11.32 -4.84 -37.60
CA LYS K 127 12.59 -4.99 -36.89
C LYS K 127 13.06 -3.64 -36.34
N PRO K 128 13.70 -3.66 -35.19
CA PRO K 128 14.37 -2.45 -34.69
C PRO K 128 15.71 -2.31 -35.39
N LEU K 129 16.41 -1.22 -35.09
CA LEU K 129 17.70 -0.99 -35.73
C LEU K 129 18.76 -1.95 -35.20
N LYS K 130 18.62 -2.38 -33.95
CA LYS K 130 19.57 -3.27 -33.31
C LYS K 130 18.97 -3.69 -31.96
N TYR K 131 19.57 -4.71 -31.35
CA TYR K 131 19.18 -5.16 -30.02
C TYR K 131 19.91 -4.31 -28.98
N SER K 132 19.17 -3.75 -28.04
CA SER K 132 19.73 -2.85 -27.05
C SER K 132 19.37 -3.32 -25.65
N TYR K 133 20.27 -3.05 -24.70
CA TYR K 133 19.98 -3.36 -23.30
C TYR K 133 20.88 -2.51 -22.41
N ILE K 134 20.50 -2.45 -21.13
CA ILE K 134 21.21 -1.67 -20.14
C ILE K 134 22.18 -2.58 -19.40
N ASN K 135 23.47 -2.25 -19.44
CA ASN K 135 24.46 -3.05 -18.74
C ASN K 135 24.75 -2.55 -17.33
N LYS K 136 24.58 -1.25 -17.07
CA LYS K 136 24.64 -0.68 -15.72
C LYS K 136 23.60 0.40 -15.57
N CYS K 137 22.91 0.41 -14.43
CA CYS K 137 22.00 1.50 -14.08
C CYS K 137 22.06 1.71 -12.57
N SER K 138 22.42 2.92 -12.14
CA SER K 138 22.56 3.18 -10.72
C SER K 138 22.29 4.65 -10.47
N ARG K 139 22.10 4.98 -9.20
CA ARG K 139 21.69 6.32 -8.78
C ARG K 139 22.56 6.77 -7.63
N PHE K 140 22.99 8.03 -7.69
CA PHE K 140 23.85 8.65 -6.69
C PHE K 140 23.06 9.55 -5.76
N LEU K 141 23.54 9.66 -4.52
CA LEU K 141 22.93 10.47 -3.48
C LEU K 141 23.44 11.91 -3.55
N SER K 142 22.97 12.74 -2.59
CA SER K 142 23.24 14.18 -2.62
C SER K 142 24.72 14.51 -2.57
N ASP K 143 25.53 13.69 -1.88
CA ASP K 143 26.96 13.97 -1.83
C ASP K 143 27.65 13.80 -3.18
N ASP K 144 26.99 13.17 -4.15
CA ASP K 144 27.54 12.96 -5.49
C ASP K 144 28.75 12.04 -5.45
N ARG K 145 28.74 11.05 -4.55
CA ARG K 145 29.83 10.08 -4.57
C ARG K 145 29.37 8.66 -4.26
N THR K 146 28.41 8.49 -3.34
CA THR K 146 28.00 7.14 -2.97
C THR K 146 26.96 6.63 -3.97
N GLU K 147 27.25 5.45 -4.54
CA GLU K 147 26.44 4.85 -5.59
C GLU K 147 25.54 3.73 -5.08
N VAL K 148 24.31 3.71 -5.59
CA VAL K 148 23.35 2.65 -5.34
C VAL K 148 22.86 2.06 -6.66
N PRO K 149 23.28 0.84 -7.02
CA PRO K 149 22.80 0.22 -8.28
C PRO K 149 21.28 0.07 -8.30
N GLN K 150 20.66 0.66 -9.31
CA GLN K 150 19.19 0.64 -9.38
C GLN K 150 18.74 -0.70 -9.99
N LEU K 151 18.85 -1.73 -9.15
CA LEU K 151 18.44 -3.08 -9.52
C LEU K 151 16.93 -3.18 -9.74
N VAL K 152 16.55 -3.73 -10.90
CA VAL K 152 15.14 -3.84 -11.25
C VAL K 152 14.43 -4.84 -10.34
N ASN K 153 13.24 -4.45 -9.87
CA ASN K 153 12.35 -5.33 -9.11
C ASN K 153 11.45 -6.10 -10.07
N ALA K 154 10.91 -7.20 -9.57
CA ALA K 154 10.01 -8.00 -10.40
C ALA K 154 8.78 -7.18 -10.75
N ASN K 155 8.30 -7.35 -11.99
CA ASN K 155 7.10 -6.72 -12.53
C ASN K 155 7.23 -5.20 -12.63
N GLN K 156 8.41 -4.63 -12.44
CA GLN K 156 8.59 -3.21 -12.64
C GLN K 156 9.60 -2.96 -13.75
N TYR K 157 9.63 -1.70 -14.19
CA TYR K 157 10.59 -1.25 -15.19
C TYR K 157 11.80 -0.66 -14.50
N SER K 158 12.89 -0.57 -15.23
CA SER K 158 14.07 0.09 -14.69
C SER K 158 13.78 1.57 -14.47
N PRO K 159 14.28 2.16 -13.39
CA PRO K 159 14.23 3.62 -13.27
C PRO K 159 14.87 4.30 -14.44
N CYS K 160 15.75 3.59 -15.13
CA CYS K 160 16.49 4.12 -16.27
C CYS K 160 15.69 4.14 -17.57
N VAL K 161 14.43 3.71 -17.55
CA VAL K 161 13.59 3.89 -18.74
C VAL K 161 13.33 5.37 -18.97
N SER K 162 13.52 6.21 -17.94
CA SER K 162 13.30 7.64 -18.08
C SER K 162 14.38 8.33 -18.90
N ILE K 163 15.56 7.72 -19.03
CA ILE K 163 16.68 8.38 -19.69
C ILE K 163 17.22 7.62 -20.90
N VAL K 164 16.99 6.31 -21.00
CA VAL K 164 17.46 5.53 -22.15
C VAL K 164 16.40 5.59 -23.23
N PRO K 165 16.77 5.73 -24.50
CA PRO K 165 15.76 5.78 -25.56
C PRO K 165 15.21 4.38 -25.87
N SER K 166 14.26 4.34 -26.81
CA SER K 166 13.68 3.06 -27.21
C SER K 166 14.75 2.12 -27.72
N THR K 167 15.78 2.66 -28.36
CA THR K 167 16.88 1.88 -28.90
C THR K 167 18.15 2.70 -28.76
N VAL K 168 19.20 2.08 -28.22
CA VAL K 168 20.50 2.72 -28.11
C VAL K 168 21.06 2.93 -29.53
N TRP K 169 21.79 4.03 -29.71
CA TRP K 169 22.27 4.32 -31.06
C TRP K 169 23.57 3.59 -31.38
N GLU K 170 24.57 3.62 -30.48
CA GLU K 170 25.78 2.85 -30.65
C GLU K 170 26.22 2.27 -29.32
N ASP K 171 27.06 1.23 -29.40
CA ASP K 171 27.27 0.30 -28.29
C ASP K 171 27.76 0.96 -27.01
N GLY K 172 28.39 2.12 -27.07
CA GLY K 172 28.91 2.65 -25.82
C GLY K 172 28.13 3.81 -25.22
N ASP K 173 26.93 4.10 -25.72
CA ASP K 173 26.24 5.32 -25.31
C ASP K 173 26.00 5.33 -23.80
N TYR K 174 26.00 6.54 -23.24
CA TYR K 174 25.98 6.81 -21.80
C TYR K 174 24.93 7.87 -21.48
N TYR K 175 24.15 7.66 -20.41
CA TYR K 175 23.01 8.52 -20.10
C TYR K 175 23.07 8.96 -18.64
N ARG K 176 22.55 10.16 -18.38
CA ARG K 176 22.50 10.71 -17.03
C ARG K 176 21.36 11.70 -16.91
N LYS K 177 20.85 11.87 -15.69
CA LYS K 177 19.89 12.93 -15.44
C LYS K 177 19.96 13.29 -13.97
N GLN K 178 19.80 14.57 -13.67
CA GLN K 178 19.88 15.06 -12.32
C GLN K 178 18.48 15.01 -11.70
N LEU K 179 18.41 14.57 -10.45
CA LEU K 179 17.12 14.31 -9.81
C LEU K 179 16.64 15.49 -8.97
N SER K 180 15.32 15.55 -8.80
CA SER K 180 14.67 16.61 -8.05
C SER K 180 15.06 16.52 -6.56
N PRO K 181 14.93 17.63 -5.83
CA PRO K 181 15.21 17.60 -4.38
C PRO K 181 14.29 16.71 -3.55
N LEU K 182 13.23 16.14 -4.14
CA LEU K 182 12.44 15.17 -3.40
C LEU K 182 13.11 13.80 -3.32
N GLU K 183 13.60 13.29 -4.46
CA GLU K 183 14.15 11.94 -4.53
C GLU K 183 15.57 11.82 -3.98
N GLY K 184 16.11 12.90 -3.42
CA GLY K 184 17.47 12.88 -2.93
C GLY K 184 18.38 13.87 -3.63
N GLY K 185 17.96 14.38 -4.79
CA GLY K 185 18.75 15.35 -5.52
C GLY K 185 20.01 14.80 -6.16
N GLY K 186 20.10 13.49 -6.31
CA GLY K 186 21.27 12.86 -6.88
C GLY K 186 21.28 12.87 -8.38
N TRP K 187 21.94 11.88 -8.95
CA TRP K 187 22.04 11.68 -10.38
C TRP K 187 21.56 10.26 -10.67
N LEU K 188 20.78 10.10 -11.73
CA LEU K 188 20.39 8.79 -12.21
C LEU K 188 21.17 8.53 -13.49
N VAL K 189 21.92 7.43 -13.51
CA VAL K 189 22.93 7.20 -14.53
C VAL K 189 22.71 5.84 -15.18
N ALA K 190 22.88 5.78 -16.48
CA ALA K 190 22.73 4.52 -17.18
C ALA K 190 23.72 4.45 -18.32
N SER K 191 24.14 3.24 -18.65
CA SER K 191 25.01 2.97 -19.77
C SER K 191 24.30 1.99 -20.70
N GLY K 192 24.14 2.36 -21.95
CA GLY K 192 23.47 1.48 -22.90
C GLY K 192 24.41 0.45 -23.51
N SER K 193 23.82 -0.60 -24.06
CA SER K 193 24.62 -1.61 -24.75
C SER K 193 23.78 -2.20 -25.88
N THR K 194 24.43 -2.59 -26.98
CA THR K 194 23.70 -3.04 -28.17
C THR K 194 24.32 -4.31 -28.76
N VAL K 195 23.46 -5.08 -29.49
CA VAL K 195 23.88 -6.23 -30.28
C VAL K 195 23.37 -6.07 -31.71
N ALA K 196 24.24 -6.33 -32.69
CA ALA K 196 23.92 -6.06 -34.10
C ALA K 196 22.76 -6.93 -34.59
N MET K 197 21.88 -6.31 -35.37
CA MET K 197 20.67 -6.97 -35.88
C MET K 197 21.00 -8.08 -36.88
N THR K 198 20.14 -9.12 -36.87
CA THR K 198 20.23 -10.32 -37.72
C THR K 198 19.12 -10.37 -38.76
N GLU K 199 19.29 -11.27 -39.73
CA GLU K 199 18.37 -11.37 -40.86
C GLU K 199 16.94 -11.63 -40.40
N GLN K 200 16.75 -12.61 -39.54
CA GLN K 200 15.45 -12.92 -38.96
C GLN K 200 15.42 -12.39 -37.53
N LEU K 201 14.38 -11.62 -37.20
CA LEU K 201 14.29 -11.04 -35.87
C LEU K 201 14.15 -12.12 -34.80
N GLN K 202 14.90 -11.95 -33.71
CA GLN K 202 14.88 -12.87 -32.59
C GLN K 202 14.28 -12.16 -31.40
N MET K 203 13.44 -12.86 -30.64
CA MET K 203 12.63 -12.25 -29.61
C MET K 203 12.74 -13.04 -28.31
N GLY K 204 12.23 -12.42 -27.25
CA GLY K 204 12.08 -13.11 -25.98
C GLY K 204 10.71 -12.85 -25.39
N PHE K 205 10.13 -13.91 -24.84
CA PHE K 205 8.81 -13.87 -24.21
C PHE K 205 8.93 -14.34 -22.78
N GLY K 206 8.30 -13.61 -21.87
CA GLY K 206 8.17 -14.03 -20.49
C GLY K 206 6.73 -14.40 -20.21
N ILE K 207 6.52 -15.47 -19.47
CA ILE K 207 5.19 -15.89 -19.05
C ILE K 207 5.16 -16.02 -17.53
N THR K 208 4.17 -15.39 -16.93
CA THR K 208 3.95 -15.52 -15.50
C THR K 208 2.49 -15.87 -15.29
N VAL K 209 2.24 -16.84 -14.43
CA VAL K 209 0.90 -17.31 -14.16
C VAL K 209 0.67 -17.31 -12.66
N GLN K 210 -0.58 -17.06 -12.27
CA GLN K 210 -1.01 -17.19 -10.89
C GLN K 210 -2.20 -18.12 -10.90
N TYR K 211 -2.16 -19.11 -10.02
CA TYR K 211 -3.33 -19.93 -9.79
C TYR K 211 -4.23 -19.25 -8.75
N GLY K 212 -5.53 -19.25 -9.02
CA GLY K 212 -6.44 -18.68 -8.06
C GLY K 212 -6.72 -19.70 -6.97
N THR K 213 -6.98 -19.20 -5.77
CA THR K 213 -7.22 -20.09 -4.65
C THR K 213 -8.55 -20.81 -4.78
N ASP K 214 -9.55 -20.14 -5.34
CA ASP K 214 -10.91 -20.66 -5.47
C ASP K 214 -11.34 -20.80 -6.91
N THR K 215 -11.04 -19.81 -7.74
CA THR K 215 -11.48 -19.77 -9.13
C THR K 215 -10.27 -19.54 -10.04
N ASN K 216 -10.17 -20.33 -11.11
CA ASN K 216 -9.16 -20.15 -12.16
C ASN K 216 -9.84 -20.02 -13.51
N SER K 217 -9.77 -18.82 -14.10
CA SER K 217 -10.62 -18.46 -15.23
C SER K 217 -9.93 -18.35 -16.60
N VAL K 218 -8.60 -18.40 -16.66
CA VAL K 218 -7.90 -18.51 -17.95
C VAL K 218 -7.66 -19.98 -18.25
N CYS K 219 -8.43 -20.54 -19.16
CA CYS K 219 -8.29 -21.96 -19.43
C CYS K 219 -7.97 -22.21 -20.89
N PRO K 220 -7.37 -23.36 -21.22
CA PRO K 220 -6.98 -23.61 -22.60
C PRO K 220 -8.15 -24.03 -23.49
N LYS K 221 -7.89 -23.94 -24.79
CA LYS K 221 -8.85 -24.28 -25.86
C LYS K 221 -10.19 -23.60 -25.66
N VAL L 2 42.84 15.56 -22.96
CA VAL L 2 43.59 16.11 -24.07
C VAL L 2 43.33 17.61 -24.15
N GLN L 3 43.15 18.15 -25.35
CA GLN L 3 43.06 19.58 -25.54
C GLN L 3 41.64 19.95 -25.97
N LEU L 4 41.14 21.05 -25.40
CA LEU L 4 39.85 21.64 -25.78
C LEU L 4 40.01 23.12 -26.08
N GLN L 5 39.41 23.56 -27.19
CA GLN L 5 39.45 24.94 -27.64
C GLN L 5 38.05 25.44 -27.93
N GLU L 6 37.76 26.69 -27.57
CA GLU L 6 36.43 27.26 -27.69
C GLU L 6 36.45 28.47 -28.62
N SER L 7 35.29 28.78 -29.20
CA SER L 7 35.13 29.94 -30.05
C SER L 7 33.81 30.60 -29.67
N GLY L 8 33.62 31.84 -30.12
CA GLY L 8 32.33 32.48 -30.03
C GLY L 8 32.17 33.43 -28.88
N GLY L 9 33.09 33.41 -27.92
CA GLY L 9 32.97 34.28 -26.76
C GLY L 9 33.14 35.75 -27.11
N GLY L 10 32.41 36.59 -26.41
CA GLY L 10 32.46 38.02 -26.67
C GLY L 10 31.50 38.75 -25.76
N SER L 11 31.44 40.05 -25.96
CA SER L 11 30.55 40.92 -25.20
C SER L 11 29.21 41.03 -25.91
N VAL L 12 28.13 41.00 -25.13
CA VAL L 12 26.77 41.06 -25.67
C VAL L 12 25.90 41.83 -24.68
N GLN L 13 25.00 42.66 -25.20
CA GLN L 13 24.08 43.44 -24.38
C GLN L 13 22.98 42.56 -23.79
N ALA L 14 22.31 43.08 -22.76
CA ALA L 14 21.30 42.31 -22.05
C ALA L 14 20.13 41.98 -22.96
N GLY L 15 19.66 40.73 -22.88
CA GLY L 15 18.58 40.23 -23.71
C GLY L 15 19.01 39.65 -25.04
N GLY L 16 20.30 39.81 -25.31
CA GLY L 16 20.94 39.35 -26.52
C GLY L 16 21.12 37.86 -26.59
N SER L 17 21.48 37.41 -27.78
CA SER L 17 21.66 36.01 -28.06
C SER L 17 23.02 35.68 -28.71
N LEU L 18 23.72 34.67 -28.20
CA LEU L 18 25.04 34.29 -28.75
C LEU L 18 25.24 32.78 -28.91
N ARG L 19 26.41 32.34 -29.36
CA ARG L 19 26.73 30.92 -29.50
C ARG L 19 28.19 30.66 -29.16
N LEU L 20 28.43 29.66 -28.31
CA LEU L 20 29.77 29.15 -28.03
C LEU L 20 29.93 27.84 -28.77
N SER L 21 31.18 27.49 -29.07
CA SER L 21 31.46 26.19 -29.66
C SER L 21 32.76 25.68 -29.10
N CYS L 22 32.84 24.36 -28.88
CA CYS L 22 34.03 23.74 -28.30
C CYS L 22 34.37 22.52 -29.14
N VAL L 23 35.43 22.61 -29.91
CA VAL L 23 35.91 21.53 -30.76
C VAL L 23 36.82 20.63 -29.94
N ALA L 24 36.73 19.31 -30.17
CA ALA L 24 37.52 18.37 -29.38
C ALA L 24 38.79 18.04 -30.16
N SER L 25 39.85 18.78 -29.82
CA SER L 25 41.19 18.60 -30.37
C SER L 25 41.98 17.56 -29.57
N GLY L 26 41.44 16.36 -29.52
CA GLY L 26 41.98 15.33 -28.68
C GLY L 26 42.28 14.05 -29.43
N SER L 27 43.30 13.36 -28.96
CA SER L 27 43.57 12.01 -29.44
C SER L 27 42.46 11.05 -29.05
N ILE L 28 41.87 11.25 -27.87
CA ILE L 28 40.90 10.30 -27.33
C ILE L 28 39.54 10.50 -27.97
N PHE L 29 38.88 9.38 -28.33
CA PHE L 29 37.48 9.39 -28.72
C PHE L 29 36.59 8.68 -27.72
N SER L 30 37.14 8.26 -26.58
CA SER L 30 36.36 7.53 -25.59
C SER L 30 35.64 8.46 -24.62
N ILE L 31 35.53 9.74 -24.95
CA ILE L 31 34.75 10.66 -24.14
C ILE L 31 33.29 10.27 -24.27
N ASN L 32 32.60 10.12 -23.13
CA ASN L 32 31.17 9.79 -23.12
C ASN L 32 30.29 10.90 -22.57
N ALA L 33 30.88 12.00 -22.10
CA ALA L 33 30.10 13.15 -21.67
C ALA L 33 30.94 14.40 -21.82
N MET L 34 30.26 15.50 -22.14
CA MET L 34 30.88 16.81 -22.35
C MET L 34 30.05 17.89 -21.65
N ASP L 35 30.73 18.82 -20.99
CA ASP L 35 30.05 19.75 -20.10
C ASP L 35 30.49 21.19 -20.40
N TRP L 36 29.60 22.15 -20.12
CA TRP L 36 29.93 23.58 -20.18
C TRP L 36 29.90 24.14 -18.76
N TYR L 37 30.96 24.85 -18.37
CA TYR L 37 31.06 25.48 -17.08
C TYR L 37 31.30 26.97 -17.25
N ARG L 38 31.02 27.75 -16.20
CA ARG L 38 31.27 29.19 -16.22
C ARG L 38 31.72 29.66 -14.85
N GLN L 39 32.51 30.73 -14.86
CA GLN L 39 32.95 31.43 -13.64
C GLN L 39 32.83 32.95 -13.73
N ARG L 45 33.32 28.22 -9.88
CA ARG L 45 33.08 27.52 -11.12
C ARG L 45 31.78 26.74 -11.01
N GLU L 46 30.85 26.94 -11.94
CA GLU L 46 29.52 26.33 -11.81
C GLU L 46 29.12 25.63 -13.11
N LEU L 47 28.28 24.61 -12.96
CA LEU L 47 27.88 23.80 -14.10
C LEU L 47 26.78 24.50 -14.88
N VAL L 48 26.98 24.62 -16.19
CA VAL L 48 26.03 25.30 -17.07
C VAL L 48 25.19 24.28 -17.81
N ALA L 49 25.84 23.40 -18.54
CA ALA L 49 25.15 22.42 -19.35
C ALA L 49 26.05 21.21 -19.55
N GLY L 50 25.44 20.10 -19.97
CA GLY L 50 26.20 18.91 -20.27
C GLY L 50 25.45 18.05 -21.26
N ILE L 51 26.19 17.36 -22.10
CA ILE L 51 25.64 16.46 -23.09
C ILE L 51 26.48 15.18 -23.06
N THR L 52 25.84 14.06 -23.38
CA THR L 52 26.45 12.74 -23.21
C THR L 52 26.55 12.02 -24.55
N SER L 53 27.16 10.84 -24.52
CA SER L 53 27.23 10.01 -25.72
C SER L 53 25.85 9.76 -26.29
N GLY L 54 24.91 9.34 -25.44
CA GLY L 54 23.53 9.09 -25.79
C GLY L 54 22.65 10.32 -25.91
N GLY L 55 23.22 11.50 -25.75
CA GLY L 55 22.47 12.73 -25.97
C GLY L 55 21.59 13.21 -24.83
N SER L 56 21.71 12.64 -23.64
CA SER L 56 20.93 13.17 -22.51
C SER L 56 21.53 14.50 -22.06
N THR L 57 20.74 15.55 -22.19
CA THR L 57 21.13 16.92 -21.88
C THR L 57 20.62 17.35 -20.51
N ASN L 58 21.39 18.21 -19.85
CA ASN L 58 20.99 18.77 -18.57
C ASN L 58 21.53 20.20 -18.49
N TYR L 59 20.79 21.07 -17.82
CA TYR L 59 21.12 22.49 -17.76
C TYR L 59 21.23 22.91 -16.31
N GLY L 60 21.89 24.04 -16.09
CA GLY L 60 22.14 24.46 -14.73
C GLY L 60 20.87 24.77 -13.98
N ASP L 61 20.99 24.68 -12.65
CA ASP L 61 19.83 24.81 -11.76
C ASP L 61 19.39 26.25 -11.52
N PHE L 62 19.25 27.05 -12.58
CA PHE L 62 18.83 28.45 -12.45
C PHE L 62 18.48 29.07 -13.81
N VAL L 63 18.79 28.37 -14.90
CA VAL L 63 18.46 28.83 -16.25
C VAL L 63 17.08 28.30 -16.62
N LYS L 64 16.20 29.22 -17.02
CA LYS L 64 14.80 28.89 -17.26
C LYS L 64 14.51 28.71 -18.75
N GLY L 65 14.97 27.58 -19.29
CA GLY L 65 14.71 27.27 -20.69
C GLY L 65 15.39 28.16 -21.70
N ARG L 66 16.26 29.00 -21.19
CA ARG L 66 16.98 29.92 -22.03
C ARG L 66 17.93 29.19 -22.94
N PHE L 67 18.92 28.56 -22.33
CA PHE L 67 20.02 27.84 -23.01
C PHE L 67 19.69 26.58 -23.76
N THR L 68 20.48 26.28 -24.77
CA THR L 68 20.33 25.11 -25.63
C THR L 68 21.71 24.59 -26.01
N ILE L 69 21.99 23.33 -25.70
CA ILE L 69 23.22 22.67 -26.08
C ILE L 69 22.92 21.64 -27.17
N SER L 70 23.85 21.49 -28.11
CA SER L 70 23.71 20.51 -29.19
C SER L 70 25.10 20.04 -29.63
N ARG L 71 25.15 18.92 -30.34
CA ARG L 71 26.43 18.41 -30.83
C ARG L 71 26.31 17.78 -32.20
N ASP L 72 27.30 18.05 -33.06
CA ASP L 72 27.50 17.31 -34.30
C ASP L 72 28.76 16.48 -34.07
N ASN L 73 28.59 15.20 -33.73
CA ASN L 73 29.73 14.35 -33.44
C ASN L 73 30.50 13.95 -34.70
N ALA L 74 29.92 14.12 -35.88
CA ALA L 74 30.63 13.81 -37.11
C ALA L 74 31.81 14.77 -37.33
N LYS L 75 31.71 16.00 -36.81
CA LYS L 75 32.77 16.98 -36.87
C LYS L 75 33.39 17.22 -35.50
N ASN L 76 33.13 16.32 -34.55
CA ASN L 76 33.80 16.24 -33.26
C ASN L 76 33.80 17.58 -32.52
N THR L 77 32.62 18.21 -32.46
CA THR L 77 32.50 19.51 -31.83
C THR L 77 31.12 19.62 -31.16
N VAL L 78 31.05 20.42 -30.10
CA VAL L 78 29.82 20.63 -29.34
C VAL L 78 29.52 22.12 -29.31
N TYR L 79 28.27 22.48 -29.56
CA TYR L 79 27.88 23.85 -29.58
C TYR L 79 26.96 24.17 -28.49
N LEU L 80 27.09 25.34 -27.95
CA LEU L 80 26.25 25.74 -26.88
C LEU L 80 25.90 27.14 -27.28
N GLN L 81 24.62 27.36 -27.55
CA GLN L 81 24.06 28.63 -28.01
C GLN L 81 23.20 29.13 -26.89
N MET L 82 23.24 30.40 -26.56
CA MET L 82 22.36 30.87 -25.51
C MET L 82 21.66 32.12 -25.99
N ASP L 83 20.38 32.28 -25.64
CA ASP L 83 19.60 33.45 -26.03
C ASP L 83 19.00 34.10 -24.81
N SER L 84 18.69 35.39 -24.94
CA SER L 84 18.09 36.23 -23.92
C SER L 84 18.84 36.38 -22.62
N LEU L 85 20.03 36.91 -22.77
CA LEU L 85 20.95 37.16 -21.70
C LEU L 85 20.54 38.21 -20.71
N LYS L 86 21.22 38.22 -19.60
CA LYS L 86 21.03 39.22 -18.57
C LYS L 86 22.35 39.40 -17.83
N PRO L 87 22.53 40.51 -17.11
CA PRO L 87 23.82 40.78 -16.46
C PRO L 87 24.35 39.67 -15.56
N GLU L 88 23.48 38.80 -15.01
CA GLU L 88 23.96 37.73 -14.15
C GLU L 88 24.87 36.71 -14.86
N ASP L 89 24.86 36.65 -16.18
CA ASP L 89 25.69 35.68 -16.90
C ASP L 89 27.11 36.17 -17.12
N THR L 90 27.50 37.32 -16.57
CA THR L 90 28.86 37.80 -16.79
C THR L 90 29.81 36.83 -16.12
N ALA L 91 30.57 36.10 -16.95
CA ALA L 91 31.51 35.08 -16.50
C ALA L 91 32.35 34.65 -17.71
N VAL L 92 33.34 33.80 -17.43
CA VAL L 92 34.13 33.14 -18.46
C VAL L 92 33.63 31.69 -18.59
N TYR L 93 33.02 31.30 -19.71
CA TYR L 93 32.45 29.94 -19.84
C TYR L 93 33.34 28.93 -20.61
N TYR L 94 33.60 27.81 -19.95
CA TYR L 94 34.54 26.75 -20.31
C TYR L 94 33.78 25.54 -20.84
N CYS L 95 34.48 24.72 -21.62
CA CYS L 95 33.98 23.42 -21.99
C CYS L 95 34.87 22.36 -21.35
N ALA L 96 34.27 21.21 -21.02
CA ALA L 96 34.95 20.17 -20.26
C ALA L 96 34.52 18.81 -20.76
N ALA L 97 35.39 17.83 -20.54
CA ALA L 97 35.15 16.46 -20.97
C ALA L 97 35.41 15.52 -19.81
N GLU L 98 34.58 14.49 -19.68
CA GLU L 98 34.87 13.35 -18.82
C GLU L 98 34.91 12.08 -19.67
N VAL L 99 36.03 11.36 -19.59
CA VAL L 99 36.19 10.07 -20.26
C VAL L 99 35.89 8.98 -19.25
N GLY L 100 35.02 8.05 -19.63
CA GLY L 100 34.51 7.05 -18.71
C GLY L 100 33.80 7.68 -17.53
N GLY L 101 33.11 8.79 -17.78
CA GLY L 101 32.38 9.45 -16.73
C GLY L 101 31.20 8.59 -16.30
N TRP L 102 30.93 8.59 -15.01
CA TRP L 102 29.82 7.81 -14.48
C TRP L 102 29.26 8.60 -13.31
N GLY L 103 28.00 8.99 -13.42
CA GLY L 103 27.41 9.79 -12.39
C GLY L 103 27.78 11.25 -12.52
N PRO L 104 27.94 11.91 -11.39
CA PRO L 104 28.24 13.35 -11.38
C PRO L 104 29.56 13.67 -12.07
N PRO L 105 29.59 14.77 -12.83
CA PRO L 105 30.77 15.12 -13.61
C PRO L 105 31.94 15.60 -12.76
N ARG L 106 33.08 14.95 -12.94
CA ARG L 106 34.37 15.37 -12.38
C ARG L 106 35.31 15.36 -13.57
N PRO L 107 35.29 16.43 -14.37
CA PRO L 107 35.93 16.39 -15.69
C PRO L 107 37.43 16.20 -15.58
N ASP L 108 38.00 15.56 -16.61
CA ASP L 108 39.42 15.27 -16.64
C ASP L 108 40.22 16.24 -17.48
N TYR L 109 39.62 16.79 -18.54
CA TYR L 109 40.32 17.71 -19.42
C TYR L 109 39.42 18.92 -19.68
N TRP L 110 40.03 20.10 -19.72
CA TRP L 110 39.29 21.35 -19.84
C TRP L 110 39.86 22.17 -20.99
N GLY L 111 39.03 23.11 -21.48
CA GLY L 111 39.49 24.09 -22.42
C GLY L 111 39.91 25.33 -21.68
N HIS L 112 40.49 26.28 -22.40
CA HIS L 112 40.96 27.49 -21.73
C HIS L 112 39.87 28.52 -21.45
N GLY L 113 38.61 28.19 -21.75
CA GLY L 113 37.50 29.11 -21.60
C GLY L 113 37.61 30.54 -22.11
N THR L 114 36.56 30.96 -22.80
CA THR L 114 36.36 32.33 -23.25
C THR L 114 35.27 33.00 -22.40
N GLN L 115 35.28 34.34 -22.38
CA GLN L 115 34.39 35.12 -21.52
C GLN L 115 33.22 35.72 -22.29
N VAL L 116 32.04 35.64 -21.68
CA VAL L 116 30.85 36.33 -22.15
C VAL L 116 30.50 37.36 -21.08
N THR L 117 30.31 38.62 -21.49
CA THR L 117 29.97 39.71 -20.60
C THR L 117 28.67 40.36 -21.05
N VAL L 118 27.86 40.80 -20.10
CA VAL L 118 26.56 41.38 -20.38
C VAL L 118 26.43 42.71 -19.65
N SER L 119 26.14 43.78 -20.39
CA SER L 119 25.89 45.10 -19.84
C SER L 119 24.43 45.49 -20.06
N SER L 120 23.78 45.97 -19.01
CA SER L 120 22.41 46.44 -19.10
C SER L 120 22.30 47.97 -19.01
N GLY L 121 23.34 48.68 -19.44
CA GLY L 121 23.34 50.13 -19.36
C GLY L 121 22.71 50.83 -20.53
N ALA M 12 46.98 -45.82 24.18
CA ALA M 12 46.61 -44.92 23.11
C ALA M 12 47.80 -44.11 22.61
N GLU M 13 48.48 -44.62 21.58
CA GLU M 13 49.60 -43.92 20.98
C GLU M 13 49.12 -42.94 19.92
N GLY M 14 49.71 -41.76 19.94
CA GLY M 14 49.34 -40.70 19.02
C GLY M 14 49.45 -39.39 19.76
N VAL M 15 49.86 -38.38 19.05
CA VAL M 15 50.03 -37.04 19.61
C VAL M 15 48.69 -36.32 19.55
N GLU M 16 48.37 -35.63 20.62
CA GLU M 16 47.17 -34.81 20.64
C GLU M 16 47.41 -33.54 19.84
N CYS M 17 46.41 -33.14 19.07
CA CYS M 17 46.50 -31.90 18.34
C CYS M 17 46.67 -30.72 19.28
N ASP M 18 47.54 -29.80 18.90
CA ASP M 18 47.90 -28.67 19.78
C ASP M 18 46.99 -27.48 19.49
N PHE M 19 45.89 -27.39 20.24
CA PHE M 19 45.01 -26.24 20.13
C PHE M 19 45.42 -25.09 21.05
N SER M 20 46.56 -25.18 21.72
CA SER M 20 46.94 -24.11 22.65
C SER M 20 47.10 -22.73 21.99
N PRO M 21 47.61 -22.59 20.73
CA PRO M 21 47.88 -21.24 20.19
C PRO M 21 46.74 -20.24 20.21
N LEU M 22 45.48 -20.69 20.28
CA LEU M 22 44.38 -19.73 20.41
C LEU M 22 44.18 -19.24 21.85
N LEU M 23 44.66 -20.00 22.84
CA LEU M 23 44.57 -19.58 24.24
C LEU M 23 45.60 -18.51 24.60
N SER M 24 46.64 -18.35 23.80
CA SER M 24 47.73 -17.44 24.12
C SER M 24 47.74 -16.30 23.10
N GLY M 25 47.49 -15.08 23.57
CA GLY M 25 47.63 -13.90 22.74
C GLY M 25 46.30 -13.20 22.48
N THR M 26 46.35 -12.30 21.51
CA THR M 26 45.17 -11.59 21.04
C THR M 26 44.67 -12.27 19.79
N PRO M 27 43.46 -12.77 19.73
CA PRO M 27 42.92 -13.24 18.46
C PRO M 27 42.88 -12.09 17.48
N PRO M 28 43.38 -12.28 16.26
CA PRO M 28 43.40 -11.19 15.28
C PRO M 28 42.00 -10.93 14.77
N GLN M 29 41.88 -9.87 13.98
CA GLN M 29 40.60 -9.56 13.38
C GLN M 29 40.27 -10.56 12.27
N VAL M 30 39.04 -10.48 11.79
CA VAL M 30 38.50 -11.51 10.91
C VAL M 30 39.27 -11.58 9.59
N TYR M 31 39.71 -10.43 9.06
CA TYR M 31 40.44 -10.40 7.80
C TYR M 31 41.89 -10.87 7.92
N ASN M 32 42.41 -11.04 9.13
CA ASN M 32 43.73 -11.61 9.40
C ASN M 32 43.61 -12.95 10.09
N PHE M 33 42.56 -13.70 9.77
CA PHE M 33 42.24 -14.92 10.50
C PHE M 33 43.47 -15.82 10.57
N LYS M 34 43.79 -16.28 11.78
CA LYS M 34 44.86 -17.25 11.94
C LYS M 34 44.35 -18.65 11.62
N ARG M 35 45.16 -19.40 10.90
CA ARG M 35 44.79 -20.70 10.36
C ARG M 35 45.74 -21.74 10.94
N LEU M 36 45.18 -22.80 11.53
CA LEU M 36 45.95 -23.94 12.05
C LEU M 36 45.56 -25.19 11.27
N VAL M 37 46.56 -25.92 10.77
CA VAL M 37 46.36 -27.10 9.93
C VAL M 37 46.80 -28.34 10.69
N PHE M 38 46.00 -29.40 10.59
CA PHE M 38 46.24 -30.66 11.30
C PHE M 38 46.25 -31.82 10.33
N THR M 39 47.25 -32.69 10.46
CA THR M 39 47.49 -33.77 9.51
C THR M 39 47.29 -35.13 10.14
N ASN M 40 48.19 -35.58 11.02
CA ASN M 40 48.08 -36.92 11.65
C ASN M 40 47.86 -36.77 13.15
N CYS M 41 46.60 -36.71 13.55
CA CYS M 41 46.22 -36.24 14.87
C CYS M 41 45.12 -37.08 15.49
N ASN M 42 45.13 -37.08 16.81
CA ASN M 42 43.97 -37.40 17.61
C ASN M 42 43.46 -36.07 18.16
N TYR M 43 42.15 -35.85 18.06
CA TYR M 43 41.55 -34.60 18.47
C TYR M 43 40.38 -34.84 19.41
N ASN M 44 40.04 -33.82 20.20
CA ASN M 44 38.88 -33.87 21.08
C ASN M 44 38.24 -32.48 21.01
N LEU M 45 37.23 -32.32 20.16
CA LEU M 45 36.55 -31.01 20.06
C LEU M 45 35.81 -30.65 21.34
N THR M 46 35.24 -31.65 22.00
CA THR M 46 34.50 -31.40 23.22
C THR M 46 35.37 -30.74 24.29
N LYS M 47 36.63 -31.17 24.42
CA LYS M 47 37.54 -30.54 25.39
C LYS M 47 37.81 -29.08 25.02
N LEU M 48 37.98 -28.80 23.73
CA LEU M 48 38.25 -27.42 23.32
C LEU M 48 37.02 -26.54 23.47
N LEU M 49 35.86 -27.06 23.11
CA LEU M 49 34.67 -26.22 23.06
C LEU M 49 34.11 -25.91 24.44
N SER M 50 34.39 -26.77 25.43
CA SER M 50 33.92 -26.52 26.78
C SER M 50 34.60 -25.32 27.43
N LEU M 51 35.73 -24.88 26.89
CA LEU M 51 36.43 -23.75 27.45
C LEU M 51 35.76 -22.43 27.10
N PHE M 52 34.98 -22.40 26.02
CA PHE M 52 34.27 -21.21 25.58
C PHE M 52 32.79 -21.39 25.82
N SER M 53 32.08 -20.29 25.75
CA SER M 53 30.62 -20.28 25.85
C SER M 53 30.10 -20.22 24.42
N VAL M 54 29.80 -21.39 23.86
CA VAL M 54 29.41 -21.46 22.45
C VAL M 54 28.04 -20.83 22.25
N ASN M 55 27.93 -19.94 21.26
CA ASN M 55 26.68 -19.24 20.96
C ASN M 55 25.99 -19.78 19.71
N ASP M 56 26.71 -19.91 18.61
CA ASP M 56 26.17 -20.47 17.38
C ASP M 56 27.15 -21.48 16.82
N PHE M 57 26.58 -22.52 16.23
CA PHE M 57 27.38 -23.62 15.68
C PHE M 57 26.60 -24.10 14.44
N THR M 58 26.99 -23.57 13.29
CA THR M 58 26.29 -23.84 12.05
C THR M 58 27.27 -24.40 11.03
N CYS M 59 26.87 -25.45 10.33
CA CYS M 59 27.76 -26.16 9.41
C CYS M 59 27.13 -26.26 8.03
N SER M 60 27.99 -26.56 7.06
CA SER M 60 27.62 -26.74 5.65
C SER M 60 28.15 -28.09 5.19
N GLN M 61 27.28 -28.93 4.62
CA GLN M 61 27.63 -30.26 4.11
C GLN M 61 28.16 -31.18 5.22
N ILE M 62 27.82 -30.86 6.47
CA ILE M 62 28.15 -31.64 7.66
C ILE M 62 27.30 -31.10 8.82
N SER M 63 27.36 -31.75 9.97
CA SER M 63 26.64 -31.33 11.16
C SER M 63 27.61 -31.20 12.34
N PRO M 64 27.26 -30.39 13.35
CA PRO M 64 28.09 -30.31 14.57
C PRO M 64 28.35 -31.65 15.22
N ALA M 65 27.35 -32.52 15.24
CA ALA M 65 27.56 -33.84 15.83
C ALA M 65 28.58 -34.63 15.03
N ALA M 66 28.54 -34.50 13.70
CA ALA M 66 29.41 -35.27 12.83
C ALA M 66 30.83 -34.71 12.79
N ILE M 67 31.01 -33.40 12.96
CA ILE M 67 32.34 -32.81 12.86
C ILE M 67 33.23 -33.29 13.99
N ALA M 68 32.65 -33.65 15.13
CA ALA M 68 33.42 -34.14 16.27
C ALA M 68 33.51 -35.66 16.26
N SER M 69 33.00 -36.31 15.22
CA SER M 69 32.79 -37.75 15.20
C SER M 69 33.53 -38.51 14.10
N ASN M 70 34.30 -37.85 13.23
CA ASN M 70 34.78 -38.51 12.02
C ASN M 70 36.28 -38.33 11.85
N CYS M 71 36.87 -39.25 11.07
CA CYS M 71 38.29 -39.18 10.75
C CYS M 71 38.52 -38.52 9.39
N TYR M 72 39.52 -37.64 9.35
CA TYR M 72 39.79 -36.81 8.20
C TYR M 72 41.25 -36.94 7.82
N SER M 73 41.54 -36.57 6.56
CA SER M 73 42.92 -36.51 6.14
C SER M 73 43.57 -35.22 6.59
N SER M 74 42.79 -34.15 6.70
CA SER M 74 43.28 -32.89 7.24
C SER M 74 42.11 -32.12 7.86
N LEU M 75 42.44 -31.33 8.87
CA LEU M 75 41.48 -30.50 9.59
C LEU M 75 42.06 -29.10 9.76
N ILE M 76 41.29 -28.10 9.36
CA ILE M 76 41.81 -26.72 9.32
C ILE M 76 40.97 -25.86 10.24
N LEU M 77 41.63 -25.15 11.14
CA LEU M 77 40.95 -24.34 12.14
C LEU M 77 41.33 -22.87 11.96
N ASP M 78 40.34 -22.06 11.62
CA ASP M 78 40.48 -20.61 11.54
C ASP M 78 39.87 -19.97 12.77
N TYR M 79 40.55 -19.01 13.37
CA TYR M 79 40.03 -18.32 14.53
C TYR M 79 40.37 -16.85 14.45
N PHE M 80 39.55 -16.03 15.10
CA PHE M 80 39.70 -14.59 15.03
C PHE M 80 38.72 -13.94 16.00
N SER M 81 38.99 -12.70 16.36
CA SER M 81 38.05 -11.97 17.21
C SER M 81 36.85 -11.56 16.38
N TYR M 82 35.65 -11.84 16.89
CA TYR M 82 34.44 -11.57 16.10
C TYR M 82 33.22 -11.26 16.96
N PRO M 83 32.54 -10.16 16.71
CA PRO M 83 31.40 -9.80 17.55
C PRO M 83 30.12 -10.53 17.16
N LEU M 84 29.32 -10.88 18.17
CA LEU M 84 28.07 -11.59 17.92
C LEU M 84 27.00 -10.70 17.31
N SER M 85 27.12 -9.38 17.47
CA SER M 85 26.15 -8.47 16.88
C SER M 85 26.15 -8.56 15.36
N MET M 86 27.24 -9.06 14.77
CA MET M 86 27.37 -9.27 13.33
C MET M 86 27.20 -10.74 12.98
N LYS M 87 26.42 -11.48 13.77
CA LYS M 87 26.24 -12.90 13.51
C LYS M 87 25.64 -13.16 12.13
N SER M 88 24.89 -12.19 11.58
CA SER M 88 24.21 -12.41 10.32
C SER M 88 25.18 -12.57 9.14
N ASP M 89 26.30 -11.87 9.16
CA ASP M 89 27.18 -11.79 8.01
C ASP M 89 28.21 -12.90 7.95
N LEU M 90 28.20 -13.83 8.91
CA LEU M 90 29.20 -14.89 8.97
C LEU M 90 28.51 -16.21 8.62
N SER M 91 28.31 -16.43 7.31
CA SER M 91 27.76 -17.67 6.80
C SER M 91 28.42 -18.00 5.47
N VAL M 92 28.27 -19.25 5.05
CA VAL M 92 28.91 -19.72 3.83
C VAL M 92 28.23 -19.13 2.61
N SER M 93 26.90 -19.14 2.59
CA SER M 93 26.12 -18.56 1.51
C SER M 93 26.04 -17.06 1.60
N SER M 94 26.80 -16.46 2.51
CA SER M 94 26.63 -15.06 2.80
C SER M 94 26.99 -14.22 1.57
N ALA M 95 26.41 -13.03 1.52
CA ALA M 95 26.84 -11.99 0.61
C ALA M 95 27.18 -10.72 1.37
N GLY M 96 27.30 -10.79 2.68
CA GLY M 96 27.72 -9.67 3.48
C GLY M 96 29.18 -9.35 3.24
N PRO M 97 29.65 -8.22 3.79
CA PRO M 97 31.04 -7.82 3.57
C PRO M 97 32.06 -8.79 4.15
N ILE M 98 31.66 -9.62 5.13
CA ILE M 98 32.59 -10.60 5.69
C ILE M 98 32.92 -11.66 4.66
N SER M 99 31.92 -12.39 4.19
CA SER M 99 32.19 -13.46 3.25
C SER M 99 32.50 -12.94 1.84
N GLN M 100 32.55 -11.63 1.68
CA GLN M 100 32.95 -11.01 0.41
C GLN M 100 34.38 -10.46 0.40
N PHE M 101 34.79 -9.77 1.45
CA PHE M 101 36.10 -9.13 1.48
C PHE M 101 36.96 -9.51 2.68
N ASN M 102 36.49 -10.38 3.57
CA ASN M 102 37.22 -10.66 4.79
C ASN M 102 37.61 -12.13 4.91
N TYR M 103 36.66 -13.05 4.91
CA TYR M 103 36.95 -14.45 5.17
C TYR M 103 35.93 -15.33 4.49
N LYS M 104 36.39 -16.20 3.59
CA LYS M 104 35.53 -17.13 2.92
C LYS M 104 36.13 -18.53 3.04
N GLN M 105 35.26 -19.50 3.27
CA GLN M 105 35.66 -20.87 3.48
C GLN M 105 35.31 -21.65 2.23
N SER M 106 35.92 -22.82 2.11
CA SER M 106 35.85 -23.54 0.85
C SER M 106 34.42 -23.93 0.51
N PHE M 107 34.12 -23.88 -0.77
CA PHE M 107 32.85 -24.38 -1.26
C PHE M 107 32.87 -25.90 -1.31
N SER M 108 33.98 -26.46 -1.81
CA SER M 108 34.14 -27.88 -2.08
C SER M 108 34.32 -28.75 -0.83
N ASN M 109 34.57 -28.17 0.34
CA ASN M 109 34.84 -28.98 1.52
C ASN M 109 33.76 -28.82 2.57
N PRO M 110 33.57 -29.84 3.40
CA PRO M 110 32.68 -29.67 4.56
C PRO M 110 33.19 -28.58 5.49
N THR M 111 32.24 -27.82 6.03
CA THR M 111 32.50 -26.47 6.51
C THR M 111 31.71 -26.26 7.78
N CYS M 112 32.31 -25.61 8.76
CA CYS M 112 31.57 -25.23 9.94
C CYS M 112 31.95 -23.81 10.33
N LEU M 113 31.11 -23.23 11.18
CA LEU M 113 31.27 -21.85 11.55
C LEU M 113 30.70 -21.73 12.96
N ILE M 114 31.57 -21.39 13.91
CA ILE M 114 31.26 -21.41 15.34
C ILE M 114 31.42 -20.01 15.94
N LEU M 115 30.43 -19.61 16.73
CA LEU M 115 30.49 -18.39 17.50
C LEU M 115 30.49 -18.70 19.00
N ALA M 116 31.46 -18.15 19.72
CA ALA M 116 31.60 -18.42 21.13
C ALA M 116 32.14 -17.17 21.82
N THR M 117 31.72 -16.98 23.07
CA THR M 117 32.29 -15.99 23.96
C THR M 117 33.24 -16.67 24.94
N VAL M 118 34.38 -16.04 25.21
CA VAL M 118 35.37 -16.58 26.14
C VAL M 118 35.01 -16.13 27.56
N PRO M 119 34.70 -17.05 28.47
CA PRO M 119 34.20 -16.68 29.80
C PRO M 119 35.36 -16.31 30.73
N HIS M 120 35.00 -15.94 31.96
CA HIS M 120 36.01 -15.59 32.95
C HIS M 120 36.85 -16.79 33.36
N ASN M 121 36.38 -18.03 33.16
CA ASN M 121 37.24 -19.15 33.47
C ASN M 121 38.46 -19.17 32.56
N LEU M 122 38.47 -18.34 31.53
CA LEU M 122 39.58 -18.22 30.58
C LEU M 122 40.04 -16.77 30.54
N THR M 123 41.12 -16.46 31.25
CA THR M 123 41.63 -15.10 31.30
C THR M 123 43.01 -14.97 30.66
N THR M 124 43.43 -15.95 29.88
CA THR M 124 44.74 -15.95 29.23
C THR M 124 44.69 -15.47 27.79
N ILE M 125 43.51 -15.16 27.26
CA ILE M 125 43.33 -14.62 25.91
C ILE M 125 43.19 -13.11 26.03
N THR M 126 44.13 -12.37 25.46
CA THR M 126 44.05 -10.94 25.64
C THR M 126 43.08 -10.34 24.62
N LYS M 127 42.58 -9.16 24.94
CA LYS M 127 41.57 -8.55 24.08
C LYS M 127 42.20 -7.45 23.24
N PRO M 128 41.73 -7.29 22.00
CA PRO M 128 42.12 -6.14 21.20
C PRO M 128 41.30 -4.92 21.63
N LEU M 129 41.58 -3.78 21.00
CA LEU M 129 40.86 -2.57 21.37
C LEU M 129 39.43 -2.60 20.86
N LYS M 130 39.18 -3.29 19.76
CA LYS M 130 37.87 -3.27 19.14
C LYS M 130 37.79 -4.36 18.08
N TYR M 131 36.56 -4.63 17.64
CA TYR M 131 36.30 -5.57 16.56
C TYR M 131 36.41 -4.82 15.23
N SER M 132 37.18 -5.37 14.29
CA SER M 132 37.47 -4.72 13.03
C SER M 132 37.14 -5.64 11.86
N TYR M 133 36.72 -5.02 10.75
CA TYR M 133 36.54 -5.74 9.50
C TYR M 133 36.57 -4.76 8.33
N ILE M 134 36.82 -5.30 7.14
CA ILE M 134 36.93 -4.53 5.90
C ILE M 134 35.59 -4.56 5.20
N ASN M 135 34.97 -3.39 5.00
CA ASN M 135 33.64 -3.38 4.38
C ASN M 135 33.69 -3.16 2.87
N LYS M 136 34.74 -2.52 2.35
CA LYS M 136 34.96 -2.51 0.91
C LYS M 136 36.45 -2.62 0.62
N CYS M 137 36.81 -3.44 -0.35
CA CYS M 137 38.17 -3.53 -0.87
C CYS M 137 38.06 -3.74 -2.37
N SER M 138 38.63 -2.83 -3.14
CA SER M 138 38.47 -2.91 -4.58
C SER M 138 39.69 -2.31 -5.26
N ARG M 139 39.81 -2.59 -6.55
CA ARG M 139 40.99 -2.27 -7.32
C ARG M 139 40.58 -1.59 -8.62
N PHE M 140 41.28 -0.50 -8.95
CA PHE M 140 41.02 0.29 -10.14
C PHE M 140 42.11 0.03 -11.17
N LEU M 141 41.72 -0.01 -12.45
CA LEU M 141 42.68 -0.35 -13.49
C LEU M 141 43.48 0.87 -13.91
N SER M 142 44.39 0.66 -14.87
CA SER M 142 45.26 1.72 -15.35
C SER M 142 44.46 2.85 -15.96
N ASP M 143 43.30 2.54 -16.54
CA ASP M 143 42.45 3.59 -17.08
C ASP M 143 41.86 4.48 -15.99
N ASP M 144 41.91 4.06 -14.73
CA ASP M 144 41.52 4.88 -13.58
C ASP M 144 40.01 5.09 -13.48
N ARG M 145 39.25 4.32 -14.22
CA ARG M 145 37.80 4.44 -14.11
C ARG M 145 37.11 3.12 -13.83
N THR M 146 37.57 2.01 -14.40
CA THR M 146 36.87 0.76 -14.19
C THR M 146 37.33 0.11 -12.90
N GLU M 147 36.38 -0.18 -12.03
CA GLU M 147 36.61 -0.71 -10.69
C GLU M 147 36.44 -2.22 -10.67
N VAL M 148 37.33 -2.91 -9.96
CA VAL M 148 37.17 -4.35 -9.78
C VAL M 148 37.17 -4.71 -8.29
N PRO M 149 36.00 -5.01 -7.70
CA PRO M 149 35.99 -5.39 -6.28
C PRO M 149 36.79 -6.66 -6.04
N GLN M 150 37.74 -6.56 -5.11
CA GLN M 150 38.66 -7.67 -4.81
C GLN M 150 37.98 -8.67 -3.87
N LEU M 151 37.09 -9.48 -4.45
CA LEU M 151 36.41 -10.51 -3.69
C LEU M 151 37.41 -11.53 -3.20
N VAL M 152 37.37 -11.79 -1.89
CA VAL M 152 38.32 -12.70 -1.27
C VAL M 152 38.06 -14.12 -1.75
N ASN M 153 39.14 -14.84 -2.02
CA ASN M 153 38.99 -16.25 -2.36
C ASN M 153 38.93 -17.07 -1.09
N ALA M 154 38.39 -18.27 -1.22
CA ALA M 154 38.40 -19.18 -0.08
C ALA M 154 39.84 -19.55 0.23
N ASN M 155 40.14 -19.67 1.52
CA ASN M 155 41.45 -20.08 2.06
C ASN M 155 42.57 -19.11 1.75
N GLN M 156 42.27 -17.94 1.19
CA GLN M 156 43.27 -16.91 0.99
C GLN M 156 42.83 -15.66 1.74
N TYR M 157 43.74 -14.70 1.82
CA TYR M 157 43.50 -13.44 2.50
C TYR M 157 43.00 -12.39 1.53
N SER M 158 42.42 -11.34 2.09
CA SER M 158 42.04 -10.22 1.24
C SER M 158 43.30 -9.58 0.69
N PRO M 159 43.29 -9.13 -0.57
CA PRO M 159 44.45 -8.38 -1.08
C PRO M 159 44.77 -7.16 -0.25
N CYS M 160 43.79 -6.65 0.48
CA CYS M 160 43.90 -5.43 1.27
C CYS M 160 44.52 -5.63 2.65
N VAL M 161 44.98 -6.84 3.00
CA VAL M 161 45.65 -7.00 4.27
C VAL M 161 46.95 -6.23 4.31
N SER M 162 47.46 -5.83 3.14
CA SER M 162 48.70 -5.07 3.07
C SER M 162 48.54 -3.63 3.54
N ILE M 163 47.31 -3.11 3.53
CA ILE M 163 47.07 -1.71 3.78
C ILE M 163 46.24 -1.46 5.04
N VAL M 164 45.49 -2.43 5.52
CA VAL M 164 44.70 -2.33 6.74
C VAL M 164 45.57 -2.77 7.93
N PRO M 165 45.52 -2.08 9.06
CA PRO M 165 46.32 -2.50 10.22
C PRO M 165 45.69 -3.69 10.93
N SER M 166 46.39 -4.18 11.96
CA SER M 166 45.90 -5.30 12.74
C SER M 166 44.54 -4.99 13.33
N THR M 167 44.31 -3.73 13.68
CA THR M 167 43.04 -3.27 14.25
C THR M 167 42.75 -1.87 13.73
N VAL M 168 41.53 -1.70 13.23
CA VAL M 168 41.07 -0.42 12.70
C VAL M 168 40.98 0.62 13.81
N TRP M 169 41.33 1.87 13.48
CA TRP M 169 41.33 2.94 14.47
C TRP M 169 40.00 3.67 14.57
N GLU M 170 39.37 3.98 13.43
CA GLU M 170 38.14 4.73 13.39
C GLU M 170 37.15 4.08 12.43
N ASP M 171 35.86 4.30 12.67
CA ASP M 171 34.84 3.51 11.95
C ASP M 171 34.88 3.79 10.46
N GLY M 172 35.31 4.97 10.04
CA GLY M 172 35.30 5.34 8.64
C GLY M 172 36.64 5.34 7.96
N ASP M 173 37.67 4.76 8.57
CA ASP M 173 39.03 4.87 8.05
C ASP M 173 39.09 4.35 6.62
N TYR M 174 39.98 4.96 5.83
CA TYR M 174 40.09 4.75 4.39
C TYR M 174 41.55 4.49 4.04
N TYR M 175 41.78 3.51 3.18
CA TYR M 175 43.14 3.07 2.87
C TYR M 175 43.34 3.00 1.37
N ARG M 176 44.55 3.34 0.91
CA ARG M 176 44.83 3.32 -0.52
C ARG M 176 46.31 3.04 -0.75
N LYS M 177 46.60 2.45 -1.91
CA LYS M 177 47.97 2.15 -2.30
C LYS M 177 48.04 2.08 -3.81
N GLN M 178 49.14 2.58 -4.38
CA GLN M 178 49.38 2.50 -5.82
C GLN M 178 50.18 1.24 -6.14
N LEU M 179 49.84 0.60 -7.25
CA LEU M 179 50.42 -0.66 -7.65
C LEU M 179 51.60 -0.44 -8.60
N SER M 180 52.50 -1.42 -8.65
CA SER M 180 53.65 -1.36 -9.56
C SER M 180 53.18 -1.44 -11.01
N PRO M 181 53.98 -0.92 -11.95
CA PRO M 181 53.62 -1.04 -13.37
C PRO M 181 53.57 -2.47 -13.85
N LEU M 182 53.96 -3.45 -13.04
CA LEU M 182 53.74 -4.84 -13.41
C LEU M 182 52.27 -5.20 -13.23
N GLU M 183 51.71 -4.88 -12.06
CA GLU M 183 50.35 -5.21 -11.65
C GLU M 183 49.29 -4.23 -12.17
N GLY M 184 49.66 -3.30 -13.05
CA GLY M 184 48.71 -2.40 -13.68
C GLY M 184 48.91 -0.94 -13.35
N GLY M 185 49.63 -0.63 -12.27
CA GLY M 185 49.79 0.76 -11.92
C GLY M 185 48.51 1.38 -11.46
N GLY M 186 47.51 0.57 -11.14
CA GLY M 186 46.23 1.09 -10.71
C GLY M 186 46.32 1.46 -9.26
N TRP M 187 45.16 1.48 -8.62
CA TRP M 187 45.05 1.79 -7.20
C TRP M 187 44.27 0.69 -6.50
N LEU M 188 44.77 0.31 -5.34
CA LEU M 188 44.10 -0.65 -4.46
C LEU M 188 43.58 0.16 -3.28
N VAL M 189 42.28 0.07 -3.03
CA VAL M 189 41.59 0.93 -2.09
C VAL M 189 40.73 0.10 -1.15
N ALA M 190 40.71 0.47 0.13
CA ALA M 190 39.90 -0.23 1.12
C ALA M 190 39.31 0.73 2.13
N SER M 191 38.17 0.35 2.70
CA SER M 191 37.48 1.09 3.75
C SER M 191 37.29 0.21 4.98
N GLY M 192 37.70 0.69 6.13
CA GLY M 192 37.51 -0.04 7.36
C GLY M 192 36.17 0.24 8.04
N SER M 193 35.77 -0.67 8.92
CA SER M 193 34.56 -0.52 9.73
C SER M 193 34.79 -1.19 11.07
N THR M 194 34.24 -0.62 12.15
CA THR M 194 34.56 -1.10 13.49
C THR M 194 33.31 -1.23 14.35
N VAL M 195 33.40 -2.12 15.34
CA VAL M 195 32.40 -2.31 16.39
C VAL M 195 33.10 -2.20 17.73
N ALA M 196 32.48 -1.46 18.66
CA ALA M 196 33.10 -1.21 19.95
C ALA M 196 33.31 -2.53 20.70
N MET M 197 34.46 -2.65 21.37
CA MET M 197 34.77 -3.88 22.08
C MET M 197 33.75 -4.12 23.18
N THR M 198 33.49 -5.39 23.45
CA THR M 198 32.54 -5.76 24.47
C THR M 198 33.28 -6.27 25.70
N GLU M 199 32.57 -6.31 26.80
CA GLU M 199 33.15 -6.67 28.08
C GLU M 199 33.83 -8.03 28.03
N GLN M 200 33.14 -9.04 27.50
CA GLN M 200 33.74 -10.34 27.28
C GLN M 200 34.06 -10.51 25.80
N LEU M 201 35.30 -10.89 25.51
CA LEU M 201 35.70 -11.05 24.13
C LEU M 201 34.88 -12.15 23.46
N GLN M 202 34.46 -11.89 22.24
CA GLN M 202 33.70 -12.83 21.44
C GLN M 202 34.53 -13.25 20.23
N MET M 203 34.44 -14.52 19.86
CA MET M 203 35.31 -15.07 18.84
C MET M 203 34.50 -15.88 17.83
N GLY M 204 35.14 -16.16 16.72
CA GLY M 204 34.59 -17.06 15.72
C GLY M 204 35.61 -18.07 15.27
N PHE M 205 35.16 -19.28 15.04
CA PHE M 205 36.03 -20.34 14.55
C PHE M 205 35.46 -20.87 13.25
N GLY M 206 36.33 -21.09 12.29
CA GLY M 206 35.99 -21.77 11.04
C GLY M 206 36.68 -23.12 11.04
N ILE M 207 35.96 -24.14 10.60
CA ILE M 207 36.53 -25.48 10.48
C ILE M 207 36.35 -25.94 9.05
N THR M 208 37.43 -26.38 8.45
CA THR M 208 37.43 -26.92 7.12
C THR M 208 38.09 -28.28 7.21
N VAL M 209 37.47 -29.29 6.60
CA VAL M 209 37.95 -30.67 6.69
C VAL M 209 38.02 -31.30 5.31
N GLN M 210 38.97 -32.22 5.16
CA GLN M 210 39.06 -33.01 3.94
C GLN M 210 39.09 -34.48 4.32
N TYR M 211 38.19 -35.26 3.73
CA TYR M 211 38.24 -36.70 3.88
C TYR M 211 39.21 -37.25 2.85
N GLY M 212 40.10 -38.13 3.27
CA GLY M 212 41.05 -38.69 2.35
C GLY M 212 40.46 -39.85 1.58
N THR M 213 40.95 -40.02 0.35
CA THR M 213 40.52 -41.14 -0.48
C THR M 213 41.14 -42.45 -0.01
N ASP M 214 42.35 -42.39 0.53
CA ASP M 214 43.05 -43.59 0.97
C ASP M 214 43.34 -43.58 2.45
N THR M 215 43.79 -42.46 3.01
CA THR M 215 44.12 -42.36 4.43
C THR M 215 43.35 -41.22 5.06
N ASN M 216 42.71 -41.50 6.20
CA ASN M 216 42.10 -40.46 7.03
C ASN M 216 42.74 -40.53 8.41
N SER M 217 43.61 -39.57 8.70
CA SER M 217 44.54 -39.63 9.84
C SER M 217 44.26 -38.62 10.96
N VAL M 218 43.28 -37.72 10.82
CA VAL M 218 42.86 -36.88 11.94
C VAL M 218 41.69 -37.58 12.62
N CYS M 219 41.91 -38.16 13.79
CA CYS M 219 40.90 -38.98 14.42
C CYS M 219 40.59 -38.51 15.84
N PRO M 220 39.43 -38.87 16.38
CA PRO M 220 39.08 -38.44 17.75
C PRO M 220 39.78 -39.27 18.83
N LYS M 221 39.76 -38.75 20.05
CA LYS M 221 40.40 -39.37 21.20
C LYS M 221 39.50 -40.39 21.89
N LEU M 222 40.12 -41.36 22.56
CA LEU M 222 39.40 -42.48 23.15
C LEU M 222 39.93 -42.78 24.58
N VAL N 2 34.47 24.81 0.01
CA VAL N 2 35.32 25.00 1.17
C VAL N 2 36.80 25.12 0.73
N GLN N 3 37.58 25.88 1.49
CA GLN N 3 38.96 26.24 1.16
C GLN N 3 39.96 25.72 2.18
N LEU N 4 41.19 25.54 1.71
CA LEU N 4 42.34 25.11 2.51
C LEU N 4 43.41 26.19 2.54
N GLN N 5 44.10 26.27 3.68
CA GLN N 5 45.14 27.26 3.93
C GLN N 5 46.44 26.53 4.25
N GLU N 6 47.54 27.05 3.70
CA GLU N 6 48.86 26.44 3.73
C GLU N 6 49.85 27.35 4.45
N SER N 7 50.90 26.76 5.00
CA SER N 7 51.94 27.51 5.67
C SER N 7 53.29 26.94 5.27
N GLY N 8 54.36 27.68 5.55
CA GLY N 8 55.70 27.13 5.49
C GLY N 8 56.48 27.40 4.22
N GLY N 9 55.82 27.88 3.18
CA GLY N 9 56.52 28.07 1.91
C GLY N 9 57.55 29.17 1.98
N GLY N 10 58.62 28.97 1.21
CA GLY N 10 59.70 29.94 1.17
C GLY N 10 60.79 29.47 0.24
N SER N 11 61.83 30.29 0.17
CA SER N 11 63.00 30.01 -0.65
C SER N 11 64.02 29.23 0.16
N VAL N 12 64.68 28.28 -0.49
CA VAL N 12 65.63 27.39 0.17
C VAL N 12 66.76 27.07 -0.79
N GLN N 13 67.99 27.00 -0.27
CA GLN N 13 69.14 26.65 -1.09
C GLN N 13 69.12 25.15 -1.40
N ALA N 14 69.87 24.76 -2.43
CA ALA N 14 69.83 23.38 -2.91
C ALA N 14 70.34 22.41 -1.86
N GLY N 15 69.61 21.32 -1.68
CA GLY N 15 69.92 20.35 -0.65
C GLY N 15 69.32 20.65 0.70
N GLY N 16 68.73 21.83 0.87
CA GLY N 16 68.16 22.22 2.14
C GLY N 16 66.80 21.59 2.42
N SER N 17 66.23 21.99 3.55
CA SER N 17 64.97 21.46 4.03
C SER N 17 63.94 22.57 4.20
N LEU N 18 62.68 22.15 4.21
CA LEU N 18 61.54 23.05 4.35
C LEU N 18 60.36 22.21 4.78
N ARG N 19 59.42 22.83 5.49
CA ARG N 19 58.21 22.16 5.95
C ARG N 19 56.98 22.95 5.52
N LEU N 20 56.02 22.26 4.92
CA LEU N 20 54.72 22.84 4.63
C LEU N 20 53.70 22.29 5.63
N SER N 21 52.63 23.04 5.83
CA SER N 21 51.51 22.57 6.65
C SER N 21 50.22 23.06 6.02
N CYS N 22 49.16 22.25 6.14
CA CYS N 22 47.88 22.57 5.52
C CYS N 22 46.76 22.41 6.55
N VAL N 23 46.26 23.52 7.04
CA VAL N 23 45.17 23.52 7.99
C VAL N 23 43.87 23.51 7.21
N ALA N 24 42.94 22.65 7.62
CA ALA N 24 41.65 22.50 6.95
C ALA N 24 40.61 23.26 7.76
N SER N 25 40.32 24.49 7.33
CA SER N 25 39.24 25.28 7.93
C SER N 25 37.92 24.94 7.24
N GLY N 26 37.57 23.66 7.32
CA GLY N 26 36.46 23.13 6.56
C GLY N 26 35.12 23.19 7.27
N SER N 27 34.08 23.33 6.45
CA SER N 27 32.72 23.16 6.93
C SER N 27 32.48 21.71 7.35
N ILE N 28 33.04 20.76 6.61
CA ILE N 28 32.87 19.34 6.89
C ILE N 28 34.19 18.83 7.44
N PHE N 29 34.13 17.99 8.47
CA PHE N 29 35.35 17.33 8.92
C PHE N 29 35.36 15.87 8.52
N SER N 30 34.45 15.46 7.62
CA SER N 30 34.35 14.08 7.18
C SER N 30 35.35 13.78 6.10
N ILE N 31 36.39 14.62 6.02
CA ILE N 31 37.44 14.45 5.05
C ILE N 31 38.16 13.13 5.31
N ASN N 32 38.30 12.32 4.28
CA ASN N 32 38.93 11.02 4.41
C ASN N 32 40.26 10.91 3.71
N ALA N 33 40.64 11.88 2.90
CA ALA N 33 41.99 11.89 2.36
C ALA N 33 42.34 13.32 1.97
N MET N 34 43.61 13.64 2.16
CA MET N 34 44.17 14.93 1.81
C MET N 34 45.50 14.73 1.12
N ASP N 35 45.76 15.54 0.10
CA ASP N 35 46.87 15.31 -0.80
C ASP N 35 47.68 16.59 -0.95
N TRP N 36 48.98 16.45 -1.23
CA TRP N 36 49.84 17.57 -1.59
C TRP N 36 50.18 17.44 -3.07
N TYR N 37 49.96 18.49 -3.83
CA TYR N 37 50.17 18.50 -5.26
C TYR N 37 51.19 19.57 -5.63
N ARG N 38 51.57 19.55 -6.91
CA ARG N 38 52.62 20.40 -7.45
C ARG N 38 52.26 20.88 -8.85
N GLN N 39 52.70 22.09 -9.19
CA GLN N 39 52.53 22.65 -10.52
C GLN N 39 53.87 23.24 -10.95
N ALA N 40 54.47 22.65 -11.96
CA ALA N 40 55.90 22.72 -12.21
C ALA N 40 56.20 23.17 -13.63
N PRO N 41 57.45 23.66 -13.88
CA PRO N 41 57.81 24.15 -15.22
C PRO N 41 57.65 23.15 -16.35
N GLY N 42 56.52 23.18 -17.06
CA GLY N 42 56.34 22.41 -18.28
C GLY N 42 55.48 21.18 -18.18
N LYS N 43 54.94 20.85 -17.01
CA LYS N 43 54.11 19.66 -16.86
C LYS N 43 52.91 19.99 -16.00
N GLN N 44 51.94 19.08 -16.03
CA GLN N 44 50.67 19.32 -15.37
C GLN N 44 50.80 19.19 -13.85
N ARG N 45 49.71 19.49 -13.15
CA ARG N 45 49.70 19.32 -11.70
C ARG N 45 49.83 17.85 -11.34
N GLU N 46 50.78 17.53 -10.46
CA GLU N 46 51.11 16.14 -10.13
C GLU N 46 51.12 15.94 -8.63
N LEU N 47 50.91 14.69 -8.23
CA LEU N 47 50.80 14.34 -6.83
C LEU N 47 52.18 14.24 -6.19
N VAL N 48 52.34 14.90 -5.06
CA VAL N 48 53.59 14.88 -4.31
C VAL N 48 53.50 13.91 -3.14
N ALA N 49 52.47 14.06 -2.31
CA ALA N 49 52.29 13.20 -1.16
C ALA N 49 50.79 13.15 -0.84
N GLY N 50 50.39 12.14 -0.10
CA GLY N 50 49.00 12.00 0.29
C GLY N 50 48.85 11.15 1.53
N ILE N 51 47.84 11.47 2.32
CA ILE N 51 47.52 10.74 3.54
C ILE N 51 46.01 10.56 3.60
N THR N 52 45.59 9.49 4.25
CA THR N 52 44.20 9.05 4.28
C THR N 52 43.69 9.01 5.72
N SER N 53 42.40 8.68 5.85
CA SER N 53 41.79 8.52 7.16
C SER N 53 42.56 7.52 8.02
N GLY N 54 42.81 6.34 7.48
CA GLY N 54 43.54 5.31 8.17
C GLY N 54 45.02 5.51 8.22
N GLY N 55 45.52 6.63 7.71
CA GLY N 55 46.93 6.91 7.75
C GLY N 55 47.77 6.26 6.67
N SER N 56 47.15 5.69 5.64
CA SER N 56 47.92 5.10 4.55
C SER N 56 48.56 6.21 3.71
N THR N 57 49.88 6.22 3.70
CA THR N 57 50.69 7.24 3.05
C THR N 57 51.17 6.78 1.68
N ASN N 58 51.27 7.73 0.75
CA ASN N 58 51.81 7.47 -0.57
C ASN N 58 52.49 8.74 -1.10
N TYR N 59 53.54 8.56 -1.88
CA TYR N 59 54.36 9.66 -2.36
C TYR N 59 54.47 9.59 -3.88
N GLY N 60 54.79 10.73 -4.49
CA GLY N 60 54.95 10.77 -5.93
C GLY N 60 56.17 9.97 -6.36
N ASP N 61 56.20 9.63 -7.64
CA ASP N 61 57.27 8.76 -8.13
C ASP N 61 58.61 9.46 -8.27
N PHE N 62 58.71 10.72 -7.88
CA PHE N 62 59.95 11.47 -8.04
C PHE N 62 60.70 11.74 -6.74
N VAL N 63 60.09 11.53 -5.58
CA VAL N 63 60.76 11.70 -4.31
C VAL N 63 61.26 10.34 -3.82
N LYS N 64 62.56 10.24 -3.56
CA LYS N 64 63.17 9.01 -3.07
C LYS N 64 63.36 9.08 -1.55
N GLY N 65 62.23 8.94 -0.86
CA GLY N 65 62.24 8.95 0.60
C GLY N 65 62.58 10.29 1.19
N ARG N 66 62.68 11.32 0.36
CA ARG N 66 63.07 12.63 0.84
C ARG N 66 61.94 13.30 1.62
N PHE N 67 60.69 13.08 1.19
CA PHE N 67 59.54 13.78 1.75
C PHE N 67 58.88 12.95 2.87
N THR N 68 58.18 13.66 3.77
CA THR N 68 57.46 13.04 4.88
C THR N 68 56.14 13.75 5.10
N ILE N 69 55.03 13.00 5.04
CA ILE N 69 53.70 13.52 5.27
C ILE N 69 53.21 13.03 6.63
N SER N 70 52.46 13.87 7.35
CA SER N 70 51.95 13.51 8.66
C SER N 70 50.61 14.20 8.90
N ARG N 71 49.91 13.72 9.93
CA ARG N 71 48.58 14.20 10.27
C ARG N 71 48.43 14.41 11.77
N ASP N 72 47.85 15.54 12.15
CA ASP N 72 47.33 15.74 13.51
C ASP N 72 45.82 15.92 13.35
N ASN N 73 45.03 14.87 13.59
CA ASN N 73 43.58 14.99 13.39
C ASN N 73 42.92 15.82 14.49
N ALA N 74 43.59 16.01 15.63
CA ALA N 74 43.06 16.86 16.69
C ALA N 74 43.11 18.33 16.31
N LYS N 75 44.11 18.74 15.52
CA LYS N 75 44.24 20.11 15.07
C LYS N 75 43.95 20.26 13.58
N ASN N 76 43.39 19.23 12.94
CA ASN N 76 42.92 19.29 11.56
C ASN N 76 43.97 19.89 10.62
N THR N 77 45.17 19.33 10.67
CA THR N 77 46.29 19.84 9.89
C THR N 77 47.10 18.69 9.30
N VAL N 78 47.67 18.95 8.13
CA VAL N 78 48.49 18.00 7.40
C VAL N 78 49.85 18.65 7.16
N TYR N 79 50.92 17.92 7.46
CA TYR N 79 52.28 18.40 7.24
C TYR N 79 52.90 17.69 6.05
N LEU N 80 53.76 18.42 5.34
CA LEU N 80 54.60 17.84 4.30
C LEU N 80 56.01 18.35 4.55
N GLN N 81 56.85 17.52 5.15
CA GLN N 81 58.23 17.88 5.44
C GLN N 81 59.12 17.41 4.30
N MET N 82 59.93 18.31 3.77
CA MET N 82 60.75 18.02 2.60
C MET N 82 62.21 18.25 2.91
N ASP N 83 63.03 17.24 2.61
CA ASP N 83 64.45 17.25 2.84
C ASP N 83 65.14 17.04 1.49
N SER N 84 66.41 17.41 1.45
CA SER N 84 67.24 17.21 0.27
C SER N 84 66.58 17.84 -0.97
N LEU N 85 66.12 19.08 -0.81
CA LEU N 85 65.50 19.75 -1.94
C LEU N 85 66.54 20.05 -3.01
N LYS N 86 66.10 20.02 -4.26
CA LYS N 86 66.94 20.36 -5.39
C LYS N 86 66.12 21.21 -6.35
N PRO N 87 66.77 21.98 -7.22
CA PRO N 87 66.01 22.89 -8.10
C PRO N 87 64.95 22.21 -8.94
N GLU N 88 65.09 20.91 -9.24
CA GLU N 88 64.05 20.23 -10.01
C GLU N 88 62.73 20.15 -9.26
N ASP N 89 62.73 20.31 -7.93
CA ASP N 89 61.50 20.38 -7.15
C ASP N 89 60.92 21.79 -7.08
N THR N 90 61.51 22.75 -7.79
CA THR N 90 60.97 24.11 -7.78
C THR N 90 59.63 24.14 -8.49
N ALA N 91 58.58 24.44 -7.74
CA ALA N 91 57.22 24.53 -8.23
C ALA N 91 56.40 25.16 -7.12
N VAL N 92 55.13 25.41 -7.38
CA VAL N 92 54.20 25.91 -6.37
C VAL N 92 53.39 24.73 -5.86
N TYR N 93 53.54 24.42 -4.57
CA TYR N 93 52.94 23.26 -3.93
C TYR N 93 51.67 23.66 -3.17
N TYR N 94 50.60 22.89 -3.39
CA TYR N 94 49.30 23.08 -2.74
C TYR N 94 48.88 21.83 -1.98
N CYS N 95 47.89 22.01 -1.13
CA CYS N 95 47.21 20.89 -0.50
C CYS N 95 45.76 20.82 -0.99
N ALA N 96 45.22 19.60 -1.02
CA ALA N 96 43.89 19.33 -1.55
C ALA N 96 43.23 18.24 -0.72
N ALA N 97 41.90 18.21 -0.73
CA ALA N 97 41.16 17.22 0.02
C ALA N 97 40.06 16.60 -0.82
N GLU N 98 39.84 15.31 -0.64
CA GLU N 98 38.68 14.60 -1.19
C GLU N 98 37.83 14.11 -0.02
N VAL N 99 36.57 14.55 0.01
CA VAL N 99 35.61 14.14 1.03
C VAL N 99 34.79 13.01 0.45
N GLY N 100 34.75 11.89 1.16
CA GLY N 100 34.22 10.66 0.60
C GLY N 100 34.99 10.22 -0.63
N GLY N 101 36.30 10.42 -0.62
CA GLY N 101 37.13 10.03 -1.75
C GLY N 101 37.24 8.51 -1.85
N TRP N 102 37.24 8.02 -3.09
CA TRP N 102 37.30 6.60 -3.34
C TRP N 102 38.05 6.33 -4.64
N GLY N 103 39.06 5.46 -4.57
CA GLY N 103 39.85 5.16 -5.73
C GLY N 103 40.97 6.16 -5.94
N PRO N 104 41.36 6.38 -7.20
CA PRO N 104 42.48 7.27 -7.47
C PRO N 104 42.17 8.66 -6.93
N PRO N 105 43.18 9.37 -6.45
CA PRO N 105 42.90 10.68 -5.85
C PRO N 105 42.34 11.63 -6.89
N ARG N 106 41.12 12.10 -6.63
CA ARG N 106 40.46 13.12 -7.46
C ARG N 106 39.92 14.18 -6.53
N PRO N 107 40.78 15.06 -6.03
CA PRO N 107 40.36 15.98 -4.97
C PRO N 107 39.34 16.98 -5.47
N ASP N 108 38.45 17.38 -4.56
CA ASP N 108 37.33 18.26 -4.88
C ASP N 108 37.52 19.71 -4.41
N TYR N 109 38.29 19.94 -3.35
CA TYR N 109 38.51 21.29 -2.82
C TYR N 109 40.00 21.51 -2.64
N TRP N 110 40.46 22.72 -2.96
CA TRP N 110 41.86 23.05 -3.03
C TRP N 110 42.21 24.29 -2.22
N GLY N 111 43.48 24.38 -1.86
CA GLY N 111 44.02 25.59 -1.26
C GLY N 111 44.70 26.44 -2.32
N HIS N 112 45.16 27.62 -1.90
CA HIS N 112 45.87 28.51 -2.83
C HIS N 112 47.30 28.10 -3.08
N GLY N 113 47.89 27.37 -2.14
CA GLY N 113 49.24 26.93 -2.32
C GLY N 113 50.25 28.01 -2.05
N THR N 114 51.25 27.63 -1.30
CA THR N 114 52.38 28.49 -1.03
C THR N 114 53.56 28.04 -1.90
N GLN N 115 54.57 28.92 -2.00
CA GLN N 115 55.67 28.75 -2.95
C GLN N 115 56.95 28.22 -2.30
N VAL N 116 57.56 27.23 -2.96
CA VAL N 116 58.88 26.74 -2.63
C VAL N 116 59.77 26.92 -3.85
N THR N 117 60.90 27.60 -3.67
CA THR N 117 61.89 27.81 -4.72
C THR N 117 63.26 27.35 -4.24
N VAL N 118 64.05 26.77 -5.15
CA VAL N 118 65.36 26.23 -4.82
C VAL N 118 66.38 26.79 -5.80
N SER N 119 67.39 27.48 -5.28
CA SER N 119 68.49 28.00 -6.07
C SER N 119 69.78 27.28 -5.73
N SER N 120 70.51 26.84 -6.74
CA SER N 120 71.82 26.20 -6.55
C SER N 120 72.96 27.12 -7.00
N GLY N 121 72.82 28.42 -6.75
CA GLY N 121 73.83 29.38 -7.15
C GLY N 121 74.98 29.55 -6.17
N ALA O 12 -13.32 70.72 -11.58
CA ALA O 12 -14.07 69.92 -12.53
C ALA O 12 -13.73 68.44 -12.40
N GLU O 13 -14.51 67.73 -11.57
CA GLU O 13 -14.36 66.29 -11.35
C GLU O 13 -15.19 65.47 -12.33
N GLY O 14 -14.62 64.38 -12.79
CA GLY O 14 -15.26 63.50 -13.75
C GLY O 14 -14.18 62.96 -14.67
N VAL O 15 -14.39 61.74 -15.13
CA VAL O 15 -13.41 61.10 -16.00
C VAL O 15 -13.65 61.61 -17.42
N GLU O 16 -12.58 62.03 -18.08
CA GLU O 16 -12.72 62.49 -19.44
C GLU O 16 -12.85 61.31 -20.39
N CYS O 17 -13.72 61.46 -21.36
CA CYS O 17 -13.78 60.47 -22.44
C CYS O 17 -12.47 60.53 -23.21
N ASP O 18 -11.80 59.40 -23.30
CA ASP O 18 -10.48 59.35 -23.91
C ASP O 18 -10.56 58.75 -25.30
N PHE O 19 -10.17 59.55 -26.30
CA PHE O 19 -10.08 59.14 -27.69
C PHE O 19 -8.75 58.48 -28.05
N SER O 20 -7.96 58.06 -27.06
CA SER O 20 -6.61 57.56 -27.35
C SER O 20 -6.56 56.38 -28.32
N PRO O 21 -7.43 55.36 -28.25
CA PRO O 21 -7.31 54.23 -29.21
C PRO O 21 -7.34 54.67 -30.66
N LEU O 22 -7.91 55.85 -30.94
CA LEU O 22 -7.97 56.37 -32.29
C LEU O 22 -6.69 57.08 -32.70
N LEU O 23 -5.94 57.63 -31.75
CA LEU O 23 -4.73 58.36 -32.10
C LEU O 23 -3.54 57.45 -32.39
N SER O 24 -3.54 56.24 -31.85
CA SER O 24 -2.41 55.31 -31.96
C SER O 24 -2.85 54.03 -32.65
N GLY O 25 -2.18 53.70 -33.75
CA GLY O 25 -2.37 52.45 -34.45
C GLY O 25 -2.84 52.68 -35.87
N THR O 26 -3.30 51.58 -36.49
CA THR O 26 -3.84 51.64 -37.84
C THR O 26 -5.35 51.64 -37.80
N PRO O 27 -6.02 52.70 -38.26
CA PRO O 27 -7.48 52.68 -38.37
C PRO O 27 -7.92 51.57 -39.30
N PRO O 28 -8.97 50.85 -38.94
CA PRO O 28 -9.40 49.69 -39.74
C PRO O 28 -10.09 50.11 -41.02
N GLN O 29 -10.37 49.10 -41.84
CA GLN O 29 -11.20 49.33 -43.01
C GLN O 29 -12.64 49.54 -42.57
N VAL O 30 -13.47 50.01 -43.49
CA VAL O 30 -14.82 50.40 -43.11
C VAL O 30 -15.63 49.19 -42.64
N TYR O 31 -15.44 48.02 -43.27
CA TYR O 31 -16.20 46.87 -42.83
C TYR O 31 -15.70 46.29 -41.52
N ASN O 32 -14.58 46.77 -41.02
CA ASN O 32 -14.05 46.40 -39.71
C ASN O 32 -14.04 47.58 -38.76
N PHE O 33 -15.00 48.49 -38.91
CA PHE O 33 -14.98 49.76 -38.18
C PHE O 33 -14.81 49.54 -36.69
N LYS O 34 -13.85 50.24 -36.08
CA LYS O 34 -13.67 50.18 -34.64
C LYS O 34 -14.67 51.10 -33.95
N ARG O 35 -15.29 50.60 -32.89
CA ARG O 35 -16.40 51.27 -32.24
C ARG O 35 -16.05 51.54 -30.79
N LEU O 36 -16.23 52.80 -30.36
CA LEU O 36 -16.02 53.18 -28.95
C LEU O 36 -17.33 53.67 -28.37
N VAL O 37 -17.71 53.11 -27.22
CA VAL O 37 -18.96 53.42 -26.55
C VAL O 37 -18.63 54.14 -25.24
N PHE O 38 -19.37 55.21 -24.94
CA PHE O 38 -19.13 56.02 -23.76
C PHE O 38 -20.39 56.19 -22.92
N THR O 39 -20.28 55.94 -21.61
CA THR O 39 -21.43 55.92 -20.69
C THR O 39 -21.36 57.07 -19.70
N ASN O 40 -20.35 57.11 -18.84
CA ASN O 40 -20.19 58.19 -17.87
C ASN O 40 -18.92 58.95 -18.15
N CYS O 41 -19.08 60.18 -18.61
CA CYS O 41 -17.97 60.93 -19.18
C CYS O 41 -18.20 62.42 -19.10
N ASN O 42 -17.10 63.16 -19.04
CA ASN O 42 -17.03 64.52 -19.55
C ASN O 42 -16.18 64.47 -20.81
N TYR O 43 -16.65 65.12 -21.87
CA TYR O 43 -15.95 65.05 -23.14
C TYR O 43 -15.76 66.44 -23.75
N ASN O 44 -14.79 66.54 -24.66
CA ASN O 44 -14.64 67.70 -25.52
C ASN O 44 -14.36 67.19 -26.93
N LEU O 45 -15.38 67.24 -27.78
CA LEU O 45 -15.22 66.86 -29.18
C LEU O 45 -14.26 67.80 -29.91
N THR O 46 -14.29 69.09 -29.57
CA THR O 46 -13.42 70.07 -30.24
C THR O 46 -11.94 69.74 -30.07
N LYS O 47 -11.54 69.28 -28.88
CA LYS O 47 -10.14 68.91 -28.67
C LYS O 47 -9.73 67.81 -29.65
N LEU O 48 -10.63 66.85 -29.88
CA LEU O 48 -10.34 65.77 -30.82
C LEU O 48 -10.33 66.28 -32.25
N LEU O 49 -11.28 67.14 -32.61
CA LEU O 49 -11.42 67.54 -33.99
C LEU O 49 -10.38 68.57 -34.40
N SER O 50 -9.81 69.31 -33.45
CA SER O 50 -8.74 70.25 -33.79
C SER O 50 -7.51 69.51 -34.25
N LEU O 51 -7.42 68.23 -33.95
CA LEU O 51 -6.27 67.44 -34.34
C LEU O 51 -6.31 67.05 -35.81
N PHE O 52 -7.50 67.02 -36.41
CA PHE O 52 -7.66 66.66 -37.82
C PHE O 52 -8.07 67.88 -38.64
N SER O 53 -7.99 67.71 -39.96
CA SER O 53 -8.48 68.69 -40.93
C SER O 53 -9.84 68.20 -41.39
N VAL O 54 -10.89 68.70 -40.76
CA VAL O 54 -12.22 68.21 -41.08
C VAL O 54 -12.59 68.65 -42.50
N ASN O 55 -13.05 67.70 -43.31
CA ASN O 55 -13.45 67.96 -44.68
C ASN O 55 -14.95 68.05 -44.80
N ASP O 56 -15.67 67.09 -44.22
CA ASP O 56 -17.12 67.10 -44.22
C ASP O 56 -17.61 66.79 -42.82
N PHE O 57 -18.73 67.41 -42.46
CA PHE O 57 -19.33 67.26 -41.15
C PHE O 57 -20.84 67.37 -41.37
N THR O 58 -21.48 66.23 -41.59
CA THR O 58 -22.90 66.17 -41.91
C THR O 58 -23.59 65.30 -40.89
N CYS O 59 -24.74 65.76 -40.38
CA CYS O 59 -25.42 65.09 -39.29
C CYS O 59 -26.87 64.81 -39.67
N SER O 60 -27.50 63.95 -38.89
CA SER O 60 -28.90 63.59 -39.06
C SER O 60 -29.61 63.84 -37.73
N GLN O 61 -30.69 64.61 -37.79
CA GLN O 61 -31.55 64.89 -36.64
C GLN O 61 -30.82 65.62 -35.52
N ILE O 62 -29.70 66.29 -35.82
CA ILE O 62 -29.03 67.13 -34.85
C ILE O 62 -28.00 67.94 -35.63
N SER O 63 -27.34 68.90 -34.98
CA SER O 63 -26.35 69.76 -35.62
C SER O 63 -25.02 69.69 -34.88
N PRO O 64 -23.91 69.98 -35.54
CA PRO O 64 -22.61 69.98 -34.86
C PRO O 64 -22.55 70.80 -33.57
N ALA O 65 -23.22 71.94 -33.49
CA ALA O 65 -23.15 72.70 -32.25
C ALA O 65 -23.86 71.97 -31.11
N ALA O 66 -25.02 71.40 -31.39
CA ALA O 66 -25.79 70.75 -30.34
C ALA O 66 -25.21 69.39 -29.98
N ILE O 67 -24.55 68.71 -30.93
CA ILE O 67 -23.99 67.39 -30.68
C ILE O 67 -22.83 67.46 -29.69
N ALA O 68 -22.10 68.59 -29.67
CA ALA O 68 -20.98 68.75 -28.77
C ALA O 68 -21.32 69.51 -27.50
N SER O 69 -22.59 69.90 -27.33
CA SER O 69 -22.99 70.80 -26.26
C SER O 69 -24.02 70.21 -25.31
N ASN O 70 -24.34 68.93 -25.44
CA ASN O 70 -25.46 68.34 -24.75
C ASN O 70 -25.01 67.12 -23.98
N CYS O 71 -25.85 66.72 -23.03
CA CYS O 71 -25.66 65.51 -22.24
C CYS O 71 -26.47 64.35 -22.81
N TYR O 72 -25.87 63.17 -22.81
CA TYR O 72 -26.46 61.96 -23.39
C TYR O 72 -26.37 60.80 -22.41
N SER O 73 -27.17 59.77 -22.69
CA SER O 73 -27.04 58.52 -21.92
C SER O 73 -25.91 57.65 -22.45
N SER O 74 -25.62 57.74 -23.75
CA SER O 74 -24.45 57.09 -24.31
C SER O 74 -24.01 57.81 -25.58
N LEU O 75 -22.70 57.80 -25.83
CA LEU O 75 -22.12 58.43 -27.00
C LEU O 75 -21.21 57.41 -27.68
N ILE O 76 -21.44 57.16 -28.95
CA ILE O 76 -20.78 56.08 -29.66
C ILE O 76 -19.98 56.66 -30.81
N LEU O 77 -18.71 56.32 -30.88
CA LEU O 77 -17.82 56.85 -31.91
C LEU O 77 -17.23 55.69 -32.71
N ASP O 78 -17.55 55.64 -34.00
CA ASP O 78 -17.01 54.69 -34.97
C ASP O 78 -15.94 55.38 -35.80
N TYR O 79 -14.84 54.67 -36.08
CA TYR O 79 -13.80 55.21 -36.96
C TYR O 79 -13.25 54.12 -37.85
N PHE O 80 -12.73 54.54 -39.00
CA PHE O 80 -12.24 53.61 -40.01
C PHE O 80 -11.48 54.38 -41.08
N SER O 81 -10.70 53.65 -41.88
CA SER O 81 -10.02 54.26 -43.01
C SER O 81 -11.02 54.49 -44.13
N TYR O 82 -11.03 55.71 -44.67
CA TYR O 82 -12.02 56.02 -45.70
C TYR O 82 -11.55 57.13 -46.62
N PRO O 83 -11.50 56.90 -47.92
CA PRO O 83 -11.06 57.95 -48.85
C PRO O 83 -12.18 58.91 -49.23
N LEU O 84 -11.79 60.18 -49.45
CA LEU O 84 -12.77 61.21 -49.81
C LEU O 84 -13.38 60.99 -51.17
N SER O 85 -12.72 60.20 -52.03
CA SER O 85 -13.26 59.93 -53.35
C SER O 85 -14.62 59.22 -53.27
N MET O 86 -14.92 58.57 -52.16
CA MET O 86 -16.20 57.91 -51.96
C MET O 86 -17.10 58.69 -50.99
N LYS O 87 -16.94 60.01 -50.89
CA LYS O 87 -17.76 60.79 -49.98
C LYS O 87 -19.25 60.69 -50.31
N SER O 88 -19.60 60.42 -51.57
CA SER O 88 -21.00 60.35 -51.97
C SER O 88 -21.73 59.16 -51.35
N ASP O 89 -21.02 58.04 -51.13
CA ASP O 89 -21.62 56.79 -50.66
C ASP O 89 -21.68 56.68 -49.14
N LEU O 90 -21.31 57.72 -48.40
CA LEU O 90 -21.35 57.74 -46.94
C LEU O 90 -22.45 58.73 -46.53
N SER O 91 -23.71 58.31 -46.63
CA SER O 91 -24.85 59.16 -46.32
C SER O 91 -25.95 58.34 -45.65
N VAL O 92 -26.90 59.06 -45.03
CA VAL O 92 -27.89 58.40 -44.19
C VAL O 92 -28.90 57.58 -45.01
N SER O 93 -29.48 58.17 -46.05
CA SER O 93 -30.44 57.45 -46.87
C SER O 93 -29.78 56.49 -47.83
N SER O 94 -28.49 56.21 -47.65
CA SER O 94 -27.68 55.62 -48.69
C SER O 94 -28.20 54.25 -49.11
N ALA O 95 -27.91 53.92 -50.37
CA ALA O 95 -28.03 52.57 -50.91
C ALA O 95 -26.75 52.14 -51.60
N GLY O 96 -25.65 52.87 -51.42
CA GLY O 96 -24.37 52.47 -51.98
C GLY O 96 -23.84 51.24 -51.29
N PRO O 97 -22.77 50.63 -51.83
CA PRO O 97 -22.26 49.39 -51.24
C PRO O 97 -21.78 49.55 -49.81
N ILE O 98 -21.48 50.77 -49.36
CA ILE O 98 -21.02 50.96 -47.98
C ILE O 98 -22.12 50.67 -46.98
N SER O 99 -23.21 51.44 -47.02
CA SER O 99 -24.28 51.25 -46.04
C SER O 99 -25.17 50.05 -46.33
N GLN O 100 -24.86 49.23 -47.33
CA GLN O 100 -25.63 48.02 -47.59
C GLN O 100 -24.92 46.78 -47.08
N PHE O 101 -23.61 46.68 -47.28
CA PHE O 101 -22.86 45.52 -46.85
C PHE O 101 -21.68 45.82 -45.94
N ASN O 102 -21.42 47.08 -45.59
CA ASN O 102 -20.21 47.41 -44.84
C ASN O 102 -20.48 48.06 -43.48
N TYR O 103 -21.15 49.20 -43.46
CA TYR O 103 -21.29 49.97 -42.23
C TYR O 103 -22.60 50.75 -42.32
N LYS O 104 -23.52 50.47 -41.42
CA LYS O 104 -24.79 51.14 -41.36
C LYS O 104 -25.02 51.64 -39.96
N GLN O 105 -25.53 52.85 -39.86
CA GLN O 105 -25.76 53.51 -38.58
C GLN O 105 -27.25 53.68 -38.32
N SER O 106 -27.55 54.02 -37.07
CA SER O 106 -28.91 53.97 -36.59
C SER O 106 -29.81 54.92 -37.34
N PHE O 107 -31.04 54.47 -37.60
CA PHE O 107 -32.10 55.34 -38.09
C PHE O 107 -32.74 56.11 -36.94
N SER O 108 -33.04 55.41 -35.85
CA SER O 108 -33.89 55.98 -34.80
C SER O 108 -33.20 57.06 -33.96
N ASN O 109 -31.88 57.18 -34.01
CA ASN O 109 -31.17 58.09 -33.14
C ASN O 109 -30.40 59.15 -33.92
N PRO O 110 -30.08 60.29 -33.28
CA PRO O 110 -29.26 61.29 -33.96
C PRO O 110 -27.88 60.74 -34.31
N THR O 111 -27.37 61.20 -35.45
CA THR O 111 -26.30 60.55 -36.16
C THR O 111 -25.41 61.64 -36.72
N CYS O 112 -24.10 61.46 -36.63
CA CYS O 112 -23.17 62.38 -37.27
C CYS O 112 -22.10 61.57 -37.99
N LEU O 113 -21.44 62.24 -38.93
CA LEU O 113 -20.57 61.54 -39.86
C LEU O 113 -19.50 62.53 -40.33
N ILE O 114 -18.24 62.25 -40.03
CA ILE O 114 -17.16 63.18 -40.33
C ILE O 114 -16.17 62.52 -41.28
N LEU O 115 -15.76 63.26 -42.30
CA LEU O 115 -14.68 62.90 -43.19
C LEU O 115 -13.55 63.89 -42.96
N ALA O 116 -12.35 63.39 -42.67
CA ALA O 116 -11.26 64.28 -42.32
C ALA O 116 -9.94 63.65 -42.76
N THR O 117 -8.99 64.51 -43.08
CA THR O 117 -7.61 64.11 -43.34
C THR O 117 -6.77 64.28 -42.09
N VAL O 118 -5.90 63.31 -41.83
CA VAL O 118 -4.98 63.36 -40.69
C VAL O 118 -3.74 64.12 -41.14
N PRO O 119 -3.40 65.24 -40.51
CA PRO O 119 -2.35 66.13 -41.03
C PRO O 119 -0.95 65.64 -40.70
N HIS O 120 0.04 66.41 -41.18
CA HIS O 120 1.44 66.07 -40.91
C HIS O 120 1.78 66.18 -39.42
N ASN O 121 1.06 67.02 -38.67
CA ASN O 121 1.31 67.16 -37.24
C ASN O 121 0.99 65.89 -36.46
N LEU O 122 0.43 64.86 -37.12
CA LEU O 122 0.06 63.60 -36.49
C LEU O 122 0.85 62.49 -37.19
N THR O 123 1.90 62.02 -36.53
CA THR O 123 2.77 61.00 -37.09
C THR O 123 2.63 59.66 -36.38
N THR O 124 1.60 59.51 -35.55
CA THR O 124 1.39 58.29 -34.80
C THR O 124 0.28 57.40 -35.37
N ILE O 125 -0.42 57.82 -36.40
CA ILE O 125 -1.43 56.99 -37.06
C ILE O 125 -0.82 56.43 -38.35
N THR O 126 -0.66 55.11 -38.40
CA THR O 126 -0.08 54.44 -39.55
C THR O 126 -1.15 54.14 -40.61
N LYS O 127 -0.71 53.99 -41.83
CA LYS O 127 -1.58 53.83 -42.98
C LYS O 127 -1.63 52.38 -43.46
N PRO O 128 -2.75 51.95 -44.00
CA PRO O 128 -2.83 50.64 -44.67
C PRO O 128 -2.30 50.74 -46.10
N LEU O 129 -2.29 49.60 -46.79
CA LEU O 129 -1.76 49.58 -48.15
C LEU O 129 -2.73 50.24 -49.13
N LYS O 130 -4.03 50.19 -48.84
CA LYS O 130 -5.07 50.70 -49.72
C LYS O 130 -6.38 50.73 -48.95
N TYR O 131 -7.37 51.40 -49.52
CA TYR O 131 -8.70 51.45 -48.95
C TYR O 131 -9.51 50.26 -49.47
N SER O 132 -10.16 49.53 -48.58
CA SER O 132 -10.89 48.33 -48.94
C SER O 132 -12.33 48.41 -48.46
N TYR O 133 -13.22 47.80 -49.23
CA TYR O 133 -14.62 47.65 -48.82
C TYR O 133 -15.23 46.51 -49.65
N ILE O 134 -16.36 46.01 -49.20
CA ILE O 134 -17.05 44.89 -49.83
C ILE O 134 -18.14 45.44 -50.74
N ASN O 135 -18.14 45.06 -52.01
CA ASN O 135 -19.22 45.58 -52.83
C ASN O 135 -20.46 44.68 -52.81
N LYS O 136 -20.32 43.37 -52.65
CA LYS O 136 -21.46 42.52 -52.33
C LYS O 136 -21.05 41.39 -51.39
N CYS O 137 -21.95 41.10 -50.45
CA CYS O 137 -21.85 40.00 -49.51
C CYS O 137 -23.21 39.34 -49.42
N SER O 138 -23.27 38.04 -49.70
CA SER O 138 -24.55 37.36 -49.74
C SER O 138 -24.37 35.90 -49.35
N ARG O 139 -25.50 35.25 -49.04
CA ARG O 139 -25.50 33.87 -48.58
C ARG O 139 -26.53 33.09 -49.39
N PHE O 140 -26.12 31.92 -49.89
CA PHE O 140 -26.98 31.04 -50.66
C PHE O 140 -27.38 29.85 -49.80
N LEU O 141 -28.64 29.46 -49.90
CA LEU O 141 -29.22 28.41 -49.06
C LEU O 141 -28.93 27.03 -49.65
N SER O 142 -29.41 25.99 -48.95
CA SER O 142 -29.10 24.62 -49.33
C SER O 142 -29.57 24.31 -50.74
N ASP O 143 -30.65 24.95 -51.21
CA ASP O 143 -31.16 24.75 -52.56
C ASP O 143 -30.21 25.26 -53.64
N ASP O 144 -29.23 26.07 -53.26
CA ASP O 144 -28.20 26.59 -54.16
C ASP O 144 -28.77 27.42 -55.31
N ARG O 145 -29.94 28.03 -55.10
CA ARG O 145 -30.44 28.93 -56.15
C ARG O 145 -30.91 30.28 -55.61
N THR O 146 -31.52 30.32 -54.42
CA THR O 146 -32.06 31.57 -53.89
C THR O 146 -30.96 32.35 -53.17
N GLU O 147 -30.72 33.58 -53.62
CA GLU O 147 -29.67 34.45 -53.09
C GLU O 147 -30.30 35.39 -52.08
N VAL O 148 -29.69 35.51 -50.90
CA VAL O 148 -30.17 36.43 -49.87
C VAL O 148 -29.02 37.37 -49.50
N PRO O 149 -29.02 38.60 -50.02
CA PRO O 149 -27.96 39.57 -49.72
C PRO O 149 -27.90 39.89 -48.24
N GLN O 150 -26.73 39.68 -47.65
CA GLN O 150 -26.55 39.90 -46.22
C GLN O 150 -26.40 41.41 -46.04
N LEU O 151 -27.53 42.09 -46.13
CA LEU O 151 -27.54 43.53 -45.87
C LEU O 151 -27.17 43.74 -44.41
N VAL O 152 -26.18 44.60 -44.17
CA VAL O 152 -25.68 44.77 -42.82
C VAL O 152 -26.76 45.43 -41.95
N ASN O 153 -26.91 44.94 -40.74
CA ASN O 153 -27.85 45.52 -39.80
C ASN O 153 -27.20 46.73 -39.14
N ALA O 154 -28.04 47.59 -38.57
CA ALA O 154 -27.51 48.80 -37.95
C ALA O 154 -26.60 48.44 -36.78
N ASN O 155 -25.47 49.13 -36.70
CA ASN O 155 -24.51 49.01 -35.61
C ASN O 155 -23.91 47.60 -35.48
N GLN O 156 -24.11 46.75 -36.47
CA GLN O 156 -23.55 45.40 -36.49
C GLN O 156 -22.54 45.30 -37.62
N TYR O 157 -21.80 44.18 -37.65
CA TYR O 157 -20.83 43.95 -38.71
C TYR O 157 -21.45 43.13 -39.83
N SER O 158 -20.78 43.16 -40.98
CA SER O 158 -21.18 42.29 -42.07
C SER O 158 -20.89 40.83 -41.70
N PRO O 159 -21.81 39.91 -42.00
CA PRO O 159 -21.50 38.48 -41.83
C PRO O 159 -20.26 38.00 -42.60
N CYS O 160 -19.82 38.72 -43.63
CA CYS O 160 -18.68 38.28 -44.43
C CYS O 160 -17.32 38.71 -43.88
N VAL O 161 -17.26 39.40 -42.74
CA VAL O 161 -15.96 39.82 -42.21
C VAL O 161 -15.07 38.64 -41.80
N SER O 162 -15.66 37.44 -41.61
CA SER O 162 -14.90 36.25 -41.22
C SER O 162 -14.06 35.69 -42.35
N ILE O 163 -14.39 36.02 -43.60
CA ILE O 163 -13.71 35.47 -44.75
C ILE O 163 -12.95 36.53 -45.52
N VAL O 164 -13.24 37.80 -45.29
CA VAL O 164 -12.53 38.91 -45.92
C VAL O 164 -11.30 39.27 -45.06
N PRO O 165 -10.14 39.55 -45.67
CA PRO O 165 -8.98 39.93 -44.88
C PRO O 165 -9.08 41.39 -44.44
N SER O 166 -8.12 41.79 -43.59
CA SER O 166 -8.12 43.15 -43.08
C SER O 166 -8.05 44.15 -44.22
N THR O 167 -7.39 43.78 -45.30
CA THR O 167 -7.30 44.63 -46.47
C THR O 167 -7.30 43.72 -47.69
N VAL O 168 -8.14 44.06 -48.66
CA VAL O 168 -8.27 43.30 -49.89
C VAL O 168 -6.98 43.38 -50.68
N TRP O 169 -6.62 42.29 -51.36
CA TRP O 169 -5.38 42.33 -52.11
C TRP O 169 -5.57 42.86 -53.53
N GLU O 170 -6.62 42.44 -54.24
CA GLU O 170 -6.87 42.90 -55.58
C GLU O 170 -8.33 43.28 -55.76
N ASP O 171 -8.57 44.18 -56.72
CA ASP O 171 -9.85 44.86 -56.83
C ASP O 171 -11.01 43.92 -57.14
N GLY O 172 -10.75 42.77 -57.77
CA GLY O 172 -11.81 41.86 -58.12
C GLY O 172 -11.91 40.61 -57.27
N ASP O 173 -11.21 40.56 -56.14
CA ASP O 173 -11.11 39.34 -55.35
C ASP O 173 -12.48 38.85 -54.92
N TYR O 174 -12.58 37.52 -54.77
CA TYR O 174 -13.81 36.82 -54.48
C TYR O 174 -13.56 35.88 -53.31
N TYR O 175 -14.47 35.87 -52.35
CA TYR O 175 -14.28 35.13 -51.09
C TYR O 175 -15.47 34.22 -50.86
N ARG O 176 -15.19 33.01 -50.37
CA ARG O 176 -16.26 32.07 -50.08
C ARG O 176 -15.83 31.06 -49.02
N LYS O 177 -16.82 30.53 -48.32
CA LYS O 177 -16.60 29.43 -47.39
C LYS O 177 -17.90 28.65 -47.31
N GLN O 178 -17.80 27.34 -47.18
CA GLN O 178 -18.98 26.50 -47.12
C GLN O 178 -19.43 26.36 -45.67
N LEU O 179 -20.73 26.42 -45.43
CA LEU O 179 -21.29 26.45 -44.09
C LEU O 179 -21.69 25.07 -43.57
N SER O 180 -21.73 24.97 -42.24
CA SER O 180 -22.13 23.74 -41.56
C SER O 180 -23.59 23.41 -41.84
N PRO O 181 -23.95 22.13 -41.74
CA PRO O 181 -25.36 21.75 -41.88
C PRO O 181 -26.26 22.35 -40.79
N LEU O 182 -25.66 23.05 -39.82
CA LEU O 182 -26.44 23.70 -38.78
C LEU O 182 -27.16 24.94 -39.31
N GLU O 183 -26.46 25.81 -40.03
CA GLU O 183 -27.09 27.00 -40.61
C GLU O 183 -27.78 26.72 -41.95
N GLY O 184 -27.86 25.46 -42.38
CA GLY O 184 -28.45 25.10 -43.66
C GLY O 184 -27.48 24.44 -44.60
N GLY O 185 -26.18 24.54 -44.34
CA GLY O 185 -25.19 23.97 -45.22
C GLY O 185 -24.98 24.70 -46.51
N GLY O 186 -25.36 25.98 -46.58
CA GLY O 186 -25.21 26.74 -47.81
C GLY O 186 -23.81 27.26 -48.01
N TRP O 187 -23.73 28.32 -48.80
CA TRP O 187 -22.47 28.96 -49.11
C TRP O 187 -22.52 30.43 -48.76
N LEU O 188 -21.45 30.94 -48.17
CA LEU O 188 -21.29 32.36 -47.89
C LEU O 188 -20.27 32.93 -48.86
N VAL O 189 -20.67 33.97 -49.59
CA VAL O 189 -19.85 34.48 -50.68
C VAL O 189 -19.75 36.00 -50.55
N ALA O 190 -18.56 36.53 -50.81
CA ALA O 190 -18.32 37.96 -50.76
C ALA O 190 -17.35 38.36 -51.86
N SER O 191 -17.48 39.61 -52.30
CA SER O 191 -16.62 40.20 -53.33
C SER O 191 -15.95 41.43 -52.76
N GLY O 192 -14.63 41.49 -52.88
CA GLY O 192 -13.88 42.65 -52.42
C GLY O 192 -13.82 43.74 -53.47
N SER O 193 -13.53 44.95 -53.00
CA SER O 193 -13.36 46.09 -53.89
C SER O 193 -12.35 47.04 -53.25
N THR O 194 -11.49 47.67 -54.06
CA THR O 194 -10.39 48.46 -53.51
C THR O 194 -10.27 49.82 -54.17
N VAL O 195 -9.76 50.79 -53.38
CA VAL O 195 -9.48 52.15 -53.79
C VAL O 195 -8.03 52.48 -53.47
N ALA O 196 -7.36 53.15 -54.41
CA ALA O 196 -5.94 53.43 -54.28
C ALA O 196 -5.65 54.32 -53.07
N MET O 197 -4.58 53.98 -52.34
CA MET O 197 -4.18 54.72 -51.15
C MET O 197 -3.71 56.13 -51.53
N THR O 198 -3.91 57.09 -50.62
CA THR O 198 -3.50 58.46 -50.87
C THR O 198 -2.30 58.85 -50.00
N GLU O 199 -1.63 59.92 -50.43
CA GLU O 199 -0.43 60.37 -49.73
C GLU O 199 -0.74 60.73 -48.28
N GLN O 200 -1.81 61.48 -48.07
CA GLN O 200 -2.28 61.83 -46.74
C GLN O 200 -3.41 60.87 -46.39
N LEU O 201 -3.31 60.21 -45.24
CA LEU O 201 -4.35 59.26 -44.87
C LEU O 201 -5.67 59.99 -44.63
N GLN O 202 -6.76 59.40 -45.14
CA GLN O 202 -8.11 59.92 -44.96
C GLN O 202 -8.95 58.91 -44.20
N MET O 203 -9.82 59.42 -43.34
CA MET O 203 -10.59 58.60 -42.43
C MET O 203 -12.06 59.00 -42.51
N GLY O 204 -12.89 58.16 -41.91
CA GLY O 204 -14.30 58.50 -41.72
C GLY O 204 -14.69 58.16 -40.30
N PHE O 205 -15.52 59.02 -39.71
CA PHE O 205 -16.02 58.81 -38.36
C PHE O 205 -17.54 58.78 -38.36
N GLY O 206 -18.10 57.86 -37.60
CA GLY O 206 -19.51 57.84 -37.30
C GLY O 206 -19.66 58.13 -35.82
N ILE O 207 -20.62 58.98 -35.48
CA ILE O 207 -20.92 59.33 -34.11
C ILE O 207 -22.38 59.03 -33.86
N THR O 208 -22.68 58.36 -32.76
CA THR O 208 -24.07 58.05 -32.44
C THR O 208 -24.38 58.49 -31.02
N VAL O 209 -25.52 59.14 -30.82
CA VAL O 209 -25.92 59.64 -29.50
C VAL O 209 -27.33 59.16 -29.17
N GLN O 210 -27.56 58.92 -27.87
CA GLN O 210 -28.84 58.50 -27.31
C GLN O 210 -29.23 59.30 -26.07
N TYR O 211 -30.49 59.76 -26.01
CA TYR O 211 -31.05 60.41 -24.83
C TYR O 211 -31.63 59.41 -23.83
N GLY O 212 -31.30 59.60 -22.55
CA GLY O 212 -31.67 58.65 -21.52
C GLY O 212 -33.06 58.83 -20.94
N THR O 213 -33.59 57.72 -20.41
CA THR O 213 -34.92 57.71 -19.80
C THR O 213 -34.93 58.42 -18.45
N ASP O 214 -33.86 58.29 -17.66
CA ASP O 214 -33.87 58.92 -16.34
C ASP O 214 -32.80 59.99 -16.20
N THR O 215 -31.53 59.63 -16.41
CA THR O 215 -30.41 60.55 -16.28
C THR O 215 -29.49 60.40 -17.49
N ASN O 216 -28.85 61.51 -17.87
CA ASN O 216 -27.91 61.55 -18.97
C ASN O 216 -26.53 61.93 -18.46
N SER O 217 -25.57 61.00 -18.56
CA SER O 217 -24.30 61.10 -17.85
C SER O 217 -23.06 61.44 -18.69
N VAL O 218 -23.17 61.49 -20.02
CA VAL O 218 -22.08 61.96 -20.88
C VAL O 218 -22.29 63.45 -21.14
N CYS O 219 -21.47 64.30 -20.52
CA CYS O 219 -21.64 65.74 -20.59
C CYS O 219 -20.37 66.42 -21.09
N PRO O 220 -20.50 67.64 -21.62
CA PRO O 220 -19.33 68.34 -22.19
C PRO O 220 -18.44 69.02 -21.14
N LYS O 221 -17.27 69.46 -21.63
CA LYS O 221 -16.26 70.29 -20.96
C LYS O 221 -16.80 71.49 -20.18
N LEU O 222 -15.93 72.10 -19.36
CA LEU O 222 -16.15 73.37 -18.65
C LEU O 222 -17.61 73.60 -18.25
N VAL P 2 -10.91 28.44 -73.28
CA VAL P 2 -9.59 28.38 -72.66
C VAL P 2 -9.32 26.96 -72.17
N GLN P 3 -8.04 26.62 -72.07
CA GLN P 3 -7.62 25.25 -71.82
C GLN P 3 -6.97 25.11 -70.45
N LEU P 4 -7.17 23.95 -69.84
CA LEU P 4 -6.52 23.57 -68.58
C LEU P 4 -5.76 22.27 -68.78
N GLN P 5 -4.53 22.20 -68.27
CA GLN P 5 -3.72 21.00 -68.43
C GLN P 5 -3.26 20.49 -67.07
N GLU P 6 -3.39 19.18 -66.85
CA GLU P 6 -3.17 18.56 -65.55
C GLU P 6 -2.11 17.46 -65.61
N SER P 7 -1.51 17.20 -64.44
CA SER P 7 -0.49 16.17 -64.25
C SER P 7 -0.70 15.45 -62.92
N GLY P 8 0.06 14.38 -62.70
CA GLY P 8 0.24 13.80 -61.38
C GLY P 8 -0.41 12.46 -61.06
N GLY P 9 -1.30 11.90 -61.89
CA GLY P 9 -1.96 10.66 -61.52
C GLY P 9 -1.01 9.48 -61.45
N GLY P 10 -1.26 8.58 -60.51
CA GLY P 10 -0.39 7.43 -60.35
C GLY P 10 -0.82 6.52 -59.22
N SER P 11 0.00 5.48 -59.00
CA SER P 11 -0.21 4.47 -57.97
C SER P 11 0.50 4.81 -56.66
N VAL P 12 -0.16 4.48 -55.56
CA VAL P 12 0.35 4.80 -54.23
C VAL P 12 -0.06 3.70 -53.26
N GLN P 13 0.84 3.29 -52.37
CA GLN P 13 0.47 2.37 -51.31
C GLN P 13 -0.32 3.15 -50.27
N ALA P 14 -1.15 2.44 -49.51
CA ALA P 14 -2.06 3.14 -48.59
C ALA P 14 -1.22 3.88 -47.55
N GLY P 15 -1.60 5.12 -47.29
CA GLY P 15 -0.83 5.98 -46.43
C GLY P 15 0.23 6.80 -47.13
N GLY P 16 0.46 6.59 -48.43
CA GLY P 16 1.45 7.36 -49.17
C GLY P 16 0.96 8.77 -49.52
N SER P 17 1.79 9.49 -50.26
CA SER P 17 1.50 10.87 -50.64
C SER P 17 1.48 11.03 -52.15
N LEU P 18 0.82 12.11 -52.59
CA LEU P 18 0.67 12.43 -54.00
C LEU P 18 0.33 13.91 -54.15
N ARG P 19 0.79 14.51 -55.24
CA ARG P 19 0.48 15.90 -55.54
C ARG P 19 0.04 16.01 -56.99
N LEU P 20 -1.05 16.72 -57.22
CA LEU P 20 -1.55 17.05 -58.54
C LEU P 20 -1.24 18.50 -58.87
N SER P 21 -1.20 18.81 -60.17
CA SER P 21 -1.09 20.20 -60.59
C SER P 21 -1.91 20.41 -61.86
N CYS P 22 -2.52 21.58 -61.94
CA CYS P 22 -3.37 21.99 -63.05
C CYS P 22 -2.95 23.40 -63.44
N VAL P 23 -2.22 23.51 -64.55
CA VAL P 23 -1.78 24.82 -65.03
C VAL P 23 -2.89 25.39 -65.88
N ALA P 24 -3.19 26.68 -65.68
CA ALA P 24 -4.29 27.35 -66.36
C ALA P 24 -3.73 28.16 -67.53
N SER P 25 -3.73 27.55 -68.71
CA SER P 25 -3.34 28.23 -69.95
C SER P 25 -4.55 28.93 -70.56
N GLY P 26 -5.14 29.85 -69.79
CA GLY P 26 -6.38 30.46 -70.18
C GLY P 26 -6.13 31.66 -71.07
N SER P 27 -7.02 31.86 -72.03
CA SER P 27 -6.91 33.04 -72.89
C SER P 27 -7.15 34.32 -72.10
N ILE P 28 -8.20 34.34 -71.28
CA ILE P 28 -8.60 35.51 -70.51
C ILE P 28 -8.50 35.19 -69.03
N PHE P 29 -8.04 36.15 -68.25
CA PHE P 29 -8.00 36.00 -66.80
C PHE P 29 -9.04 36.90 -66.13
N SER P 30 -10.31 36.69 -66.45
CA SER P 30 -11.41 37.04 -65.54
C SER P 30 -11.81 35.91 -64.61
N ILE P 31 -11.00 34.87 -64.51
CA ILE P 31 -11.30 33.81 -63.56
C ILE P 31 -11.12 34.34 -62.15
N ASN P 32 -12.13 34.12 -61.31
CA ASN P 32 -12.09 34.49 -59.90
C ASN P 32 -12.12 33.27 -58.99
N ALA P 33 -12.24 32.06 -59.53
CA ALA P 33 -12.14 30.87 -58.71
C ALA P 33 -11.70 29.69 -59.56
N MET P 34 -11.02 28.74 -58.92
CA MET P 34 -10.60 27.48 -59.53
C MET P 34 -10.89 26.34 -58.57
N ASP P 35 -11.39 25.22 -59.10
CA ASP P 35 -11.86 24.12 -58.26
C ASP P 35 -11.24 22.81 -58.74
N TRP P 36 -11.14 21.87 -57.81
CA TRP P 36 -10.74 20.49 -58.09
C TRP P 36 -11.90 19.54 -57.81
N TYR P 37 -12.20 18.68 -58.79
CA TYR P 37 -13.26 17.69 -58.69
C TYR P 37 -12.68 16.30 -58.93
N ARG P 38 -13.43 15.29 -58.48
CA ARG P 38 -13.04 13.90 -58.70
C ARG P 38 -14.29 13.09 -59.01
N GLN P 39 -14.11 12.02 -59.78
CA GLN P 39 -15.20 11.11 -60.17
C GLN P 39 -14.76 9.67 -59.92
N ALA P 40 -15.50 8.98 -59.10
CA ALA P 40 -15.12 7.59 -58.90
C ALA P 40 -15.89 6.68 -59.83
N PRO P 41 -15.29 5.55 -60.24
CA PRO P 41 -15.97 4.64 -61.18
C PRO P 41 -17.37 4.23 -60.72
N GLY P 42 -18.37 5.01 -61.11
CA GLY P 42 -19.75 4.78 -60.73
C GLY P 42 -20.36 5.87 -59.87
N LYS P 43 -19.53 6.68 -59.22
CA LYS P 43 -19.98 7.77 -58.37
C LYS P 43 -20.09 9.08 -59.15
N GLN P 44 -20.84 10.01 -58.59
CA GLN P 44 -21.01 11.29 -59.23
C GLN P 44 -19.74 12.13 -59.06
N ARG P 45 -19.57 13.09 -59.95
CA ARG P 45 -18.45 14.02 -59.82
C ARG P 45 -18.65 14.90 -58.59
N GLU P 46 -17.63 14.96 -57.73
CA GLU P 46 -17.73 15.63 -56.44
C GLU P 46 -16.57 16.60 -56.23
N LEU P 47 -16.82 17.60 -55.39
CA LEU P 47 -15.87 18.69 -55.13
C LEU P 47 -14.81 18.24 -54.13
N VAL P 48 -13.54 18.44 -54.49
CA VAL P 48 -12.46 18.06 -53.59
C VAL P 48 -11.93 19.28 -52.86
N ALA P 49 -11.47 20.27 -53.62
CA ALA P 49 -10.91 21.48 -53.04
C ALA P 49 -11.09 22.63 -54.04
N GLY P 50 -10.99 23.86 -53.53
CA GLY P 50 -11.10 25.02 -54.38
C GLY P 50 -10.50 26.24 -53.73
N ILE P 51 -9.99 27.13 -54.55
CA ILE P 51 -9.43 28.39 -54.06
C ILE P 51 -9.91 29.48 -55.00
N THR P 52 -10.03 30.68 -54.47
CA THR P 52 -10.69 31.76 -55.20
C THR P 52 -9.74 32.92 -55.46
N SER P 53 -10.29 33.93 -56.13
CA SER P 53 -9.57 35.17 -56.39
C SER P 53 -9.00 35.75 -55.11
N GLY P 54 -9.83 35.87 -54.08
CA GLY P 54 -9.33 36.37 -52.83
C GLY P 54 -8.56 35.38 -52.00
N GLY P 55 -8.39 34.16 -52.51
CA GLY P 55 -7.58 33.12 -51.88
C GLY P 55 -8.23 32.35 -50.75
N SER P 56 -9.51 32.55 -50.49
CA SER P 56 -10.15 31.76 -49.45
C SER P 56 -10.30 30.33 -49.95
N THR P 57 -9.65 29.41 -49.27
CA THR P 57 -9.62 28.01 -49.67
C THR P 57 -10.73 27.25 -48.96
N ASN P 58 -11.28 26.26 -49.66
CA ASN P 58 -12.33 25.42 -49.11
C ASN P 58 -12.13 24.00 -49.61
N TYR P 59 -12.50 23.03 -48.77
CA TYR P 59 -12.19 21.64 -49.01
C TYR P 59 -13.45 20.79 -48.88
N GLY P 60 -13.39 19.61 -49.49
CA GLY P 60 -14.51 18.70 -49.45
C GLY P 60 -14.71 18.07 -48.08
N ASP P 61 -15.92 17.53 -47.89
CA ASP P 61 -16.30 16.93 -46.61
C ASP P 61 -15.65 15.57 -46.37
N PHE P 62 -14.94 15.03 -47.37
CA PHE P 62 -14.30 13.72 -47.25
C PHE P 62 -12.81 13.86 -47.03
N VAL P 63 -12.28 15.07 -47.18
CA VAL P 63 -10.89 15.37 -46.87
C VAL P 63 -10.85 15.83 -45.43
N LYS P 64 -10.12 15.11 -44.59
CA LYS P 64 -10.08 15.47 -43.18
C LYS P 64 -8.80 16.24 -42.88
N GLY P 65 -8.70 17.42 -43.50
CA GLY P 65 -7.55 18.29 -43.35
C GLY P 65 -6.25 17.76 -43.92
N ARG P 66 -6.26 16.59 -44.57
CA ARG P 66 -5.01 16.02 -45.07
C ARG P 66 -4.54 16.72 -46.33
N PHE P 67 -5.46 17.10 -47.21
CA PHE P 67 -5.10 17.62 -48.51
C PHE P 67 -4.97 19.13 -48.39
N THR P 68 -4.15 19.70 -49.26
CA THR P 68 -3.94 21.15 -49.22
C THR P 68 -3.82 21.69 -50.64
N ILE P 69 -4.60 22.70 -50.94
CA ILE P 69 -4.57 23.33 -52.26
C ILE P 69 -3.78 24.63 -52.15
N SER P 70 -3.06 24.98 -53.21
CA SER P 70 -2.26 26.18 -53.23
C SER P 70 -2.29 26.78 -54.63
N ARG P 71 -1.89 28.06 -54.71
CA ARG P 71 -2.03 28.84 -55.93
C ARG P 71 -0.76 29.61 -56.24
N ASP P 72 -0.41 29.62 -57.52
CA ASP P 72 0.65 30.49 -58.06
C ASP P 72 -0.05 31.55 -58.92
N ASN P 73 -0.25 32.74 -58.34
CA ASN P 73 -0.99 33.79 -59.05
C ASN P 73 -0.16 34.41 -60.16
N ALA P 74 1.18 34.40 -60.01
CA ALA P 74 2.09 34.92 -61.03
C ALA P 74 2.31 33.97 -62.19
N LYS P 75 2.28 32.66 -61.96
CA LYS P 75 2.55 31.68 -63.00
C LYS P 75 1.28 30.93 -63.37
N ASN P 76 0.13 31.43 -62.95
CA ASN P 76 -1.19 31.00 -63.39
C ASN P 76 -1.38 29.48 -63.27
N THR P 77 -1.04 28.93 -62.11
CA THR P 77 -1.13 27.48 -61.89
C THR P 77 -1.56 27.18 -60.46
N VAL P 78 -2.25 26.06 -60.29
CA VAL P 78 -2.79 25.62 -59.00
C VAL P 78 -2.31 24.21 -58.67
N TYR P 79 -1.81 24.03 -57.44
CA TYR P 79 -1.34 22.74 -56.94
C TYR P 79 -2.32 22.18 -55.89
N LEU P 80 -2.40 20.85 -55.83
CA LEU P 80 -3.15 20.16 -54.77
C LEU P 80 -2.34 19.00 -54.19
N GLN P 81 -1.86 19.18 -52.96
CA GLN P 81 -1.04 18.19 -52.26
C GLN P 81 -1.91 17.24 -51.44
N MET P 82 -1.71 15.94 -51.63
CA MET P 82 -2.51 14.91 -50.95
C MET P 82 -1.60 13.93 -50.21
N ASP P 83 -1.87 13.75 -48.92
CA ASP P 83 -1.12 12.81 -48.10
C ASP P 83 -2.07 11.84 -47.41
N SER P 84 -1.51 10.68 -47.02
CA SER P 84 -2.22 9.64 -46.27
C SER P 84 -3.49 9.16 -47.00
N LEU P 85 -3.32 8.88 -48.30
CA LEU P 85 -4.39 8.38 -49.15
C LEU P 85 -4.83 6.98 -48.75
N LYS P 86 -6.08 6.64 -49.05
CA LYS P 86 -6.59 5.30 -48.84
C LYS P 86 -7.36 4.89 -50.09
N PRO P 87 -7.60 3.58 -50.28
CA PRO P 87 -8.22 3.13 -51.54
C PRO P 87 -9.54 3.80 -51.90
N GLU P 88 -10.29 4.29 -50.92
CA GLU P 88 -11.51 5.03 -51.23
C GLU P 88 -11.25 6.36 -51.92
N ASP P 89 -10.01 6.87 -51.88
CA ASP P 89 -9.67 8.13 -52.54
C ASP P 89 -9.35 7.95 -54.03
N THR P 90 -9.45 6.73 -54.55
CA THR P 90 -9.20 6.45 -55.96
C THR P 90 -10.34 6.98 -56.85
N ALA P 91 -10.00 7.85 -57.80
CA ALA P 91 -10.98 8.43 -58.71
C ALA P 91 -10.25 9.09 -59.88
N VAL P 92 -11.01 9.62 -60.83
CA VAL P 92 -10.47 10.45 -61.91
C VAL P 92 -10.70 11.91 -61.53
N TYR P 93 -9.60 12.64 -61.35
CA TYR P 93 -9.63 14.00 -60.82
C TYR P 93 -9.62 15.04 -61.93
N TYR P 94 -10.46 16.06 -61.80
CA TYR P 94 -10.56 17.16 -62.75
C TYR P 94 -10.29 18.48 -62.04
N CYS P 95 -9.85 19.48 -62.82
CA CYS P 95 -9.78 20.86 -62.35
C CYS P 95 -10.71 21.73 -63.20
N ALA P 96 -11.27 22.76 -62.56
CA ALA P 96 -12.33 23.55 -63.18
C ALA P 96 -12.20 25.00 -62.76
N ALA P 97 -12.80 25.90 -63.54
CA ALA P 97 -12.71 27.34 -63.35
C ALA P 97 -14.09 27.98 -63.34
N GLU P 98 -14.22 29.06 -62.56
CA GLU P 98 -15.42 29.90 -62.52
C GLU P 98 -15.14 31.25 -63.17
N VAL P 99 -15.93 31.59 -64.18
CA VAL P 99 -15.90 32.90 -64.82
C VAL P 99 -17.02 33.73 -64.21
N GLY P 100 -16.67 34.84 -63.60
CA GLY P 100 -17.69 35.60 -62.88
C GLY P 100 -18.42 34.78 -61.85
N GLY P 101 -17.70 33.91 -61.14
CA GLY P 101 -18.37 33.03 -60.18
C GLY P 101 -18.97 33.80 -59.02
N TRP P 102 -20.15 33.38 -58.62
CA TRP P 102 -20.89 33.99 -57.53
C TRP P 102 -21.72 32.90 -56.87
N GLY P 103 -21.51 32.67 -55.58
CA GLY P 103 -22.24 31.63 -54.89
C GLY P 103 -21.63 30.26 -55.06
N PRO P 104 -22.49 29.24 -55.08
CA PRO P 104 -21.99 27.86 -55.12
C PRO P 104 -21.19 27.63 -56.39
N PRO P 105 -20.15 26.81 -56.33
CA PRO P 105 -19.27 26.61 -57.50
C PRO P 105 -20.03 25.95 -58.65
N ARG P 106 -20.10 26.65 -59.79
CA ARG P 106 -20.74 26.15 -61.02
C ARG P 106 -19.79 26.39 -62.18
N PRO P 107 -18.82 25.50 -62.41
CA PRO P 107 -17.73 25.81 -63.34
C PRO P 107 -18.17 26.00 -64.79
N ASP P 108 -17.44 26.87 -65.48
CA ASP P 108 -17.65 27.21 -66.89
C ASP P 108 -16.67 26.50 -67.82
N TYR P 109 -15.47 26.19 -67.35
CA TYR P 109 -14.46 25.48 -68.13
C TYR P 109 -13.91 24.33 -67.30
N TRP P 110 -13.66 23.19 -67.96
CA TRP P 110 -13.19 21.99 -67.28
C TRP P 110 -11.93 21.43 -67.95
N GLY P 111 -11.15 20.71 -67.14
CA GLY P 111 -9.96 20.03 -67.60
C GLY P 111 -10.15 18.53 -67.82
N HIS P 112 -9.08 17.91 -68.31
CA HIS P 112 -9.06 16.48 -68.53
C HIS P 112 -8.78 15.71 -67.26
N GLY P 113 -9.53 14.64 -67.06
CA GLY P 113 -9.34 13.85 -65.85
C GLY P 113 -8.02 13.10 -65.83
N THR P 114 -7.28 13.23 -64.72
CA THR P 114 -6.16 12.38 -64.39
C THR P 114 -6.63 11.46 -63.27
N GLN P 115 -6.07 10.26 -63.21
CA GLN P 115 -6.62 9.23 -62.33
C GLN P 115 -5.70 8.92 -61.14
N VAL P 116 -6.31 8.66 -59.98
CA VAL P 116 -5.58 8.28 -58.77
C VAL P 116 -5.93 6.86 -58.36
N THR P 117 -4.89 6.05 -58.09
CA THR P 117 -5.04 4.67 -57.64
C THR P 117 -4.26 4.43 -56.34
N VAL P 118 -4.82 3.59 -55.46
CA VAL P 118 -4.26 3.27 -54.15
C VAL P 118 -4.30 1.75 -53.94
N SER P 119 -3.17 1.16 -53.55
CA SER P 119 -3.08 -0.27 -53.31
C SER P 119 -3.00 -0.56 -51.82
N SER P 120 -3.80 -1.52 -51.36
CA SER P 120 -3.80 -1.96 -49.96
C SER P 120 -3.16 -3.32 -49.74
N GLY P 121 -3.03 -4.15 -50.77
CA GLY P 121 -2.46 -5.48 -50.61
C GLY P 121 -0.95 -5.57 -50.71
#